data_8HKC
#
_entry.id   8HKC
#
_cell.length_a   1.00
_cell.length_b   1.00
_cell.length_c   1.00
_cell.angle_alpha   90.00
_cell.angle_beta   90.00
_cell.angle_gamma   90.00
#
_symmetry.space_group_name_H-M   'P 1'
#
loop_
_entity.id
_entity.type
_entity.pdbx_description
1 polymer 'DNA-directed RNA polymerase subunit alpha'
2 polymer 'DNA-directed RNA polymerase subunit beta'
3 polymer "DNA-directed RNA polymerase subunit beta'"
4 polymer 'DNA (54-MER)'
5 polymer 'DNA (54-MER)'
6 polymer 'RNA polymerase sigma factor RpoH'
7 non-polymer 'ZINC ION'
8 non-polymer 'MAGNESIUM ION'
#
loop_
_entity_poly.entity_id
_entity_poly.type
_entity_poly.pdbx_seq_one_letter_code
_entity_poly.pdbx_strand_id
1 'polypeptide(L)'
;MQGSVTEFLKPRLVDIEQVSSTHAKVTLEPLERGFGHTLGNALRRILLSSMPGCAVTEVEIDGVLHEYSTKEGVQEDILE
ILLNLKGLAVRVQGKDEVILTLNKSGIGPVTAADITHDGDVEIVKPQHVICHLTDENASISMRIKVQRGRGYVPASTRIH
SEEDERPIGRLLVDACYSPVERIAYNVEAARVEQRTDLDKLVIEMETNGTIDPEEAIRRAATILAEQLEAFVDLRDVRQP
EVKEEKPEFDPILLRPVDDLELTVRSANCLKAEAIHYIGDLVQRTEVELLKTPNLGKKSLTEIKDVLASRGLSLGMRLEN
WPPASIADEKL
;
A,B
2 'polypeptide(L)'
;MEFVYSYTEKKRIRKDFGKRPQVLDVPYLLSIQLDSFQKFIEQDPEGQYGLEAAFRSVFPIQSYSGNSELQYVSYRLGEP
VFDVQECQIRGVTYSAPLRVKLRLVIYEREAPEGTVKDIKEQEVYMGEIPLMTDNGTFVINGTERVIVSQLHRSPGVFFD
SDKGKTHSSGKVLYNARIIPYRGSWLDFEFDPKDNLFVRIDRRRKLPATIILRALNYTTEQILDLFFEKVIFEIRDNKLQ
MELVPERLRGETASFDIEANGKVYVEKGRRITARHIRQLEKDDVKLIEVPVEYIAGKVVAKDYIDESTGELICAANMELS
LDLLAKLSQSGHKRIETLFTNDLDHGPYISETLRVDPTNDRLSALVEIYRMMRPGEPPTREAAESLFENLFFSEDRYDLS
AVGRMKFNRSLLREEIEGSGILSKDDIIDVMKKLIDIRNGKGEVDDIDHLGNRRIRSVGEMAENQFRVGLVRVERAVKER
LSLGDLDTLMPQDMINAKPISAAVKEFFGSSQLSQFMDQNNPLSEITHKRRISALGPGGLTRERAGFEVRDVHPTHYGRV
CPIETPEGPNIGLINSLSVYAQTNEYGFLETPYRKVTDGVVTDEIHYLSAIEEGNYVIAQANSNLDEEGHFVEDLVTCRS
KGESSLFSRDQVDYMDVSTQQVVSVGASLIPFLEHDDANRALMGANMQRQAVPTLRADKPLVGTGMERAVAVDSGVTAVA
KRGGVVQYVDASRIVIKVNEDEMYPGEAGIDIYNLTKYTRSNQNTCINQMPCVSLGEPVERGDVLADGPSTDLGELALGQ
NMRVAFMPWNGYNFEDSILVSERVVQEDRFTTIHIQELACVSRDTKLGPEEITADIPNVGEAALSKLDESGIVYIGAEVT
GGDILVGKVTPKGETQLTPEEKLLRAIFGEKASDVKDSSLRVPNGVSGTVIDVQVFTRDGVEKDKRALEIEEMQLKQAKK
DLSEELQILEAGLFSRIRAVLVAGGVEAEKLDKLPRDRWLELGLTDEEKQNQLEQLAEQYDELKHEFEKKLEAKRRKITQ
GDDLAPGVLKIVKVYLAVKRRIQPGDKMAGRHGNKGVISKINPIEDMPYDENGTPVDIVLNPLGVPSRMNIGQILETHLG
MAAKGIGDKINAMLKQQQEVAKLREFIQRAYDLGADVRQKVDLSTFSDEEVMRLAENLRKGMPIATPVFDGAKEAEIKEL
LKLGDLPTSGQIRLYDGRTGEQFERPVTVGYMYMLKLNHLVDDKMHARSTGSYSLVTQQPLGGKAQFGGQRFGEMEVWAL
EAYGAAYTLQEMLTVKSDDVNGRTKMYKNIVDGNHQMEPGMPESFNVLLKEIRSLGINIELEDESR
;
C
3 'polypeptide(L)'
;MTSKDLLKFLKAQTKTEEFDAIKIALASPDMIRSWSFGEVKKPETINYRTFKPERDGLFCARIFGPVKDYECLCGKYKRL
KHRGVICEKCGVEVTQTKVRRERMGHIELASPTAHIWFLKSLPSRIGLLLDMPLRDIERVLYFESYVVIEGGMTNLERQQ
ILTEEQYLDALEEFGDEFDAKMGAEAIQALLKSMDLEQECEQLREELNETNSETKRKKLTKRIKLLEAFVQSGNKPEWMI
LTVLPVLPPDLRPLVPLDGGRFATSDLNDLYRRVINRNNRLKRLLDLAAPDIIVRNEKRMLQEAVDALLDNGRRGRAITG
SNKRPLKSLADMIKGKQGRFRQNLLGKRVDYSGRSVITVGPYLRLHQCGLPKKMALELFKPFIYGKLELRGLATTIKAAK
KMVEREEAVVWDILDEVIREHPVLLNRAPTLHRLGIQAFEPVLIEGKAIQLHPLVCAAYNADFDGDQMAVHVPLTLEAQL
EARALMMSTNNILSPANGEPIIVPSQDVVLGLYYMTRDCVNAKGEGMVLTGPKEAERLYRSGLASLHARVKVRITEYEKD
ANGELVAKTSLKDTTVGRAILWMIVPKGLPYSIVNQALGKKAISKMLNTCYRILGLKPTVIFADQIMYTGFAYAARSGAS
VGIDDMVIPEKKHEIISEAEAEVAEIQEQFQSGLVTAGERYNKVIDIWAAANDRVSKAMMDNLQTETVINRDGQEEKQVS
FNSIYMMADSGARGSAAQIRQLAGMRGLMAKPDGSIIETPITANFREGLNVLQYFISTHGARKGLADTALKTANSGYLTR
RLVDVAQDLVVTEDDCGTHEGIMMTPVIEGGDVKEPLRDRVLGRVTAEDVLKPGTADILVPRNTLLHEQWCDLLEENSVD
AVKVRSVVSCDTDFGVCAHCYGRDLARGHIINKGEAIGVIAAQSIGEPGTQLTMRTFHIGGAASRAAAESSIQVKNKGSI
KLSNVKSVVNSSGKLVITSRNTELKLIDEFGRTKESYKVPYGAVLAKGDGEQVAGGETVANWDPHTMPVITEVSGFVRFT
DMIDGQTITRQTDELTGLSSLVVLDSAERTAGGKDLRPALKIVDAQGNDVLIPGTDMPAQYFLPGKAIVQLEDGVQISSG
DTLARIPQESGGTKDITGGLPRVADLFEARRPKEPAILAEISGIVSFGKETKGKRRLVITPVDGSDPYEEMIPKWRQLNV
FEGERVERGDVISDGPEAPHDILRLRGVHAVTRYIVNEVQDVYRLQGVKINDKHIEVIVRQMLRKATIVNAGSSDFLEGE
QVEYSRVKIANRELEANGKVGATYSRDLLGITKASLATESFISAASFQETTRVLTEAAVAGKRDELRGLKENVIVGRLIP
AGTGYAYHQDRMRRRAAGEAPAAPQVTAEDASASLAELLNAGLGGSDNELEHHHHHHHHHHHHGT
;
F
4 'polydeoxyribonucleotide'
;(DC)(DC)(DC)(DC)(DC)(DT)(DT)(DG)(DA)(DA)(DG)(DA)(DC)(DG)(DT)(DG)(DG)(DT)(DT)(DT)
(DA)(DC)(DG)(DA)(DC)(DC)(DC)(DC)(DA)(DT)(DT)(DT)(DA)(DG)(DT)(DA)(DG)(DT)(DC)(DA)
(DA)(DC)(DC)(DG)(DC)(DA)(DG)(DT)(DG)(DA)(DG)(DT)(DG)(DG)
;
G
5 'polydeoxyribonucleotide'
;(DC)(DC)(DA)(DC)(DT)(DC)(DA)(DC)(DT)(DG)(DC)(DG)(DG)(DT)(DT)(DG)(DA)(DC)(DT)(DA)
(DC)(DT)(DA)(DA)(DA)(DT)(DG)(DG)(DG)(DG)(DT)(DC)(DG)(DT)(DA)(DA)(DA)(DC)(DC)(DA)
(DC)(DG)(DT)(DC)(DT)(DT)(DC)(DA)(DA)(DG)(DG)(DG)(DG)(DG)
;
H
6 'polypeptide(L)'
;MTDKMQSLALAPVGNLDSYIRAANAWPMLSADEERALAEKLHYHGDLEAAKTLILSHLRFVVHIARNYAGYGLPQADLIQ
EGNIGLMKAVRRFNPEVGVRLVSFAVHWIKAEIHEYVLRNWRIVKVATTKAQRKLFFNLRKTKQRLGWFNQDEVEMVARE
LGVTSKDVREMESRMAAQDMTFDLSSDDDSDSQPMAPVLYLQDKSSNFADGIEDDNWEEQAANRLTDAMQGLDERSQDII
RARWLDEDNKSTLQELADRYGVSAERVRQLEKNAMKKLRAAIEA
;
E
#
# COMPACT_ATOMS: atom_id res chain seq x y z
N THR A 6 -48.83 -12.25 3.39
CA THR A 6 -49.92 -12.75 2.54
C THR A 6 -50.17 -11.81 1.36
N GLU A 7 -49.46 -10.68 1.34
CA GLU A 7 -49.56 -9.70 0.27
C GLU A 7 -48.23 -9.61 -0.45
N PHE A 8 -48.26 -9.65 -1.78
CA PHE A 8 -47.07 -9.64 -2.60
C PHE A 8 -47.24 -8.63 -3.73
N LEU A 9 -46.11 -8.18 -4.26
CA LEU A 9 -46.12 -7.24 -5.38
C LEU A 9 -46.74 -7.90 -6.60
N LYS A 10 -47.49 -7.12 -7.37
CA LYS A 10 -48.17 -7.60 -8.55
C LYS A 10 -47.48 -7.10 -9.80
N PRO A 11 -47.18 -7.96 -10.76
CA PRO A 11 -46.56 -7.52 -12.01
C PRO A 11 -47.58 -6.86 -12.92
N ARG A 12 -47.08 -6.27 -14.01
CA ARG A 12 -47.92 -5.64 -15.01
C ARG A 12 -47.12 -5.53 -16.30
N LEU A 13 -47.76 -5.90 -17.41
CA LEU A 13 -47.11 -5.92 -18.72
C LEU A 13 -47.00 -4.48 -19.22
N VAL A 14 -45.96 -3.79 -18.72
CA VAL A 14 -45.75 -2.39 -19.08
C VAL A 14 -45.47 -2.25 -20.57
N ASP A 15 -44.65 -3.14 -21.12
CA ASP A 15 -44.28 -3.10 -22.54
C ASP A 15 -44.49 -4.46 -23.18
N ILE A 16 -45.05 -4.45 -24.38
CA ILE A 16 -45.12 -5.63 -25.24
C ILE A 16 -44.62 -5.16 -26.60
N GLU A 17 -43.32 -5.30 -26.84
CA GLU A 17 -42.72 -4.84 -28.09
C GLU A 17 -43.03 -5.86 -29.18
N GLN A 18 -43.83 -5.46 -30.15
CA GLN A 18 -44.30 -6.36 -31.21
C GLN A 18 -43.46 -6.09 -32.45
N VAL A 19 -42.63 -7.06 -32.82
CA VAL A 19 -41.69 -6.89 -33.93
C VAL A 19 -42.27 -7.40 -35.24
N SER A 20 -42.79 -8.62 -35.24
CA SER A 20 -43.39 -9.22 -36.43
C SER A 20 -44.51 -10.15 -35.96
N SER A 21 -45.19 -10.76 -36.93
CA SER A 21 -46.32 -11.62 -36.60
C SER A 21 -45.89 -12.88 -35.87
N THR A 22 -44.60 -13.19 -35.84
CA THR A 22 -44.08 -14.38 -35.17
C THR A 22 -43.06 -14.09 -34.09
N HIS A 23 -42.76 -12.81 -33.82
CA HIS A 23 -41.74 -12.45 -32.85
C HIS A 23 -42.21 -11.26 -32.04
N ALA A 24 -42.03 -11.33 -30.72
CA ALA A 24 -42.39 -10.25 -29.82
C ALA A 24 -41.60 -10.38 -28.52
N LYS A 25 -41.50 -9.26 -27.81
CA LYS A 25 -40.86 -9.23 -26.50
C LYS A 25 -41.84 -8.71 -25.46
N VAL A 26 -41.88 -9.37 -24.31
CA VAL A 26 -42.81 -9.05 -23.23
C VAL A 26 -42.02 -8.84 -21.95
N THR A 27 -42.28 -7.72 -21.27
CA THR A 27 -41.60 -7.38 -20.04
C THR A 27 -42.61 -7.24 -18.90
N LEU A 28 -42.24 -7.76 -17.72
CA LEU A 28 -43.03 -7.61 -16.51
C LEU A 28 -42.17 -6.97 -15.44
N GLU A 29 -42.66 -5.87 -14.87
CA GLU A 29 -41.89 -5.12 -13.89
C GLU A 29 -42.48 -5.31 -12.49
N LEU A 31 -41.60 -7.13 -9.64
CA LEU A 31 -41.69 -8.50 -9.16
C LEU A 31 -40.95 -8.67 -7.85
N GLU A 32 -41.44 -9.59 -7.03
CA GLU A 32 -40.76 -9.89 -5.77
C GLU A 32 -39.42 -10.58 -6.07
N ARG A 33 -38.51 -10.49 -5.09
CA ARG A 33 -37.16 -11.01 -5.28
C ARG A 33 -37.20 -12.52 -5.44
N GLY A 34 -36.62 -13.02 -6.54
CA GLY A 34 -36.55 -14.44 -6.80
C GLY A 34 -37.71 -15.01 -7.58
N PHE A 35 -38.77 -14.23 -7.83
CA PHE A 35 -39.92 -14.73 -8.55
C PHE A 35 -39.74 -14.71 -10.06
N GLY A 36 -38.83 -13.86 -10.58
CA GLY A 36 -38.62 -13.81 -12.01
C GLY A 36 -38.15 -15.14 -12.57
N HIS A 37 -37.14 -15.73 -11.93
CA HIS A 37 -36.66 -17.04 -12.37
C HIS A 37 -37.72 -18.11 -12.19
N THR A 38 -38.44 -18.06 -11.07
CA THR A 38 -39.47 -19.06 -10.79
C THR A 38 -40.55 -19.07 -11.86
N LEU A 39 -40.99 -17.88 -12.30
CA LEU A 39 -41.99 -17.83 -13.36
C LEU A 39 -41.38 -18.18 -14.71
N GLY A 40 -40.20 -17.66 -15.01
CA GLY A 40 -39.62 -17.83 -16.33
C GLY A 40 -39.27 -19.27 -16.66
N ASN A 41 -38.66 -19.97 -15.70
CA ASN A 41 -38.28 -21.36 -15.95
C ASN A 41 -39.50 -22.23 -16.18
N ALA A 42 -40.54 -22.04 -15.35
CA ALA A 42 -41.77 -22.82 -15.51
C ALA A 42 -42.43 -22.53 -16.85
N LEU A 43 -42.52 -21.25 -17.22
CA LEU A 43 -43.14 -20.88 -18.48
C LEU A 43 -42.36 -21.44 -19.66
N ARG A 44 -41.04 -21.38 -19.60
CA ARG A 44 -40.21 -21.91 -20.69
C ARG A 44 -40.38 -23.41 -20.82
N ARG A 45 -40.37 -24.14 -19.70
CA ARG A 45 -40.54 -25.59 -19.76
C ARG A 45 -41.91 -25.96 -20.32
N ILE A 46 -42.95 -25.27 -19.88
CA ILE A 46 -44.30 -25.58 -20.36
C ILE A 46 -44.44 -25.24 -21.84
N LEU A 47 -43.89 -24.10 -22.26
CA LEU A 47 -43.97 -23.71 -23.66
C LEU A 47 -43.20 -24.67 -24.56
N LEU A 48 -42.09 -25.23 -24.06
CA LEU A 48 -41.31 -26.16 -24.88
C LEU A 48 -41.94 -27.54 -24.94
N SER A 49 -42.10 -28.18 -23.78
CA SER A 49 -42.35 -29.62 -23.72
C SER A 49 -43.82 -29.99 -23.55
N SER A 50 -44.74 -29.04 -23.60
CA SER A 50 -46.14 -29.37 -23.32
C SER A 50 -47.17 -28.75 -24.26
N MET A 51 -46.77 -27.89 -25.21
CA MET A 51 -47.79 -27.29 -26.03
C MET A 51 -48.26 -28.26 -27.13
N PRO A 52 -49.56 -28.39 -27.34
CA PRO A 52 -50.06 -29.31 -28.37
C PRO A 52 -50.21 -28.64 -29.73
N GLY A 53 -50.24 -29.47 -30.77
CA GLY A 53 -50.39 -28.98 -32.13
C GLY A 53 -50.36 -30.13 -33.10
N CYS A 54 -50.41 -29.77 -34.39
CA CYS A 54 -50.38 -30.73 -35.49
C CYS A 54 -49.11 -30.54 -36.30
N ALA A 55 -48.54 -31.65 -36.76
CA ALA A 55 -47.29 -31.61 -37.50
C ALA A 55 -47.19 -32.81 -38.44
N VAL A 56 -46.47 -32.61 -39.55
CA VAL A 56 -46.15 -33.71 -40.45
C VAL A 56 -45.29 -34.74 -39.71
N THR A 57 -45.63 -36.02 -39.87
CA THR A 57 -44.96 -37.05 -39.10
C THR A 57 -44.37 -38.16 -39.97
N GLU A 58 -44.91 -38.36 -41.17
CA GLU A 58 -44.42 -39.40 -42.05
C GLU A 58 -44.76 -39.05 -43.49
N VAL A 59 -44.08 -39.73 -44.42
CA VAL A 59 -44.25 -39.49 -45.85
C VAL A 59 -43.95 -40.77 -46.60
N GLU A 60 -44.61 -40.95 -47.74
CA GLU A 60 -44.39 -42.07 -48.65
C GLU A 60 -44.08 -41.52 -50.03
N ILE A 61 -42.91 -41.89 -50.56
CA ILE A 61 -42.47 -41.44 -51.88
C ILE A 61 -42.35 -42.66 -52.79
N ASP A 62 -42.99 -42.60 -53.95
CA ASP A 62 -42.94 -43.71 -54.90
C ASP A 62 -41.53 -43.86 -55.44
N GLY A 63 -41.05 -45.11 -55.52
CA GLY A 63 -39.73 -45.39 -56.01
C GLY A 63 -38.61 -45.14 -55.03
N VAL A 64 -38.91 -44.72 -53.81
CA VAL A 64 -37.92 -44.45 -52.78
C VAL A 64 -38.08 -45.49 -51.69
N LEU A 65 -37.02 -46.25 -51.42
CA LEU A 65 -37.07 -47.35 -50.47
C LEU A 65 -36.56 -46.95 -49.08
N HIS A 66 -35.58 -46.06 -49.01
CA HIS A 66 -34.95 -45.69 -47.75
C HIS A 66 -34.21 -44.36 -47.94
N GLU A 67 -33.76 -43.80 -46.81
CA GLU A 67 -33.20 -42.45 -46.81
C GLU A 67 -31.89 -42.34 -47.57
N TYR A 68 -31.24 -43.47 -47.85
CA TYR A 68 -30.02 -43.46 -48.67
C TYR A 68 -30.31 -43.50 -50.17
N SER A 69 -31.54 -43.77 -50.56
CA SER A 69 -31.89 -43.87 -51.97
C SER A 69 -31.72 -42.53 -52.67
N THR A 70 -31.62 -42.59 -54.00
CA THR A 70 -31.45 -41.42 -54.84
C THR A 70 -32.49 -41.42 -55.94
N LYS A 71 -33.17 -40.29 -56.12
CA LYS A 71 -34.16 -40.11 -57.16
C LYS A 71 -33.55 -39.30 -58.31
N GLU A 72 -34.39 -38.96 -59.30
CA GLU A 72 -33.95 -38.20 -60.45
C GLU A 72 -35.00 -37.15 -60.79
N GLY A 73 -34.54 -36.06 -61.40
CA GLY A 73 -35.41 -34.96 -61.79
C GLY A 73 -35.57 -33.87 -60.76
N VAL A 74 -35.10 -34.07 -59.53
CA VAL A 74 -35.13 -33.06 -58.49
C VAL A 74 -33.72 -32.86 -57.96
N GLN A 75 -33.29 -31.60 -57.88
CA GLN A 75 -31.92 -31.32 -57.46
C GLN A 75 -31.71 -31.65 -55.98
N GLU A 76 -32.71 -31.38 -55.15
CA GLU A 76 -32.60 -31.66 -53.73
C GLU A 76 -32.64 -33.15 -53.46
N ASP A 77 -31.77 -33.61 -52.57
CA ASP A 77 -31.83 -35.00 -52.12
C ASP A 77 -33.03 -35.19 -51.19
N ILE A 78 -33.39 -36.45 -50.96
CA ILE A 78 -34.56 -36.75 -50.14
C ILE A 78 -34.37 -36.29 -48.70
N LEU A 79 -33.13 -36.16 -48.23
CA LEU A 79 -32.90 -35.57 -46.92
C LEU A 79 -33.38 -34.12 -46.88
N GLU A 80 -33.10 -33.36 -47.94
CA GLU A 80 -33.61 -31.99 -48.03
C GLU A 80 -35.14 -31.97 -48.09
N ILE A 81 -35.73 -32.95 -48.77
CA ILE A 81 -37.19 -33.03 -48.84
C ILE A 81 -37.77 -33.26 -47.46
N LEU A 82 -37.17 -34.18 -46.69
CA LEU A 82 -37.63 -34.42 -45.33
C LEU A 82 -37.44 -33.19 -44.46
N LEU A 83 -36.32 -32.48 -44.63
CA LEU A 83 -36.09 -31.26 -43.87
C LEU A 83 -37.15 -30.21 -44.16
N ASN A 84 -37.50 -30.05 -45.44
CA ASN A 84 -38.54 -29.09 -45.80
C ASN A 84 -39.90 -29.53 -45.28
N LEU A 85 -40.18 -30.84 -45.30
CA LEU A 85 -41.46 -31.33 -44.79
C LEU A 85 -41.59 -31.12 -43.29
N LYS A 86 -40.49 -31.28 -42.55
CA LYS A 86 -40.53 -31.08 -41.11
C LYS A 86 -40.85 -29.63 -40.75
N GLY A 87 -40.44 -28.68 -41.58
CA GLY A 87 -40.65 -27.27 -41.34
C GLY A 87 -41.99 -26.74 -41.82
N LEU A 88 -42.87 -27.59 -42.32
CA LEU A 88 -44.18 -27.13 -42.79
C LEU A 88 -45.14 -27.02 -41.61
N ALA A 89 -45.80 -25.87 -41.50
CA ALA A 89 -46.72 -25.60 -40.40
C ALA A 89 -48.14 -25.73 -40.90
N VAL A 90 -48.92 -26.60 -40.24
CA VAL A 90 -50.30 -26.88 -40.62
C VAL A 90 -51.17 -26.84 -39.38
N ARG A 91 -52.27 -26.11 -39.45
CA ARG A 91 -53.29 -26.11 -38.41
C ARG A 91 -54.55 -26.78 -38.96
N VAL A 92 -55.09 -27.73 -38.21
CA VAL A 92 -56.18 -28.57 -38.66
C VAL A 92 -57.39 -28.36 -37.74
N GLN A 93 -58.54 -28.10 -38.34
CA GLN A 93 -59.81 -27.98 -37.61
C GLN A 93 -60.59 -29.26 -37.87
N GLY A 94 -60.47 -30.23 -36.97
CA GLY A 94 -61.17 -31.49 -37.14
C GLY A 94 -60.53 -32.69 -36.48
N LYS A 95 -60.28 -33.74 -37.26
CA LYS A 95 -59.87 -35.03 -36.72
C LYS A 95 -58.42 -34.99 -36.27
N ASP A 96 -57.92 -36.15 -35.84
CA ASP A 96 -56.58 -36.28 -35.28
C ASP A 96 -55.59 -36.89 -36.27
N GLU A 97 -56.01 -37.18 -37.50
CA GLU A 97 -55.11 -37.82 -38.48
C GLU A 97 -55.63 -37.53 -39.87
N VAL A 98 -54.82 -36.84 -40.67
CA VAL A 98 -55.18 -36.49 -42.04
C VAL A 98 -54.00 -36.86 -42.95
N ILE A 99 -54.31 -37.43 -44.11
CA ILE A 99 -53.32 -37.82 -45.11
C ILE A 99 -53.44 -36.87 -46.29
N LEU A 100 -52.33 -36.27 -46.69
CA LEU A 100 -52.29 -35.29 -47.76
C LEU A 100 -51.53 -35.85 -48.96
N THR A 101 -51.87 -35.33 -50.14
CA THR A 101 -51.24 -35.73 -51.38
C THR A 101 -50.63 -34.52 -52.08
N LEU A 102 -49.53 -34.76 -52.80
CA LEU A 102 -48.83 -33.73 -53.54
C LEU A 102 -48.57 -34.21 -54.97
N ASN A 103 -48.83 -33.33 -55.93
CA ASN A 103 -48.65 -33.67 -57.35
C ASN A 103 -48.17 -32.44 -58.09
N LYS A 104 -47.01 -32.53 -58.73
CA LYS A 104 -46.49 -31.46 -59.55
C LYS A 104 -45.54 -32.04 -60.59
N SER A 105 -45.64 -31.54 -61.82
CA SER A 105 -44.81 -32.01 -62.92
C SER A 105 -44.33 -30.81 -63.72
N GLY A 106 -43.16 -30.97 -64.35
CA GLY A 106 -42.63 -29.93 -65.21
C GLY A 106 -41.36 -29.28 -64.70
N ILE A 107 -41.25 -27.96 -64.87
CA ILE A 107 -40.06 -27.21 -64.49
C ILE A 107 -40.49 -26.09 -63.55
N GLY A 108 -39.80 -25.97 -62.41
CA GLY A 108 -40.05 -24.90 -61.48
C GLY A 108 -40.01 -25.35 -60.04
N PRO A 109 -40.14 -24.40 -59.11
CA PRO A 109 -40.13 -24.76 -57.68
C PRO A 109 -41.52 -25.13 -57.18
N VAL A 110 -41.67 -26.37 -56.71
CA VAL A 110 -42.96 -26.82 -56.17
C VAL A 110 -43.12 -26.25 -54.77
N THR A 111 -44.25 -25.58 -54.55
CA THR A 111 -44.54 -24.94 -53.28
C THR A 111 -45.59 -25.74 -52.50
N ALA A 112 -45.95 -25.22 -51.32
CA ALA A 112 -46.96 -25.88 -50.51
C ALA A 112 -48.35 -25.72 -51.11
N ALA A 113 -48.57 -24.69 -51.92
CA ALA A 113 -49.86 -24.49 -52.57
C ALA A 113 -50.20 -25.60 -53.55
N ASP A 114 -49.19 -26.31 -54.07
CA ASP A 114 -49.45 -27.41 -54.98
C ASP A 114 -49.99 -28.65 -54.29
N ILE A 115 -49.97 -28.67 -52.96
CA ILE A 115 -50.67 -29.71 -52.22
C ILE A 115 -52.17 -29.50 -52.38
N THR A 116 -52.91 -30.57 -52.67
CA THR A 116 -54.34 -30.46 -52.89
C THR A 116 -55.03 -29.90 -51.65
N HIS A 117 -55.92 -28.94 -51.86
CA HIS A 117 -56.66 -28.32 -50.77
C HIS A 117 -57.63 -29.34 -50.21
N ASP A 118 -57.28 -29.93 -49.06
CA ASP A 118 -58.01 -31.06 -48.49
C ASP A 118 -58.98 -30.53 -47.44
N GLY A 119 -59.95 -29.75 -47.90
CA GLY A 119 -61.05 -29.29 -47.06
C GLY A 119 -60.65 -28.57 -45.78
N ASP A 120 -60.88 -29.24 -44.64
CA ASP A 120 -60.67 -28.60 -43.34
C ASP A 120 -59.21 -28.24 -43.10
N VAL A 121 -58.28 -29.04 -43.60
CA VAL A 121 -56.86 -28.79 -43.37
C VAL A 121 -56.46 -27.49 -44.06
N GLU A 122 -55.77 -26.63 -43.32
CA GLU A 122 -55.37 -25.32 -43.82
C GLU A 122 -53.84 -25.22 -43.81
N ILE A 123 -53.31 -24.48 -44.78
CA ILE A 123 -51.88 -24.22 -44.89
C ILE A 123 -51.63 -22.75 -44.57
N VAL A 124 -50.73 -22.49 -43.63
CA VAL A 124 -50.51 -21.13 -43.18
C VAL A 124 -49.47 -20.39 -44.03
N LYS A 125 -48.55 -21.10 -44.66
CA LYS A 125 -47.49 -20.48 -45.48
C LYS A 125 -47.43 -21.18 -46.83
N PRO A 126 -48.22 -20.74 -47.80
CA PRO A 126 -48.14 -21.32 -49.15
C PRO A 126 -46.85 -21.01 -49.89
N GLN A 127 -45.93 -20.25 -49.30
CA GLN A 127 -44.67 -19.92 -49.92
C GLN A 127 -43.56 -20.90 -49.54
N HIS A 128 -43.85 -21.89 -48.71
CA HIS A 128 -42.86 -22.89 -48.35
C HIS A 128 -42.45 -23.70 -49.58
N VAL A 129 -41.18 -24.07 -49.63
CA VAL A 129 -40.60 -24.81 -50.74
C VAL A 129 -40.31 -26.23 -50.28
N ILE A 130 -40.73 -27.21 -51.08
CA ILE A 130 -40.53 -28.62 -50.77
C ILE A 130 -39.47 -29.24 -51.65
N CYS A 131 -39.47 -28.92 -52.94
CA CYS A 131 -38.52 -29.48 -53.90
C CYS A 131 -38.30 -28.48 -55.02
N HIS A 132 -37.39 -28.83 -55.92
CA HIS A 132 -37.16 -28.07 -57.15
C HIS A 132 -37.20 -29.03 -58.33
N LEU A 133 -37.98 -28.68 -59.35
CA LEU A 133 -38.15 -29.54 -60.52
C LEU A 133 -37.15 -29.14 -61.59
N THR A 134 -36.32 -30.09 -62.01
CA THR A 134 -35.28 -29.83 -62.99
C THR A 134 -35.51 -30.54 -64.33
N ASP A 135 -36.38 -31.54 -64.39
CA ASP A 135 -36.64 -32.27 -65.62
C ASP A 135 -38.14 -32.35 -65.87
N GLU A 136 -38.51 -32.29 -67.14
CA GLU A 136 -39.92 -32.36 -67.52
C GLU A 136 -40.48 -33.78 -67.41
N ASN A 137 -39.64 -34.79 -67.64
CA ASN A 137 -40.11 -36.17 -67.62
C ASN A 137 -40.39 -36.64 -66.20
N ALA A 138 -39.51 -36.30 -65.26
CA ALA A 138 -39.64 -36.79 -63.90
C ALA A 138 -40.80 -36.11 -63.18
N SER A 139 -41.32 -36.81 -62.17
CA SER A 139 -42.41 -36.29 -61.36
C SER A 139 -42.34 -36.92 -59.98
N ILE A 140 -43.02 -36.28 -59.02
CA ILE A 140 -43.03 -36.74 -57.64
C ILE A 140 -44.48 -36.85 -57.18
N SER A 141 -44.80 -37.97 -56.53
CA SER A 141 -46.11 -38.18 -55.90
C SER A 141 -45.87 -38.71 -54.50
N MET A 142 -46.39 -38.01 -53.49
CA MET A 142 -46.13 -38.38 -52.11
C MET A 142 -47.42 -38.30 -51.30
N ARG A 143 -47.49 -39.12 -50.26
CA ARG A 143 -48.61 -39.15 -49.33
C ARG A 143 -48.10 -38.69 -47.97
N ILE A 144 -48.53 -37.50 -47.55
CA ILE A 144 -48.08 -36.89 -46.30
C ILE A 144 -49.20 -36.99 -45.28
N LYS A 145 -48.88 -37.53 -44.11
CA LYS A 145 -49.85 -37.71 -43.04
C LYS A 145 -49.54 -36.74 -41.90
N VAL A 146 -50.60 -36.20 -41.28
CA VAL A 146 -50.49 -35.22 -40.21
C VAL A 146 -51.33 -35.69 -39.04
N GLN A 147 -50.68 -36.09 -37.95
CA GLN A 147 -51.35 -36.46 -36.72
C GLN A 147 -51.46 -35.25 -35.80
N ARG A 148 -51.85 -35.48 -34.55
CA ARG A 148 -51.91 -34.44 -33.54
C ARG A 148 -51.22 -34.92 -32.28
N GLY A 149 -50.59 -33.98 -31.57
CA GLY A 149 -49.85 -34.32 -30.38
C GLY A 149 -49.32 -33.07 -29.71
N ARG A 150 -48.44 -33.29 -28.73
CA ARG A 150 -47.86 -32.20 -27.97
C ARG A 150 -46.36 -32.41 -27.80
N GLY A 151 -45.60 -31.32 -27.91
CA GLY A 151 -44.18 -31.36 -27.69
C GLY A 151 -43.36 -31.71 -28.92
N TYR A 152 -42.19 -32.29 -28.72
CA TYR A 152 -41.31 -32.72 -29.79
C TYR A 152 -40.98 -34.19 -29.59
N VAL A 153 -41.11 -34.99 -30.64
CA VAL A 153 -40.84 -36.42 -30.59
C VAL A 153 -39.83 -36.76 -31.67
N PRO A 154 -38.62 -37.19 -31.32
CA PRO A 154 -37.65 -37.57 -32.35
C PRO A 154 -38.04 -38.86 -33.05
N ALA A 155 -37.55 -39.02 -34.27
CA ALA A 155 -37.85 -40.23 -35.04
C ALA A 155 -37.13 -41.46 -34.51
N SER A 156 -36.04 -41.27 -33.77
CA SER A 156 -35.29 -42.41 -33.24
C SER A 156 -36.12 -43.21 -32.23
N THR A 157 -36.82 -42.51 -31.33
CA THR A 157 -37.63 -43.23 -30.36
C THR A 157 -38.86 -43.85 -31.00
N ARG A 158 -39.35 -43.26 -32.10
CA ARG A 158 -40.49 -43.85 -32.79
C ARG A 158 -40.10 -45.11 -33.56
N ILE A 159 -38.95 -45.08 -34.24
CA ILE A 159 -38.48 -46.29 -34.91
C ILE A 159 -38.08 -47.35 -33.89
N HIS A 160 -37.61 -46.93 -32.71
CA HIS A 160 -37.39 -47.87 -31.63
C HIS A 160 -38.70 -48.37 -31.03
N SER A 161 -39.78 -47.61 -31.18
CA SER A 161 -41.10 -48.01 -30.70
C SER A 161 -41.93 -48.71 -31.77
N GLU A 162 -41.35 -49.00 -32.93
CA GLU A 162 -42.06 -49.69 -34.00
C GLU A 162 -41.75 -51.18 -33.95
N GLU A 163 -42.23 -51.83 -32.89
CA GLU A 163 -42.06 -53.27 -32.76
C GLU A 163 -42.86 -54.03 -33.82
N ASP A 164 -43.91 -53.43 -34.36
CA ASP A 164 -44.68 -54.06 -35.43
C ASP A 164 -43.97 -53.90 -36.76
N GLU A 165 -44.47 -54.60 -37.77
CA GLU A 165 -43.84 -54.58 -39.08
C GLU A 165 -44.01 -53.22 -39.75
N ARG A 166 -42.90 -52.68 -40.26
CA ARG A 166 -42.92 -51.40 -40.95
C ARG A 166 -43.19 -51.62 -42.42
N PRO A 167 -44.20 -50.96 -43.01
CA PRO A 167 -44.43 -51.07 -44.45
C PRO A 167 -43.21 -50.60 -45.22
N ILE A 168 -42.94 -51.28 -46.35
CA ILE A 168 -41.75 -50.97 -47.13
C ILE A 168 -41.86 -49.56 -47.71
N GLY A 169 -40.72 -48.87 -47.74
CA GLY A 169 -40.70 -47.50 -48.23
C GLY A 169 -41.17 -46.45 -47.24
N ARG A 170 -41.25 -46.79 -45.95
CA ARG A 170 -41.75 -45.86 -44.95
C ARG A 170 -40.62 -44.93 -44.50
N LEU A 171 -40.86 -43.62 -44.59
CA LEU A 171 -39.91 -42.61 -44.18
C LEU A 171 -40.47 -41.86 -42.98
N LEU A 172 -39.70 -41.81 -41.90
CA LEU A 172 -40.11 -41.12 -40.67
C LEU A 172 -39.41 -39.77 -40.59
N VAL A 173 -40.18 -38.73 -40.32
CA VAL A 173 -39.67 -37.37 -40.16
C VAL A 173 -40.03 -36.89 -38.76
N ASP A 174 -39.11 -36.17 -38.13
CA ASP A 174 -39.32 -35.71 -36.76
C ASP A 174 -40.57 -34.84 -36.67
N ALA A 175 -41.34 -35.03 -35.60
CA ALA A 175 -42.61 -34.36 -35.42
C ALA A 175 -42.44 -33.20 -34.46
N CYS A 176 -42.79 -31.99 -34.90
CA CYS A 176 -42.75 -30.79 -34.08
C CYS A 176 -44.19 -30.36 -33.82
N TYR A 177 -44.80 -30.93 -32.79
CA TYR A 177 -46.18 -30.59 -32.46
C TYR A 177 -46.29 -29.19 -31.88
N SER A 178 -45.40 -28.82 -30.98
CA SER A 178 -45.47 -27.53 -30.33
C SER A 178 -45.26 -26.41 -31.35
N PRO A 179 -46.00 -25.31 -31.25
CA PRO A 179 -45.85 -24.22 -32.22
C PRO A 179 -44.74 -23.26 -31.86
N VAL A 180 -43.86 -23.65 -30.93
CA VAL A 180 -42.80 -22.78 -30.44
C VAL A 180 -41.53 -23.03 -31.22
N GLU A 181 -40.85 -21.95 -31.60
CA GLU A 181 -39.54 -22.01 -32.25
C GLU A 181 -38.42 -21.72 -31.26
N ARG A 182 -38.46 -20.56 -30.62
CA ARG A 182 -37.45 -20.16 -29.63
C ARG A 182 -38.14 -19.44 -28.49
N ILE A 183 -37.75 -19.80 -27.25
CA ILE A 183 -38.22 -19.12 -26.05
C ILE A 183 -37.03 -18.87 -25.14
N ALA A 184 -36.87 -17.62 -24.70
CA ALA A 184 -35.80 -17.25 -23.80
C ALA A 184 -36.30 -16.17 -22.86
N TYR A 185 -35.71 -16.12 -21.66
CA TYR A 185 -36.10 -15.14 -20.66
C TYR A 185 -34.85 -14.59 -19.98
N ASN A 186 -34.96 -13.35 -19.52
CA ASN A 186 -33.86 -12.66 -18.84
C ASN A 186 -34.42 -11.93 -17.63
N VAL A 187 -33.66 -11.95 -16.53
CA VAL A 187 -34.06 -11.34 -15.27
C VAL A 187 -33.13 -10.14 -15.01
N GLU A 188 -33.72 -8.98 -14.80
CA GLU A 188 -32.99 -7.75 -14.53
C GLU A 188 -33.40 -7.20 -13.16
N ALA A 189 -32.91 -6.00 -12.86
CA ALA A 189 -33.15 -5.36 -11.57
C ALA A 189 -34.11 -4.19 -11.72
N ALA A 190 -35.00 -4.04 -10.75
CA ALA A 190 -36.00 -2.98 -10.75
C ALA A 190 -36.08 -2.35 -9.37
N ARG A 191 -36.54 -1.10 -9.31
CA ARG A 191 -36.63 -0.36 -8.07
C ARG A 191 -37.96 0.39 -8.02
N VAL A 192 -38.51 0.52 -6.82
CA VAL A 192 -39.67 1.38 -6.58
C VAL A 192 -39.53 1.99 -5.19
N GLU A 193 -39.61 3.33 -5.13
CA GLU A 193 -39.55 4.11 -3.89
C GLU A 193 -38.50 3.57 -2.92
N GLN A 194 -37.29 3.36 -3.44
CA GLN A 194 -36.10 2.90 -2.72
C GLN A 194 -36.19 1.43 -2.29
N ARG A 195 -37.11 0.66 -2.84
CA ARG A 195 -37.08 -0.80 -2.70
C ARG A 195 -36.25 -1.34 -3.85
N THR A 196 -35.02 -1.77 -3.55
CA THR A 196 -34.04 -2.05 -4.59
C THR A 196 -34.06 -3.52 -5.03
N ASP A 197 -34.20 -4.46 -4.11
CA ASP A 197 -34.06 -5.88 -4.43
C ASP A 197 -35.37 -6.40 -5.02
N LEU A 198 -35.61 -6.00 -6.27
CA LEU A 198 -36.78 -6.41 -7.02
C LEU A 198 -36.35 -6.84 -8.41
N ASP A 199 -37.20 -7.64 -9.05
CA ASP A 199 -36.89 -8.25 -10.34
C ASP A 199 -37.74 -7.66 -11.44
N LYS A 200 -37.20 -7.66 -12.66
CA LYS A 200 -37.93 -7.31 -13.87
C LYS A 200 -37.68 -8.40 -14.90
N LEU A 201 -38.74 -9.09 -15.29
CA LEU A 201 -38.63 -10.26 -16.16
C LEU A 201 -38.91 -9.86 -17.60
N VAL A 202 -38.03 -10.27 -18.50
CA VAL A 202 -38.16 -10.03 -19.93
C VAL A 202 -38.17 -11.37 -20.65
N ILE A 203 -39.16 -11.55 -21.53
CA ILE A 203 -39.35 -12.81 -22.23
C ILE A 203 -39.29 -12.56 -23.73
N GLU A 204 -38.45 -13.33 -24.43
CA GLU A 204 -38.36 -13.29 -25.88
C GLU A 204 -39.04 -14.53 -26.45
N MET A 205 -39.94 -14.33 -27.40
CA MET A 205 -40.81 -15.39 -27.89
C MET A 205 -40.75 -15.46 -29.41
N GLU A 206 -40.67 -16.69 -29.94
CA GLU A 206 -40.72 -16.92 -31.37
C GLU A 206 -41.57 -18.16 -31.63
N THR A 207 -42.45 -18.07 -32.63
CA THR A 207 -43.38 -19.15 -32.93
C THR A 207 -43.60 -19.22 -34.43
N ASN A 208 -44.08 -20.38 -34.89
CA ASN A 208 -44.52 -20.50 -36.27
C ASN A 208 -45.90 -19.85 -36.43
N GLY A 209 -46.30 -19.66 -37.68
CA GLY A 209 -47.51 -18.92 -38.00
C GLY A 209 -48.83 -19.53 -37.52
N THR A 210 -48.76 -20.66 -36.80
CA THR A 210 -49.97 -21.31 -36.32
C THR A 210 -50.76 -20.39 -35.39
N ILE A 211 -50.08 -19.76 -34.42
CA ILE A 211 -50.71 -18.87 -33.46
C ILE A 211 -49.79 -17.68 -33.21
N ASP A 212 -50.32 -16.68 -32.46
CA ASP A 212 -49.56 -15.52 -32.05
C ASP A 212 -48.87 -15.79 -30.71
N PRO A 213 -47.73 -15.13 -30.46
CA PRO A 213 -46.98 -15.40 -29.22
C PRO A 213 -47.77 -15.18 -27.94
N GLU A 214 -48.60 -14.13 -27.91
CA GLU A 214 -49.35 -13.82 -26.70
C GLU A 214 -50.34 -14.93 -26.37
N GLU A 215 -50.98 -15.51 -27.40
CA GLU A 215 -51.90 -16.62 -27.17
C GLU A 215 -51.17 -17.83 -26.61
N ALA A 216 -49.96 -18.10 -27.09
CA ALA A 216 -49.19 -19.22 -26.55
C ALA A 216 -48.80 -18.97 -25.10
N ILE A 217 -48.40 -17.74 -24.76
CA ILE A 217 -48.07 -17.41 -23.38
C ILE A 217 -49.28 -17.60 -22.47
N ARG A 218 -50.44 -17.11 -22.92
CA ARG A 218 -51.66 -17.27 -22.14
C ARG A 218 -52.04 -18.74 -22.00
N ARG A 219 -51.84 -19.54 -23.05
CA ARG A 219 -52.14 -20.95 -22.97
C ARG A 219 -51.25 -21.65 -21.94
N ALA A 220 -49.95 -21.33 -21.95
CA ALA A 220 -49.05 -21.92 -20.97
C ALA A 220 -49.43 -21.53 -19.55
N ALA A 221 -49.75 -20.24 -19.33
CA ALA A 221 -50.14 -19.79 -18.01
C ALA A 221 -51.43 -20.48 -17.55
N THR A 222 -52.40 -20.62 -18.46
CA THR A 222 -53.65 -21.29 -18.12
C THR A 222 -53.42 -22.76 -17.80
N ILE A 223 -52.53 -23.43 -18.55
CA ILE A 223 -52.22 -24.83 -18.28
C ILE A 223 -51.64 -24.97 -16.88
N LEU A 224 -50.68 -24.11 -16.53
CA LEU A 224 -50.10 -24.19 -15.18
C LEU A 224 -51.14 -23.90 -14.10
N ALA A 225 -51.95 -22.86 -14.31
CA ALA A 225 -52.96 -22.50 -13.30
C ALA A 225 -53.97 -23.63 -13.11
N GLU A 226 -54.43 -24.25 -14.20
CA GLU A 226 -55.35 -25.38 -14.08
C GLU A 226 -54.67 -26.59 -13.47
N GLN A 227 -53.36 -26.75 -13.67
CA GLN A 227 -52.63 -27.81 -12.99
C GLN A 227 -52.57 -27.57 -11.49
N LEU A 228 -52.56 -26.31 -11.07
CA LEU A 228 -52.46 -25.96 -9.65
C LEU A 228 -53.82 -25.82 -8.97
N GLU A 229 -54.93 -26.07 -9.68
CA GLU A 229 -56.25 -25.80 -9.15
C GLU A 229 -56.66 -26.73 -8.02
N ALA A 230 -55.95 -27.83 -7.79
CA ALA A 230 -56.36 -28.80 -6.77
C ALA A 230 -55.82 -28.49 -5.38
N PHE A 231 -54.99 -27.45 -5.23
CA PHE A 231 -54.43 -27.07 -3.94
C PHE A 231 -54.73 -25.65 -3.53
N VAL A 232 -55.11 -24.77 -4.46
CA VAL A 232 -55.35 -23.36 -4.15
C VAL A 232 -56.61 -23.25 -3.30
N ASP A 233 -56.44 -22.80 -2.07
CA ASP A 233 -57.59 -22.58 -1.18
C ASP A 233 -57.94 -21.10 -1.12
N THR B 6 -56.90 -31.35 -21.97
CA THR B 6 -56.89 -32.52 -22.84
C THR B 6 -55.89 -33.55 -22.36
N GLU B 7 -56.40 -34.65 -21.82
CA GLU B 7 -55.60 -35.77 -21.31
C GLU B 7 -54.66 -35.36 -20.19
N PHE B 8 -54.93 -34.22 -19.55
CA PHE B 8 -54.09 -33.71 -18.46
C PHE B 8 -54.63 -34.23 -17.15
N LEU B 9 -53.96 -35.22 -16.57
CA LEU B 9 -54.35 -35.77 -15.28
C LEU B 9 -53.82 -34.86 -14.18
N LYS B 10 -54.72 -34.13 -13.52
CA LYS B 10 -54.35 -33.07 -12.59
C LYS B 10 -53.85 -33.66 -11.27
N PRO B 11 -52.88 -33.03 -10.63
CA PRO B 11 -52.34 -33.58 -9.38
C PRO B 11 -53.32 -33.45 -8.23
N ARG B 12 -53.16 -34.34 -7.25
CA ARG B 12 -53.99 -34.35 -6.05
C ARG B 12 -53.15 -34.81 -4.88
N LEU B 13 -53.31 -34.14 -3.74
CA LEU B 13 -52.57 -34.51 -2.54
C LEU B 13 -53.08 -35.87 -2.05
N VAL B 14 -52.16 -36.80 -1.83
CA VAL B 14 -52.49 -38.20 -1.56
C VAL B 14 -52.13 -38.60 -0.14
N ASP B 15 -50.84 -38.54 0.21
CA ASP B 15 -50.36 -39.05 1.49
C ASP B 15 -49.43 -38.04 2.14
N ILE B 16 -49.53 -37.94 3.46
CA ILE B 16 -48.67 -37.05 4.26
C ILE B 16 -48.14 -37.88 5.41
N GLU B 17 -46.93 -38.44 5.25
CA GLU B 17 -46.25 -39.06 6.37
C GLU B 17 -45.73 -37.98 7.32
N GLN B 18 -45.56 -38.36 8.58
CA GLN B 18 -45.12 -37.39 9.59
C GLN B 18 -43.99 -38.08 10.36
N VAL B 19 -42.76 -37.89 9.89
CA VAL B 19 -41.62 -38.63 10.44
C VAL B 19 -41.36 -38.22 11.88
N SER B 20 -41.33 -36.92 12.13
CA SER B 20 -41.08 -36.39 13.47
C SER B 20 -41.92 -35.13 13.65
N SER B 21 -41.66 -34.38 14.72
CA SER B 21 -42.36 -33.12 14.92
C SER B 21 -41.90 -32.05 13.93
N THR B 22 -40.74 -32.23 13.31
CA THR B 22 -40.19 -31.25 12.39
C THR B 22 -39.89 -31.82 11.00
N HIS B 23 -40.21 -33.09 10.74
CA HIS B 23 -39.88 -33.73 9.48
C HIS B 23 -41.14 -34.40 8.93
N ALA B 24 -41.45 -34.12 7.66
CA ALA B 24 -42.67 -34.65 7.05
C ALA B 24 -42.47 -34.80 5.56
N LYS B 25 -43.32 -35.62 4.94
CA LYS B 25 -43.30 -35.88 3.51
C LYS B 25 -44.71 -35.74 2.95
N VAL B 26 -44.81 -35.23 1.72
CA VAL B 26 -46.09 -35.12 1.02
C VAL B 26 -45.92 -35.71 -0.38
N THR B 27 -47.05 -36.10 -0.97
CA THR B 27 -47.04 -36.74 -2.29
C THR B 27 -48.18 -36.19 -3.15
N LEU B 28 -47.88 -35.96 -4.42
CA LEU B 28 -48.87 -35.61 -5.44
C LEU B 28 -48.76 -36.64 -6.56
N GLU B 29 -49.76 -37.51 -6.66
CA GLU B 29 -49.64 -38.70 -7.51
C GLU B 29 -49.84 -38.44 -9.00
N PRO B 30 -50.94 -37.77 -9.44
CA PRO B 30 -51.18 -37.64 -10.89
C PRO B 30 -50.38 -36.50 -11.49
N LEU B 31 -49.39 -36.84 -12.31
CA LEU B 31 -48.60 -35.84 -13.01
C LEU B 31 -48.29 -36.31 -14.42
N GLU B 32 -48.44 -35.40 -15.38
CA GLU B 32 -48.05 -35.68 -16.75
C GLU B 32 -46.52 -35.60 -16.89
N ARG B 33 -46.04 -35.99 -18.07
CA ARG B 33 -44.61 -36.03 -18.32
C ARG B 33 -44.03 -34.62 -18.30
N GLY B 34 -43.04 -34.40 -17.43
CA GLY B 34 -42.34 -33.14 -17.37
C GLY B 34 -42.87 -32.14 -16.35
N PHE B 35 -44.10 -32.32 -15.87
CA PHE B 35 -44.66 -31.39 -14.91
C PHE B 35 -44.07 -31.55 -13.52
N GLY B 36 -43.61 -32.77 -13.19
CA GLY B 36 -43.11 -33.02 -11.84
C GLY B 36 -41.96 -32.12 -11.47
N HIS B 37 -40.96 -32.02 -12.35
CA HIS B 37 -39.80 -31.19 -12.04
C HIS B 37 -40.16 -29.72 -11.96
N THR B 38 -41.03 -29.26 -12.86
CA THR B 38 -41.44 -27.85 -12.85
C THR B 38 -42.12 -27.49 -11.55
N LEU B 39 -43.14 -28.25 -11.16
CA LEU B 39 -43.84 -27.96 -9.91
C LEU B 39 -42.92 -28.15 -8.71
N GLY B 40 -42.05 -29.15 -8.75
CA GLY B 40 -41.13 -29.34 -7.63
C GLY B 40 -40.21 -28.16 -7.42
N ASN B 41 -39.61 -27.66 -8.51
CA ASN B 41 -38.71 -26.52 -8.41
C ASN B 41 -39.45 -25.27 -7.97
N ALA B 42 -40.62 -25.00 -8.56
CA ALA B 42 -41.40 -23.82 -8.19
C ALA B 42 -41.80 -23.87 -6.71
N LEU B 43 -42.29 -25.02 -6.27
CA LEU B 43 -42.71 -25.16 -4.87
C LEU B 43 -41.53 -25.07 -3.92
N ARG B 44 -40.38 -25.64 -4.30
CA ARG B 44 -39.20 -25.53 -3.45
C ARG B 44 -38.79 -24.07 -3.28
N ARG B 45 -38.72 -23.33 -4.38
CA ARG B 45 -38.33 -21.93 -4.29
C ARG B 45 -39.32 -21.12 -3.47
N ILE B 46 -40.62 -21.32 -3.70
CA ILE B 46 -41.63 -20.55 -2.99
C ILE B 46 -41.63 -20.90 -1.50
N LEU B 47 -41.53 -22.19 -1.18
CA LEU B 47 -41.52 -22.62 0.22
C LEU B 47 -40.30 -22.08 0.95
N LEU B 48 -39.13 -22.10 0.28
CA LEU B 48 -37.92 -21.58 0.91
C LEU B 48 -37.94 -20.07 1.02
N SER B 49 -38.69 -19.37 0.18
CA SER B 49 -38.61 -17.92 0.11
C SER B 49 -39.70 -17.18 0.88
N SER B 50 -40.94 -17.69 0.88
CA SER B 50 -42.08 -16.86 1.27
C SER B 50 -42.98 -17.52 2.31
N MET B 51 -42.40 -18.32 3.22
CA MET B 51 -43.38 -18.77 4.21
C MET B 51 -43.41 -17.83 5.42
N PRO B 52 -44.58 -17.64 6.02
CA PRO B 52 -44.69 -16.76 7.18
C PRO B 52 -44.43 -17.49 8.48
N GLY B 53 -44.04 -16.72 9.49
CA GLY B 53 -43.75 -17.28 10.80
C GLY B 53 -43.69 -16.20 11.85
N CYS B 54 -43.34 -16.61 13.07
CA CYS B 54 -43.24 -15.73 14.22
C CYS B 54 -41.83 -15.77 14.77
N ALA B 55 -41.33 -14.60 15.19
CA ALA B 55 -39.97 -14.51 15.71
C ALA B 55 -39.91 -13.43 16.78
N VAL B 56 -38.89 -13.53 17.64
CA VAL B 56 -38.67 -12.56 18.70
C VAL B 56 -38.01 -11.32 18.11
N THR B 57 -38.55 -10.14 18.46
CA THR B 57 -38.03 -8.88 17.95
C THR B 57 -37.51 -7.93 19.01
N GLU B 58 -37.97 -8.04 20.26
CA GLU B 58 -37.54 -7.12 21.30
C GLU B 58 -37.45 -7.86 22.63
N VAL B 59 -36.45 -7.50 23.44
CA VAL B 59 -36.24 -8.08 24.75
C VAL B 59 -35.93 -6.95 25.74
N GLU B 60 -36.54 -7.01 26.92
CA GLU B 60 -36.25 -6.09 28.01
C GLU B 60 -35.94 -6.90 29.26
N ILE B 61 -34.79 -6.62 29.86
CA ILE B 61 -34.32 -7.32 31.05
C ILE B 61 -34.12 -6.31 32.17
N ASP B 62 -34.56 -6.67 33.37
CA ASP B 62 -34.46 -5.76 34.51
C ASP B 62 -33.00 -5.51 34.88
N GLY B 63 -32.66 -4.24 35.07
CA GLY B 63 -31.31 -3.86 35.44
C GLY B 63 -30.27 -4.12 34.37
N VAL B 64 -30.64 -3.96 33.10
CA VAL B 64 -29.72 -4.11 31.97
C VAL B 64 -29.92 -2.92 31.05
N LEU B 65 -28.83 -2.25 30.70
CA LEU B 65 -28.90 -1.04 29.87
C LEU B 65 -28.50 -1.29 28.43
N HIS B 66 -27.61 -2.24 28.17
CA HIS B 66 -27.18 -2.54 26.81
C HIS B 66 -26.66 -3.96 26.75
N GLU B 67 -26.56 -4.48 25.51
CA GLU B 67 -26.20 -5.87 25.29
C GLU B 67 -24.73 -6.18 25.56
N TYR B 68 -23.89 -5.16 25.66
CA TYR B 68 -22.46 -5.38 25.92
C TYR B 68 -22.19 -5.28 27.43
N SER B 69 -22.89 -6.11 28.19
CA SER B 69 -22.78 -6.09 29.64
C SER B 69 -23.00 -7.49 30.18
N THR B 70 -22.82 -7.64 31.49
CA THR B 70 -23.04 -8.88 32.19
C THR B 70 -24.10 -8.70 33.26
N LYS B 71 -24.50 -9.80 33.89
CA LYS B 71 -25.43 -9.78 35.01
C LYS B 71 -24.93 -10.69 36.11
N GLU B 72 -24.97 -10.21 37.35
CA GLU B 72 -24.46 -10.98 38.47
C GLU B 72 -25.30 -12.25 38.66
N GLY B 73 -24.62 -13.38 38.82
CA GLY B 73 -25.28 -14.65 38.98
C GLY B 73 -25.70 -15.34 37.70
N VAL B 74 -25.39 -14.77 36.54
CA VAL B 74 -25.74 -15.34 35.25
C VAL B 74 -24.45 -15.70 34.53
N GLN B 75 -24.36 -16.95 34.07
CA GLN B 75 -23.12 -17.44 33.46
C GLN B 75 -22.91 -16.94 32.04
N GLU B 76 -23.94 -16.42 31.39
CA GLU B 76 -23.87 -16.00 30.00
C GLU B 76 -23.94 -14.48 29.89
N ASP B 77 -23.29 -13.96 28.85
CA ASP B 77 -23.41 -12.54 28.55
C ASP B 77 -24.79 -12.24 27.95
N ILE B 78 -25.13 -10.95 27.90
CA ILE B 78 -26.41 -10.55 27.34
C ILE B 78 -26.47 -10.88 25.85
N LEU B 79 -25.34 -10.76 25.15
CA LEU B 79 -25.31 -11.10 23.72
C LEU B 79 -25.64 -12.57 23.50
N GLU B 80 -25.06 -13.46 24.32
CA GLU B 80 -25.35 -14.88 24.17
C GLU B 80 -26.81 -15.17 24.51
N ILE B 81 -27.36 -14.48 25.50
CA ILE B 81 -28.77 -14.66 25.84
C ILE B 81 -29.66 -14.24 24.68
N LEU B 82 -29.33 -13.11 24.05
CA LEU B 82 -30.10 -12.66 22.88
C LEU B 82 -29.99 -13.65 21.73
N LEU B 83 -28.79 -14.18 21.51
CA LEU B 83 -28.63 -15.19 20.45
C LEU B 83 -29.45 -16.43 20.74
N ASN B 84 -29.48 -16.86 22.01
CA ASN B 84 -30.30 -18.00 22.38
C ASN B 84 -31.78 -17.73 22.16
N LEU B 85 -32.24 -16.52 22.53
CA LEU B 85 -33.63 -16.15 22.32
C LEU B 85 -33.98 -16.05 20.85
N LYS B 86 -32.99 -15.73 20.00
CA LYS B 86 -33.22 -15.66 18.56
C LYS B 86 -33.67 -17.00 17.98
N GLY B 87 -33.36 -18.11 18.65
CA GLY B 87 -33.71 -19.42 18.14
C GLY B 87 -34.92 -20.02 18.82
N LEU B 88 -35.80 -19.16 19.36
CA LEU B 88 -36.99 -19.61 20.06
C LEU B 88 -38.14 -19.78 19.06
N ALA B 89 -38.75 -20.96 19.06
CA ALA B 89 -39.86 -21.28 18.17
C ALA B 89 -41.17 -21.07 18.91
N VAL B 90 -42.02 -20.20 18.39
CA VAL B 90 -43.28 -19.84 19.03
C VAL B 90 -44.38 -19.87 17.98
N ARG B 91 -45.53 -20.46 18.33
CA ARG B 91 -46.71 -20.50 17.49
C ARG B 91 -47.79 -19.63 18.11
N VAL B 92 -48.26 -18.64 17.36
CA VAL B 92 -49.24 -17.67 17.84
C VAL B 92 -50.49 -17.78 16.99
N GLN B 93 -51.65 -17.90 17.63
CA GLN B 93 -52.94 -17.96 16.96
C GLN B 93 -53.81 -16.80 17.42
N GLY B 94 -54.39 -16.08 16.47
CA GLY B 94 -55.38 -15.06 16.75
C GLY B 94 -54.87 -13.63 16.76
N LYS B 95 -53.56 -13.43 16.80
CA LYS B 95 -53.01 -12.08 16.84
C LYS B 95 -51.62 -12.06 16.24
N ASP B 96 -51.19 -10.87 15.82
CA ASP B 96 -49.91 -10.68 15.15
C ASP B 96 -48.86 -10.09 16.07
N GLU B 97 -49.13 -9.98 17.36
CA GLU B 97 -48.18 -9.38 18.29
C GLU B 97 -48.56 -9.77 19.71
N VAL B 98 -47.60 -10.30 20.47
CA VAL B 98 -47.83 -10.72 21.83
C VAL B 98 -46.55 -10.47 22.63
N ILE B 99 -46.71 -10.24 23.93
CA ILE B 99 -45.60 -9.98 24.84
C ILE B 99 -45.59 -11.08 25.90
N LEU B 100 -44.48 -11.80 25.99
CA LEU B 100 -44.29 -12.86 26.97
C LEU B 100 -43.47 -12.35 28.15
N THR B 101 -43.58 -13.06 29.27
CA THR B 101 -42.87 -12.73 30.49
C THR B 101 -42.21 -13.98 31.06
N LEU B 102 -41.04 -13.79 31.66
CA LEU B 102 -40.29 -14.89 32.26
C LEU B 102 -39.76 -14.45 33.62
N ASN B 103 -39.86 -15.34 34.60
CA ASN B 103 -39.33 -15.12 35.93
C ASN B 103 -38.79 -16.44 36.47
N LYS B 104 -37.60 -16.39 37.06
CA LYS B 104 -36.96 -17.60 37.56
C LYS B 104 -35.98 -17.23 38.67
N SER B 105 -35.79 -18.16 39.60
CA SER B 105 -34.86 -17.96 40.70
C SER B 105 -34.25 -19.31 41.08
N GLY B 106 -33.14 -19.26 41.80
CA GLY B 106 -32.43 -20.46 42.20
C GLY B 106 -31.31 -20.81 41.25
N ILE B 107 -30.67 -21.93 41.55
CA ILE B 107 -29.52 -22.42 40.77
C ILE B 107 -30.03 -23.47 39.79
N GLY B 108 -29.84 -23.21 38.50
CA GLY B 108 -30.21 -24.15 37.47
C GLY B 108 -30.42 -23.48 36.12
N PRO B 109 -30.63 -24.28 35.08
CA PRO B 109 -30.87 -23.72 33.76
C PRO B 109 -32.22 -23.05 33.66
N VAL B 110 -32.33 -22.11 32.74
CA VAL B 110 -33.58 -21.41 32.45
C VAL B 110 -34.00 -21.82 31.04
N THR B 111 -35.00 -22.68 30.95
CA THR B 111 -35.48 -23.21 29.68
C THR B 111 -36.76 -22.49 29.25
N ALA B 112 -37.22 -22.84 28.05
CA ALA B 112 -38.43 -22.22 27.50
C ALA B 112 -39.68 -22.58 28.31
N ALA B 113 -39.64 -23.65 29.10
CA ALA B 113 -40.78 -24.03 29.92
C ALA B 113 -41.06 -23.02 31.02
N ASP B 114 -40.09 -22.19 31.39
CA ASP B 114 -40.27 -21.22 32.46
C ASP B 114 -41.04 -19.98 32.02
N ILE B 115 -41.30 -19.82 30.71
CA ILE B 115 -42.09 -18.70 30.24
C ILE B 115 -43.52 -18.83 30.77
N THR B 116 -44.07 -17.69 31.21
CA THR B 116 -45.41 -17.69 31.79
C THR B 116 -46.43 -18.16 30.76
N HIS B 117 -47.33 -19.05 31.18
CA HIS B 117 -48.30 -19.64 30.28
C HIS B 117 -49.24 -18.57 29.71
N ASP B 118 -49.59 -18.73 28.44
CA ASP B 118 -50.51 -17.83 27.75
C ASP B 118 -51.59 -18.66 27.07
N GLY B 119 -52.78 -18.07 26.97
CA GLY B 119 -53.91 -18.81 26.43
C GLY B 119 -53.76 -19.18 24.96
N ASP B 120 -53.28 -18.23 24.15
CA ASP B 120 -53.18 -18.43 22.70
C ASP B 120 -51.74 -18.37 22.22
N VAL B 121 -50.80 -18.84 23.02
CA VAL B 121 -49.40 -18.95 22.64
C VAL B 121 -48.90 -20.32 23.04
N GLU B 122 -48.26 -21.02 22.11
CA GLU B 122 -47.74 -22.36 22.35
C GLU B 122 -46.24 -22.38 22.11
N ILE B 123 -45.51 -23.02 23.02
CA ILE B 123 -44.06 -23.18 22.90
C ILE B 123 -43.80 -24.58 22.37
N VAL B 124 -43.24 -24.66 21.16
CA VAL B 124 -43.08 -25.96 20.51
C VAL B 124 -42.03 -26.80 21.22
N LYS B 125 -40.89 -26.21 21.56
CA LYS B 125 -39.79 -26.92 22.19
C LYS B 125 -39.55 -26.36 23.59
N PRO B 126 -40.06 -27.04 24.63
CA PRO B 126 -39.89 -26.51 26.00
C PRO B 126 -38.48 -26.68 26.55
N GLN B 127 -37.63 -27.49 25.92
CA GLN B 127 -36.30 -27.75 26.43
C GLN B 127 -35.24 -26.79 25.88
N HIS B 128 -35.65 -25.78 25.12
CA HIS B 128 -34.70 -24.81 24.59
C HIS B 128 -34.09 -24.00 25.73
N VAL B 129 -32.79 -24.19 25.95
CA VAL B 129 -32.10 -23.52 27.04
C VAL B 129 -31.87 -22.06 26.67
N ILE B 130 -32.18 -21.16 27.60
CA ILE B 130 -32.00 -19.73 27.39
C ILE B 130 -30.76 -19.21 28.11
N CYS B 131 -30.63 -19.51 29.40
CA CYS B 131 -29.49 -19.07 30.19
C CYS B 131 -29.36 -19.98 31.41
N HIS B 132 -28.30 -19.77 32.18
CA HIS B 132 -28.04 -20.54 33.38
C HIS B 132 -27.83 -19.60 34.56
N LEU B 133 -28.35 -19.98 35.72
CA LEU B 133 -28.13 -19.26 36.96
C LEU B 133 -27.19 -20.05 37.85
N THR B 134 -26.24 -19.36 38.48
CA THR B 134 -25.19 -20.00 39.25
C THR B 134 -25.12 -19.53 40.70
N ASP B 135 -26.07 -18.69 41.13
CA ASP B 135 -26.08 -18.20 42.49
C ASP B 135 -27.46 -18.46 43.11
N GLU B 136 -27.46 -18.73 44.41
CA GLU B 136 -28.71 -19.02 45.10
C GLU B 136 -29.62 -17.80 45.19
N ASN B 137 -29.03 -16.61 45.23
CA ASN B 137 -29.80 -15.37 45.29
C ASN B 137 -30.05 -14.76 43.92
N ALA B 138 -29.61 -15.42 42.85
CA ALA B 138 -29.77 -14.88 41.52
C ALA B 138 -31.22 -14.96 41.06
N SER B 139 -31.66 -13.94 40.31
CA SER B 139 -33.00 -13.92 39.74
C SER B 139 -32.95 -13.18 38.42
N ILE B 140 -33.93 -13.45 37.56
CA ILE B 140 -34.01 -12.83 36.25
C ILE B 140 -35.47 -12.57 35.92
N SER B 141 -35.71 -11.51 35.14
CA SER B 141 -37.06 -11.16 34.70
C SER B 141 -36.95 -10.52 33.32
N MET B 142 -37.73 -11.05 32.38
CA MET B 142 -37.68 -10.59 31.00
C MET B 142 -39.08 -10.33 30.47
N ARG B 143 -39.16 -9.39 29.52
CA ARG B 143 -40.38 -9.14 28.75
C ARG B 143 -40.02 -9.31 27.28
N ILE B 144 -40.54 -10.37 26.66
CA ILE B 144 -40.16 -10.77 25.31
C ILE B 144 -41.33 -10.45 24.38
N LYS B 145 -41.03 -9.73 23.30
CA LYS B 145 -42.03 -9.33 22.32
C LYS B 145 -41.89 -10.21 21.08
N VAL B 146 -43.00 -10.82 20.66
CA VAL B 146 -43.04 -11.72 19.51
C VAL B 146 -43.98 -11.14 18.47
N GLN B 147 -43.51 -11.06 17.23
CA GLN B 147 -44.28 -10.53 16.11
C GLN B 147 -44.43 -11.61 15.04
N ARG B 148 -45.13 -11.27 13.97
CA ARG B 148 -45.33 -12.17 12.84
C ARG B 148 -44.91 -11.47 11.55
N GLY B 149 -44.24 -12.21 10.68
CA GLY B 149 -43.80 -11.65 9.43
C GLY B 149 -43.24 -12.71 8.51
N ARG B 150 -42.52 -12.26 7.49
CA ARG B 150 -41.89 -13.17 6.54
C ARG B 150 -40.58 -12.56 6.07
N GLY B 151 -39.62 -13.43 5.77
CA GLY B 151 -38.31 -12.99 5.30
C GLY B 151 -37.30 -12.81 6.42
N TYR B 152 -36.31 -11.95 6.20
CA TYR B 152 -35.29 -11.65 7.20
C TYR B 152 -35.16 -10.14 7.32
N VAL B 153 -35.49 -9.60 8.48
CA VAL B 153 -35.49 -8.17 8.73
C VAL B 153 -34.43 -7.86 9.78
N PRO B 154 -33.29 -7.31 9.37
CA PRO B 154 -32.27 -6.92 10.35
C PRO B 154 -32.74 -5.76 11.20
N ALA B 155 -32.30 -5.76 12.46
CA ALA B 155 -32.66 -4.69 13.38
C ALA B 155 -32.07 -3.36 12.94
N SER B 156 -30.89 -3.38 12.31
CA SER B 156 -30.29 -2.16 11.80
C SER B 156 -31.12 -1.55 10.67
N THR B 157 -32.07 -2.30 10.11
CA THR B 157 -33.03 -1.75 9.16
C THR B 157 -34.31 -1.29 9.84
N ARG B 158 -34.70 -1.96 10.93
CA ARG B 158 -35.88 -1.51 11.67
C ARG B 158 -35.63 -0.20 12.40
N ILE B 159 -34.38 0.07 12.79
CA ILE B 159 -34.08 1.36 13.42
C ILE B 159 -34.29 2.50 12.42
N HIS B 160 -34.04 2.24 11.13
CA HIS B 160 -34.24 3.27 10.12
C HIS B 160 -35.72 3.60 9.96
N SER B 161 -36.58 2.58 9.90
CA SER B 161 -38.02 2.78 9.76
C SER B 161 -38.63 3.02 11.13
N GLU B 162 -38.45 4.24 11.63
CA GLU B 162 -38.96 4.60 12.94
C GLU B 162 -39.05 6.12 13.02
N GLU B 163 -40.04 6.60 13.78
CA GLU B 163 -40.25 8.03 13.96
C GLU B 163 -40.40 8.44 15.41
N ASP B 164 -40.32 7.49 16.36
CA ASP B 164 -40.41 7.78 17.78
C ASP B 164 -39.26 7.09 18.50
N GLU B 165 -38.67 7.80 19.45
CA GLU B 165 -37.48 7.30 20.13
C GLU B 165 -37.83 6.12 21.04
N ARG B 166 -36.80 5.32 21.35
CA ARG B 166 -36.92 4.18 22.23
C ARG B 166 -36.23 4.47 23.56
N PRO B 167 -36.77 3.98 24.67
CA PRO B 167 -36.10 4.17 25.96
C PRO B 167 -34.86 3.31 26.08
N ILE B 168 -33.99 3.71 27.00
CA ILE B 168 -32.75 2.97 27.24
C ILE B 168 -33.08 1.70 28.02
N GLY B 169 -32.63 0.57 27.48
CA GLY B 169 -32.90 -0.73 28.08
C GLY B 169 -33.69 -1.68 27.20
N ARG B 170 -34.23 -1.22 26.07
CA ARG B 170 -34.96 -2.07 25.14
C ARG B 170 -33.99 -2.59 24.09
N LEU B 171 -33.81 -3.90 24.03
CA LEU B 171 -32.80 -4.53 23.19
C LEU B 171 -33.46 -5.11 21.95
N LEU B 172 -33.01 -4.68 20.78
CA LEU B 172 -33.54 -5.18 19.53
C LEU B 172 -32.83 -6.47 19.12
N VAL B 173 -33.58 -7.34 18.44
CA VAL B 173 -33.08 -8.64 18.01
C VAL B 173 -33.43 -8.84 16.54
N ASP B 174 -32.46 -9.34 15.76
CA ASP B 174 -32.71 -9.65 14.36
C ASP B 174 -33.73 -10.77 14.25
N ALA B 175 -34.65 -10.63 13.31
CA ALA B 175 -35.79 -11.53 13.16
C ALA B 175 -35.61 -12.44 11.94
N CYS B 176 -35.70 -13.75 12.16
CA CYS B 176 -35.71 -14.74 11.09
C CYS B 176 -37.09 -15.39 11.11
N TYR B 177 -37.99 -14.87 10.28
CA TYR B 177 -39.39 -15.26 10.33
C TYR B 177 -39.64 -16.64 9.72
N SER B 178 -38.85 -17.03 8.73
CA SER B 178 -39.14 -18.26 7.98
C SER B 178 -39.02 -19.49 8.87
N PRO B 179 -40.01 -20.38 8.88
CA PRO B 179 -39.95 -21.60 9.68
C PRO B 179 -39.44 -22.83 8.95
N VAL B 180 -38.94 -22.69 7.72
CA VAL B 180 -38.51 -23.83 6.91
C VAL B 180 -37.00 -23.73 6.69
N GLU B 181 -36.29 -24.82 6.99
CA GLU B 181 -34.85 -24.89 6.78
C GLU B 181 -34.49 -25.59 5.47
N ARG B 182 -34.94 -26.83 5.28
CA ARG B 182 -34.50 -27.65 4.16
C ARG B 182 -35.71 -28.18 3.39
N ILE B 183 -35.60 -28.16 2.06
CA ILE B 183 -36.62 -28.68 1.17
C ILE B 183 -35.94 -29.55 0.12
N ALA B 184 -36.43 -30.80 -0.03
CA ALA B 184 -35.91 -31.72 -1.03
C ALA B 184 -37.06 -32.46 -1.67
N TYR B 185 -37.07 -32.53 -3.00
CA TYR B 185 -38.13 -33.19 -3.74
C TYR B 185 -37.56 -34.22 -4.69
N ASN B 186 -38.37 -35.22 -5.02
CA ASN B 186 -37.97 -36.30 -5.90
C ASN B 186 -39.14 -36.68 -6.80
N VAL B 187 -38.83 -37.18 -7.99
CA VAL B 187 -39.82 -37.58 -8.98
C VAL B 187 -39.65 -39.07 -9.23
N GLU B 188 -40.73 -39.83 -9.04
CA GLU B 188 -40.72 -41.27 -9.25
C GLU B 188 -41.97 -41.69 -10.00
N ALA B 189 -41.86 -42.83 -10.69
CA ALA B 189 -42.93 -43.30 -11.55
C ALA B 189 -44.17 -43.67 -10.73
N ALA B 190 -45.34 -43.33 -11.26
CA ALA B 190 -46.61 -43.65 -10.62
C ALA B 190 -47.01 -45.10 -10.88
N ARG B 191 -48.03 -45.55 -10.17
CA ARG B 191 -48.51 -46.92 -10.25
C ARG B 191 -49.89 -47.03 -10.89
N VAL B 192 -50.27 -46.07 -11.74
CA VAL B 192 -51.55 -46.13 -12.42
C VAL B 192 -51.46 -47.17 -13.53
N GLU B 193 -52.29 -48.23 -13.43
CA GLU B 193 -52.24 -49.29 -14.42
C GLU B 193 -52.73 -48.84 -15.79
N GLN B 194 -53.68 -47.90 -15.84
CA GLN B 194 -54.20 -47.44 -17.11
C GLN B 194 -53.14 -46.69 -17.91
N ARG B 195 -52.36 -45.85 -17.26
CA ARG B 195 -51.31 -45.07 -17.91
C ARG B 195 -50.00 -45.32 -17.18
N THR B 196 -49.08 -46.03 -17.84
CA THR B 196 -47.77 -46.32 -17.29
C THR B 196 -46.75 -45.25 -17.63
N ASP B 197 -47.19 -44.07 -18.09
CA ASP B 197 -46.31 -42.96 -18.40
C ASP B 197 -46.46 -41.81 -17.41
N LEU B 198 -47.01 -42.07 -16.24
CA LEU B 198 -47.23 -41.06 -15.22
C LEU B 198 -46.15 -41.15 -14.14
N ASP B 199 -46.11 -40.12 -13.29
CA ASP B 199 -45.12 -40.07 -12.22
C ASP B 199 -45.71 -39.27 -11.06
N LYS B 200 -45.13 -39.47 -9.88
CA LYS B 200 -45.56 -38.80 -8.66
C LYS B 200 -44.43 -37.95 -8.11
N LEU B 201 -44.79 -36.87 -7.42
CA LEU B 201 -43.84 -35.95 -6.83
C LEU B 201 -43.88 -36.08 -5.31
N VAL B 202 -42.72 -36.34 -4.71
CA VAL B 202 -42.57 -36.47 -3.27
C VAL B 202 -41.72 -35.32 -2.77
N ILE B 203 -42.25 -34.57 -1.80
CA ILE B 203 -41.58 -33.39 -1.25
C ILE B 203 -41.25 -33.67 0.20
N GLU B 204 -40.00 -33.45 0.58
CA GLU B 204 -39.53 -33.65 1.95
C GLU B 204 -39.30 -32.28 2.58
N MET B 205 -39.78 -32.10 3.81
CA MET B 205 -39.75 -30.82 4.48
C MET B 205 -39.05 -30.93 5.83
N GLU B 206 -38.25 -29.92 6.15
CA GLU B 206 -37.63 -29.79 7.47
C GLU B 206 -38.05 -28.44 8.04
N THR B 207 -38.68 -28.46 9.21
CA THR B 207 -39.17 -27.23 9.83
C THR B 207 -38.71 -27.12 11.28
N ASN B 208 -39.20 -26.10 11.98
CA ASN B 208 -39.02 -25.98 13.42
C ASN B 208 -40.34 -26.08 14.16
N GLY B 209 -41.29 -26.82 13.59
CA GLY B 209 -42.66 -26.77 14.06
C GLY B 209 -43.33 -25.48 13.60
N THR B 210 -44.38 -25.11 14.32
CA THR B 210 -45.09 -23.85 14.12
C THR B 210 -45.73 -23.73 12.74
N ILE B 211 -45.66 -24.79 11.94
CA ILE B 211 -46.24 -24.78 10.60
C ILE B 211 -46.69 -26.20 10.25
N ASP B 212 -47.84 -26.30 9.58
CA ASP B 212 -48.36 -27.57 9.09
C ASP B 212 -47.94 -27.79 7.65
N PRO B 213 -47.44 -28.97 7.29
CA PRO B 213 -46.97 -29.19 5.91
C PRO B 213 -48.04 -28.97 4.86
N GLU B 214 -49.26 -29.46 5.10
CA GLU B 214 -50.33 -29.29 4.12
C GLU B 214 -50.66 -27.82 3.91
N GLU B 215 -50.74 -27.06 5.01
CA GLU B 215 -51.01 -25.63 4.90
C GLU B 215 -49.90 -24.91 4.14
N ALA B 216 -48.64 -25.30 4.39
CA ALA B 216 -47.53 -24.69 3.67
C ALA B 216 -47.61 -24.97 2.17
N ILE B 217 -47.91 -26.22 1.81
CA ILE B 217 -48.02 -26.57 0.39
C ILE B 217 -49.16 -25.79 -0.27
N ARG B 218 -50.32 -25.72 0.41
CA ARG B 218 -51.46 -25.01 -0.16
C ARG B 218 -51.18 -23.52 -0.28
N ARG B 219 -50.49 -22.94 0.69
CA ARG B 219 -50.12 -21.52 0.62
C ARG B 219 -49.16 -21.28 -0.53
N ALA B 220 -48.19 -22.17 -0.73
CA ALA B 220 -47.27 -22.03 -1.87
C ALA B 220 -48.02 -22.10 -3.19
N ALA B 221 -48.96 -23.05 -3.31
CA ALA B 221 -49.74 -23.17 -4.53
C ALA B 221 -50.60 -21.92 -4.75
N THR B 222 -51.18 -21.38 -3.68
CA THR B 222 -51.97 -20.17 -3.79
C THR B 222 -51.12 -18.99 -4.25
N ILE B 223 -49.91 -18.86 -3.71
CA ILE B 223 -49.02 -17.79 -4.13
C ILE B 223 -48.66 -17.94 -5.61
N LEU B 224 -48.36 -19.16 -6.04
CA LEU B 224 -48.00 -19.38 -7.44
C LEU B 224 -49.16 -19.05 -8.36
N ALA B 225 -50.38 -19.47 -8.00
CA ALA B 225 -51.55 -19.16 -8.82
C ALA B 225 -51.83 -17.66 -8.85
N GLU B 226 -51.70 -16.99 -7.70
CA GLU B 226 -51.89 -15.55 -7.65
C GLU B 226 -50.88 -14.81 -8.51
N GLN B 227 -49.64 -15.33 -8.58
CA GLN B 227 -48.66 -14.76 -9.49
C GLN B 227 -49.02 -15.00 -10.94
N LEU B 228 -49.50 -16.22 -11.27
CA LEU B 228 -49.84 -16.55 -12.65
C LEU B 228 -51.09 -15.84 -13.14
N GLU B 229 -51.91 -15.30 -12.21
CA GLU B 229 -53.11 -14.58 -12.62
C GLU B 229 -52.78 -13.43 -13.56
N ALA B 230 -51.62 -12.80 -13.40
CA ALA B 230 -51.25 -11.68 -14.27
C ALA B 230 -50.91 -12.16 -15.67
N PHE B 231 -50.25 -13.31 -15.79
CA PHE B 231 -49.96 -13.87 -17.10
C PHE B 231 -51.23 -14.36 -17.79
N VAL B 232 -52.19 -14.88 -17.01
CA VAL B 232 -53.40 -15.46 -17.59
C VAL B 232 -54.22 -14.40 -18.32
N ASP B 233 -54.24 -13.18 -17.80
CA ASP B 233 -55.18 -12.16 -18.26
C ASP B 233 -54.85 -11.71 -19.68
N LEU B 234 -55.63 -10.72 -20.16
CA LEU B 234 -55.60 -10.34 -21.57
C LEU B 234 -54.22 -9.84 -22.00
N ARG B 235 -53.57 -9.03 -21.16
CA ARG B 235 -52.23 -8.53 -21.50
C ARG B 235 -51.18 -9.57 -21.18
N TYR C 5 -4.51 -38.01 30.18
CA TYR C 5 -5.10 -36.85 29.50
C TYR C 5 -5.53 -35.80 30.52
N SER C 6 -5.30 -34.53 30.19
CA SER C 6 -5.65 -33.43 31.07
C SER C 6 -7.15 -33.18 31.03
N TYR C 7 -7.63 -32.40 32.00
CA TYR C 7 -9.06 -32.12 32.11
C TYR C 7 -9.55 -31.34 30.90
N THR C 8 -8.79 -30.33 30.47
CA THR C 8 -9.24 -29.51 29.34
C THR C 8 -9.24 -30.28 28.04
N GLU C 9 -8.24 -31.14 27.84
CA GLU C 9 -8.15 -31.90 26.59
C GLU C 9 -9.14 -33.05 26.55
N LYS C 10 -9.52 -33.61 27.70
CA LYS C 10 -10.42 -34.75 27.73
C LYS C 10 -11.81 -34.42 27.22
N LYS C 11 -12.20 -33.15 27.23
CA LYS C 11 -13.52 -32.78 26.72
C LYS C 11 -13.59 -32.91 25.20
N ARG C 12 -12.48 -32.72 24.51
CA ARG C 12 -12.46 -32.77 23.05
C ARG C 12 -11.04 -33.16 22.62
N ILE C 13 -10.87 -34.42 22.23
CA ILE C 13 -9.57 -34.94 21.82
C ILE C 13 -9.45 -34.85 20.30
N ARG C 14 -8.36 -34.24 19.84
CA ARG C 14 -8.10 -34.10 18.42
C ARG C 14 -7.35 -35.33 17.91
N LYS C 15 -7.91 -35.97 16.88
CA LYS C 15 -7.28 -37.16 16.31
C LYS C 15 -6.00 -36.77 15.58
N ASP C 16 -4.90 -37.45 15.93
CA ASP C 16 -3.59 -37.12 15.39
C ASP C 16 -3.19 -38.13 14.33
N PHE C 17 -2.80 -37.63 13.15
CA PHE C 17 -2.34 -38.46 12.05
C PHE C 17 -0.82 -38.56 11.97
N GLY C 18 -0.10 -37.92 12.89
CA GLY C 18 1.35 -38.03 12.89
C GLY C 18 1.82 -39.44 13.20
N LYS C 19 2.96 -39.80 12.64
CA LYS C 19 3.51 -41.14 12.77
C LYS C 19 4.91 -41.19 13.35
N ARG C 20 5.49 -40.05 13.72
CA ARG C 20 6.84 -40.08 14.26
C ARG C 20 6.85 -39.71 15.74
N PRO C 21 7.63 -40.40 16.56
CA PRO C 21 7.55 -40.22 18.01
C PRO C 21 8.06 -38.86 18.44
N GLN C 22 7.18 -38.09 19.08
CA GLN C 22 7.58 -36.83 19.70
C GLN C 22 8.63 -37.07 20.77
N VAL C 23 9.74 -36.33 20.68
CA VAL C 23 10.88 -36.51 21.56
C VAL C 23 11.19 -35.27 22.39
N LEU C 24 11.13 -34.08 21.78
CA LEU C 24 11.42 -32.83 22.47
C LEU C 24 10.20 -31.93 22.39
N ASP C 25 9.72 -31.48 23.54
CA ASP C 25 8.52 -30.66 23.60
C ASP C 25 8.80 -29.26 23.06
N VAL C 26 7.74 -28.62 22.58
CA VAL C 26 7.87 -27.23 22.11
C VAL C 26 8.15 -26.34 23.31
N PRO C 27 9.23 -25.56 23.29
CA PRO C 27 9.57 -24.73 24.46
C PRO C 27 8.62 -23.56 24.60
N TYR C 28 8.71 -22.90 25.76
CA TYR C 28 7.88 -21.73 26.01
C TYR C 28 8.20 -20.66 24.98
N LEU C 29 7.16 -20.21 24.27
CA LEU C 29 7.36 -19.42 23.06
C LEU C 29 7.82 -17.99 23.32
N LEU C 30 7.75 -17.52 24.56
CA LEU C 30 8.13 -16.15 24.90
C LEU C 30 9.39 -16.10 25.76
N SER C 31 10.25 -17.11 25.63
CA SER C 31 11.41 -17.22 26.51
C SER C 31 12.43 -16.11 26.26
N ILE C 32 12.59 -15.67 25.00
CA ILE C 32 13.69 -14.76 24.67
C ILE C 32 13.56 -13.43 25.40
N GLN C 33 12.38 -12.80 25.33
CA GLN C 33 12.19 -11.48 25.93
C GLN C 33 12.34 -11.53 27.44
N LEU C 34 11.71 -12.51 28.07
CA LEU C 34 11.79 -12.62 29.53
C LEU C 34 13.20 -12.94 30.00
N ASP C 35 13.89 -13.84 29.31
CA ASP C 35 15.26 -14.14 29.68
C ASP C 35 16.15 -12.92 29.53
N SER C 36 15.98 -12.16 28.44
CA SER C 36 16.77 -10.95 28.26
C SER C 36 16.52 -9.96 29.38
N PHE C 37 15.24 -9.72 29.72
CA PHE C 37 14.95 -8.72 30.74
C PHE C 37 15.43 -9.18 32.11
N GLN C 38 15.31 -10.48 32.42
CA GLN C 38 15.82 -10.99 33.68
C GLN C 38 17.33 -10.84 33.76
N LYS C 39 18.04 -11.18 32.68
CA LYS C 39 19.48 -10.94 32.65
C LYS C 39 19.79 -9.46 32.83
N PHE C 40 18.92 -8.58 32.36
CA PHE C 40 19.13 -7.15 32.52
C PHE C 40 18.99 -6.73 33.98
N ILE C 41 17.94 -7.20 34.66
CA ILE C 41 17.61 -6.66 35.98
C ILE C 41 18.08 -7.53 37.15
N GLU C 42 18.45 -8.78 36.91
CA GLU C 42 18.84 -9.66 38.00
C GLU C 42 20.17 -9.21 38.60
N GLN C 43 20.31 -9.43 39.91
CA GLN C 43 21.58 -9.15 40.59
C GLN C 43 22.67 -10.04 40.04
N ASP C 44 23.82 -9.45 39.75
CA ASP C 44 24.96 -10.19 39.20
C ASP C 44 26.17 -10.02 40.11
N PRO C 45 26.61 -11.05 40.83
CA PRO C 45 27.81 -10.88 41.66
C PRO C 45 29.08 -10.79 40.84
N GLU C 46 29.17 -11.54 39.73
CA GLU C 46 30.32 -11.43 38.85
C GLU C 46 30.31 -10.16 38.03
N GLY C 47 29.16 -9.49 37.91
CA GLY C 47 29.09 -8.23 37.22
C GLY C 47 29.25 -8.30 35.72
N GLN C 48 28.92 -9.44 35.10
CA GLN C 48 29.07 -9.56 33.66
C GLN C 48 27.96 -8.86 32.90
N TYR C 49 26.73 -8.89 33.40
CA TYR C 49 25.58 -8.38 32.67
C TYR C 49 24.72 -7.51 33.58
N GLY C 50 23.96 -6.61 32.96
CA GLY C 50 22.94 -5.85 33.65
C GLY C 50 23.42 -4.49 34.12
N LEU C 51 22.68 -3.97 35.11
CA LEU C 51 23.02 -2.67 35.69
C LEU C 51 24.37 -2.71 36.40
N GLU C 52 24.77 -3.89 36.91
CA GLU C 52 26.07 -4.02 37.56
C GLU C 52 27.20 -3.72 36.59
N ALA C 53 27.08 -4.17 35.35
CA ALA C 53 28.13 -3.93 34.36
C ALA C 53 28.30 -2.44 34.11
N ALA C 54 27.20 -1.71 33.92
CA ALA C 54 27.29 -0.27 33.72
C ALA C 54 27.82 0.43 34.96
N PHE C 55 27.34 0.03 36.14
CA PHE C 55 27.78 0.65 37.38
C PHE C 55 29.30 0.51 37.57
N ARG C 56 29.83 -0.69 37.33
CA ARG C 56 31.26 -0.91 37.45
C ARG C 56 32.05 -0.43 36.24
N SER C 57 31.39 -0.08 35.14
CA SER C 57 32.06 0.51 34.00
C SER C 57 32.13 2.04 34.08
N VAL C 58 31.29 2.67 34.89
CA VAL C 58 31.35 4.10 35.11
C VAL C 58 32.02 4.44 36.43
N PHE C 59 31.65 3.76 37.51
CA PHE C 59 32.24 4.00 38.82
C PHE C 59 33.49 3.14 39.00
N PRO C 60 34.45 3.57 39.85
CA PRO C 60 34.48 4.82 40.63
C PRO C 60 34.86 6.04 39.79
N ILE C 61 34.46 7.22 40.27
CA ILE C 61 34.71 8.47 39.56
C ILE C 61 35.63 9.34 40.42
N GLN C 62 36.75 9.74 39.85
CA GLN C 62 37.72 10.58 40.52
C GLN C 62 37.66 12.00 39.98
N SER C 63 37.85 12.98 40.87
CA SER C 63 37.87 14.37 40.46
C SER C 63 39.17 14.70 39.74
N TYR C 64 39.21 15.89 39.12
CA TYR C 64 40.40 16.30 38.38
C TYR C 64 41.58 16.49 39.32
N SER C 65 41.39 17.21 40.42
CA SER C 65 42.47 17.46 41.36
C SER C 65 42.80 16.25 42.23
N GLY C 66 41.98 15.20 42.18
CA GLY C 66 42.24 14.02 42.98
C GLY C 66 42.10 14.25 44.48
N ASN C 67 41.07 14.96 44.91
CA ASN C 67 40.83 15.23 46.31
C ASN C 67 39.52 14.64 46.81
N SER C 68 38.76 13.95 45.96
CA SER C 68 37.49 13.35 46.34
C SER C 68 37.05 12.41 45.24
N GLU C 69 36.41 11.30 45.62
CA GLU C 69 35.93 10.32 44.66
C GLU C 69 34.64 9.70 45.17
N LEU C 70 33.86 9.18 44.23
CA LEU C 70 32.60 8.49 44.53
C LEU C 70 32.78 6.99 44.27
N GLN C 71 32.25 6.17 45.18
CA GLN C 71 32.32 4.72 45.06
C GLN C 71 30.92 4.14 45.06
N TYR C 72 30.66 3.23 44.13
CA TYR C 72 29.38 2.54 44.05
C TYR C 72 29.41 1.28 44.91
N VAL C 73 28.31 1.05 45.64
CA VAL C 73 28.21 -0.07 46.58
C VAL C 73 27.28 -1.15 46.06
N SER C 74 26.00 -0.83 45.90
CA SER C 74 25.00 -1.81 45.48
C SER C 74 23.73 -1.04 45.09
N TYR C 75 22.72 -1.79 44.65
CA TYR C 75 21.48 -1.18 44.17
C TYR C 75 20.32 -2.15 44.44
N ARG C 76 19.11 -1.60 44.37
CA ARG C 76 17.90 -2.41 44.50
C ARG C 76 16.75 -1.68 43.82
N LEU C 77 15.69 -2.42 43.54
CA LEU C 77 14.50 -1.89 42.88
C LEU C 77 13.32 -1.94 43.84
N GLY C 78 12.60 -0.83 43.96
CA GLY C 78 11.47 -0.75 44.85
C GLY C 78 10.19 -1.30 44.23
N GLU C 79 9.15 -1.33 45.06
CA GLU C 79 7.86 -1.83 44.61
C GLU C 79 7.19 -0.80 43.70
N PRO C 80 6.59 -1.23 42.58
CA PRO C 80 5.86 -0.30 41.73
C PRO C 80 4.67 0.31 42.46
N VAL C 81 4.39 1.59 42.16
CA VAL C 81 3.30 2.29 42.82
C VAL C 81 1.96 1.73 42.37
N PHE C 82 1.78 1.56 41.07
CA PHE C 82 0.51 1.14 40.49
C PHE C 82 0.63 -0.23 39.86
N ASP C 83 -0.48 -0.96 39.82
CA ASP C 83 -0.55 -2.24 39.15
C ASP C 83 -0.65 -2.05 37.64
N VAL C 84 -0.58 -3.17 36.91
CA VAL C 84 -0.64 -3.11 35.45
C VAL C 84 -2.02 -2.63 35.00
N GLN C 85 -3.08 -3.22 35.56
CA GLN C 85 -4.44 -2.79 35.23
C GLN C 85 -4.67 -1.33 35.63
N GLU C 86 -4.19 -0.95 36.81
CA GLU C 86 -4.32 0.43 37.25
C GLU C 86 -3.56 1.38 36.33
N CYS C 87 -2.36 0.97 35.89
CA CYS C 87 -1.60 1.79 34.96
C CYS C 87 -2.32 1.94 33.62
N GLN C 88 -2.92 0.85 33.12
CA GLN C 88 -3.65 0.94 31.86
C GLN C 88 -4.88 1.83 31.99
N ILE C 89 -5.59 1.73 33.12
CA ILE C 89 -6.79 2.56 33.32
C ILE C 89 -6.40 4.03 33.46
N ARG C 90 -5.34 4.31 34.21
CA ARG C 90 -4.91 5.69 34.46
C ARG C 90 -4.00 6.23 33.36
N GLY C 91 -3.56 5.39 32.43
CA GLY C 91 -2.71 5.85 31.35
C GLY C 91 -1.34 6.33 31.80
N VAL C 92 -0.68 5.60 32.69
CA VAL C 92 0.64 5.97 33.20
C VAL C 92 1.59 4.81 33.01
N THR C 93 2.88 5.12 33.04
CA THR C 93 3.91 4.10 32.83
C THR C 93 4.00 3.19 34.05
N TYR C 94 4.20 1.89 33.79
CA TYR C 94 4.35 0.88 34.84
C TYR C 94 5.84 0.64 35.05
N SER C 95 6.41 1.31 36.04
CA SER C 95 7.84 1.28 36.30
C SER C 95 8.09 1.11 37.79
N ALA C 96 9.37 0.99 38.14
CA ALA C 96 9.82 0.87 39.51
C ALA C 96 10.99 1.80 39.77
N PRO C 97 11.13 2.31 41.00
CA PRO C 97 12.22 3.23 41.29
C PRO C 97 13.52 2.51 41.57
N LEU C 98 14.63 3.10 41.12
CA LEU C 98 15.97 2.56 41.32
C LEU C 98 16.67 3.34 42.43
N ARG C 99 17.14 2.62 43.44
CA ARG C 99 17.80 3.21 44.60
C ARG C 99 19.19 2.60 44.75
N VAL C 100 20.22 3.44 44.69
CA VAL C 100 21.61 2.99 44.75
C VAL C 100 22.25 3.52 46.03
N LYS C 101 23.16 2.73 46.58
CA LYS C 101 23.97 3.16 47.71
C LYS C 101 25.31 3.67 47.18
N LEU C 102 25.59 4.95 47.42
CA LEU C 102 26.83 5.58 46.99
C LEU C 102 27.65 5.97 48.21
N ARG C 103 28.98 5.82 48.10
CA ARG C 103 29.91 6.14 49.17
C ARG C 103 30.86 7.23 48.69
N LEU C 104 30.95 8.30 49.47
CA LEU C 104 31.81 9.43 49.16
C LEU C 104 33.10 9.33 49.97
N VAL C 105 34.23 9.59 49.32
CA VAL C 105 35.55 9.50 49.93
C VAL C 105 36.21 10.87 49.86
N ILE C 106 36.76 11.33 50.98
CA ILE C 106 37.45 12.60 51.08
C ILE C 106 38.94 12.32 51.18
N TYR C 107 39.73 12.97 50.32
CA TYR C 107 41.17 12.79 50.28
C TYR C 107 41.83 13.91 51.08
N GLU C 108 42.73 13.54 51.99
CA GLU C 108 43.45 14.51 52.81
C GLU C 108 44.64 15.04 52.03
N ARG C 109 44.57 16.31 51.60
CA ARG C 109 45.66 16.90 50.85
C ARG C 109 46.81 17.36 51.74
N GLU C 110 46.65 17.31 53.07
CA GLU C 110 47.75 17.64 53.97
C GLU C 110 48.76 16.51 54.07
N ALA C 111 48.39 15.30 53.68
CA ALA C 111 49.27 14.15 53.69
C ALA C 111 49.44 13.62 52.28
N PRO C 112 50.66 13.33 51.83
CA PRO C 112 50.85 12.83 50.46
C PRO C 112 50.11 11.53 50.17
N GLU C 113 49.97 10.65 51.16
CA GLU C 113 49.29 9.37 51.01
C GLU C 113 48.13 9.26 51.99
N GLY C 114 47.41 10.36 52.20
CA GLY C 114 46.27 10.36 53.10
C GLY C 114 44.96 10.60 52.41
N THR C 115 44.03 9.64 52.52
CA THR C 115 42.72 9.74 51.91
C THR C 115 41.62 9.26 52.86
N VAL C 116 41.82 9.46 54.16
CA VAL C 116 40.89 8.96 55.17
C VAL C 116 40.36 10.11 56.01
N LYS C 117 40.21 11.30 55.40
CA LYS C 117 39.68 12.44 56.13
C LYS C 117 38.26 12.17 56.63
N ASP C 118 37.40 11.64 55.75
CA ASP C 118 36.04 11.26 56.11
C ASP C 118 35.45 10.45 54.99
N ILE C 119 34.41 9.68 55.32
CA ILE C 119 33.66 8.88 54.35
C ILE C 119 32.18 8.98 54.70
N LYS C 120 31.35 9.11 53.68
CA LYS C 120 29.91 9.26 53.85
C LYS C 120 29.18 8.26 52.97
N GLU C 121 28.13 7.65 53.52
CA GLU C 121 27.32 6.66 52.83
C GLU C 121 25.86 7.11 52.83
N GLN C 122 25.24 7.10 51.65
CA GLN C 122 23.85 7.51 51.51
C GLN C 122 23.22 6.81 50.32
N GLU C 123 21.95 6.42 50.47
CA GLU C 123 21.18 5.83 49.38
C GLU C 123 20.56 6.95 48.54
N VAL C 124 20.73 6.86 47.22
CA VAL C 124 20.33 7.92 46.30
C VAL C 124 19.38 7.35 45.25
N TYR C 125 18.39 8.15 44.87
CA TYR C 125 17.41 7.75 43.87
C TYR C 125 17.87 8.16 42.48
N MET C 126 17.86 7.21 41.54
CA MET C 126 18.34 7.45 40.18
C MET C 126 17.24 7.59 39.14
N GLY C 127 16.04 7.09 39.39
CA GLY C 127 14.96 7.27 38.45
C GLY C 127 14.06 6.05 38.40
N GLU C 128 13.30 5.98 37.32
CA GLU C 128 12.30 4.94 37.11
C GLU C 128 12.71 4.04 35.96
N ILE C 129 12.66 2.73 36.19
CA ILE C 129 12.95 1.72 35.19
C ILE C 129 11.63 1.04 34.80
N PRO C 130 11.16 1.18 33.56
CA PRO C 130 9.94 0.48 33.16
C PRO C 130 10.09 -1.02 33.31
N LEU C 131 9.02 -1.66 33.77
CA LEU C 131 9.02 -3.08 34.07
C LEU C 131 8.30 -3.86 32.96
N MET C 132 8.61 -5.15 32.90
CA MET C 132 8.04 -6.04 31.89
C MET C 132 6.96 -6.90 32.51
N THR C 133 5.80 -6.96 31.84
CA THR C 133 4.70 -7.77 32.33
C THR C 133 5.02 -9.26 32.16
N ASP C 134 4.09 -10.10 32.61
CA ASP C 134 4.28 -11.55 32.53
C ASP C 134 4.20 -12.08 31.11
N ASN C 135 3.69 -11.28 30.16
CA ASN C 135 3.57 -11.69 28.77
C ASN C 135 4.67 -11.09 27.89
N GLY C 136 5.67 -10.45 28.48
CA GLY C 136 6.77 -9.91 27.70
C GLY C 136 6.51 -8.55 27.07
N THR C 137 5.65 -7.74 27.67
CA THR C 137 5.31 -6.44 27.13
C THR C 137 5.60 -5.34 28.15
N PHE C 138 5.66 -4.11 27.66
CA PHE C 138 5.87 -2.93 28.49
C PHE C 138 4.65 -2.01 28.36
N VAL C 139 4.24 -1.43 29.48
CA VAL C 139 3.13 -0.49 29.51
C VAL C 139 3.73 0.92 29.60
N ILE C 140 3.70 1.65 28.49
CA ILE C 140 4.23 3.00 28.42
C ILE C 140 3.06 3.94 28.17
N ASN C 141 2.78 4.81 29.14
CA ASN C 141 1.68 5.77 29.06
C ASN C 141 0.35 5.08 28.82
N GLY C 142 0.17 3.92 29.48
CA GLY C 142 -1.08 3.20 29.42
C GLY C 142 -1.28 2.28 28.24
N THR C 143 -0.31 2.21 27.32
CA THR C 143 -0.43 1.38 26.13
C THR C 143 0.69 0.35 26.10
N GLU C 144 0.36 -0.85 25.63
CA GLU C 144 1.32 -1.95 25.57
C GLU C 144 2.24 -1.79 24.36
N ARG C 145 3.53 -1.99 24.58
CA ARG C 145 4.53 -1.88 23.53
C ARG C 145 5.43 -3.11 23.56
N VAL C 146 6.04 -3.40 22.40
CA VAL C 146 6.89 -4.56 22.21
C VAL C 146 8.24 -4.09 21.67
N ILE C 147 9.32 -4.60 22.26
CA ILE C 147 10.68 -4.29 21.81
C ILE C 147 11.14 -5.45 20.93
N VAL C 148 11.48 -5.13 19.68
CA VAL C 148 11.85 -6.14 18.69
C VAL C 148 13.37 -6.35 18.74
N SER C 149 13.78 -7.62 18.74
CA SER C 149 15.20 -7.94 18.76
C SER C 149 15.87 -7.55 17.46
N GLN C 150 17.17 -7.30 17.52
CA GLN C 150 17.95 -6.83 16.39
C GLN C 150 19.01 -7.85 16.02
N LEU C 151 19.23 -8.00 14.71
CA LEU C 151 20.27 -8.88 14.17
C LEU C 151 21.32 -8.02 13.50
N HIS C 152 22.54 -8.02 14.03
CA HIS C 152 23.60 -7.14 13.59
C HIS C 152 24.90 -7.92 13.47
N ARG C 153 25.91 -7.26 12.89
CA ARG C 153 27.23 -7.85 12.75
C ARG C 153 27.94 -7.91 14.09
N SER C 154 28.54 -9.04 14.40
CA SER C 154 29.23 -9.22 15.66
C SER C 154 30.58 -8.49 15.67
N PRO C 155 31.05 -8.05 16.83
CA PRO C 155 32.37 -7.42 16.90
C PRO C 155 33.49 -8.42 16.62
N GLY C 156 34.61 -7.90 16.15
CA GLY C 156 35.76 -8.73 15.83
C GLY C 156 36.51 -8.26 14.61
N VAL C 157 37.20 -9.18 13.93
CA VAL C 157 37.94 -8.89 12.72
C VAL C 157 37.38 -9.76 11.60
N PHE C 158 37.14 -9.15 10.44
CA PHE C 158 36.60 -9.83 9.28
C PHE C 158 37.44 -9.51 8.06
N PHE C 159 37.85 -10.55 7.34
CA PHE C 159 38.68 -10.40 6.15
C PHE C 159 37.81 -10.56 4.92
N ASP C 160 37.87 -9.57 4.02
CA ASP C 160 37.02 -9.53 2.84
C ASP C 160 37.86 -9.31 1.59
N SER C 161 37.34 -9.75 0.46
CA SER C 161 37.99 -9.58 -0.84
C SER C 161 37.05 -8.81 -1.75
N ASP C 162 37.42 -7.59 -2.12
CA ASP C 162 36.59 -6.78 -3.00
C ASP C 162 36.53 -7.40 -4.38
N LYS C 163 35.37 -7.27 -5.02
CA LYS C 163 35.15 -7.82 -6.36
C LYS C 163 34.48 -6.77 -7.23
N GLY C 164 34.73 -6.87 -8.53
CA GLY C 164 34.18 -5.93 -9.48
C GLY C 164 34.86 -4.58 -9.52
N LYS C 165 35.99 -4.43 -8.83
CA LYS C 165 36.75 -3.20 -8.83
C LYS C 165 38.11 -3.46 -9.48
N THR C 166 38.59 -2.46 -10.23
CA THR C 166 39.76 -2.62 -11.09
C THR C 166 39.56 -3.81 -12.04
N HIS C 167 38.33 -3.97 -12.53
CA HIS C 167 38.04 -5.03 -13.49
C HIS C 167 38.79 -4.81 -14.80
N SER C 168 39.07 -3.56 -15.17
CA SER C 168 39.96 -3.32 -16.29
C SER C 168 41.35 -3.89 -16.01
N SER C 169 41.85 -3.71 -14.79
CA SER C 169 43.06 -4.41 -14.38
C SER C 169 42.80 -5.90 -14.19
N GLY C 170 41.60 -6.26 -13.73
CA GLY C 170 41.22 -7.66 -13.63
C GLY C 170 41.77 -8.42 -12.45
N LYS C 171 42.00 -7.75 -11.32
CA LYS C 171 42.55 -8.39 -10.13
C LYS C 171 41.62 -8.15 -8.95
N VAL C 172 41.96 -8.76 -7.82
CA VAL C 172 41.12 -8.75 -6.62
C VAL C 172 41.91 -8.11 -5.49
N LEU C 173 41.24 -7.23 -4.74
CA LEU C 173 41.85 -6.49 -3.64
C LEU C 173 41.32 -7.01 -2.32
N TYR C 174 42.22 -7.35 -1.40
CA TYR C 174 41.86 -7.86 -0.09
C TYR C 174 41.92 -6.74 0.95
N ASN C 175 40.92 -6.71 1.83
CA ASN C 175 40.87 -5.73 2.90
C ASN C 175 40.38 -6.40 4.18
N ALA C 176 40.74 -5.78 5.31
CA ALA C 176 40.35 -6.29 6.62
C ALA C 176 39.88 -5.13 7.49
N ARG C 177 38.91 -5.42 8.36
CA ARG C 177 38.36 -4.45 9.29
C ARG C 177 38.29 -5.04 10.69
N ILE C 178 38.57 -4.20 11.69
CA ILE C 178 38.38 -4.56 13.09
C ILE C 178 37.24 -3.71 13.62
N ILE C 179 36.15 -4.36 14.03
CA ILE C 179 34.94 -3.69 14.48
C ILE C 179 34.79 -3.91 15.98
N PRO C 180 34.91 -2.87 16.80
CA PRO C 180 34.68 -3.02 18.23
C PRO C 180 33.22 -2.77 18.62
N TYR C 181 32.88 -3.22 19.83
CA TYR C 181 31.54 -2.96 20.35
C TYR C 181 31.33 -1.48 20.62
N ARG C 182 32.41 -0.74 20.89
CA ARG C 182 32.34 0.70 21.14
C ARG C 182 33.71 1.30 20.91
N GLY C 183 33.84 2.15 19.91
CA GLY C 183 35.12 2.76 19.61
C GLY C 183 35.18 3.21 18.16
N SER C 184 36.38 3.09 17.58
CA SER C 184 36.64 3.48 16.21
C SER C 184 37.04 2.27 15.38
N TRP C 185 36.89 2.40 14.06
CA TRP C 185 37.12 1.32 13.13
C TRP C 185 38.53 1.40 12.54
N LEU C 186 39.22 0.26 12.55
CA LEU C 186 40.55 0.13 11.94
C LEU C 186 40.43 -0.71 10.68
N ASP C 187 41.05 -0.24 9.60
CA ASP C 187 40.97 -0.91 8.31
C ASP C 187 42.35 -1.04 7.68
N PHE C 188 42.54 -2.14 6.97
CA PHE C 188 43.71 -2.37 6.13
C PHE C 188 43.21 -2.76 4.75
N GLU C 189 43.92 -2.32 3.71
CA GLU C 189 43.42 -2.56 2.35
C GLU C 189 44.59 -2.55 1.37
N PHE C 190 44.31 -3.10 0.19
CA PHE C 190 45.27 -3.16 -0.91
C PHE C 190 44.82 -2.29 -2.07
N ASP C 191 45.77 -1.61 -2.68
CA ASP C 191 45.63 -1.03 -4.02
C ASP C 191 46.22 -1.98 -5.05
N PRO C 192 45.95 -1.76 -6.34
CA PRO C 192 46.43 -2.72 -7.36
C PRO C 192 47.93 -3.00 -7.30
N LYS C 193 48.75 -1.99 -7.06
CA LYS C 193 50.17 -2.24 -6.81
C LYS C 193 50.35 -2.75 -5.39
N ASP C 194 51.12 -3.84 -5.25
CA ASP C 194 51.09 -4.67 -4.04
C ASP C 194 51.81 -3.98 -2.89
N ASN C 195 51.07 -3.12 -2.18
CA ASN C 195 51.50 -2.54 -0.92
C ASN C 195 50.28 -2.20 -0.08
N LEU C 196 50.49 -2.08 1.22
CA LEU C 196 49.41 -2.04 2.21
C LEU C 196 49.19 -0.62 2.72
N PHE C 197 47.93 -0.27 2.94
CA PHE C 197 47.54 1.00 3.53
C PHE C 197 46.69 0.78 4.79
N VAL C 198 46.46 1.87 5.51
CA VAL C 198 45.62 1.88 6.70
C VAL C 198 44.65 3.06 6.60
N ARG C 199 43.37 2.80 6.85
CA ARG C 199 42.35 3.83 6.85
C ARG C 199 41.61 3.77 8.17
N ILE C 200 41.73 4.81 8.99
CA ILE C 200 41.12 4.86 10.31
C ILE C 200 39.81 5.61 10.23
N ASP C 201 38.73 4.97 10.68
CA ASP C 201 37.39 5.55 10.66
C ASP C 201 36.98 5.98 9.25
N ARG C 202 37.38 5.18 8.26
CA ARG C 202 37.09 5.41 6.84
C ARG C 202 37.20 6.89 6.46
N ARG C 203 38.33 7.49 6.83
CA ARG C 203 38.57 8.90 6.55
C ARG C 203 39.35 9.09 5.24
N ARG C 204 40.56 8.53 5.16
CA ARG C 204 41.40 8.68 3.99
C ARG C 204 42.52 7.66 4.05
N LYS C 205 43.11 7.38 2.89
CA LYS C 205 44.19 6.40 2.81
C LYS C 205 45.46 6.92 3.48
N LEU C 206 46.30 5.97 3.90
CA LEU C 206 47.55 6.25 4.58
C LEU C 206 48.40 4.99 4.61
N PRO C 207 49.71 5.07 4.36
CA PRO C 207 50.53 3.86 4.28
C PRO C 207 50.51 3.06 5.58
N ALA C 208 50.53 1.74 5.44
CA ALA C 208 50.38 0.84 6.58
C ALA C 208 51.63 0.72 7.43
N THR C 209 52.76 1.24 6.98
CA THR C 209 53.98 1.23 7.79
C THR C 209 53.94 2.29 8.88
N ILE C 210 53.13 3.34 8.70
CA ILE C 210 53.07 4.43 9.67
C ILE C 210 52.53 3.92 11.01
N ILE C 211 51.54 3.04 10.97
CA ILE C 211 50.98 2.51 12.22
C ILE C 211 52.01 1.68 12.98
N LEU C 212 52.89 0.96 12.26
CA LEU C 212 53.97 0.25 12.92
C LEU C 212 55.00 1.23 13.48
N ARG C 213 55.29 2.29 12.74
CA ARG C 213 56.26 3.29 13.20
C ARG C 213 55.78 3.97 14.48
N ALA C 214 54.47 4.23 14.57
CA ALA C 214 53.93 4.89 15.76
C ALA C 214 54.10 4.04 17.01
N LEU C 215 54.18 2.72 16.87
CA LEU C 215 54.37 1.84 18.01
C LEU C 215 55.86 1.53 18.23
N ASN C 216 56.67 2.59 18.29
CA ASN C 216 58.11 2.53 18.61
C ASN C 216 58.81 1.34 17.96
N TYR C 217 58.53 1.12 16.68
CA TYR C 217 59.16 0.05 15.91
C TYR C 217 60.10 0.65 14.86
N THR C 218 61.28 0.07 14.73
CA THR C 218 62.27 0.51 13.77
C THR C 218 62.12 -0.27 12.46
N THR C 219 62.76 0.26 11.41
CA THR C 219 62.65 -0.34 10.09
C THR C 219 63.20 -1.76 10.06
N GLU C 220 64.38 -1.97 10.66
CA GLU C 220 64.96 -3.31 10.68
C GLU C 220 64.13 -4.26 11.55
N GLN C 221 63.55 -3.75 12.64
CA GLN C 221 62.64 -4.57 13.44
C GLN C 221 61.40 -4.94 12.64
N ILE C 222 60.88 -4.00 11.85
CA ILE C 222 59.73 -4.29 10.99
C ILE C 222 60.07 -5.39 9.99
N LEU C 223 61.24 -5.27 9.35
CA LEU C 223 61.64 -6.28 8.38
C LEU C 223 61.90 -7.63 9.02
N ASP C 224 62.42 -7.64 10.26
CA ASP C 224 62.55 -8.89 11.00
C ASP C 224 61.19 -9.51 11.28
N LEU C 225 60.22 -8.67 11.64
CA LEU C 225 58.87 -9.17 11.92
C LEU C 225 58.23 -9.78 10.67
N PHE C 226 58.29 -9.07 9.55
CA PHE C 226 57.50 -9.42 8.38
C PHE C 226 58.31 -10.06 7.25
N PHE C 227 59.54 -10.51 7.54
CA PHE C 227 60.35 -11.18 6.53
C PHE C 227 61.27 -12.18 7.20
N GLU C 228 61.77 -13.12 6.40
CA GLU C 228 62.69 -14.15 6.87
C GLU C 228 64.06 -13.92 6.24
N LYS C 229 65.10 -14.12 7.03
CA LYS C 229 66.46 -13.75 6.66
C LYS C 229 67.26 -14.94 6.17
N VAL C 230 68.29 -14.66 5.38
CA VAL C 230 69.26 -15.65 4.92
C VAL C 230 70.65 -15.06 5.12
N ILE C 231 71.64 -15.94 5.20
CA ILE C 231 73.02 -15.56 5.52
C ILE C 231 73.86 -15.67 4.25
N PHE C 232 74.57 -14.61 3.93
CA PHE C 232 75.52 -14.57 2.82
C PHE C 232 76.92 -14.42 3.38
N GLU C 233 77.83 -15.31 2.97
CA GLU C 233 79.20 -15.31 3.47
C GLU C 233 80.16 -15.47 2.30
N ILE C 234 81.32 -14.82 2.42
CA ILE C 234 82.38 -14.88 1.42
C ILE C 234 83.69 -15.22 2.10
N ILE C 335 76.64 -11.28 5.68
CA ILE C 335 75.66 -10.47 4.97
C ILE C 335 74.28 -11.11 5.14
N GLU C 336 73.30 -10.30 5.54
CA GLU C 336 71.95 -10.76 5.76
C GLU C 336 71.04 -10.25 4.65
N THR C 337 70.12 -11.11 4.20
CA THR C 337 69.23 -10.77 3.09
C THR C 337 67.85 -11.36 3.34
N LEU C 338 66.82 -10.60 3.00
CA LEU C 338 65.45 -11.08 3.12
C LEU C 338 65.09 -11.98 1.94
N PHE C 339 63.88 -12.52 1.98
CA PHE C 339 63.42 -13.50 1.00
C PHE C 339 62.24 -12.93 0.24
N THR C 340 62.28 -13.04 -1.10
CA THR C 340 61.24 -12.51 -1.96
C THR C 340 60.90 -13.53 -3.03
N ASN C 341 59.65 -13.51 -3.49
CA ASN C 341 59.19 -14.38 -4.56
C ASN C 341 58.16 -13.63 -5.39
N ASP C 342 57.46 -14.36 -6.25
CA ASP C 342 56.35 -13.82 -7.02
C ASP C 342 55.12 -14.72 -7.01
N LEU C 343 55.19 -15.90 -6.43
CA LEU C 343 54.06 -16.83 -6.36
C LEU C 343 53.57 -17.07 -4.94
N ASP C 344 54.47 -17.45 -4.03
CA ASP C 344 54.10 -17.75 -2.66
C ASP C 344 54.45 -16.64 -1.68
N HIS C 345 55.46 -15.83 -1.98
CA HIS C 345 55.84 -14.69 -1.15
C HIS C 345 55.72 -13.40 -1.97
N GLY C 346 56.12 -12.29 -1.36
CA GLY C 346 56.10 -11.02 -2.04
C GLY C 346 56.71 -9.90 -1.22
N PRO C 347 57.17 -8.84 -1.89
CA PRO C 347 57.71 -7.66 -1.22
C PRO C 347 56.63 -6.65 -0.87
N TYR C 348 55.57 -7.10 -0.21
CA TYR C 348 54.45 -6.24 0.11
C TYR C 348 54.85 -5.12 1.07
N ILE C 349 55.64 -5.45 2.08
CA ILE C 349 55.99 -4.48 3.11
C ILE C 349 57.21 -3.64 2.72
N SER C 350 58.18 -4.24 2.02
CA SER C 350 59.35 -3.47 1.60
C SER C 350 58.97 -2.35 0.64
N GLU C 351 58.08 -2.63 -0.31
CA GLU C 351 57.62 -1.59 -1.23
C GLU C 351 56.85 -0.51 -0.48
N THR C 352 56.06 -0.90 0.53
CA THR C 352 55.37 0.08 1.36
C THR C 352 56.37 0.98 2.08
N LEU C 353 57.44 0.38 2.61
CA LEU C 353 58.49 1.16 3.26
C LEU C 353 59.14 2.15 2.28
N ARG C 354 59.37 1.70 1.04
CA ARG C 354 59.92 2.59 0.03
C ARG C 354 58.96 3.75 -0.26
N VAL C 355 57.67 3.47 -0.31
CA VAL C 355 56.68 4.54 -0.48
C VAL C 355 56.41 5.28 0.83
N ASP C 356 56.81 4.71 1.96
CA ASP C 356 56.54 5.31 3.26
C ASP C 356 57.35 6.59 3.44
N PRO C 357 56.71 7.74 3.69
CA PRO C 357 57.49 8.98 3.82
C PRO C 357 58.02 9.24 5.22
N THR C 358 57.48 8.61 6.25
CA THR C 358 57.92 8.88 7.61
C THR C 358 59.31 8.28 7.85
N ASN C 359 59.96 8.77 8.89
CA ASN C 359 61.32 8.34 9.23
C ASN C 359 61.44 7.82 10.65
N ASP C 360 60.74 8.42 11.61
CA ASP C 360 60.80 8.00 13.00
C ASP C 360 59.40 7.98 13.60
N ARG C 361 59.34 7.66 14.89
CA ARG C 361 58.05 7.54 15.57
C ARG C 361 57.32 8.88 15.61
N LEU C 362 58.04 9.97 15.90
CA LEU C 362 57.40 11.28 16.02
C LEU C 362 56.81 11.73 14.70
N SER C 363 57.51 11.49 13.59
CA SER C 363 56.96 11.86 12.28
C SER C 363 55.70 11.07 11.97
N ALA C 364 55.68 9.78 12.31
CA ALA C 364 54.46 8.99 12.11
C ALA C 364 53.32 9.52 12.97
N LEU C 365 53.61 9.88 14.22
CA LEU C 365 52.57 10.41 15.10
C LEU C 365 52.00 11.71 14.57
N VAL C 366 52.87 12.63 14.13
CA VAL C 366 52.39 13.90 13.62
C VAL C 366 51.64 13.71 12.30
N GLU C 367 52.05 12.75 11.47
CA GLU C 367 51.30 12.46 10.24
C GLU C 367 49.91 11.93 10.56
N ILE C 368 49.81 11.04 11.56
CA ILE C 368 48.50 10.55 11.99
C ILE C 368 47.64 11.69 12.49
N TYR C 369 48.24 12.62 13.24
CA TYR C 369 47.49 13.77 13.72
C TYR C 369 47.03 14.65 12.56
N ARG C 370 47.88 14.83 11.55
CA ARG C 370 47.46 15.56 10.35
C ARG C 370 46.25 14.90 9.71
N MET C 371 46.29 13.57 9.58
CA MET C 371 45.19 12.86 8.94
C MET C 371 43.91 12.97 9.75
N MET C 372 43.98 12.84 11.07
CA MET C 372 42.78 12.86 11.90
C MET C 372 42.16 14.25 11.95
N ARG C 373 42.96 15.27 12.22
CA ARG C 373 42.45 16.62 12.42
C ARG C 373 42.57 17.43 11.13
N PRO C 374 41.48 18.00 10.61
CA PRO C 374 41.61 18.89 9.46
C PRO C 374 42.53 20.08 9.71
N GLY C 375 42.59 20.58 10.95
CA GLY C 375 43.62 21.53 11.30
C GLY C 375 44.93 20.82 11.59
N GLU C 376 46.04 21.49 11.28
CA GLU C 376 47.36 20.88 11.32
C GLU C 376 48.33 21.72 12.15
N PRO C 377 48.15 21.73 13.46
CA PRO C 377 49.20 22.29 14.34
C PRO C 377 50.20 21.22 14.72
N PRO C 378 51.49 21.45 14.45
CA PRO C 378 52.53 20.44 14.78
C PRO C 378 52.94 20.47 16.26
N THR C 379 52.07 19.92 17.10
CA THR C 379 52.30 19.86 18.54
C THR C 379 53.10 18.61 18.89
N ARG C 380 53.30 18.37 20.19
CA ARG C 380 54.11 17.25 20.65
C ARG C 380 53.32 16.25 21.49
N GLU C 381 52.63 16.72 22.54
CA GLU C 381 51.95 15.81 23.46
C GLU C 381 50.52 15.50 23.06
N ALA C 382 49.84 16.43 22.38
CA ALA C 382 48.46 16.21 22.01
C ALA C 382 48.33 15.07 20.99
N ALA C 383 49.27 14.97 20.06
CA ALA C 383 49.23 13.88 19.09
C ALA C 383 49.41 12.53 19.78
N GLU C 384 50.35 12.44 20.71
CA GLU C 384 50.55 11.19 21.45
C GLU C 384 49.30 10.83 22.25
N SER C 385 48.71 11.83 22.92
CA SER C 385 47.49 11.57 23.69
C SER C 385 46.35 11.10 22.80
N LEU C 386 46.19 11.74 21.63
CA LEU C 386 45.15 11.34 20.70
C LEU C 386 45.35 9.91 20.22
N PHE C 387 46.60 9.57 19.85
CA PHE C 387 46.87 8.22 19.39
C PHE C 387 46.62 7.20 20.49
N GLU C 388 46.98 7.53 21.73
CA GLU C 388 46.76 6.62 22.85
C GLU C 388 45.27 6.41 23.10
N ASN C 389 44.49 7.50 23.14
CA ASN C 389 43.07 7.39 23.39
C ASN C 389 42.30 6.80 22.22
N LEU C 390 42.89 6.79 21.02
CA LEU C 390 42.20 6.25 19.85
C LEU C 390 41.93 4.75 20.01
N PHE C 391 42.89 3.99 20.53
CA PHE C 391 42.78 2.53 20.58
C PHE C 391 43.15 1.90 21.91
N PHE C 392 43.91 2.58 22.77
CA PHE C 392 44.46 1.95 23.97
C PHE C 392 43.83 2.49 25.25
N SER C 393 42.77 3.29 25.16
CA SER C 393 42.09 3.82 26.32
C SER C 393 40.81 3.03 26.59
N GLU C 394 40.67 2.54 27.82
CA GLU C 394 39.48 1.78 28.18
C GLU C 394 38.22 2.62 28.13
N ASP C 395 38.31 3.90 28.53
CA ASP C 395 37.14 4.76 28.59
C ASP C 395 36.62 5.17 27.21
N ARG C 396 37.40 4.93 26.15
CA ARG C 396 37.00 5.32 24.80
C ARG C 396 36.97 4.17 23.80
N TYR C 397 37.60 3.04 24.11
CA TYR C 397 37.61 1.88 23.22
C TYR C 397 37.25 0.64 24.03
N ASP C 398 36.53 -0.28 23.39
CA ASP C 398 36.06 -1.48 24.09
C ASP C 398 35.76 -2.58 23.09
N LEU C 399 36.53 -3.67 23.14
CA LEU C 399 36.16 -4.92 22.50
C LEU C 399 35.40 -5.76 23.52
N SER C 400 34.13 -6.05 23.24
CA SER C 400 33.31 -6.81 24.17
C SER C 400 33.82 -8.24 24.31
N ALA C 401 33.23 -8.97 25.26
CA ALA C 401 33.64 -10.36 25.49
C ALA C 401 33.42 -11.20 24.24
N VAL C 402 32.27 -11.06 23.59
CA VAL C 402 32.04 -11.74 22.33
C VAL C 402 32.99 -11.22 21.27
N GLY C 403 33.30 -9.92 21.29
CA GLY C 403 34.26 -9.37 20.35
C GLY C 403 35.65 -9.95 20.55
N ARG C 404 36.09 -10.06 21.81
CA ARG C 404 37.39 -10.66 22.09
C ARG C 404 37.42 -12.12 21.69
N MET C 405 36.34 -12.86 21.96
CA MET C 405 36.28 -14.27 21.60
C MET C 405 36.35 -14.44 20.08
N LYS C 406 35.61 -13.63 19.33
CA LYS C 406 35.65 -13.71 17.87
C LYS C 406 37.02 -13.31 17.33
N PHE C 407 37.63 -12.28 17.93
CA PHE C 407 38.97 -11.87 17.51
C PHE C 407 39.98 -12.99 17.72
N ASN C 408 39.92 -13.65 18.89
CA ASN C 408 40.85 -14.73 19.18
C ASN C 408 40.61 -15.94 18.27
N ARG C 409 39.35 -16.26 17.99
CA ARG C 409 39.04 -17.40 17.14
C ARG C 409 39.42 -17.14 15.68
N SER C 410 39.30 -15.88 15.23
CA SER C 410 39.61 -15.57 13.84
C SER C 410 41.10 -15.73 13.54
N LEU C 411 41.95 -15.35 14.49
CA LEU C 411 43.40 -15.43 14.32
C LEU C 411 43.98 -16.74 14.84
N LEU C 412 43.15 -17.75 15.05
CA LEU C 412 43.54 -19.08 15.50
C LEU C 412 44.13 -19.09 16.90
N ARG C 413 44.09 -17.97 17.61
CA ARG C 413 44.57 -17.93 18.99
C ARG C 413 43.65 -18.79 19.86
N GLU C 414 44.27 -19.66 20.68
CA GLU C 414 43.51 -20.67 21.40
C GLU C 414 42.74 -20.10 22.58
N GLU C 415 43.33 -19.15 23.31
CA GLU C 415 42.71 -18.61 24.51
C GLU C 415 41.61 -17.63 24.13
N ILE C 416 40.46 -17.76 24.77
CA ILE C 416 39.25 -17.07 24.32
C ILE C 416 39.04 -15.75 25.06
N GLU C 417 39.39 -15.70 26.34
CA GLU C 417 39.17 -14.50 27.14
C GLU C 417 40.31 -13.51 26.88
N GLY C 418 40.38 -12.46 27.68
CA GLY C 418 41.42 -11.47 27.53
C GLY C 418 40.90 -10.09 27.89
N SER C 419 41.48 -9.09 27.24
CA SER C 419 41.14 -7.69 27.48
C SER C 419 40.41 -7.13 26.27
N GLY C 420 39.64 -6.07 26.52
CA GLY C 420 38.90 -5.38 25.50
C GLY C 420 39.67 -4.30 24.77
N ILE C 421 40.97 -4.21 25.00
CA ILE C 421 41.82 -3.17 24.43
C ILE C 421 42.74 -3.79 23.39
N LEU C 422 42.81 -3.16 22.22
CA LEU C 422 43.72 -3.62 21.17
C LEU C 422 45.17 -3.51 21.63
N SER C 423 45.93 -4.57 21.40
CA SER C 423 47.37 -4.57 21.62
C SER C 423 48.09 -4.43 20.28
N LYS C 424 49.42 -4.27 20.36
CA LYS C 424 50.21 -4.23 19.14
C LYS C 424 50.33 -5.62 18.53
N ASP C 425 50.33 -6.66 19.36
CA ASP C 425 50.36 -8.02 18.84
C ASP C 425 49.11 -8.33 18.03
N ASP C 426 47.97 -7.78 18.44
CA ASP C 426 46.73 -7.98 17.68
C ASP C 426 46.84 -7.40 16.27
N ILE C 427 47.38 -6.17 16.17
CA ILE C 427 47.54 -5.55 14.86
C ILE C 427 48.55 -6.33 14.02
N ILE C 428 49.65 -6.77 14.66
CA ILE C 428 50.67 -7.54 13.94
C ILE C 428 50.05 -8.83 13.39
N ASP C 429 49.26 -9.52 14.20
CA ASP C 429 48.60 -10.74 13.74
C ASP C 429 47.60 -10.45 12.63
N VAL C 430 46.89 -9.32 12.72
CA VAL C 430 45.93 -8.97 11.68
C VAL C 430 46.64 -8.77 10.34
N MET C 431 47.74 -8.00 10.34
CA MET C 431 48.45 -7.79 9.08
C MET C 431 49.12 -9.07 8.59
N LYS C 432 49.61 -9.90 9.52
CA LYS C 432 50.21 -11.18 9.12
C LYS C 432 49.18 -12.08 8.45
N LYS C 433 47.99 -12.16 9.02
CA LYS C 433 46.94 -12.99 8.43
C LYS C 433 46.48 -12.41 7.09
N LEU C 434 46.40 -11.09 6.98
CA LEU C 434 46.04 -10.48 5.71
C LEU C 434 47.07 -10.79 4.63
N ILE C 435 48.36 -10.76 5.00
CA ILE C 435 49.42 -11.13 4.06
C ILE C 435 49.29 -12.60 3.68
N ASP C 436 49.02 -13.46 4.66
CA ASP C 436 48.84 -14.89 4.36
C ASP C 436 47.69 -15.12 3.38
N ILE C 437 46.59 -14.37 3.55
CA ILE C 437 45.49 -14.44 2.59
C ILE C 437 45.95 -13.94 1.23
N ARG C 438 46.73 -12.86 1.21
CA ARG C 438 47.27 -12.36 -0.05
C ARG C 438 48.19 -13.37 -0.72
N ASN C 439 48.99 -14.09 0.08
CA ASN C 439 49.90 -15.11 -0.43
C ASN C 439 49.19 -16.37 -0.91
N GLY C 440 47.87 -16.41 -0.94
CA GLY C 440 47.15 -17.58 -1.37
C GLY C 440 46.95 -18.65 -0.31
N LYS C 441 47.36 -18.39 0.92
CA LYS C 441 47.21 -19.33 2.03
C LYS C 441 46.08 -18.83 2.92
N GLY C 442 44.86 -19.27 2.62
CA GLY C 442 43.69 -18.91 3.37
C GLY C 442 42.57 -18.41 2.49
N GLU C 443 41.44 -18.11 3.12
CA GLU C 443 40.26 -17.62 2.42
C GLU C 443 39.57 -16.55 3.25
N VAL C 444 38.70 -15.80 2.60
CA VAL C 444 37.98 -14.70 3.25
C VAL C 444 36.77 -15.24 4.01
N ASP C 445 36.20 -14.41 4.87
CA ASP C 445 35.04 -14.78 5.66
C ASP C 445 33.75 -14.62 4.85
N ASP C 446 32.66 -15.14 5.39
CA ASP C 446 31.34 -15.04 4.78
C ASP C 446 30.53 -13.98 5.53
N ILE C 447 30.02 -13.00 4.78
CA ILE C 447 29.35 -11.86 5.43
C ILE C 447 28.01 -12.28 6.00
N ASP C 448 27.28 -13.15 5.32
CA ASP C 448 25.92 -13.52 5.72
C ASP C 448 25.85 -14.81 6.52
N HIS C 449 26.99 -15.42 6.84
CA HIS C 449 27.00 -16.58 7.72
C HIS C 449 26.41 -16.21 9.08
N LEU C 450 25.56 -17.09 9.61
CA LEU C 450 24.96 -16.83 10.91
C LEU C 450 25.95 -16.96 12.06
N GLY C 451 27.14 -17.48 11.81
CA GLY C 451 28.21 -17.40 12.78
C GLY C 451 28.89 -16.05 12.86
N ASN C 452 28.58 -15.15 11.94
CA ASN C 452 29.12 -13.81 11.92
C ASN C 452 28.08 -12.75 12.25
N ARG C 453 26.83 -13.12 12.45
CA ARG C 453 25.76 -12.20 12.82
C ARG C 453 25.20 -12.59 14.18
N ARG C 454 24.83 -11.59 14.96
CA ARG C 454 24.50 -11.77 16.37
C ARG C 454 23.14 -11.17 16.67
N ILE C 455 22.51 -11.66 17.74
CA ILE C 455 21.18 -11.23 18.15
C ILE C 455 21.32 -10.32 19.36
N ARG C 456 20.70 -9.14 19.26
CA ARG C 456 20.68 -8.17 20.35
C ARG C 456 19.25 -7.97 20.81
N SER C 457 18.99 -8.25 22.08
CA SER C 457 17.64 -8.23 22.64
C SER C 457 17.40 -6.94 23.42
N VAL C 458 16.27 -6.87 24.11
CA VAL C 458 15.85 -5.62 24.76
C VAL C 458 16.78 -5.27 25.93
N GLY C 459 17.21 -6.28 26.70
CA GLY C 459 18.00 -6.02 27.88
C GLY C 459 19.34 -5.37 27.56
N GLU C 460 20.00 -5.84 26.51
CA GLU C 460 21.29 -5.28 26.13
C GLU C 460 21.17 -3.82 25.70
N MET C 461 20.13 -3.50 24.91
CA MET C 461 19.94 -2.13 24.47
C MET C 461 19.58 -1.22 25.64
N ALA C 462 18.75 -1.71 26.57
CA ALA C 462 18.43 -0.94 27.76
C ALA C 462 19.68 -0.68 28.59
N GLU C 463 20.56 -1.68 28.71
CA GLU C 463 21.81 -1.50 29.43
C GLU C 463 22.69 -0.46 28.74
N ASN C 464 22.74 -0.49 27.40
CA ASN C 464 23.53 0.50 26.67
C ASN C 464 23.00 1.92 26.92
N GLN C 465 21.68 2.09 26.87
CA GLN C 465 21.10 3.41 27.10
C GLN C 465 21.35 3.88 28.53
N PHE C 466 21.25 2.96 29.50
CA PHE C 466 21.51 3.31 30.89
C PHE C 466 22.97 3.73 31.08
N ARG C 467 23.89 3.02 30.44
CA ARG C 467 25.29 3.39 30.53
C ARG C 467 25.55 4.75 29.89
N VAL C 468 24.85 5.04 28.78
CA VAL C 468 24.96 6.36 28.16
C VAL C 468 24.51 7.44 29.14
N GLY C 469 23.38 7.20 29.84
CA GLY C 469 22.93 8.15 30.84
C GLY C 469 23.93 8.35 31.97
N LEU C 470 24.52 7.25 32.45
CA LEU C 470 25.53 7.34 33.50
C LEU C 470 26.74 8.14 33.04
N VAL C 471 27.17 7.92 31.80
CA VAL C 471 28.29 8.68 31.24
C VAL C 471 27.94 10.17 31.17
N ARG C 472 26.70 10.48 30.80
CA ARG C 472 26.27 11.88 30.78
C ARG C 472 26.28 12.48 32.18
N VAL C 473 25.94 11.69 33.20
CA VAL C 473 25.90 12.21 34.57
C VAL C 473 27.32 12.47 35.10
N GLU C 474 28.25 11.56 34.82
CA GLU C 474 29.56 11.63 35.47
C GLU C 474 30.31 12.91 35.14
N ARG C 475 30.08 13.50 33.97
CA ARG C 475 30.79 14.72 33.60
C ARG C 475 30.41 15.87 34.51
N ALA C 476 29.11 16.10 34.70
CA ALA C 476 28.65 17.13 35.62
C ALA C 476 29.07 16.81 37.05
N VAL C 477 29.05 15.53 37.43
CA VAL C 477 29.49 15.15 38.76
C VAL C 477 30.94 15.59 38.98
N LYS C 478 31.83 15.26 38.04
CA LYS C 478 33.23 15.66 38.17
C LYS C 478 33.39 17.18 38.16
N GLU C 479 32.66 17.86 37.28
CA GLU C 479 32.77 19.32 37.22
C GLU C 479 32.44 19.95 38.56
N ARG C 480 31.31 19.57 39.15
CA ARG C 480 30.91 20.24 40.39
C ARG C 480 31.76 19.76 41.57
N LEU C 481 32.26 18.52 41.52
CA LEU C 481 33.21 18.08 42.55
C LEU C 481 34.48 18.92 42.52
N SER C 482 35.00 19.18 41.32
CA SER C 482 36.17 20.05 41.21
C SER C 482 35.85 21.47 41.68
N LEU C 483 34.67 21.99 41.32
CA LEU C 483 34.30 23.34 41.68
C LEU C 483 33.87 23.47 43.15
N GLY C 484 33.41 22.38 43.75
CA GLY C 484 32.80 22.47 45.07
C GLY C 484 33.80 22.82 46.15
N ASP C 485 33.29 23.36 47.26
CA ASP C 485 34.09 23.80 48.39
C ASP C 485 33.78 23.07 49.69
N LEU C 486 32.51 23.03 50.09
CA LEU C 486 32.14 22.50 51.40
C LEU C 486 32.46 21.02 51.51
N ASP C 487 33.01 20.64 52.66
CA ASP C 487 33.25 19.23 52.98
C ASP C 487 32.02 18.54 53.54
N THR C 488 31.00 19.28 53.97
CA THR C 488 29.75 18.69 54.44
C THR C 488 28.81 18.44 53.26
N LEU C 489 29.25 17.57 52.37
CA LEU C 489 28.59 17.31 51.09
C LEU C 489 27.98 15.92 51.11
N MET C 490 26.66 15.85 50.88
CA MET C 490 25.98 14.56 50.88
C MET C 490 25.97 13.94 49.50
N PRO C 491 25.92 12.60 49.42
CA PRO C 491 25.84 11.95 48.11
C PRO C 491 24.63 12.38 47.29
N GLN C 492 23.52 12.74 47.93
CA GLN C 492 22.39 13.28 47.20
C GLN C 492 22.75 14.58 46.47
N ASP C 493 23.76 15.31 46.95
CA ASP C 493 24.22 16.50 46.24
C ASP C 493 25.05 16.14 45.02
N MET C 494 25.44 14.87 44.88
CA MET C 494 26.24 14.44 43.74
C MET C 494 25.40 14.01 42.54
N ILE C 495 24.22 13.46 42.77
CA ILE C 495 23.47 12.76 41.73
C ILE C 495 22.27 13.60 41.32
N ASN C 496 22.17 13.88 40.02
CA ASN C 496 20.96 14.43 39.41
C ASN C 496 20.34 13.34 38.54
N ALA C 497 19.13 12.92 38.90
CA ALA C 497 18.55 11.71 38.32
C ALA C 497 17.83 11.96 37.00
N LYS C 498 17.63 13.21 36.60
CA LYS C 498 16.87 13.49 35.39
C LYS C 498 17.49 12.92 34.10
N PRO C 499 18.80 13.06 33.84
CA PRO C 499 19.33 12.57 32.55
C PRO C 499 19.12 11.08 32.31
N ILE C 500 19.30 10.25 33.34
CA ILE C 500 19.15 8.81 33.16
C ILE C 500 17.69 8.47 32.86
N SER C 501 16.77 9.04 33.63
CA SER C 501 15.35 8.81 33.37
C SER C 501 14.95 9.28 31.99
N ALA C 502 15.49 10.43 31.55
CA ALA C 502 15.18 10.94 30.23
C ALA C 502 15.69 10.00 29.15
N ALA C 503 16.91 9.48 29.31
CA ALA C 503 17.45 8.54 28.32
C ALA C 503 16.62 7.26 28.27
N VAL C 504 16.26 6.72 29.44
CA VAL C 504 15.48 5.48 29.46
C VAL C 504 14.10 5.69 28.84
N LYS C 505 13.46 6.82 29.16
CA LYS C 505 12.16 7.12 28.58
C LYS C 505 12.26 7.31 27.07
N GLU C 506 13.31 7.98 26.60
CA GLU C 506 13.50 8.16 25.17
C GLU C 506 13.68 6.82 24.46
N PHE C 507 14.47 5.92 25.07
CA PHE C 507 14.64 4.59 24.48
C PHE C 507 13.32 3.84 24.43
N PHE C 508 12.58 3.82 25.54
CA PHE C 508 11.36 3.02 25.61
C PHE C 508 10.17 3.65 24.90
N GLY C 509 10.26 4.92 24.49
CA GLY C 509 9.12 5.55 23.84
C GLY C 509 9.38 6.14 22.46
N SER C 510 10.63 6.13 21.99
CA SER C 510 10.93 6.72 20.70
C SER C 510 11.86 5.88 19.83
N SER C 511 12.33 4.74 20.30
CA SER C 511 13.22 3.91 19.50
C SER C 511 12.47 3.30 18.32
N GLN C 512 13.22 3.01 17.25
CA GLN C 512 12.60 2.39 16.08
C GLN C 512 12.15 0.96 16.37
N LEU C 513 12.81 0.29 17.32
CA LEU C 513 12.43 -1.06 17.70
C LEU C 513 11.36 -1.09 18.78
N SER C 514 10.95 0.06 19.29
CA SER C 514 9.84 0.17 20.23
C SER C 514 8.60 0.59 19.45
N GLN C 515 7.56 -0.23 19.49
CA GLN C 515 6.36 0.02 18.71
C GLN C 515 5.17 -0.65 19.38
N PHE C 516 3.98 -0.18 19.00
CA PHE C 516 2.75 -0.69 19.59
C PHE C 516 2.55 -2.16 19.24
N MET C 517 2.05 -2.92 20.21
CA MET C 517 1.81 -4.34 19.99
C MET C 517 0.68 -4.55 19.00
N ASP C 518 0.88 -5.49 18.07
CA ASP C 518 -0.15 -5.86 17.11
C ASP C 518 -1.14 -6.78 17.81
N GLN C 519 -2.35 -6.27 18.07
CA GLN C 519 -3.33 -6.96 18.90
C GLN C 519 -4.51 -7.49 18.08
N ASN C 520 -4.27 -7.85 16.83
CA ASN C 520 -5.34 -8.42 16.00
C ASN C 520 -5.82 -9.76 16.57
N ASN C 521 -4.88 -10.61 16.99
CA ASN C 521 -5.22 -11.93 17.49
C ASN C 521 -4.01 -12.47 18.25
N PRO C 522 -4.19 -13.52 19.06
CA PRO C 522 -3.04 -14.05 19.83
C PRO C 522 -1.86 -14.46 18.96
N LEU C 523 -2.11 -15.04 17.79
CA LEU C 523 -1.02 -15.41 16.90
C LEU C 523 -0.24 -14.18 16.45
N SER C 524 -0.95 -13.07 16.20
CA SER C 524 -0.27 -11.83 15.83
C SER C 524 0.64 -11.34 16.95
N GLU C 525 0.17 -11.40 18.20
CA GLU C 525 0.99 -10.97 19.33
C GLU C 525 2.23 -11.85 19.47
N ILE C 526 2.06 -13.17 19.37
CA ILE C 526 3.20 -14.07 19.50
C ILE C 526 4.19 -13.86 18.36
N THR C 527 3.70 -13.62 17.15
CA THR C 527 4.58 -13.34 16.03
C THR C 527 5.34 -12.04 16.24
N HIS C 528 4.67 -11.02 16.78
CA HIS C 528 5.34 -9.75 17.06
C HIS C 528 6.42 -9.92 18.12
N LYS C 529 6.16 -10.75 19.14
CA LYS C 529 7.14 -10.92 20.21
C LYS C 529 8.34 -11.77 19.78
N ARG C 530 8.23 -12.50 18.67
CA ARG C 530 9.31 -13.35 18.20
C ARG C 530 9.98 -12.79 16.94
N ARG C 531 9.73 -11.53 16.62
CA ARG C 531 10.22 -10.95 15.39
C ARG C 531 11.68 -10.52 15.52
N ILE C 532 12.46 -10.77 14.46
CA ILE C 532 13.85 -10.37 14.38
C ILE C 532 14.01 -9.41 13.22
N SER C 533 14.63 -8.25 13.48
CA SER C 533 14.78 -7.21 12.49
C SER C 533 16.25 -6.86 12.32
N ALA C 534 16.65 -6.56 11.07
CA ALA C 534 18.01 -6.14 10.76
C ALA C 534 18.14 -4.62 10.65
N LEU C 535 17.06 -3.88 10.85
CA LEU C 535 17.09 -2.43 10.78
C LEU C 535 17.32 -1.85 12.18
N GLY C 536 17.13 -0.54 12.32
CA GLY C 536 17.28 0.12 13.59
C GLY C 536 18.65 0.76 13.77
N PRO C 537 18.92 1.26 14.96
CA PRO C 537 20.23 1.88 15.23
C PRO C 537 21.35 0.83 15.17
N GLY C 538 22.39 1.14 14.40
CA GLY C 538 23.48 0.20 14.21
C GLY C 538 23.18 -0.91 13.23
N GLY C 539 22.13 -0.76 12.43
CA GLY C 539 21.77 -1.78 11.46
C GLY C 539 21.83 -1.30 10.03
N LEU C 540 21.21 -2.05 9.12
CA LEU C 540 21.25 -1.72 7.70
C LEU C 540 20.20 -0.67 7.37
N THR C 541 20.07 -0.38 6.08
CA THR C 541 19.10 0.58 5.56
C THR C 541 18.35 -0.06 4.40
N ARG C 542 17.04 0.18 4.34
CA ARG C 542 16.21 -0.44 3.32
C ARG C 542 16.67 -0.05 1.92
N GLU C 543 17.01 1.22 1.71
CA GLU C 543 17.42 1.70 0.41
C GLU C 543 18.84 1.24 0.03
N ARG C 544 19.66 0.92 1.01
CA ARG C 544 21.06 0.57 0.79
C ARG C 544 21.33 -0.89 1.13
N ALA C 545 20.43 -1.78 0.71
CA ALA C 545 20.56 -3.21 0.97
C ALA C 545 20.62 -3.96 -0.36
N GLY C 546 21.57 -4.88 -0.46
CA GLY C 546 21.75 -5.66 -1.67
C GLY C 546 20.96 -6.97 -1.64
N PHE C 547 21.16 -7.75 -2.71
CA PHE C 547 20.46 -9.03 -2.82
C PHE C 547 21.06 -10.10 -1.90
N GLU C 548 22.36 -10.01 -1.62
CA GLU C 548 23.02 -11.07 -0.86
C GLU C 548 22.50 -11.15 0.58
N VAL C 549 22.23 -10.00 1.21
CA VAL C 549 21.77 -10.01 2.58
C VAL C 549 20.32 -10.45 2.70
N ARG C 550 19.56 -10.40 1.61
CA ARG C 550 18.14 -10.76 1.63
C ARG C 550 17.89 -12.23 1.31
N ASP C 551 18.89 -12.96 0.83
CA ASP C 551 18.68 -14.32 0.37
C ASP C 551 18.69 -15.30 1.52
N VAL C 552 18.09 -16.48 1.27
CA VAL C 552 18.11 -17.55 2.26
C VAL C 552 19.50 -18.19 2.28
N HIS C 553 20.04 -18.38 3.49
CA HIS C 553 21.36 -18.95 3.64
C HIS C 553 21.28 -20.37 4.18
N PRO C 554 22.22 -21.24 3.83
CA PRO C 554 22.20 -22.60 4.36
C PRO C 554 22.24 -22.68 5.88
N THR C 555 22.87 -21.69 6.53
CA THR C 555 22.92 -21.68 7.99
C THR C 555 21.59 -21.30 8.63
N HIS C 556 20.63 -20.82 7.84
CA HIS C 556 19.32 -20.47 8.38
C HIS C 556 18.53 -21.69 8.82
N TYR C 557 18.94 -22.89 8.40
CA TYR C 557 18.23 -24.13 8.69
C TYR C 557 18.04 -24.31 10.20
N GLY C 558 16.79 -24.27 10.65
CA GLY C 558 16.46 -24.45 12.05
C GLY C 558 16.58 -23.21 12.91
N ARG C 559 17.07 -22.10 12.37
CA ARG C 559 17.29 -20.88 13.12
C ARG C 559 16.38 -19.74 12.70
N VAL C 560 16.20 -19.53 11.40
CA VAL C 560 15.34 -18.49 10.87
C VAL C 560 14.39 -19.12 9.86
N CYS C 561 13.10 -18.83 10.00
CA CYS C 561 12.12 -19.38 9.10
C CYS C 561 12.34 -18.83 7.69
N PRO C 562 12.43 -19.70 6.67
CA PRO C 562 12.74 -19.22 5.31
C PRO C 562 11.55 -18.72 4.53
N ILE C 563 10.34 -18.78 5.06
CA ILE C 563 9.15 -18.49 4.25
C ILE C 563 8.29 -17.40 4.89
N GLU C 564 8.58 -17.05 6.15
CA GLU C 564 7.82 -16.02 6.85
C GLU C 564 8.61 -14.72 6.80
N THR C 565 8.17 -13.81 5.93
CA THR C 565 8.81 -12.50 5.77
C THR C 565 7.84 -11.60 5.01
N PRO C 566 7.93 -10.29 5.19
CA PRO C 566 7.05 -9.38 4.44
C PRO C 566 7.34 -9.44 2.94
N GLU C 567 6.32 -9.14 2.16
CA GLU C 567 6.41 -9.19 0.70
C GLU C 567 6.79 -7.86 0.07
N GLY C 568 6.94 -6.79 0.86
CA GLY C 568 7.25 -5.50 0.33
C GLY C 568 8.75 -5.24 0.23
N PRO C 569 9.15 -3.98 0.34
CA PRO C 569 10.58 -3.65 0.25
C PRO C 569 11.40 -4.15 1.43
N ASN C 570 10.76 -4.57 2.52
CA ASN C 570 11.43 -5.16 3.67
C ASN C 570 11.52 -6.68 3.58
N ILE C 571 11.61 -7.22 2.36
CA ILE C 571 11.41 -8.66 2.15
C ILE C 571 12.49 -9.47 2.86
N GLY C 572 13.75 -9.05 2.74
CA GLY C 572 14.85 -9.81 3.29
C GLY C 572 15.41 -9.31 4.60
N LEU C 573 14.81 -8.27 5.19
CA LEU C 573 15.39 -7.63 6.36
C LEU C 573 14.65 -7.95 7.66
N ILE C 574 13.44 -8.50 7.58
CA ILE C 574 12.66 -8.86 8.75
C ILE C 574 12.37 -10.36 8.70
N ASN C 575 12.73 -11.07 9.75
CA ASN C 575 12.61 -12.52 9.81
C ASN C 575 11.86 -12.93 11.07
N SER C 576 11.58 -14.22 11.16
CA SER C 576 10.88 -14.82 12.30
C SER C 576 11.72 -15.94 12.89
N LEU C 577 11.70 -16.05 14.22
CA LEU C 577 12.46 -17.08 14.90
C LEU C 577 11.82 -18.45 14.68
N SER C 578 12.67 -19.47 14.59
CA SER C 578 12.20 -20.83 14.42
C SER C 578 11.59 -21.35 15.73
N VAL C 579 10.90 -22.48 15.63
CA VAL C 579 10.14 -23.02 16.77
C VAL C 579 11.09 -23.39 17.91
N TYR C 580 12.17 -24.08 17.60
CA TYR C 580 13.08 -24.62 18.60
C TYR C 580 14.36 -23.81 18.76
N ALA C 581 14.48 -22.68 18.08
CA ALA C 581 15.72 -21.92 18.10
C ALA C 581 15.89 -21.18 19.42
N GLN C 582 17.11 -21.20 19.95
CA GLN C 582 17.51 -20.45 21.13
C GLN C 582 18.64 -19.50 20.75
N THR C 583 19.09 -18.73 21.74
CA THR C 583 20.28 -17.89 21.60
C THR C 583 21.37 -18.37 22.54
N ASN C 584 22.61 -18.29 22.07
CA ASN C 584 23.74 -18.72 22.88
C ASN C 584 24.06 -17.66 23.93
N GLU C 585 25.00 -17.99 24.81
CA GLU C 585 25.45 -17.05 25.83
C GLU C 585 26.10 -15.82 25.20
N TYR C 586 26.64 -15.94 23.99
CA TYR C 586 27.20 -14.80 23.27
C TYR C 586 26.18 -14.16 22.31
N GLY C 587 24.99 -14.73 22.19
CA GLY C 587 23.97 -14.17 21.33
C GLY C 587 23.86 -14.80 19.95
N PHE C 588 24.35 -16.02 19.76
CA PHE C 588 24.30 -16.70 18.47
C PHE C 588 23.22 -17.77 18.50
N LEU C 589 22.45 -17.85 17.41
CA LEU C 589 21.34 -18.80 17.35
C LEU C 589 21.85 -20.24 17.27
N GLU C 590 21.19 -21.12 18.02
CA GLU C 590 21.54 -22.54 18.03
C GLU C 590 20.26 -23.37 18.01
N THR C 591 20.40 -24.61 17.53
CA THR C 591 19.27 -25.53 17.38
C THR C 591 19.58 -26.84 18.06
N PRO C 592 18.55 -27.56 18.52
CA PRO C 592 18.77 -28.86 19.16
C PRO C 592 18.90 -29.98 18.15
N TYR C 593 19.69 -30.99 18.52
CA TYR C 593 19.87 -32.18 17.71
C TYR C 593 19.99 -33.40 18.62
N ARG C 594 19.66 -34.57 18.07
CA ARG C 594 19.83 -35.82 18.77
C ARG C 594 21.19 -36.43 18.42
N LYS C 595 21.84 -37.02 19.42
CA LYS C 595 23.16 -37.61 19.24
C LYS C 595 23.03 -39.11 19.00
N VAL C 596 23.71 -39.60 17.98
CA VAL C 596 23.72 -41.02 17.63
C VAL C 596 25.11 -41.57 17.91
N THR C 597 25.15 -42.70 18.63
CA THR C 597 26.41 -43.37 18.97
C THR C 597 26.33 -44.82 18.54
N ASP C 598 27.33 -45.27 17.77
CA ASP C 598 27.41 -46.65 17.29
C ASP C 598 26.15 -47.04 16.51
N GLY C 599 25.61 -46.09 15.75
CA GLY C 599 24.41 -46.32 14.99
C GLY C 599 23.12 -46.29 15.79
N VAL C 600 23.18 -45.97 17.08
CA VAL C 600 22.01 -45.96 17.95
C VAL C 600 21.77 -44.52 18.39
N VAL C 601 20.57 -44.01 18.11
CA VAL C 601 20.18 -42.69 18.61
C VAL C 601 19.94 -42.78 20.11
N THR C 602 20.62 -41.93 20.88
CA THR C 602 20.67 -42.06 22.33
C THR C 602 19.63 -41.19 23.04
N ASP C 603 18.83 -40.43 22.30
CA ASP C 603 17.78 -39.59 22.88
C ASP C 603 18.36 -38.60 23.89
N GLU C 604 19.51 -38.04 23.56
CA GLU C 604 20.07 -36.92 24.31
C GLU C 604 20.30 -35.77 23.34
N ILE C 605 20.08 -34.55 23.82
CA ILE C 605 19.91 -33.39 22.97
C ILE C 605 21.02 -32.38 23.25
N HIS C 606 21.69 -31.94 22.19
CA HIS C 606 22.72 -30.91 22.26
C HIS C 606 22.31 -29.74 21.36
N TYR C 607 22.61 -28.53 21.81
CA TYR C 607 22.34 -27.32 21.04
C TYR C 607 23.62 -26.89 20.34
N LEU C 608 23.59 -26.85 19.01
CA LEU C 608 24.75 -26.55 18.19
C LEU C 608 24.58 -25.23 17.46
N SER C 609 25.63 -24.41 17.48
CA SER C 609 25.64 -23.17 16.74
C SER C 609 25.94 -23.44 15.27
N ALA C 610 25.91 -22.38 14.46
CA ALA C 610 26.16 -22.55 13.03
C ALA C 610 27.60 -22.98 12.76
N ILE C 611 28.54 -22.57 13.59
CA ILE C 611 29.93 -22.98 13.40
C ILE C 611 30.11 -24.46 13.72
N GLU C 612 29.53 -24.93 14.82
CA GLU C 612 29.74 -26.30 15.25
C GLU C 612 29.11 -27.30 14.29
N GLU C 613 27.91 -27.00 13.79
CA GLU C 613 27.16 -27.98 13.00
C GLU C 613 27.76 -28.22 11.62
N GLY C 614 28.69 -27.37 11.17
CA GLY C 614 29.28 -27.55 9.85
C GLY C 614 30.30 -28.69 9.76
N ASN C 615 30.77 -29.20 10.90
CA ASN C 615 31.79 -30.24 10.93
C ASN C 615 31.22 -31.63 11.21
N TYR C 616 29.90 -31.78 11.17
CA TYR C 616 29.25 -33.04 11.52
C TYR C 616 28.38 -33.52 10.37
N VAL C 617 27.95 -34.77 10.50
CA VAL C 617 27.00 -35.39 9.57
C VAL C 617 25.68 -35.52 10.31
N ILE C 618 24.66 -34.79 9.86
CA ILE C 618 23.38 -34.69 10.55
C ILE C 618 22.31 -35.28 9.66
N ALA C 619 21.62 -36.31 10.16
CA ALA C 619 20.59 -37.00 9.40
C ALA C 619 19.26 -36.25 9.48
N GLN C 620 18.43 -36.45 8.46
CA GLN C 620 17.12 -35.82 8.42
C GLN C 620 16.17 -36.48 9.43
N ALA C 621 15.13 -35.73 9.81
CA ALA C 621 14.13 -36.25 10.73
C ALA C 621 13.20 -37.26 10.08
N ASN C 622 13.22 -37.39 8.75
CA ASN C 622 12.40 -38.35 8.04
C ASN C 622 13.06 -39.73 7.95
N SER C 623 14.26 -39.89 8.49
CA SER C 623 14.95 -41.18 8.47
C SER C 623 14.24 -42.12 9.44
N ASN C 624 13.50 -43.09 8.89
CA ASN C 624 12.76 -44.03 9.72
C ASN C 624 13.71 -44.93 10.50
N LEU C 625 13.34 -45.23 11.74
CA LEU C 625 14.18 -45.99 12.66
C LEU C 625 13.45 -47.26 13.10
N ASP C 626 14.08 -47.98 14.02
CA ASP C 626 13.49 -49.15 14.65
C ASP C 626 12.97 -48.76 16.04
N GLU C 627 12.49 -49.74 16.79
CA GLU C 627 12.07 -49.47 18.17
C GLU C 627 13.27 -49.19 19.07
N GLU C 628 14.36 -49.94 18.89
CA GLU C 628 15.55 -49.76 19.71
C GLU C 628 16.49 -48.69 19.18
N GLY C 629 16.25 -48.13 18.00
CA GLY C 629 16.95 -46.94 17.57
C GLY C 629 18.07 -47.13 16.57
N HIS C 630 17.87 -47.96 15.55
CA HIS C 630 18.83 -48.13 14.48
C HIS C 630 18.21 -47.72 13.15
N PHE C 631 19.06 -47.24 12.24
CA PHE C 631 18.61 -46.82 10.92
C PHE C 631 18.20 -48.03 10.09
N VAL C 632 17.04 -47.94 9.44
CA VAL C 632 16.54 -49.06 8.63
C VAL C 632 17.43 -49.26 7.40
N GLU C 633 17.72 -48.17 6.69
CA GLU C 633 18.43 -48.25 5.42
C GLU C 633 19.94 -48.16 5.64
N ASP C 634 20.69 -48.81 4.74
CA ASP C 634 22.15 -48.73 4.80
C ASP C 634 22.63 -47.30 4.55
N LEU C 635 22.02 -46.61 3.59
CA LEU C 635 22.38 -45.25 3.24
C LEU C 635 21.28 -44.30 3.71
N VAL C 636 21.68 -43.21 4.37
CA VAL C 636 20.74 -42.24 4.92
C VAL C 636 21.13 -40.85 4.41
N THR C 637 20.13 -40.06 4.05
CA THR C 637 20.35 -38.71 3.58
C THR C 637 20.74 -37.81 4.75
N CYS C 638 21.79 -37.02 4.57
CA CYS C 638 22.31 -36.19 5.65
C CYS C 638 22.83 -34.88 5.06
N ARG C 639 23.12 -33.94 5.96
CA ARG C 639 23.72 -32.66 5.61
C ARG C 639 25.14 -32.60 6.16
N SER C 640 26.04 -31.99 5.40
CA SER C 640 27.44 -31.89 5.80
C SER C 640 28.12 -30.79 5.01
N LYS C 641 28.85 -29.93 5.72
CA LYS C 641 29.66 -28.87 5.10
C LYS C 641 28.82 -27.95 4.23
N GLY C 642 27.58 -27.66 4.65
CA GLY C 642 26.72 -26.78 3.91
C GLY C 642 26.05 -27.38 2.70
N GLU C 643 26.08 -28.71 2.55
CA GLU C 643 25.48 -29.37 1.41
C GLU C 643 24.93 -30.72 1.88
N SER C 644 24.05 -31.29 1.05
CA SER C 644 23.36 -32.54 1.37
C SER C 644 23.78 -33.61 0.37
N SER C 645 23.92 -34.83 0.86
CA SER C 645 24.32 -35.97 0.04
C SER C 645 23.85 -37.24 0.74
N LEU C 646 24.28 -38.39 0.22
CA LEU C 646 23.89 -39.69 0.76
C LEU C 646 25.09 -40.30 1.48
N PHE C 647 24.88 -40.73 2.72
CA PHE C 647 25.94 -41.22 3.57
C PHE C 647 25.55 -42.56 4.18
N SER C 648 26.58 -43.35 4.51
CA SER C 648 26.35 -44.61 5.20
C SER C 648 25.96 -44.37 6.65
N ARG C 649 25.37 -45.41 7.26
CA ARG C 649 24.86 -45.29 8.62
C ARG C 649 25.96 -45.12 9.66
N ASP C 650 27.21 -45.47 9.33
CA ASP C 650 28.29 -45.40 10.30
C ASP C 650 28.94 -44.02 10.38
N GLN C 651 28.66 -43.13 9.43
CA GLN C 651 29.24 -41.80 9.41
C GLN C 651 28.37 -40.74 10.08
N VAL C 652 27.19 -41.11 10.55
CA VAL C 652 26.24 -40.13 11.09
C VAL C 652 26.62 -39.77 12.51
N ASP C 653 26.54 -38.48 12.84
CA ASP C 653 26.85 -37.98 14.17
C ASP C 653 25.65 -37.38 14.89
N TYR C 654 24.69 -36.82 14.16
CA TYR C 654 23.55 -36.16 14.79
C TYR C 654 22.31 -36.35 13.93
N MET C 655 21.16 -36.02 14.51
CA MET C 655 19.88 -36.16 13.83
C MET C 655 18.93 -35.08 14.31
N ASP C 656 18.04 -34.66 13.41
CA ASP C 656 17.03 -33.65 13.74
C ASP C 656 16.05 -34.21 14.77
N VAL C 657 15.47 -33.30 15.56
CA VAL C 657 14.55 -33.70 16.61
C VAL C 657 13.09 -33.73 16.16
N SER C 658 12.71 -32.96 15.14
CA SER C 658 11.34 -32.92 14.69
C SER C 658 11.30 -32.39 13.26
N THR C 659 10.16 -32.63 12.59
CA THR C 659 9.93 -32.09 11.26
C THR C 659 9.45 -30.65 11.29
N GLN C 660 9.17 -30.11 12.47
CA GLN C 660 8.75 -28.72 12.63
C GLN C 660 9.92 -27.77 12.83
N GLN C 661 11.16 -28.28 12.82
CA GLN C 661 12.32 -27.48 13.20
C GLN C 661 12.61 -26.34 12.25
N VAL C 662 12.15 -26.43 11.00
CA VAL C 662 12.53 -25.44 9.99
C VAL C 662 11.54 -24.28 9.89
N VAL C 663 10.29 -24.48 10.25
CA VAL C 663 9.25 -23.46 10.07
C VAL C 663 9.08 -22.68 11.35
N SER C 664 8.42 -21.52 11.23
CA SER C 664 8.12 -20.67 12.37
C SER C 664 6.79 -21.09 12.99
N VAL C 665 6.30 -20.30 13.95
CA VAL C 665 5.03 -20.60 14.59
C VAL C 665 3.88 -20.42 13.61
N GLY C 666 3.89 -19.31 12.85
CA GLY C 666 2.81 -19.06 11.91
C GLY C 666 2.76 -20.06 10.78
N ALA C 667 3.93 -20.46 10.27
CA ALA C 667 3.99 -21.42 9.17
C ALA C 667 3.67 -22.84 9.61
N SER C 668 3.75 -23.13 10.90
CA SER C 668 3.45 -24.47 11.41
C SER C 668 1.96 -24.70 11.64
N LEU C 669 1.12 -23.69 11.39
CA LEU C 669 -0.32 -23.81 11.56
C LEU C 669 -1.04 -24.02 10.24
N ILE C 670 -0.31 -24.29 9.16
CA ILE C 670 -0.89 -24.47 7.83
C ILE C 670 -0.93 -25.97 7.53
N PRO C 671 -2.11 -26.59 7.47
CA PRO C 671 -2.17 -28.01 7.12
C PRO C 671 -1.78 -28.25 5.67
N PHE C 672 -1.15 -29.40 5.42
CA PHE C 672 -0.70 -29.79 4.09
C PHE C 672 0.22 -28.73 3.48
N LEU C 673 1.12 -28.19 4.30
CA LEU C 673 2.05 -27.17 3.83
C LEU C 673 3.00 -27.72 2.77
N GLU C 674 3.38 -29.00 2.87
CA GLU C 674 4.31 -29.60 1.93
C GLU C 674 3.74 -29.72 0.53
N HIS C 675 2.42 -29.56 0.36
CA HIS C 675 1.77 -29.59 -0.95
C HIS C 675 1.58 -28.19 -1.53
N ASP C 676 2.11 -27.17 -0.88
CA ASP C 676 1.91 -25.78 -1.29
C ASP C 676 3.20 -25.18 -1.80
N ASP C 677 3.09 -24.34 -2.82
CA ASP C 677 4.25 -23.60 -3.33
C ASP C 677 4.70 -22.56 -2.30
N ALA C 678 5.99 -22.22 -2.36
CA ALA C 678 6.58 -21.36 -1.33
C ALA C 678 5.96 -19.98 -1.32
N ASN C 679 5.67 -19.43 -2.49
CA ASN C 679 5.12 -18.07 -2.56
C ASN C 679 3.73 -18.01 -1.92
N ARG C 680 2.86 -18.95 -2.26
CA ARG C 680 1.53 -18.95 -1.68
C ARG C 680 1.57 -19.30 -0.19
N ALA C 681 2.53 -20.12 0.22
CA ALA C 681 2.71 -20.39 1.64
C ALA C 681 3.12 -19.11 2.38
N LEU C 682 4.01 -18.33 1.80
CA LEU C 682 4.38 -17.04 2.39
C LEU C 682 3.19 -16.11 2.48
N MET C 683 2.38 -16.05 1.41
CA MET C 683 1.20 -15.18 1.43
C MET C 683 0.21 -15.61 2.49
N GLY C 684 -0.02 -16.92 2.62
CA GLY C 684 -0.93 -17.41 3.64
C GLY C 684 -0.41 -17.15 5.05
N ALA C 685 0.89 -17.34 5.27
CA ALA C 685 1.48 -17.04 6.57
C ALA C 685 1.33 -15.57 6.93
N ASN C 686 1.54 -14.69 5.95
CA ASN C 686 1.38 -13.25 6.21
C ASN C 686 -0.08 -12.90 6.49
N MET C 687 -1.01 -13.52 5.76
CA MET C 687 -2.43 -13.20 5.93
C MET C 687 -3.05 -13.81 7.19
N GLN C 688 -2.46 -14.88 7.73
CA GLN C 688 -3.07 -15.55 8.87
C GLN C 688 -3.14 -14.67 10.11
N ARG C 689 -2.28 -13.65 10.23
CA ARG C 689 -2.24 -12.81 11.41
C ARG C 689 -3.01 -11.51 11.24
N GLN C 690 -3.78 -11.37 10.16
CA GLN C 690 -4.67 -10.24 9.98
C GLN C 690 -6.13 -10.59 10.23
N ALA C 691 -6.40 -11.79 10.74
CA ALA C 691 -7.77 -12.21 10.97
C ALA C 691 -8.37 -11.46 12.16
N VAL C 692 -9.63 -11.10 12.04
CA VAL C 692 -10.37 -10.37 13.08
C VAL C 692 -11.23 -11.36 13.84
N PRO C 693 -11.18 -11.39 15.18
CA PRO C 693 -12.05 -12.29 15.93
C PRO C 693 -13.52 -11.96 15.72
N THR C 694 -14.34 -12.99 15.69
CA THR C 694 -15.76 -12.86 15.40
C THR C 694 -16.58 -12.90 16.69
N LEU C 695 -17.91 -12.91 16.53
CA LEU C 695 -18.80 -12.96 17.69
C LEU C 695 -18.62 -14.25 18.48
N ARG C 696 -18.52 -15.38 17.78
CA ARG C 696 -18.36 -16.68 18.42
C ARG C 696 -17.19 -17.42 17.78
N ALA C 697 -16.36 -18.04 18.62
CA ALA C 697 -15.18 -18.74 18.14
C ALA C 697 -15.54 -20.14 17.67
N ASP C 698 -14.91 -20.56 16.58
CA ASP C 698 -15.17 -21.87 15.97
C ASP C 698 -13.85 -22.58 15.75
N LYS C 699 -13.71 -23.77 16.32
CA LYS C 699 -12.49 -24.55 16.17
C LYS C 699 -12.30 -24.95 14.71
N PRO C 700 -11.05 -25.09 14.26
CA PRO C 700 -10.81 -25.60 12.90
C PRO C 700 -10.96 -27.12 12.86
N LEU C 701 -11.70 -27.60 11.87
CA LEU C 701 -11.87 -29.05 11.74
C LEU C 701 -10.58 -29.74 11.32
N VAL C 702 -9.73 -29.06 10.55
CA VAL C 702 -8.45 -29.58 10.12
C VAL C 702 -7.36 -28.67 10.68
N GLY C 703 -6.53 -29.21 11.56
CA GLY C 703 -5.45 -28.43 12.15
C GLY C 703 -4.12 -29.14 12.10
N THR C 704 -3.11 -28.56 12.74
CA THR C 704 -1.77 -29.13 12.76
C THR C 704 -1.34 -29.60 14.15
N GLY C 705 -2.07 -29.23 15.20
CA GLY C 705 -1.72 -29.62 16.55
C GLY C 705 -0.97 -28.57 17.35
N MET C 706 -0.69 -27.42 16.76
CA MET C 706 0.03 -26.35 17.44
C MET C 706 -0.90 -25.28 18.01
N GLU C 707 -2.22 -25.46 17.89
CA GLU C 707 -3.16 -24.44 18.35
C GLU C 707 -3.14 -24.30 19.87
N ARG C 708 -3.06 -25.41 20.59
CA ARG C 708 -3.11 -25.35 22.05
C ARG C 708 -1.92 -24.59 22.61
N ALA C 709 -0.72 -24.86 22.10
CA ALA C 709 0.47 -24.18 22.60
C ALA C 709 0.39 -22.68 22.34
N VAL C 710 -0.04 -22.29 21.13
CA VAL C 710 -0.16 -20.86 20.80
C VAL C 710 -1.17 -20.19 21.72
N ALA C 711 -2.34 -20.82 21.89
CA ALA C 711 -3.40 -20.23 22.72
C ALA C 711 -2.95 -20.09 24.17
N VAL C 712 -2.27 -21.11 24.71
CA VAL C 712 -1.86 -21.05 26.11
C VAL C 712 -0.73 -20.04 26.30
N ASP C 713 0.27 -20.06 25.42
CA ASP C 713 1.44 -19.20 25.60
C ASP C 713 1.19 -17.75 25.23
N SER C 714 0.11 -17.46 24.50
CA SER C 714 -0.21 -16.06 24.20
C SER C 714 -0.53 -15.28 25.46
N GLY C 715 -1.24 -15.90 26.40
CA GLY C 715 -1.63 -15.23 27.62
C GLY C 715 -2.98 -14.55 27.57
N VAL C 716 -3.75 -14.73 26.49
CA VAL C 716 -5.07 -14.13 26.40
C VAL C 716 -6.10 -14.88 27.22
N THR C 717 -5.80 -16.11 27.63
CA THR C 717 -6.73 -16.93 28.40
C THR C 717 -6.36 -16.93 29.88
N ALA C 718 -7.35 -17.28 30.70
CA ALA C 718 -7.14 -17.40 32.14
C ALA C 718 -6.75 -18.84 32.47
N VAL C 719 -5.60 -19.01 33.10
CA VAL C 719 -5.05 -20.32 33.41
C VAL C 719 -4.96 -20.47 34.92
N ALA C 720 -5.46 -21.59 35.43
CA ALA C 720 -5.47 -21.83 36.87
C ALA C 720 -4.05 -21.95 37.41
N LYS C 721 -3.74 -21.15 38.43
CA LYS C 721 -2.41 -21.21 39.04
C LYS C 721 -2.26 -22.43 39.93
N ARG C 722 -3.32 -22.81 40.64
CA ARG C 722 -3.31 -23.96 41.53
C ARG C 722 -4.57 -24.79 41.30
N GLY C 723 -4.47 -26.07 41.60
CA GLY C 723 -5.61 -26.96 41.45
C GLY C 723 -6.64 -26.75 42.55
N GLY C 724 -7.81 -27.30 42.30
CA GLY C 724 -8.90 -27.19 43.26
C GLY C 724 -10.25 -27.43 42.60
N VAL C 725 -11.28 -26.85 43.21
CA VAL C 725 -12.66 -27.00 42.76
C VAL C 725 -13.25 -25.62 42.53
N VAL C 726 -14.04 -25.48 41.47
CA VAL C 726 -14.67 -24.21 41.15
C VAL C 726 -15.76 -23.94 42.19
N GLN C 727 -15.54 -22.95 43.04
CA GLN C 727 -16.50 -22.59 44.07
C GLN C 727 -17.55 -21.61 43.58
N TYR C 728 -17.16 -20.63 42.77
CA TYR C 728 -18.08 -19.66 42.21
C TYR C 728 -17.69 -19.38 40.76
N VAL C 729 -18.69 -19.30 39.89
CA VAL C 729 -18.47 -19.03 38.47
C VAL C 729 -19.51 -18.03 38.01
N ASP C 730 -19.07 -17.07 37.20
CA ASP C 730 -19.93 -16.01 36.71
C ASP C 730 -19.42 -15.57 35.34
N ALA C 731 -20.21 -14.72 34.67
CA ALA C 731 -19.83 -14.21 33.37
C ALA C 731 -18.61 -13.30 33.43
N SER C 732 -18.22 -12.84 34.62
CA SER C 732 -17.06 -11.95 34.74
C SER C 732 -16.22 -12.25 35.99
N ARG C 733 -16.37 -13.43 36.59
CA ARG C 733 -15.66 -13.72 37.82
C ARG C 733 -15.65 -15.23 38.06
N ILE C 734 -14.50 -15.75 38.45
CA ILE C 734 -14.33 -17.16 38.78
C ILE C 734 -13.56 -17.25 40.09
N VAL C 735 -14.05 -18.07 41.02
CA VAL C 735 -13.43 -18.29 42.32
C VAL C 735 -13.09 -19.76 42.46
N ILE C 736 -11.84 -20.06 42.77
CA ILE C 736 -11.34 -21.43 42.88
C ILE C 736 -10.99 -21.71 44.34
N LYS C 737 -11.49 -22.83 44.86
CA LYS C 737 -11.16 -23.28 46.21
C LYS C 737 -9.93 -24.19 46.12
N VAL C 738 -8.79 -23.70 46.61
CA VAL C 738 -7.53 -24.41 46.42
C VAL C 738 -7.49 -25.65 47.30
N ASN C 739 -6.92 -26.72 46.76
CA ASN C 739 -6.73 -27.95 47.53
C ASN C 739 -5.78 -27.71 48.70
N GLU C 740 -6.00 -28.42 49.80
CA GLU C 740 -5.20 -28.22 51.00
C GLU C 740 -3.76 -28.66 50.82
N ASP C 741 -3.48 -29.56 49.88
CA ASP C 741 -2.11 -29.97 49.61
C ASP C 741 -1.30 -28.91 48.89
N GLU C 742 -1.93 -27.88 48.35
CA GLU C 742 -1.24 -26.78 47.68
C GLU C 742 -1.35 -25.47 48.43
N MET C 743 -1.99 -25.46 49.60
CA MET C 743 -2.17 -24.24 50.37
C MET C 743 -0.91 -23.89 51.15
N TYR C 744 -0.88 -22.67 51.66
CA TYR C 744 0.11 -22.13 52.59
C TYR C 744 -0.47 -22.09 54.00
N PRO C 745 0.39 -22.20 55.02
CA PRO C 745 -0.12 -22.36 56.39
C PRO C 745 -1.10 -21.28 56.84
N GLY C 746 -0.87 -20.03 56.44
CA GLY C 746 -1.68 -18.94 56.97
C GLY C 746 -2.50 -18.18 55.95
N GLU C 747 -3.12 -18.89 55.01
CA GLU C 747 -3.94 -18.27 53.99
C GLU C 747 -5.30 -18.96 53.91
N ALA C 748 -6.28 -18.23 53.37
CA ALA C 748 -7.62 -18.79 53.20
C ALA C 748 -7.69 -19.77 52.04
N GLY C 749 -6.70 -19.77 51.14
CA GLY C 749 -6.64 -20.73 50.06
C GLY C 749 -7.73 -20.62 49.02
N ILE C 750 -8.03 -19.40 48.57
CA ILE C 750 -8.98 -19.17 47.49
C ILE C 750 -8.32 -18.27 46.45
N ASP C 751 -8.53 -18.59 45.18
CA ASP C 751 -7.99 -17.83 44.06
C ASP C 751 -9.14 -17.16 43.31
N ILE C 752 -9.00 -15.87 43.03
CA ILE C 752 -10.04 -15.08 42.38
C ILE C 752 -9.50 -14.59 41.04
N TYR C 753 -10.26 -14.87 39.98
CA TYR C 753 -9.90 -14.44 38.62
C TYR C 753 -10.97 -13.47 38.13
N ASN C 754 -10.57 -12.25 37.83
CA ASN C 754 -11.45 -11.24 37.27
C ASN C 754 -11.19 -11.13 35.77
N LEU C 755 -12.23 -11.33 34.97
CA LEU C 755 -12.11 -11.37 33.53
C LEU C 755 -12.31 -9.98 32.92
N THR C 756 -11.55 -9.69 31.87
CA THR C 756 -11.72 -8.45 31.13
C THR C 756 -12.89 -8.61 30.15
N LYS C 757 -13.80 -7.63 30.15
CA LYS C 757 -15.01 -7.70 29.36
C LYS C 757 -15.12 -6.47 28.46
N TYR C 758 -15.18 -6.71 27.15
CA TYR C 758 -15.48 -5.68 26.15
C TYR C 758 -14.56 -4.47 26.30
N THR C 759 -13.26 -4.71 26.21
CA THR C 759 -12.25 -3.67 26.28
C THR C 759 -11.67 -3.40 24.90
N ARG C 760 -11.22 -2.18 24.69
CA ARG C 760 -10.66 -1.78 23.41
C ARG C 760 -9.23 -2.29 23.26
N SER C 761 -8.89 -2.71 22.05
CA SER C 761 -7.54 -3.15 21.71
C SER C 761 -6.81 -2.03 20.96
N ASN C 762 -5.53 -2.28 20.66
CA ASN C 762 -4.74 -1.29 19.93
C ASN C 762 -5.26 -1.07 18.52
N GLN C 763 -5.95 -2.06 17.95
CA GLN C 763 -6.50 -1.97 16.61
C GLN C 763 -8.00 -1.67 16.60
N ASN C 764 -8.52 -1.16 17.71
CA ASN C 764 -9.94 -0.80 17.84
C ASN C 764 -10.85 -2.01 17.66
N THR C 765 -10.41 -3.15 18.16
CA THR C 765 -11.19 -4.37 18.19
C THR C 765 -11.68 -4.65 19.61
N CYS C 766 -12.38 -5.76 19.78
CA CYS C 766 -12.99 -6.11 21.05
C CYS C 766 -12.18 -7.23 21.73
N ILE C 767 -11.88 -7.04 23.01
CA ILE C 767 -11.25 -8.05 23.84
C ILE C 767 -12.26 -8.48 24.90
N ASN C 768 -12.55 -9.78 24.94
CA ASN C 768 -13.58 -10.30 25.84
C ASN C 768 -13.19 -11.71 26.26
N GLN C 769 -13.41 -12.01 27.54
CA GLN C 769 -13.14 -13.33 28.09
C GLN C 769 -14.44 -13.95 28.56
N MET C 770 -14.57 -15.27 28.33
CA MET C 770 -15.76 -16.00 28.74
C MET C 770 -15.32 -17.29 29.43
N PRO C 771 -15.90 -17.64 30.56
CA PRO C 771 -15.49 -18.86 31.26
C PRO C 771 -15.86 -20.12 30.48
N CYS C 772 -15.05 -21.16 30.67
CA CYS C 772 -15.28 -22.45 30.03
C CYS C 772 -15.32 -23.56 31.07
N VAL C 773 -15.72 -23.24 32.31
CA VAL C 773 -15.84 -24.20 33.38
C VAL C 773 -17.21 -24.04 34.03
N SER C 774 -17.64 -25.10 34.72
CA SER C 774 -18.94 -25.14 35.37
C SER C 774 -18.76 -25.21 36.89
N LEU C 775 -19.86 -24.91 37.59
CA LEU C 775 -19.84 -24.93 39.04
C LEU C 775 -19.55 -26.33 39.55
N GLY C 776 -18.60 -26.43 40.49
CA GLY C 776 -18.24 -27.70 41.08
C GLY C 776 -17.22 -28.51 40.32
N GLU C 777 -16.80 -28.05 39.14
CA GLU C 777 -15.86 -28.82 38.34
C GLU C 777 -14.47 -28.80 38.99
N PRO C 778 -13.80 -29.94 39.06
CA PRO C 778 -12.42 -29.95 39.56
C PRO C 778 -11.44 -29.49 38.49
N VAL C 779 -10.46 -28.69 38.91
CA VAL C 779 -9.45 -28.15 38.01
C VAL C 779 -8.06 -28.49 38.54
N GLU C 780 -7.09 -28.46 37.63
CA GLU C 780 -5.70 -28.73 37.94
C GLU C 780 -4.84 -27.55 37.51
N ARG C 781 -3.60 -27.53 38.00
CA ARG C 781 -2.68 -26.47 37.65
C ARG C 781 -2.38 -26.50 36.15
N GLY C 782 -2.45 -25.33 35.51
CA GLY C 782 -2.23 -25.22 34.09
C GLY C 782 -3.48 -25.34 33.24
N ASP C 783 -4.62 -25.69 33.83
CA ASP C 783 -5.85 -25.82 33.08
C ASP C 783 -6.40 -24.45 32.69
N VAL C 784 -7.18 -24.44 31.62
CA VAL C 784 -7.76 -23.21 31.10
C VAL C 784 -9.12 -23.01 31.75
N LEU C 785 -9.33 -21.83 32.34
CA LEU C 785 -10.58 -21.50 33.01
C LEU C 785 -11.46 -20.57 32.19
N ALA C 786 -10.88 -19.66 31.41
CA ALA C 786 -11.64 -18.76 30.57
C ALA C 786 -11.00 -18.68 29.20
N ASP C 787 -11.82 -18.39 28.20
CA ASP C 787 -11.37 -18.31 26.81
C ASP C 787 -11.24 -16.85 26.39
N GLY C 788 -10.11 -16.52 25.78
CA GLY C 788 -9.89 -15.19 25.26
C GLY C 788 -10.42 -15.05 23.85
N PRO C 789 -10.18 -13.90 23.22
CA PRO C 789 -10.62 -13.71 21.83
C PRO C 789 -9.93 -14.71 20.91
N SER C 790 -10.70 -15.21 19.93
CA SER C 790 -10.22 -16.17 18.94
C SER C 790 -9.67 -17.43 19.60
N THR C 791 -10.34 -17.89 20.66
CA THR C 791 -9.95 -19.11 21.36
C THR C 791 -11.20 -19.92 21.65
N ASP C 792 -11.09 -21.24 21.48
CA ASP C 792 -12.22 -22.15 21.68
C ASP C 792 -11.73 -23.32 22.52
N LEU C 793 -12.14 -23.35 23.79
CA LEU C 793 -11.79 -24.43 24.72
C LEU C 793 -10.28 -24.62 24.81
N GLY C 794 -9.54 -23.52 24.83
CA GLY C 794 -8.10 -23.57 24.93
C GLY C 794 -7.36 -23.81 23.64
N GLU C 795 -8.05 -23.72 22.50
CA GLU C 795 -7.44 -23.93 21.19
C GLU C 795 -7.62 -22.68 20.34
N LEU C 796 -6.60 -22.37 19.54
CA LEU C 796 -6.65 -21.19 18.69
C LEU C 796 -7.74 -21.37 17.62
N ALA C 797 -8.58 -20.35 17.45
CA ALA C 797 -9.70 -20.40 16.52
C ALA C 797 -9.82 -19.04 15.86
N LEU C 798 -9.24 -18.90 14.67
CA LEU C 798 -9.19 -17.62 13.98
C LEU C 798 -10.33 -17.40 12.99
N GLY C 799 -11.03 -18.45 12.57
CA GLY C 799 -12.06 -18.33 11.55
C GLY C 799 -13.21 -19.28 11.76
N GLN C 800 -13.91 -19.58 10.67
CA GLN C 800 -15.12 -20.41 10.70
C GLN C 800 -15.03 -21.49 9.62
N ASN C 801 -15.71 -22.60 9.87
CA ASN C 801 -15.78 -23.70 8.93
C ASN C 801 -16.92 -23.44 7.94
N MET C 802 -16.60 -23.42 6.66
CA MET C 802 -17.55 -23.10 5.61
C MET C 802 -17.68 -24.27 4.63
N ARG C 803 -18.91 -24.53 4.20
CA ARG C 803 -19.16 -25.53 3.16
C ARG C 803 -18.90 -24.90 1.80
N VAL C 804 -17.92 -25.44 1.07
CA VAL C 804 -17.38 -24.81 -0.12
C VAL C 804 -17.56 -25.74 -1.32
N ALA C 805 -17.89 -25.16 -2.48
CA ALA C 805 -17.95 -25.88 -3.73
C ALA C 805 -17.07 -25.17 -4.76
N PHE C 806 -16.32 -25.93 -5.54
CA PHE C 806 -15.37 -25.39 -6.52
C PHE C 806 -16.00 -25.48 -7.90
N MET C 807 -16.54 -24.35 -8.38
CA MET C 807 -17.16 -24.28 -9.69
C MET C 807 -17.40 -22.83 -10.09
N PRO C 808 -17.38 -22.51 -11.38
CA PRO C 808 -17.76 -21.16 -11.80
C PRO C 808 -19.28 -20.99 -11.73
N TRP C 809 -19.70 -19.77 -11.40
CA TRP C 809 -21.12 -19.46 -11.23
C TRP C 809 -21.44 -18.12 -11.87
N ASN C 810 -21.81 -18.15 -13.15
CA ASN C 810 -22.35 -17.00 -13.88
C ASN C 810 -21.44 -15.78 -13.85
N GLY C 811 -20.14 -15.98 -13.65
CA GLY C 811 -19.18 -14.89 -13.69
C GLY C 811 -18.95 -14.17 -12.37
N TYR C 812 -19.62 -14.58 -11.29
CA TYR C 812 -19.41 -13.95 -10.00
C TYR C 812 -18.18 -14.49 -9.27
N ASN C 813 -17.50 -15.49 -9.83
CA ASN C 813 -16.23 -15.98 -9.32
C ASN C 813 -15.04 -15.46 -10.12
N PHE C 814 -15.28 -14.53 -11.04
CA PHE C 814 -14.24 -14.06 -11.95
C PHE C 814 -13.13 -13.35 -11.20
N GLU C 815 -11.89 -13.78 -11.46
CA GLU C 815 -10.68 -13.14 -10.93
C GLU C 815 -10.71 -13.06 -9.40
N ASP C 816 -10.77 -14.23 -8.78
CA ASP C 816 -10.65 -14.43 -7.34
C ASP C 816 -11.84 -13.90 -6.55
N SER C 817 -12.94 -13.56 -7.22
CA SER C 817 -14.13 -13.13 -6.51
C SER C 817 -14.77 -14.30 -5.77
N ILE C 818 -15.55 -13.97 -4.73
CA ILE C 818 -16.16 -14.97 -3.86
C ILE C 818 -17.66 -14.70 -3.78
N LEU C 819 -18.45 -15.76 -3.92
CA LEU C 819 -19.90 -15.68 -3.79
C LEU C 819 -20.31 -16.31 -2.47
N VAL C 820 -21.14 -15.60 -1.72
CA VAL C 820 -21.52 -16.00 -0.37
C VAL C 820 -23.04 -16.07 -0.27
N SER C 821 -23.54 -17.14 0.35
CA SER C 821 -24.97 -17.31 0.57
C SER C 821 -25.46 -16.40 1.69
N GLU C 822 -26.77 -16.12 1.66
CA GLU C 822 -27.38 -15.26 2.67
C GLU C 822 -27.49 -15.95 4.03
N ARG C 823 -27.44 -17.28 4.07
CA ARG C 823 -27.52 -17.99 5.34
C ARG C 823 -26.32 -17.68 6.22
N VAL C 824 -25.15 -17.43 5.62
CA VAL C 824 -23.98 -17.04 6.39
C VAL C 824 -24.22 -15.70 7.07
N VAL C 825 -24.85 -14.76 6.37
CA VAL C 825 -25.15 -13.47 6.95
C VAL C 825 -26.21 -13.59 8.04
N GLN C 826 -27.22 -14.44 7.81
CA GLN C 826 -28.31 -14.57 8.78
C GLN C 826 -27.83 -15.19 10.09
N GLU C 827 -26.79 -16.02 10.05
CA GLU C 827 -26.29 -16.68 11.24
C GLU C 827 -25.22 -15.89 11.97
N ASP C 828 -24.83 -14.73 11.44
CA ASP C 828 -23.86 -13.84 12.09
C ASP C 828 -22.54 -14.56 12.36
N ARG C 829 -22.12 -15.40 11.41
CA ARG C 829 -20.90 -16.20 11.60
C ARG C 829 -19.63 -15.39 11.37
N PHE C 830 -19.72 -14.24 10.71
CA PHE C 830 -18.56 -13.38 10.48
C PHE C 830 -18.82 -11.96 10.96
N THR C 831 -19.61 -11.80 12.00
CA THR C 831 -19.90 -10.49 12.57
C THR C 831 -18.84 -10.14 13.62
N THR C 832 -18.37 -8.90 13.58
CA THR C 832 -17.29 -8.45 14.44
C THR C 832 -17.73 -7.21 15.21
N ILE C 833 -17.12 -7.00 16.37
CA ILE C 833 -17.39 -5.87 17.24
C ILE C 833 -16.18 -4.94 17.20
N HIS C 834 -16.43 -3.65 17.00
CA HIS C 834 -15.38 -2.64 16.98
C HIS C 834 -15.71 -1.56 17.99
N ILE C 835 -14.68 -1.12 18.72
CA ILE C 835 -14.84 -0.16 19.81
C ILE C 835 -13.98 1.07 19.51
N GLN C 836 -14.58 2.24 19.67
CA GLN C 836 -13.91 3.51 19.40
C GLN C 836 -13.95 4.38 20.65
N GLU C 837 -12.90 5.19 20.82
CA GLU C 837 -12.76 6.06 21.98
C GLU C 837 -12.71 7.52 21.54
N LEU C 838 -13.42 8.37 22.27
CA LEU C 838 -13.43 9.80 22.04
C LEU C 838 -13.20 10.53 23.36
N ALA C 839 -12.57 11.70 23.28
CA ALA C 839 -12.19 12.45 24.45
C ALA C 839 -12.60 13.91 24.32
N CYS C 840 -12.89 14.53 25.47
CA CYS C 840 -13.21 15.95 25.55
C CYS C 840 -12.42 16.57 26.68
N VAL C 841 -11.74 17.67 26.40
CA VAL C 841 -10.85 18.33 27.36
C VAL C 841 -11.34 19.75 27.59
N SER C 842 -11.46 20.13 28.87
CA SER C 842 -11.77 21.50 29.26
C SER C 842 -10.50 22.17 29.74
N ARG C 843 -10.17 23.32 29.15
CA ARG C 843 -8.91 24.00 29.40
C ARG C 843 -9.17 25.38 29.99
N ASP C 844 -8.09 26.14 30.16
CA ASP C 844 -8.15 27.54 30.57
C ASP C 844 -7.77 28.42 29.40
N THR C 845 -8.50 29.52 29.22
CA THR C 845 -8.27 30.44 28.12
C THR C 845 -7.94 31.83 28.68
N LYS C 846 -7.48 32.70 27.78
CA LYS C 846 -7.22 34.09 28.17
C LYS C 846 -8.50 34.79 28.61
N LEU C 847 -9.61 34.53 27.92
CA LEU C 847 -10.87 35.16 28.27
C LEU C 847 -11.46 34.57 29.56
N GLY C 848 -11.38 33.25 29.71
CA GLY C 848 -11.91 32.60 30.88
C GLY C 848 -11.92 31.09 30.78
N PRO C 849 -12.10 30.42 31.92
CA PRO C 849 -12.09 28.95 31.93
C PRO C 849 -13.30 28.36 31.23
N GLU C 850 -13.11 27.13 30.74
CA GLU C 850 -14.19 26.38 30.12
C GLU C 850 -14.92 25.55 31.16
N GLU C 851 -16.20 25.27 30.90
CA GLU C 851 -17.06 24.57 31.84
C GLU C 851 -17.78 23.42 31.15
N ILE C 852 -17.92 22.31 31.86
CA ILE C 852 -18.72 21.18 31.42
C ILE C 852 -20.07 21.27 32.10
N THR C 853 -21.13 21.42 31.32
CA THR C 853 -22.46 21.63 31.87
C THR C 853 -23.51 21.14 30.88
N ALA C 854 -24.73 20.99 31.37
CA ALA C 854 -25.87 20.61 30.55
C ALA C 854 -26.63 21.80 29.98
N ASP C 855 -26.16 23.01 30.24
CA ASP C 855 -26.80 24.23 29.73
C ASP C 855 -25.98 24.73 28.55
N ILE C 856 -26.47 24.44 27.34
CA ILE C 856 -25.79 24.83 26.10
C ILE C 856 -26.72 25.78 25.35
N PRO C 857 -26.24 26.95 24.94
CA PRO C 857 -27.10 27.89 24.22
C PRO C 857 -27.34 27.47 22.77
N ASN C 858 -28.42 28.01 22.20
CA ASN C 858 -28.77 27.87 20.79
C ASN C 858 -29.08 26.44 20.39
N VAL C 859 -29.37 25.56 21.36
CA VAL C 859 -29.80 24.20 21.07
C VAL C 859 -31.04 23.90 21.90
N GLY C 860 -32.01 23.22 21.28
CA GLY C 860 -33.26 22.92 21.94
C GLY C 860 -33.15 21.76 22.92
N GLU C 861 -34.28 21.46 23.56
CA GLU C 861 -34.33 20.37 24.52
C GLU C 861 -34.26 19.01 23.87
N ALA C 862 -34.50 18.92 22.56
CA ALA C 862 -34.42 17.63 21.87
C ALA C 862 -33.00 17.08 21.90
N ALA C 863 -32.01 17.94 21.64
CA ALA C 863 -30.61 17.49 21.68
C ALA C 863 -30.17 17.17 23.10
N LEU C 864 -30.62 17.96 24.07
CA LEU C 864 -30.21 17.80 25.46
C LEU C 864 -30.97 16.70 26.18
N SER C 865 -31.71 15.85 25.45
CA SER C 865 -32.49 14.81 26.11
C SER C 865 -31.59 13.68 26.63
N LYS C 866 -30.55 13.34 25.87
CA LYS C 866 -29.67 12.23 26.25
C LYS C 866 -28.63 12.62 27.28
N LEU C 867 -28.49 13.91 27.60
CA LEU C 867 -27.53 14.34 28.60
C LEU C 867 -28.10 14.19 30.00
N ASP C 868 -27.21 13.95 30.96
CA ASP C 868 -27.58 13.87 32.37
C ASP C 868 -27.47 15.25 33.00
N GLU C 869 -27.57 15.31 34.33
CA GLU C 869 -27.48 16.60 35.02
C GLU C 869 -26.06 17.17 34.97
N SER C 870 -25.04 16.33 34.80
CA SER C 870 -23.66 16.79 34.69
C SER C 870 -23.26 17.14 33.27
N GLY C 871 -24.16 16.98 32.29
CA GLY C 871 -23.82 17.26 30.92
C GLY C 871 -23.12 16.13 30.19
N ILE C 872 -23.24 14.90 30.67
CA ILE C 872 -22.59 13.74 30.07
C ILE C 872 -23.66 12.75 29.66
N VAL C 873 -23.49 12.17 28.46
CA VAL C 873 -24.49 11.25 27.92
C VAL C 873 -24.62 10.03 28.84
N TYR C 874 -25.83 9.47 28.88
CA TYR C 874 -26.10 8.29 29.68
C TYR C 874 -25.41 7.07 29.10
N ILE C 875 -25.04 6.14 29.98
CA ILE C 875 -24.47 4.86 29.54
C ILE C 875 -25.57 4.00 28.96
N GLY C 876 -25.34 3.46 27.76
CA GLY C 876 -26.32 2.65 27.07
C GLY C 876 -27.11 3.36 26.00
N ALA C 877 -26.91 4.65 25.81
CA ALA C 877 -27.63 5.40 24.80
C ALA C 877 -27.13 5.06 23.41
N GLU C 878 -28.05 5.08 22.44
CA GLU C 878 -27.73 4.85 21.05
C GLU C 878 -27.55 6.20 20.36
N VAL C 879 -26.40 6.40 19.71
CA VAL C 879 -26.04 7.70 19.15
C VAL C 879 -25.66 7.52 17.69
N THR C 880 -25.79 8.62 16.94
CA THR C 880 -25.40 8.70 15.54
C THR C 880 -24.62 9.99 15.32
N GLY C 881 -24.24 10.23 14.08
CA GLY C 881 -23.48 11.43 13.74
C GLY C 881 -24.19 12.72 14.09
N GLY C 882 -23.48 13.62 14.76
CA GLY C 882 -24.02 14.91 15.14
C GLY C 882 -24.54 14.99 16.56
N ASP C 883 -24.73 13.85 17.23
CA ASP C 883 -25.25 13.86 18.60
C ASP C 883 -24.20 14.39 19.57
N ILE C 884 -24.69 15.01 20.64
CA ILE C 884 -23.83 15.60 21.67
C ILE C 884 -23.54 14.54 22.72
N LEU C 885 -22.25 14.34 23.03
CA LEU C 885 -21.83 13.42 24.08
C LEU C 885 -21.48 14.14 25.37
N VAL C 886 -20.65 15.18 25.30
CA VAL C 886 -20.25 15.98 26.46
C VAL C 886 -20.51 17.44 26.13
N GLY C 887 -21.26 18.12 26.99
CA GLY C 887 -21.57 19.53 26.80
C GLY C 887 -20.49 20.43 27.39
N LYS C 888 -20.11 21.44 26.62
CA LYS C 888 -19.07 22.38 27.04
C LYS C 888 -19.33 23.72 26.41
N VAL C 889 -19.03 24.79 27.15
CA VAL C 889 -19.18 26.16 26.67
C VAL C 889 -17.85 26.88 26.86
N THR C 890 -17.64 27.92 26.03
CA THR C 890 -16.41 28.68 26.04
C THR C 890 -16.71 30.17 26.04
N PRO C 891 -15.90 30.98 26.70
CA PRO C 891 -16.02 32.44 26.56
C PRO C 891 -15.76 32.85 25.11
N LYS C 892 -16.48 33.89 24.68
CA LYS C 892 -16.46 34.30 23.29
C LYS C 892 -15.98 35.72 23.05
N GLY C 893 -16.17 36.63 24.00
CA GLY C 893 -15.65 37.98 23.81
C GLY C 893 -16.47 38.81 22.85
N GLU C 894 -15.84 39.87 22.35
CA GLU C 894 -16.50 40.82 21.48
C GLU C 894 -16.75 40.23 20.09
N THR C 895 -17.80 40.72 19.44
CA THR C 895 -18.17 40.30 18.10
C THR C 895 -18.68 41.50 17.31
N GLN C 896 -18.65 41.38 16.00
CA GLN C 896 -19.15 42.39 15.08
C GLN C 896 -20.32 41.82 14.29
N LEU C 897 -21.41 42.58 14.21
CA LEU C 897 -22.60 42.17 13.48
C LEU C 897 -23.11 43.31 12.63
N THR C 898 -23.64 42.98 11.45
CA THR C 898 -24.23 43.98 10.60
C THR C 898 -25.53 44.51 11.22
N PRO C 899 -25.87 45.78 10.99
CA PRO C 899 -27.08 46.33 11.60
C PRO C 899 -28.36 45.59 11.25
N GLU C 900 -28.47 45.05 10.03
CA GLU C 900 -29.69 44.33 9.64
C GLU C 900 -29.87 43.08 10.48
N GLU C 901 -28.81 42.30 10.67
CA GLU C 901 -28.91 41.09 11.46
C GLU C 901 -29.17 41.41 12.93
N LYS C 902 -28.55 42.48 13.44
CA LYS C 902 -28.81 42.91 14.81
C LYS C 902 -30.27 43.31 15.00
N LEU C 903 -30.83 44.03 14.03
CA LEU C 903 -32.24 44.41 14.12
C LEU C 903 -33.15 43.18 14.04
N LEU C 904 -32.80 42.21 13.19
CA LEU C 904 -33.56 40.96 13.14
C LEU C 904 -33.52 40.23 14.47
N ARG C 905 -32.34 40.17 15.10
CA ARG C 905 -32.21 39.52 16.39
C ARG C 905 -33.03 40.24 17.45
N ALA C 906 -33.00 41.57 17.44
CA ALA C 906 -33.79 42.35 18.40
C ALA C 906 -35.29 42.13 18.18
N ILE C 907 -35.72 42.08 16.92
CA ILE C 907 -37.13 41.86 16.61
C ILE C 907 -37.57 40.49 17.10
N PHE C 908 -36.75 39.46 16.84
CA PHE C 908 -37.09 38.11 17.31
C PHE C 908 -37.02 38.00 18.83
N GLY C 909 -36.32 38.92 19.50
CA GLY C 909 -36.35 39.00 20.94
C GLY C 909 -35.31 38.17 21.68
N GLU C 910 -34.50 37.38 20.97
CA GLU C 910 -33.49 36.58 21.63
C GLU C 910 -32.35 37.46 22.13
N LYS C 911 -31.84 37.13 23.32
CA LYS C 911 -30.80 37.92 23.95
C LYS C 911 -29.42 37.52 23.43
N ALA C 912 -28.43 38.36 23.75
CA ALA C 912 -27.04 38.09 23.41
C ALA C 912 -26.36 37.36 24.56
N SER C 913 -25.57 36.36 24.22
CA SER C 913 -24.90 35.51 25.20
C SER C 913 -23.39 35.73 25.14
N ASP C 914 -22.73 35.47 26.27
CA ASP C 914 -21.29 35.64 26.40
C ASP C 914 -20.55 34.31 26.31
N VAL C 915 -21.20 33.24 25.89
CA VAL C 915 -20.59 31.92 25.80
C VAL C 915 -20.85 31.34 24.43
N LYS C 916 -19.98 30.41 24.03
CA LYS C 916 -20.07 29.74 22.73
C LYS C 916 -20.02 28.24 22.94
N ASP C 917 -20.86 27.51 22.20
CA ASP C 917 -20.91 26.07 22.33
C ASP C 917 -19.64 25.42 21.79
N SER C 918 -19.00 24.60 22.61
CA SER C 918 -17.80 23.86 22.22
C SER C 918 -17.92 22.42 22.69
N SER C 919 -19.09 21.82 22.47
CA SER C 919 -19.36 20.48 22.96
C SER C 919 -18.68 19.42 22.09
N LEU C 920 -18.47 18.25 22.68
CA LEU C 920 -17.92 17.10 21.97
C LEU C 920 -19.07 16.36 21.28
N ARG C 921 -18.97 16.25 19.97
CA ARG C 921 -20.04 15.64 19.16
C ARG C 921 -19.53 14.38 18.48
N VAL C 922 -20.47 13.52 18.13
CA VAL C 922 -20.13 12.29 17.40
C VAL C 922 -19.71 12.66 15.98
N PRO C 923 -18.56 12.18 15.50
CA PRO C 923 -18.17 12.48 14.12
C PRO C 923 -19.13 11.87 13.13
N ASN C 924 -19.28 12.55 11.98
CA ASN C 924 -20.21 12.10 10.97
C ASN C 924 -19.80 10.74 10.42
N GLY C 925 -20.79 9.90 10.11
CA GLY C 925 -20.55 8.57 9.64
C GLY C 925 -20.26 7.54 10.71
N VAL C 926 -20.38 7.90 11.98
CA VAL C 926 -20.10 7.01 13.10
C VAL C 926 -21.35 6.86 13.94
N SER C 927 -21.71 5.62 14.25
CA SER C 927 -22.82 5.30 15.14
C SER C 927 -22.33 4.34 16.21
N GLY C 928 -23.25 3.90 17.07
CA GLY C 928 -22.90 2.94 18.10
C GLY C 928 -23.58 3.19 19.43
N THR C 929 -23.27 2.33 20.42
CA THR C 929 -23.85 2.42 21.75
C THR C 929 -22.77 2.83 22.75
N VAL C 930 -23.16 3.66 23.70
CA VAL C 930 -22.25 4.11 24.75
C VAL C 930 -22.15 3.02 25.81
N ILE C 931 -20.93 2.53 26.05
CA ILE C 931 -20.70 1.42 26.97
C ILE C 931 -19.81 1.78 28.14
N ASP C 932 -19.14 2.94 28.12
CA ASP C 932 -18.23 3.29 29.21
C ASP C 932 -17.93 4.78 29.14
N VAL C 933 -17.80 5.40 30.32
CA VAL C 933 -17.46 6.81 30.44
C VAL C 933 -16.44 6.95 31.58
N GLN C 934 -15.37 7.69 31.32
CA GLN C 934 -14.32 7.93 32.30
C GLN C 934 -14.15 9.43 32.51
N VAL C 935 -14.08 9.84 33.77
CA VAL C 935 -13.93 11.25 34.13
C VAL C 935 -12.67 11.39 34.98
N PHE C 936 -11.79 12.30 34.55
CA PHE C 936 -10.56 12.61 35.28
C PHE C 936 -10.61 14.06 35.74
N THR C 937 -10.22 14.29 37.00
CA THR C 937 -10.25 15.62 37.58
C THR C 937 -8.93 15.92 38.29
N ARG C 938 -8.59 17.19 38.36
CA ARG C 938 -7.38 17.62 39.04
C ARG C 938 -7.54 17.50 40.55
N ASP C 939 -6.43 17.33 41.25
CA ASP C 939 -6.46 17.16 42.71
C ASP C 939 -7.12 18.36 43.38
N GLY C 940 -6.76 19.57 42.98
CA GLY C 940 -7.38 20.75 43.56
C GLY C 940 -8.86 20.86 43.26
N VAL C 941 -9.26 20.46 42.05
CA VAL C 941 -10.67 20.53 41.67
C VAL C 941 -11.46 19.45 42.39
N GLU C 942 -12.71 19.76 42.74
CA GLU C 942 -13.57 18.82 43.43
C GLU C 942 -14.35 17.98 42.42
N LYS C 943 -14.49 16.69 42.73
CA LYS C 943 -15.13 15.76 41.82
C LYS C 943 -16.61 16.05 41.67
N ASP C 944 -17.13 15.77 40.47
CA ASP C 944 -18.55 15.91 40.21
C ASP C 944 -19.27 14.59 40.52
N LYS C 945 -20.59 14.57 40.32
CA LYS C 945 -21.41 13.46 40.79
C LYS C 945 -21.07 12.16 40.06
N ARG C 946 -20.85 12.23 38.75
CA ARG C 946 -20.75 11.00 37.96
C ARG C 946 -19.44 10.25 38.27
N ALA C 947 -18.34 11.00 38.43
CA ALA C 947 -17.09 10.39 38.87
C ALA C 947 -17.25 9.78 40.26
N LEU C 948 -18.04 10.43 41.12
CA LEU C 948 -18.35 9.85 42.42
C LEU C 948 -19.05 8.50 42.27
N GLU C 949 -20.02 8.42 41.36
CA GLU C 949 -20.70 7.15 41.13
C GLU C 949 -19.72 6.08 40.64
N ILE C 950 -18.82 6.46 39.73
CA ILE C 950 -17.84 5.51 39.22
C ILE C 950 -16.95 4.98 40.35
N GLU C 951 -16.48 5.89 41.21
CA GLU C 951 -15.61 5.45 42.30
C GLU C 951 -16.36 4.63 43.34
N GLU C 952 -17.66 4.91 43.54
CA GLU C 952 -18.46 4.04 44.40
C GLU C 952 -18.58 2.64 43.81
N MET C 953 -18.75 2.53 42.49
CA MET C 953 -18.78 1.19 41.88
C MET C 953 -17.45 0.47 42.09
N GLN C 954 -16.34 1.17 41.88
CA GLN C 954 -15.03 0.55 42.09
C GLN C 954 -14.86 0.11 43.54
N LEU C 955 -15.27 0.96 44.49
CA LEU C 955 -15.16 0.62 45.90
C LEU C 955 -16.04 -0.58 46.25
N LYS C 956 -17.22 -0.67 45.63
CA LYS C 956 -18.08 -1.83 45.84
C LYS C 956 -17.42 -3.11 45.36
N GLN C 957 -16.78 -3.07 44.19
CA GLN C 957 -16.08 -4.25 43.69
C GLN C 957 -14.97 -4.66 44.66
N ALA C 958 -14.16 -3.70 45.12
CA ALA C 958 -13.09 -4.00 46.05
C ALA C 958 -13.65 -4.55 47.37
N LYS C 959 -14.77 -3.98 47.83
CA LYS C 959 -15.38 -4.42 49.08
C LYS C 959 -15.85 -5.86 48.98
N LYS C 960 -16.47 -6.25 47.86
CA LYS C 960 -16.87 -7.64 47.69
C LYS C 960 -15.65 -8.56 47.65
N ASP C 961 -14.61 -8.14 46.93
CA ASP C 961 -13.40 -8.97 46.84
C ASP C 961 -12.79 -9.21 48.21
N LEU C 962 -12.76 -8.20 49.06
CA LEU C 962 -12.24 -8.37 50.41
C LEU C 962 -13.20 -9.13 51.32
N SER C 963 -14.51 -8.94 51.11
CA SER C 963 -15.51 -9.57 51.96
C SER C 963 -15.52 -11.08 51.80
N GLU C 964 -15.20 -11.58 50.60
CA GLU C 964 -15.07 -13.03 50.44
C GLU C 964 -14.05 -13.60 51.41
N GLU C 965 -12.84 -13.03 51.42
CA GLU C 965 -11.79 -13.51 52.31
C GLU C 965 -12.17 -13.31 53.78
N LEU C 966 -12.77 -12.15 54.10
CA LEU C 966 -13.16 -11.89 55.47
C LEU C 966 -14.16 -12.92 55.97
N GLN C 967 -15.16 -13.25 55.13
CA GLN C 967 -16.18 -14.22 55.52
C GLN C 967 -15.56 -15.60 55.71
N ILE C 968 -14.71 -16.04 54.79
CA ILE C 968 -14.15 -17.39 54.94
C ILE C 968 -13.26 -17.48 56.17
N LEU C 969 -12.47 -16.43 56.45
CA LEU C 969 -11.60 -16.48 57.62
C LEU C 969 -12.38 -16.42 58.92
N GLU C 970 -13.44 -15.60 58.97
CA GLU C 970 -14.24 -15.55 60.19
C GLU C 970 -14.98 -16.86 60.41
N ALA C 971 -15.44 -17.51 59.33
CA ALA C 971 -16.05 -18.82 59.45
C ALA C 971 -15.06 -19.84 60.00
N GLY C 972 -13.82 -19.81 59.51
CA GLY C 972 -12.81 -20.71 60.05
C GLY C 972 -12.54 -20.45 61.53
N LEU C 973 -12.45 -19.18 61.92
CA LEU C 973 -12.21 -18.85 63.32
C LEU C 973 -13.35 -19.33 64.22
N PHE C 974 -14.60 -19.11 63.78
CA PHE C 974 -15.73 -19.56 64.57
C PHE C 974 -15.82 -21.08 64.64
N SER C 975 -15.44 -21.77 63.56
CA SER C 975 -15.37 -23.23 63.61
C SER C 975 -14.32 -23.68 64.62
N GLU C 1028 -9.85 -4.15 57.98
CA GLU C 1028 -10.19 -2.73 57.86
C GLU C 1028 -9.03 -1.92 57.30
N LYS C 1029 -7.80 -2.23 57.74
CA LYS C 1029 -6.64 -1.55 57.19
C LYS C 1029 -6.50 -1.78 55.70
N LYS C 1030 -6.67 -3.03 55.26
CA LYS C 1030 -6.58 -3.33 53.82
C LYS C 1030 -7.67 -2.62 53.04
N LEU C 1031 -8.90 -2.59 53.59
CA LEU C 1031 -10.00 -1.92 52.90
C LEU C 1031 -9.72 -0.41 52.78
N GLU C 1032 -9.20 0.20 53.84
CA GLU C 1032 -8.88 1.62 53.76
C GLU C 1032 -7.75 1.88 52.79
N ALA C 1033 -6.76 0.98 52.72
CA ALA C 1033 -5.70 1.14 51.72
C ALA C 1033 -6.26 1.07 50.30
N LYS C 1034 -7.18 0.13 50.06
CA LYS C 1034 -7.81 0.05 48.75
C LYS C 1034 -8.59 1.33 48.43
N ARG C 1035 -9.30 1.87 49.41
CA ARG C 1035 -10.10 3.06 49.15
C ARG C 1035 -9.21 4.28 48.90
N ARG C 1036 -8.10 4.38 49.65
CA ARG C 1036 -7.08 5.39 49.33
C ARG C 1036 -6.61 5.27 47.88
N LYS C 1037 -6.28 4.05 47.45
CA LYS C 1037 -5.81 3.87 46.07
C LYS C 1037 -6.90 4.23 45.07
N ILE C 1038 -8.15 3.92 45.41
CA ILE C 1038 -9.26 4.16 44.48
C ILE C 1038 -9.52 5.66 44.32
N THR C 1039 -9.53 6.40 45.43
CA THR C 1039 -9.95 7.79 45.41
C THR C 1039 -8.82 8.77 45.16
N GLN C 1040 -7.62 8.29 44.86
CA GLN C 1040 -6.49 9.18 44.62
C GLN C 1040 -6.73 9.99 43.35
N GLY C 1041 -6.34 11.26 43.40
CA GLY C 1041 -6.55 12.15 42.28
C GLY C 1041 -5.62 11.89 41.12
N ASP C 1042 -5.91 12.53 40.00
CA ASP C 1042 -5.17 12.36 38.77
C ASP C 1042 -4.09 13.43 38.63
N ASP C 1043 -3.16 13.18 37.73
CA ASP C 1043 -2.03 14.08 37.46
C ASP C 1043 -2.22 14.68 36.07
N LEU C 1044 -2.92 15.82 36.03
CA LEU C 1044 -3.20 16.51 34.78
C LEU C 1044 -2.13 17.55 34.47
N ALA C 1045 -2.02 17.88 33.19
CA ALA C 1045 -1.09 18.91 32.75
C ALA C 1045 -1.58 20.29 33.21
N PRO C 1046 -0.66 21.24 33.39
CA PRO C 1046 -1.07 22.60 33.77
C PRO C 1046 -2.02 23.21 32.75
N GLY C 1047 -3.01 23.92 33.24
CA GLY C 1047 -4.02 24.52 32.39
C GLY C 1047 -5.11 23.58 31.93
N VAL C 1048 -5.20 22.38 32.51
CA VAL C 1048 -6.22 21.40 32.16
C VAL C 1048 -7.08 21.16 33.39
N LEU C 1049 -8.39 21.35 33.26
CA LEU C 1049 -9.30 21.22 34.38
C LEU C 1049 -9.82 19.79 34.56
N LYS C 1050 -10.38 19.21 33.51
CA LYS C 1050 -10.89 17.85 33.59
C LYS C 1050 -10.97 17.26 32.19
N ILE C 1051 -11.01 15.92 32.14
CA ILE C 1051 -11.04 15.17 30.90
C ILE C 1051 -12.14 14.14 30.98
N VAL C 1052 -12.94 14.02 29.92
CA VAL C 1052 -14.01 13.04 29.82
C VAL C 1052 -13.76 12.16 28.61
N LYS C 1053 -13.83 10.85 28.81
CA LYS C 1053 -13.60 9.87 27.75
C LYS C 1053 -14.86 9.03 27.57
N VAL C 1054 -15.26 8.85 26.31
CA VAL C 1054 -16.47 8.11 25.97
C VAL C 1054 -16.09 7.00 24.99
N TYR C 1055 -16.60 5.80 25.24
CA TYR C 1055 -16.32 4.63 24.40
C TYR C 1055 -17.59 4.20 23.68
N LEU C 1056 -17.49 3.98 22.37
CA LEU C 1056 -18.61 3.55 21.54
C LEU C 1056 -18.33 2.17 20.98
N ALA C 1057 -19.37 1.34 20.92
CA ALA C 1057 -19.28 0.00 20.37
C ALA C 1057 -20.28 -0.16 19.23
N VAL C 1058 -19.89 -0.93 18.22
CA VAL C 1058 -20.72 -1.12 17.04
C VAL C 1058 -20.41 -2.49 16.45
N LYS C 1059 -21.42 -3.11 15.83
CA LYS C 1059 -21.27 -4.40 15.17
C LYS C 1059 -21.20 -4.20 13.67
N ARG C 1060 -20.31 -4.95 13.03
CA ARG C 1060 -20.12 -4.89 11.57
C ARG C 1060 -20.46 -6.25 10.96
N ARG C 1061 -21.34 -6.24 9.96
CA ARG C 1061 -21.71 -7.43 9.24
C ARG C 1061 -21.05 -7.45 7.87
N ILE C 1062 -20.85 -8.66 7.33
CA ILE C 1062 -20.17 -8.79 6.04
C ILE C 1062 -21.05 -8.23 4.92
N GLN C 1063 -20.39 -7.77 3.88
CA GLN C 1063 -21.05 -7.14 2.74
C GLN C 1063 -20.11 -7.22 1.54
N PRO C 1064 -20.60 -7.01 0.32
CA PRO C 1064 -19.70 -6.97 -0.82
C PRO C 1064 -18.63 -5.92 -0.64
N GLY C 1065 -17.40 -6.27 -1.02
CA GLY C 1065 -16.23 -5.44 -0.80
C GLY C 1065 -15.34 -5.89 0.32
N ASP C 1066 -15.84 -6.74 1.22
CA ASP C 1066 -15.02 -7.27 2.30
C ASP C 1066 -14.06 -8.34 1.77
N LYS C 1067 -12.95 -8.50 2.48
CA LYS C 1067 -11.89 -9.41 2.06
C LYS C 1067 -11.93 -10.68 2.89
N MET C 1068 -11.88 -11.83 2.23
CA MET C 1068 -11.83 -13.13 2.88
C MET C 1068 -10.64 -13.91 2.33
N ALA C 1069 -10.14 -14.83 3.14
CA ALA C 1069 -8.96 -15.60 2.73
C ALA C 1069 -8.89 -16.89 3.53
N GLY C 1070 -8.16 -17.85 2.98
CA GLY C 1070 -7.86 -19.10 3.63
C GLY C 1070 -6.46 -19.11 4.23
N ARG C 1071 -5.98 -20.32 4.53
CA ARG C 1071 -4.65 -20.50 5.09
C ARG C 1071 -3.63 -20.95 4.05
N HIS C 1072 -4.00 -20.95 2.77
CA HIS C 1072 -3.12 -21.43 1.71
C HIS C 1072 -2.79 -20.33 0.70
N GLY C 1073 -2.87 -19.07 1.10
CA GLY C 1073 -2.61 -17.97 0.20
C GLY C 1073 -3.72 -17.61 -0.75
N ASN C 1074 -4.90 -18.22 -0.60
CA ASN C 1074 -6.04 -17.94 -1.44
C ASN C 1074 -6.89 -16.84 -0.79
N LYS C 1075 -6.94 -15.68 -1.42
CA LYS C 1075 -7.69 -14.54 -0.91
C LYS C 1075 -8.63 -14.02 -1.99
N GLY C 1076 -9.65 -13.30 -1.56
CA GLY C 1076 -10.62 -12.76 -2.50
C GLY C 1076 -11.54 -11.76 -1.82
N VAL C 1077 -12.30 -11.07 -2.65
CA VAL C 1077 -13.24 -10.05 -2.22
C VAL C 1077 -14.66 -10.55 -2.47
N ILE C 1078 -15.54 -10.41 -1.47
CA ILE C 1078 -16.92 -10.82 -1.64
C ILE C 1078 -17.58 -9.95 -2.71
N SER C 1079 -18.24 -10.60 -3.67
CA SER C 1079 -18.85 -9.90 -4.78
C SER C 1079 -20.37 -9.85 -4.74
N LYS C 1080 -21.02 -10.80 -4.07
CA LYS C 1080 -22.47 -10.86 -4.06
C LYS C 1080 -22.94 -11.74 -2.91
N ILE C 1081 -24.04 -11.33 -2.28
CA ILE C 1081 -24.73 -12.14 -1.29
C ILE C 1081 -25.92 -12.78 -1.99
N ASN C 1082 -25.90 -14.10 -2.10
CA ASN C 1082 -26.89 -14.82 -2.89
C ASN C 1082 -28.04 -15.32 -2.03
N PRO C 1083 -29.27 -15.25 -2.53
CA PRO C 1083 -30.40 -15.85 -1.81
C PRO C 1083 -30.20 -17.36 -1.67
N ILE C 1084 -30.78 -17.91 -0.59
CA ILE C 1084 -30.55 -19.30 -0.25
C ILE C 1084 -31.10 -20.23 -1.34
N GLU C 1085 -32.23 -19.86 -1.95
CA GLU C 1085 -32.83 -20.72 -2.97
C GLU C 1085 -32.06 -20.69 -4.29
N ASP C 1086 -31.16 -19.73 -4.48
CA ASP C 1086 -30.37 -19.66 -5.70
C ASP C 1086 -29.06 -20.44 -5.62
N MET C 1087 -28.70 -20.93 -4.43
CA MET C 1087 -27.44 -21.66 -4.26
C MET C 1087 -27.57 -23.08 -4.80
N PRO C 1088 -26.47 -23.64 -5.31
CA PRO C 1088 -26.48 -25.06 -5.69
C PRO C 1088 -26.75 -25.95 -4.48
N TYR C 1089 -27.47 -27.04 -4.72
CA TYR C 1089 -27.82 -27.98 -3.66
C TYR C 1089 -27.62 -29.40 -4.14
N ASP C 1090 -27.45 -30.31 -3.19
CA ASP C 1090 -27.18 -31.71 -3.45
C ASP C 1090 -28.47 -32.52 -3.44
N GLU C 1091 -28.34 -33.85 -3.43
CA GLU C 1091 -29.51 -34.72 -3.48
C GLU C 1091 -30.43 -34.48 -2.30
N ASN C 1092 -29.88 -34.27 -1.11
CA ASN C 1092 -30.68 -34.11 0.10
C ASN C 1092 -31.20 -32.69 0.29
N GLY C 1093 -30.87 -31.77 -0.61
CA GLY C 1093 -31.40 -30.42 -0.56
C GLY C 1093 -30.60 -29.43 0.26
N THR C 1094 -29.52 -29.86 0.92
CA THR C 1094 -28.71 -28.92 1.68
C THR C 1094 -27.80 -28.14 0.73
N PRO C 1095 -27.84 -26.82 0.76
CA PRO C 1095 -27.05 -26.01 -0.17
C PRO C 1095 -25.62 -25.83 0.35
N VAL C 1096 -24.81 -25.14 -0.46
CA VAL C 1096 -23.44 -24.81 -0.11
C VAL C 1096 -23.39 -23.38 0.39
N ASP C 1097 -22.35 -23.07 1.16
CA ASP C 1097 -22.21 -21.75 1.75
C ASP C 1097 -21.41 -20.78 0.88
N ILE C 1098 -20.36 -21.27 0.23
CA ILE C 1098 -19.46 -20.42 -0.54
C ILE C 1098 -19.05 -21.16 -1.80
N VAL C 1099 -18.98 -20.43 -2.91
CA VAL C 1099 -18.59 -20.97 -4.21
C VAL C 1099 -17.32 -20.25 -4.66
N LEU C 1100 -16.29 -21.02 -4.98
CA LEU C 1100 -15.01 -20.47 -5.40
C LEU C 1100 -14.67 -20.94 -6.81
N ASN C 1101 -13.90 -20.11 -7.52
CA ASN C 1101 -13.50 -20.44 -8.88
C ASN C 1101 -12.43 -21.52 -8.86
N PRO C 1102 -12.63 -22.66 -9.53
CA PRO C 1102 -11.57 -23.68 -9.58
C PRO C 1102 -10.40 -23.30 -10.46
N LEU C 1103 -10.51 -22.22 -11.24
CA LEU C 1103 -9.44 -21.84 -12.15
C LEU C 1103 -8.19 -21.39 -11.42
N GLY C 1104 -8.34 -20.84 -10.21
CA GLY C 1104 -7.20 -20.31 -9.49
C GLY C 1104 -6.18 -21.36 -9.08
N VAL C 1105 -6.64 -22.57 -8.80
CA VAL C 1105 -5.76 -23.58 -8.20
C VAL C 1105 -4.59 -23.98 -9.10
N PRO C 1106 -4.78 -24.31 -10.38
CA PRO C 1106 -3.66 -24.91 -11.14
C PRO C 1106 -2.45 -24.01 -11.32
N SER C 1107 -2.64 -22.74 -11.70
CA SER C 1107 -1.50 -21.89 -12.00
C SER C 1107 -0.74 -21.49 -10.75
N ARG C 1108 -1.41 -21.43 -9.60
CA ARG C 1108 -0.76 -21.05 -8.36
C ARG C 1108 -0.20 -22.23 -7.60
N MET C 1109 -0.67 -23.45 -7.89
CA MET C 1109 -0.06 -24.69 -7.40
C MET C 1109 -0.13 -24.79 -5.88
N ASN C 1110 -1.33 -24.59 -5.34
CA ASN C 1110 -1.60 -24.78 -3.91
C ASN C 1110 -2.69 -25.85 -3.74
N ILE C 1111 -2.27 -27.11 -3.67
CA ILE C 1111 -3.21 -28.24 -3.57
C ILE C 1111 -3.64 -28.51 -2.15
N GLY C 1112 -2.96 -27.90 -1.17
CA GLY C 1112 -3.31 -28.11 0.22
C GLY C 1112 -4.73 -27.72 0.54
N GLN C 1113 -5.26 -26.71 -0.16
CA GLN C 1113 -6.66 -26.33 0.05
C GLN C 1113 -7.61 -27.43 -0.41
N ILE C 1114 -7.30 -28.10 -1.52
CA ILE C 1114 -8.13 -29.22 -1.97
C ILE C 1114 -8.06 -30.38 -0.98
N LEU C 1115 -6.85 -30.70 -0.53
CA LEU C 1115 -6.71 -31.78 0.45
C LEU C 1115 -7.44 -31.47 1.74
N GLU C 1116 -7.34 -30.22 2.20
CA GLU C 1116 -8.06 -29.79 3.40
C GLU C 1116 -9.56 -29.86 3.20
N THR C 1117 -10.04 -29.51 2.00
CA THR C 1117 -11.47 -29.64 1.71
C THR C 1117 -11.93 -31.08 1.84
N HIS C 1118 -11.17 -32.00 1.26
CA HIS C 1118 -11.54 -33.42 1.35
C HIS C 1118 -11.54 -33.90 2.80
N LEU C 1119 -10.49 -33.55 3.55
CA LEU C 1119 -10.40 -34.01 4.93
C LEU C 1119 -11.50 -33.39 5.79
N GLY C 1120 -11.84 -32.13 5.54
CA GLY C 1120 -12.93 -31.50 6.26
C GLY C 1120 -14.27 -32.13 5.97
N MET C 1121 -14.51 -32.52 4.72
CA MET C 1121 -15.72 -33.26 4.40
C MET C 1121 -15.77 -34.59 5.16
N ALA C 1122 -14.64 -35.30 5.21
CA ALA C 1122 -14.61 -36.56 5.96
C ALA C 1122 -14.92 -36.34 7.44
N ALA C 1123 -14.30 -35.31 8.03
CA ALA C 1123 -14.52 -35.02 9.44
C ALA C 1123 -15.97 -34.64 9.71
N LYS C 1124 -16.55 -33.83 8.83
CA LYS C 1124 -17.95 -33.45 9.01
C LYS C 1124 -18.89 -34.64 8.84
N GLY C 1125 -18.54 -35.59 7.96
CA GLY C 1125 -19.33 -36.80 7.87
C GLY C 1125 -19.28 -37.61 9.15
N ILE C 1126 -18.09 -37.73 9.75
CA ILE C 1126 -17.97 -38.43 11.04
C ILE C 1126 -18.81 -37.72 12.10
N GLY C 1127 -18.72 -36.39 12.16
CA GLY C 1127 -19.51 -35.64 13.12
C GLY C 1127 -21.00 -35.79 12.90
N ASP C 1128 -21.43 -35.82 11.63
CA ASP C 1128 -22.85 -36.01 11.33
C ASP C 1128 -23.33 -37.38 11.76
N LYS C 1129 -22.50 -38.41 11.58
CA LYS C 1129 -22.88 -39.74 12.06
C LYS C 1129 -23.00 -39.76 13.58
N ILE C 1130 -22.06 -39.10 14.28
CA ILE C 1130 -22.14 -39.02 15.73
C ILE C 1130 -23.41 -38.30 16.16
N ASN C 1131 -23.75 -37.20 15.48
CA ASN C 1131 -24.98 -36.47 15.78
C ASN C 1131 -26.22 -37.33 15.54
N ALA C 1132 -26.22 -38.10 14.45
CA ALA C 1132 -27.33 -38.98 14.16
C ALA C 1132 -27.49 -40.04 15.25
N MET C 1133 -26.38 -40.60 15.72
CA MET C 1133 -26.45 -41.53 16.84
C MET C 1133 -27.00 -40.86 18.09
N LEU C 1134 -26.57 -39.61 18.37
CA LEU C 1134 -27.04 -38.91 19.55
C LEU C 1134 -28.54 -38.63 19.49
N LYS C 1135 -29.05 -38.24 18.32
CA LYS C 1135 -30.45 -37.86 18.21
C LYS C 1135 -31.40 -39.03 18.45
N GLN C 1136 -30.95 -40.25 18.20
CA GLN C 1136 -31.79 -41.44 18.37
C GLN C 1136 -31.75 -42.00 19.79
N GLN C 1137 -31.04 -41.33 20.71
CA GLN C 1137 -30.95 -41.76 22.11
C GLN C 1137 -30.39 -43.18 22.22
N GLN C 1138 -29.36 -43.47 21.44
CA GLN C 1138 -28.75 -44.79 21.47
C GLN C 1138 -27.97 -44.99 22.76
N GLU C 1139 -27.69 -46.26 23.06
CA GLU C 1139 -27.00 -46.60 24.30
C GLU C 1139 -25.52 -46.21 24.22
N VAL C 1140 -24.90 -46.12 25.40
CA VAL C 1140 -23.52 -45.64 25.49
C VAL C 1140 -22.54 -46.60 24.83
N ALA C 1141 -22.84 -47.91 24.85
CA ALA C 1141 -21.89 -48.89 24.32
C ALA C 1141 -21.65 -48.70 22.83
N LYS C 1142 -22.71 -48.46 22.06
CA LYS C 1142 -22.57 -48.26 20.63
C LYS C 1142 -21.77 -47.00 20.31
N LEU C 1143 -22.01 -45.92 21.07
CA LEU C 1143 -21.22 -44.71 20.90
C LEU C 1143 -19.76 -44.96 21.22
N ARG C 1144 -19.49 -45.71 22.30
CA ARG C 1144 -18.12 -46.08 22.63
C ARG C 1144 -17.46 -46.83 21.48
N GLU C 1145 -18.17 -47.82 20.93
CA GLU C 1145 -17.62 -48.61 19.84
C GLU C 1145 -17.31 -47.76 18.62
N PHE C 1146 -18.26 -46.90 18.24
CA PHE C 1146 -18.06 -46.08 17.04
C PHE C 1146 -16.92 -45.07 17.23
N ILE C 1147 -16.85 -44.44 18.42
CA ILE C 1147 -15.80 -43.46 18.67
C ILE C 1147 -14.44 -44.15 18.72
N GLN C 1148 -14.37 -45.35 19.30
CA GLN C 1148 -13.11 -46.10 19.31
C GLN C 1148 -12.70 -46.48 17.89
N ARG C 1149 -13.66 -46.88 17.05
CA ARG C 1149 -13.36 -47.16 15.66
C ARG C 1149 -12.82 -45.92 14.96
N ALA C 1150 -13.43 -44.77 15.20
CA ALA C 1150 -12.96 -43.53 14.59
C ALA C 1150 -11.56 -43.17 15.05
N TYR C 1151 -11.27 -43.33 16.34
CA TYR C 1151 -9.97 -42.98 16.87
C TYR C 1151 -8.89 -44.01 16.56
N ASP C 1152 -9.27 -45.22 16.16
CA ASP C 1152 -8.30 -46.26 15.84
C ASP C 1152 -7.90 -46.27 14.37
N LEU C 1153 -8.55 -45.49 13.53
CA LEU C 1153 -8.21 -45.46 12.12
C LEU C 1153 -6.84 -44.82 11.91
N GLY C 1154 -6.13 -45.29 10.89
CA GLY C 1154 -4.81 -44.78 10.57
C GLY C 1154 -3.79 -45.86 10.31
N ALA C 1155 -2.68 -45.51 9.67
CA ALA C 1155 -1.62 -46.44 9.32
C ALA C 1155 -0.42 -46.17 10.22
N ASP C 1156 -0.37 -46.89 11.35
CA ASP C 1156 0.74 -46.80 12.31
C ASP C 1156 0.94 -45.37 12.80
N VAL C 1157 -0.09 -44.85 13.47
CA VAL C 1157 -0.03 -43.53 14.08
C VAL C 1157 0.44 -43.67 15.52
N ARG C 1158 1.10 -42.63 16.02
CA ARG C 1158 1.65 -42.67 17.38
C ARG C 1158 0.58 -42.51 18.43
N GLN C 1159 -0.50 -41.80 18.11
CA GLN C 1159 -1.54 -41.51 19.11
C GLN C 1159 -2.32 -42.78 19.45
N LYS C 1160 -2.54 -43.01 20.73
CA LYS C 1160 -3.37 -44.10 21.22
C LYS C 1160 -4.41 -43.52 22.18
N VAL C 1161 -5.68 -43.79 21.91
CA VAL C 1161 -6.78 -43.32 22.75
C VAL C 1161 -7.57 -44.55 23.20
N ASP C 1162 -7.58 -44.79 24.50
CA ASP C 1162 -8.28 -45.93 25.09
C ASP C 1162 -9.53 -45.41 25.81
N LEU C 1163 -10.70 -45.66 25.22
CA LEU C 1163 -11.95 -45.25 25.84
C LEU C 1163 -12.37 -46.17 26.98
N SER C 1164 -11.67 -47.29 27.18
CA SER C 1164 -12.00 -48.19 28.27
C SER C 1164 -11.71 -47.59 29.65
N THR C 1165 -10.94 -46.50 29.71
CA THR C 1165 -10.65 -45.80 30.95
C THR C 1165 -11.52 -44.56 31.13
N PHE C 1166 -12.64 -44.48 30.41
CA PHE C 1166 -13.55 -43.35 30.48
C PHE C 1166 -14.85 -43.77 31.14
N SER C 1167 -15.35 -42.91 32.03
CA SER C 1167 -16.67 -43.13 32.60
C SER C 1167 -17.75 -42.81 31.57
N ASP C 1168 -18.99 -43.21 31.90
CA ASP C 1168 -20.10 -42.98 30.98
C ASP C 1168 -20.34 -41.49 30.78
N GLU C 1169 -20.25 -40.69 31.85
CA GLU C 1169 -20.47 -39.25 31.72
C GLU C 1169 -19.38 -38.60 30.88
N GLU C 1170 -18.13 -39.07 31.02
CA GLU C 1170 -17.04 -38.53 30.21
C GLU C 1170 -17.26 -38.84 28.74
N VAL C 1171 -17.71 -40.06 28.43
CA VAL C 1171 -18.00 -40.44 27.05
C VAL C 1171 -19.14 -39.60 26.50
N MET C 1172 -20.17 -39.37 27.33
CA MET C 1172 -21.29 -38.55 26.89
C MET C 1172 -20.84 -37.12 26.58
N ARG C 1173 -20.00 -36.54 27.45
CA ARG C 1173 -19.49 -35.20 27.21
C ARG C 1173 -18.65 -35.14 25.94
N LEU C 1174 -17.78 -36.13 25.74
CA LEU C 1174 -16.95 -36.16 24.54
C LEU C 1174 -17.81 -36.27 23.28
N ALA C 1175 -18.85 -37.13 23.32
CA ALA C 1175 -19.73 -37.27 22.17
C ALA C 1175 -20.50 -35.98 21.91
N GLU C 1176 -20.92 -35.29 22.97
CA GLU C 1176 -21.60 -34.01 22.80
C GLU C 1176 -20.67 -32.97 22.16
N ASN C 1177 -19.39 -32.99 22.54
CA ASN C 1177 -18.42 -32.07 21.95
C ASN C 1177 -18.01 -32.46 20.53
N LEU C 1178 -18.40 -33.64 20.06
CA LEU C 1178 -17.96 -34.14 18.75
C LEU C 1178 -19.07 -34.13 17.72
N ARG C 1179 -20.30 -33.75 18.06
CA ARG C 1179 -21.42 -33.87 17.14
C ARG C 1179 -21.40 -32.84 16.02
N LYS C 1180 -20.51 -31.85 16.07
CA LYS C 1180 -20.35 -30.89 14.99
C LYS C 1180 -19.14 -31.20 14.11
N GLY C 1181 -18.52 -32.35 14.29
CA GLY C 1181 -17.36 -32.72 13.51
C GLY C 1181 -16.17 -33.12 14.37
N MET C 1182 -15.42 -34.13 13.93
CA MET C 1182 -14.28 -34.60 14.68
C MET C 1182 -13.04 -33.81 14.30
N PRO C 1183 -12.41 -33.08 15.22
CA PRO C 1183 -11.18 -32.38 14.89
C PRO C 1183 -10.06 -33.36 14.54
N ILE C 1184 -9.23 -32.97 13.59
CA ILE C 1184 -8.12 -33.81 13.11
C ILE C 1184 -6.87 -32.95 13.02
N ALA C 1185 -5.75 -33.48 13.50
CA ALA C 1185 -4.47 -32.79 13.49
C ALA C 1185 -3.56 -33.42 12.43
N THR C 1186 -3.03 -32.60 11.55
CA THR C 1186 -2.11 -33.04 10.49
C THR C 1186 -0.87 -32.17 10.50
N PRO C 1187 0.21 -32.62 11.15
CA PRO C 1187 1.42 -31.80 11.25
C PRO C 1187 2.08 -31.59 9.90
N VAL C 1188 2.83 -30.48 9.80
CA VAL C 1188 3.54 -30.14 8.58
C VAL C 1188 4.66 -31.15 8.36
N PHE C 1189 4.80 -31.60 7.11
CA PHE C 1189 5.77 -32.59 6.65
C PHE C 1189 5.60 -33.94 7.30
N ASP C 1190 4.58 -34.13 8.14
CA ASP C 1190 4.23 -35.42 8.72
C ASP C 1190 2.73 -35.61 8.68
N GLY C 1191 2.10 -35.21 7.57
CA GLY C 1191 0.66 -35.19 7.47
C GLY C 1191 0.06 -36.52 7.07
N ALA C 1192 -1.27 -36.52 6.97
CA ALA C 1192 -2.02 -37.71 6.62
C ALA C 1192 -1.94 -37.97 5.11
N LYS C 1193 -1.81 -39.24 4.75
CA LYS C 1193 -1.73 -39.61 3.34
C LYS C 1193 -3.11 -39.63 2.70
N GLU C 1194 -3.11 -39.67 1.36
CA GLU C 1194 -4.37 -39.69 0.63
C GLU C 1194 -5.18 -40.94 0.93
N ALA C 1195 -4.50 -42.09 1.06
CA ALA C 1195 -5.20 -43.34 1.36
C ALA C 1195 -5.90 -43.27 2.71
N GLU C 1196 -5.26 -42.62 3.70
CA GLU C 1196 -5.90 -42.44 5.00
C GLU C 1196 -7.14 -41.55 4.89
N ILE C 1197 -7.07 -40.51 4.06
CA ILE C 1197 -8.23 -39.66 3.83
C ILE C 1197 -9.37 -40.45 3.21
N LYS C 1198 -9.05 -41.29 2.22
CA LYS C 1198 -10.09 -42.10 1.59
C LYS C 1198 -10.65 -43.12 2.57
N GLU C 1199 -9.81 -43.68 3.45
CA GLU C 1199 -10.30 -44.60 4.47
C GLU C 1199 -11.27 -43.90 5.43
N LEU C 1200 -10.92 -42.69 5.87
CA LEU C 1200 -11.82 -41.95 6.74
C LEU C 1200 -13.11 -41.56 6.02
N LEU C 1201 -13.03 -41.28 4.71
CA LEU C 1201 -14.23 -41.04 3.93
C LEU C 1201 -15.11 -42.29 3.87
N LYS C 1202 -14.49 -43.46 3.72
CA LYS C 1202 -15.24 -44.72 3.74
C LYS C 1202 -15.92 -44.92 5.08
N LEU C 1203 -15.22 -44.59 6.17
CA LEU C 1203 -15.82 -44.72 7.50
C LEU C 1203 -17.05 -43.85 7.65
N GLY C 1204 -17.10 -42.71 6.95
CA GLY C 1204 -18.19 -41.77 7.05
C GLY C 1204 -19.31 -41.95 6.04
N ASP C 1205 -19.33 -43.05 5.29
CA ASP C 1205 -20.35 -43.31 4.28
C ASP C 1205 -20.42 -42.18 3.25
N LEU C 1206 -19.25 -41.78 2.78
CA LEU C 1206 -19.11 -40.69 1.81
C LEU C 1206 -18.33 -41.18 0.60
N PRO C 1207 -18.54 -40.58 -0.56
CA PRO C 1207 -17.79 -40.99 -1.76
C PRO C 1207 -16.29 -40.80 -1.56
N THR C 1208 -15.52 -41.75 -2.10
CA THR C 1208 -14.07 -41.72 -1.94
C THR C 1208 -13.38 -40.75 -2.88
N SER C 1209 -14.09 -40.22 -3.88
CA SER C 1209 -13.49 -39.26 -4.81
C SER C 1209 -13.64 -37.82 -4.34
N GLY C 1210 -14.50 -37.55 -3.37
CA GLY C 1210 -14.70 -36.20 -2.88
C GLY C 1210 -15.57 -35.32 -3.76
N GLN C 1211 -16.20 -35.90 -4.79
CA GLN C 1211 -17.05 -35.14 -5.70
C GLN C 1211 -18.45 -35.73 -5.71
N ILE C 1212 -19.45 -34.85 -5.73
CA ILE C 1212 -20.85 -35.24 -5.73
C ILE C 1212 -21.58 -34.48 -6.83
N ARG C 1213 -22.82 -34.88 -7.09
CA ARG C 1213 -23.66 -34.22 -8.07
C ARG C 1213 -24.43 -33.07 -7.41
N LEU C 1214 -24.52 -31.96 -8.13
CA LEU C 1214 -25.20 -30.77 -7.65
C LEU C 1214 -26.27 -30.34 -8.65
N TYR C 1215 -27.22 -29.55 -8.16
CA TYR C 1215 -28.33 -29.06 -8.96
C TYR C 1215 -28.37 -27.53 -8.90
N ASP C 1216 -28.76 -26.92 -10.02
CA ASP C 1216 -28.88 -25.47 -10.07
C ASP C 1216 -30.14 -25.04 -9.33
N GLY C 1217 -29.97 -24.18 -8.32
CA GLY C 1217 -31.12 -23.77 -7.53
C GLY C 1217 -32.15 -22.97 -8.31
N ARG C 1218 -31.70 -22.21 -9.30
CA ARG C 1218 -32.61 -21.34 -10.05
C ARG C 1218 -33.49 -22.11 -11.02
N THR C 1219 -33.03 -23.26 -11.52
CA THR C 1219 -33.77 -24.03 -12.50
C THR C 1219 -34.03 -25.48 -12.11
N GLY C 1220 -33.27 -26.04 -11.17
CA GLY C 1220 -33.40 -27.43 -10.80
C GLY C 1220 -32.66 -28.39 -11.70
N GLU C 1221 -31.99 -27.91 -12.74
CA GLU C 1221 -31.25 -28.78 -13.64
C GLU C 1221 -29.95 -29.25 -13.01
N GLN C 1222 -29.54 -30.46 -13.36
CA GLN C 1222 -28.31 -31.03 -12.84
C GLN C 1222 -27.11 -30.50 -13.60
N PHE C 1223 -26.05 -30.16 -12.86
CA PHE C 1223 -24.79 -29.79 -13.49
C PHE C 1223 -24.17 -31.02 -14.15
N GLU C 1224 -23.52 -30.80 -15.30
CA GLU C 1224 -23.13 -31.90 -16.16
C GLU C 1224 -21.96 -32.71 -15.60
N ARG C 1225 -21.14 -32.13 -14.73
CA ARG C 1225 -19.99 -32.84 -14.19
C ARG C 1225 -20.00 -32.79 -12.67
N PRO C 1226 -19.42 -33.79 -12.01
CA PRO C 1226 -19.35 -33.75 -10.54
C PRO C 1226 -18.50 -32.59 -10.06
N VAL C 1227 -18.86 -32.06 -8.90
CA VAL C 1227 -18.24 -30.88 -8.32
C VAL C 1227 -17.64 -31.24 -6.97
N THR C 1228 -16.41 -30.78 -6.73
CA THR C 1228 -15.76 -31.00 -5.45
C THR C 1228 -16.44 -30.13 -4.38
N VAL C 1229 -16.96 -30.78 -3.34
CA VAL C 1229 -17.67 -30.11 -2.27
C VAL C 1229 -17.08 -30.56 -0.94
N GLY C 1230 -16.87 -29.62 -0.04
CA GLY C 1230 -16.32 -29.95 1.26
C GLY C 1230 -16.30 -28.76 2.19
N TYR C 1231 -15.45 -28.86 3.20
CA TYR C 1231 -15.36 -27.86 4.26
C TYR C 1231 -13.95 -27.31 4.33
N MET C 1232 -13.82 -25.98 4.33
CA MET C 1232 -12.53 -25.31 4.45
C MET C 1232 -12.65 -24.18 5.46
N TYR C 1233 -11.53 -23.91 6.14
CA TYR C 1233 -11.48 -22.89 7.18
C TYR C 1233 -11.25 -21.53 6.54
N MET C 1234 -12.15 -20.59 6.78
CA MET C 1234 -12.11 -19.27 6.15
C MET C 1234 -11.85 -18.19 7.20
N LEU C 1235 -11.20 -17.11 6.75
CA LEU C 1235 -10.82 -16.02 7.63
C LEU C 1235 -11.36 -14.70 7.10
N LYS C 1236 -11.71 -13.81 8.02
CA LYS C 1236 -12.12 -12.44 7.70
C LYS C 1236 -10.99 -11.50 8.08
N LEU C 1237 -10.41 -10.82 7.09
CA LEU C 1237 -9.23 -10.00 7.30
C LEU C 1237 -9.63 -8.57 7.67
N ASN C 1238 -8.66 -7.84 8.23
CA ASN C 1238 -8.90 -6.48 8.68
C ASN C 1238 -8.77 -5.47 7.54
N HIS C 1239 -9.48 -5.73 6.44
CA HIS C 1239 -9.61 -4.78 5.34
C HIS C 1239 -11.11 -4.68 5.02
N LEU C 1240 -11.80 -3.80 5.73
CA LEU C 1240 -13.25 -3.65 5.60
C LEU C 1240 -13.57 -2.47 4.69
N VAL C 1241 -14.53 -2.67 3.80
CA VAL C 1241 -14.95 -1.60 2.90
C VAL C 1241 -15.57 -0.44 3.68
N ASP C 1242 -16.02 -0.68 4.90
CA ASP C 1242 -16.54 0.40 5.74
C ASP C 1242 -15.46 1.43 6.04
N ASP C 1243 -14.21 1.00 6.17
CA ASP C 1243 -13.10 1.87 6.49
C ASP C 1243 -12.34 2.36 5.26
N LYS C 1244 -12.74 1.92 4.07
CA LYS C 1244 -12.00 2.27 2.85
C LYS C 1244 -12.77 3.15 1.88
N MET C 1245 -14.10 3.20 1.96
CA MET C 1245 -14.89 4.04 1.08
C MET C 1245 -14.82 5.49 1.54
N HIS C 1246 -14.54 6.40 0.63
CA HIS C 1246 -14.41 7.81 0.95
C HIS C 1246 -14.70 8.64 -0.28
N ALA C 1247 -15.37 9.78 -0.08
CA ALA C 1247 -15.67 10.71 -1.16
C ALA C 1247 -15.62 12.13 -0.60
N ARG C 1248 -15.32 13.08 -1.48
CA ARG C 1248 -15.20 14.48 -1.09
C ARG C 1248 -15.71 15.37 -2.21
N SER C 1249 -16.57 16.33 -1.87
CA SER C 1249 -17.00 17.37 -2.80
C SER C 1249 -16.16 18.65 -2.64
N THR C 1250 -16.15 19.22 -1.44
CA THR C 1250 -15.36 20.39 -1.14
C THR C 1250 -15.17 20.47 0.37
N GLY C 1251 -13.97 20.87 0.79
CA GLY C 1251 -13.65 20.98 2.21
C GLY C 1251 -12.67 22.09 2.47
N SER C 1252 -11.69 21.82 3.34
CA SER C 1252 -10.68 22.79 3.68
C SER C 1252 -9.42 22.56 2.84
N TYR C 1253 -8.44 23.43 3.00
CA TYR C 1253 -7.24 23.41 2.18
C TYR C 1253 -6.02 23.69 3.05
N SER C 1254 -4.85 23.39 2.49
CA SER C 1254 -3.60 23.54 3.22
C SER C 1254 -3.24 25.02 3.40
N LEU C 1255 -2.37 25.27 4.37
CA LEU C 1255 -2.00 26.64 4.71
C LEU C 1255 -1.15 27.29 3.63
N VAL C 1256 -0.14 26.59 3.14
CA VAL C 1256 0.84 27.19 2.24
C VAL C 1256 0.45 26.98 0.79
N THR C 1257 0.30 25.72 0.38
CA THR C 1257 0.02 25.41 -1.01
C THR C 1257 -1.42 25.70 -1.42
N GLN C 1258 -2.32 25.83 -0.44
CA GLN C 1258 -3.74 26.08 -0.69
C GLN C 1258 -4.34 24.95 -1.53
N GLN C 1259 -3.89 23.72 -1.29
CA GLN C 1259 -4.36 22.53 -1.97
C GLN C 1259 -5.04 21.59 -0.98
N PRO C 1260 -5.98 20.77 -1.43
CA PRO C 1260 -6.64 19.83 -0.51
C PRO C 1260 -5.65 18.87 0.12
N LEU C 1261 -5.93 18.51 1.37
CA LEU C 1261 -5.09 17.59 2.11
C LEU C 1261 -5.35 16.15 1.67
N GLY C 1262 -4.68 15.21 2.31
CA GLY C 1262 -4.86 13.80 1.99
C GLY C 1262 -5.32 12.97 3.17
N GLY C 1263 -5.90 11.82 2.88
CA GLY C 1263 -6.37 10.92 3.93
C GLY C 1263 -7.87 11.00 4.18
N LYS C 1264 -8.48 9.85 4.46
CA LYS C 1264 -9.90 9.81 4.77
C LYS C 1264 -10.20 10.54 6.07
N ALA C 1265 -9.32 10.39 7.06
CA ALA C 1265 -9.56 11.01 8.37
C ALA C 1265 -9.57 12.52 8.29
N GLN C 1266 -8.91 13.11 7.29
CA GLN C 1266 -8.88 14.54 7.10
C GLN C 1266 -9.86 15.01 6.03
N PHE C 1267 -10.73 14.13 5.54
CA PHE C 1267 -11.66 14.44 4.46
C PHE C 1267 -10.92 15.00 3.24
N GLY C 1268 -9.77 14.41 2.94
CA GLY C 1268 -8.94 14.87 1.85
C GLY C 1268 -9.40 14.35 0.50
N GLY C 1269 -8.73 14.84 -0.54
CA GLY C 1269 -9.02 14.45 -1.90
C GLY C 1269 -7.99 13.48 -2.46
N GLN C 1270 -8.30 12.95 -3.64
CA GLN C 1270 -7.41 12.01 -4.31
C GLN C 1270 -6.30 12.76 -5.04
N ARG C 1271 -5.14 12.13 -5.12
CA ARG C 1271 -3.98 12.73 -5.78
C ARG C 1271 -4.03 12.44 -7.27
N PHE C 1272 -3.92 13.49 -8.08
CA PHE C 1272 -3.81 13.38 -9.54
C PHE C 1272 -2.34 13.58 -9.88
N GLY C 1273 -1.57 12.49 -9.86
CA GLY C 1273 -0.14 12.56 -9.98
C GLY C 1273 0.33 12.81 -11.41
N GLU C 1274 1.65 12.72 -11.59
CA GLU C 1274 2.26 13.02 -12.88
C GLU C 1274 1.87 12.00 -13.94
N MET C 1275 1.73 10.72 -13.56
CA MET C 1275 1.38 9.68 -14.54
C MET C 1275 -0.01 9.91 -15.11
N GLU C 1276 -0.96 10.33 -14.26
CA GLU C 1276 -2.30 10.65 -14.76
C GLU C 1276 -2.26 11.85 -15.70
N VAL C 1277 -1.41 12.84 -15.40
CA VAL C 1277 -1.23 13.97 -16.32
C VAL C 1277 -0.68 13.49 -17.66
N TRP C 1278 0.29 12.56 -17.62
CA TRP C 1278 0.82 11.99 -18.86
C TRP C 1278 -0.27 11.27 -19.64
N ALA C 1279 -1.12 10.51 -18.95
CA ALA C 1279 -2.20 9.82 -19.63
C ALA C 1279 -3.18 10.79 -20.27
N LEU C 1280 -3.54 11.87 -19.55
CA LEU C 1280 -4.43 12.88 -20.11
C LEU C 1280 -3.80 13.56 -21.32
N GLU C 1281 -2.51 13.85 -21.26
CA GLU C 1281 -1.82 14.43 -22.40
C GLU C 1281 -1.81 13.47 -23.59
N ALA C 1282 -1.64 12.17 -23.31
CA ALA C 1282 -1.69 11.18 -24.39
C ALA C 1282 -3.07 11.14 -25.03
N TYR C 1283 -4.13 11.21 -24.22
CA TYR C 1283 -5.48 11.29 -24.78
C TYR C 1283 -5.68 12.57 -25.58
N GLY C 1284 -5.14 13.68 -25.09
CA GLY C 1284 -5.36 14.97 -25.72
C GLY C 1284 -6.48 15.78 -25.15
N ALA C 1285 -6.99 15.42 -23.97
CA ALA C 1285 -8.08 16.15 -23.32
C ALA C 1285 -7.48 17.32 -22.55
N ALA C 1286 -7.28 18.43 -23.26
CA ALA C 1286 -6.65 19.60 -22.64
C ALA C 1286 -7.58 20.25 -21.62
N TYR C 1287 -8.87 20.33 -21.94
CA TYR C 1287 -9.81 21.00 -21.03
C TYR C 1287 -9.95 20.24 -19.72
N THR C 1288 -9.99 18.91 -19.79
CA THR C 1288 -10.05 18.10 -18.56
C THR C 1288 -8.80 18.31 -17.72
N LEU C 1289 -7.63 18.36 -18.36
CA LEU C 1289 -6.39 18.60 -17.63
C LEU C 1289 -6.41 19.98 -16.96
N GLN C 1290 -6.82 21.01 -17.70
CA GLN C 1290 -6.88 22.35 -17.12
C GLN C 1290 -7.88 22.42 -15.98
N GLU C 1291 -8.99 21.70 -16.11
CA GLU C 1291 -9.97 21.62 -15.02
C GLU C 1291 -9.37 20.97 -13.78
N MET C 1292 -8.60 19.90 -13.98
CA MET C 1292 -7.96 19.23 -12.85
C MET C 1292 -6.86 20.08 -12.24
N LEU C 1293 -6.25 20.98 -13.01
CA LEU C 1293 -5.08 21.71 -12.54
C LEU C 1293 -5.42 23.01 -11.82
N THR C 1294 -6.49 23.70 -12.20
CA THR C 1294 -6.75 25.03 -11.64
C THR C 1294 -8.00 25.08 -10.77
N VAL C 1295 -9.17 24.76 -11.32
CA VAL C 1295 -10.41 25.03 -10.59
C VAL C 1295 -10.73 23.99 -9.54
N LYS C 1296 -10.05 22.85 -9.56
CA LYS C 1296 -10.31 21.80 -8.58
C LYS C 1296 -9.29 21.77 -7.44
N SER C 1297 -8.11 22.35 -7.62
CA SER C 1297 -7.06 22.20 -6.61
C SER C 1297 -6.66 23.51 -5.94
N ASP C 1298 -6.17 24.51 -6.69
CA ASP C 1298 -5.56 25.65 -6.00
C ASP C 1298 -5.79 26.99 -6.69
N ASP C 1299 -6.87 27.14 -7.45
CA ASP C 1299 -7.25 28.45 -7.99
C ASP C 1299 -8.30 29.01 -7.03
N VAL C 1300 -7.86 29.96 -6.19
CA VAL C 1300 -8.69 30.40 -5.06
C VAL C 1300 -9.99 31.03 -5.54
N ASN C 1301 -9.89 31.95 -6.51
CA ASN C 1301 -11.10 32.56 -7.05
C ASN C 1301 -11.82 31.64 -8.03
N GLY C 1302 -11.05 30.84 -8.78
CA GLY C 1302 -11.66 29.98 -9.78
C GLY C 1302 -12.58 28.94 -9.19
N ARG C 1303 -12.19 28.33 -8.07
CA ARG C 1303 -13.03 27.29 -7.47
C ARG C 1303 -14.30 27.88 -6.87
N THR C 1304 -14.20 29.07 -6.25
CA THR C 1304 -15.40 29.73 -5.73
C THR C 1304 -16.36 30.08 -6.85
N LYS C 1305 -15.83 30.65 -7.94
CA LYS C 1305 -16.68 30.98 -9.08
C LYS C 1305 -17.28 29.74 -9.71
N MET C 1306 -16.51 28.64 -9.76
CA MET C 1306 -17.03 27.38 -10.28
C MET C 1306 -18.16 26.86 -9.42
N TYR C 1307 -18.01 26.92 -8.10
CA TYR C 1307 -19.08 26.48 -7.21
C TYR C 1307 -20.34 27.30 -7.41
N LYS C 1308 -20.18 28.64 -7.48
CA LYS C 1308 -21.34 29.50 -7.67
C LYS C 1308 -22.02 29.23 -9.01
N ASN C 1309 -21.22 29.02 -10.06
CA ASN C 1309 -21.77 28.73 -11.38
C ASN C 1309 -22.50 27.39 -11.41
N ILE C 1310 -21.95 26.38 -10.73
CA ILE C 1310 -22.58 25.06 -10.72
C ILE C 1310 -23.89 25.12 -9.94
N VAL C 1311 -23.94 25.89 -8.85
CA VAL C 1311 -25.18 26.03 -8.10
C VAL C 1311 -26.25 26.69 -8.96
N ASP C 1312 -25.86 27.55 -9.89
CA ASP C 1312 -26.80 28.26 -10.74
C ASP C 1312 -27.04 27.55 -12.08
N GLY C 1313 -26.52 26.34 -12.24
CA GLY C 1313 -26.76 25.59 -13.46
C GLY C 1313 -26.03 26.08 -14.68
N ASN C 1314 -24.89 26.75 -14.50
CA ASN C 1314 -24.06 27.25 -15.61
C ASN C 1314 -22.70 26.57 -15.50
N HIS C 1315 -22.49 25.52 -16.28
CA HIS C 1315 -21.25 24.75 -16.25
C HIS C 1315 -20.20 25.45 -17.11
N GLN C 1316 -19.73 26.60 -16.61
CA GLN C 1316 -18.73 27.41 -17.28
C GLN C 1316 -17.58 27.70 -16.32
N MET C 1317 -16.38 27.79 -16.88
CA MET C 1317 -15.16 27.91 -16.11
C MET C 1317 -14.37 29.15 -16.51
N GLU C 1318 -13.80 29.83 -15.52
CA GLU C 1318 -12.88 30.94 -15.72
C GLU C 1318 -11.62 30.66 -14.92
N PRO C 1319 -10.63 29.98 -15.52
CA PRO C 1319 -9.44 29.59 -14.75
C PRO C 1319 -8.46 30.75 -14.59
N GLY C 1320 -7.63 30.63 -13.55
CA GLY C 1320 -6.61 31.60 -13.23
C GLY C 1320 -5.25 30.94 -13.10
N MET C 1321 -4.41 31.54 -12.24
CA MET C 1321 -3.07 31.04 -11.99
C MET C 1321 -3.00 30.31 -10.66
N PRO C 1322 -2.40 29.13 -10.61
CA PRO C 1322 -2.30 28.41 -9.33
C PRO C 1322 -1.44 29.16 -8.32
N GLU C 1323 -1.79 28.99 -7.04
CA GLU C 1323 -1.06 29.66 -5.98
C GLU C 1323 0.35 29.10 -5.81
N SER C 1324 0.55 27.81 -6.11
CA SER C 1324 1.86 27.19 -5.93
C SER C 1324 2.91 27.82 -6.83
N PHE C 1325 2.51 28.26 -8.03
CA PHE C 1325 3.46 28.95 -8.91
C PHE C 1325 3.91 30.27 -8.29
N ASN C 1326 2.97 31.00 -7.67
CA ASN C 1326 3.34 32.23 -6.96
C ASN C 1326 4.26 31.94 -5.78
N VAL C 1327 4.00 30.84 -5.06
CA VAL C 1327 4.88 30.45 -3.97
C VAL C 1327 6.28 30.15 -4.48
N LEU C 1328 6.37 29.42 -5.61
CA LEU C 1328 7.66 29.13 -6.20
C LEU C 1328 8.39 30.40 -6.62
N LEU C 1329 7.67 31.35 -7.22
CA LEU C 1329 8.28 32.61 -7.61
C LEU C 1329 8.79 33.37 -6.39
N LYS C 1330 8.00 33.41 -5.32
CA LYS C 1330 8.43 34.09 -4.10
C LYS C 1330 9.67 33.43 -3.52
N GLU C 1331 9.72 32.10 -3.49
CA GLU C 1331 10.89 31.40 -2.96
C GLU C 1331 12.12 31.67 -3.82
N ILE C 1332 11.97 31.64 -5.14
CA ILE C 1332 13.12 31.87 -6.01
C ILE C 1332 13.62 33.31 -5.87
N ARG C 1333 12.70 34.26 -5.73
CA ARG C 1333 13.11 35.64 -5.47
C ARG C 1333 13.82 35.75 -4.12
N SER C 1334 13.35 35.02 -3.12
CA SER C 1334 14.02 35.01 -1.82
C SER C 1334 15.41 34.41 -1.92
N LEU C 1335 15.64 33.54 -2.90
CA LEU C 1335 17.00 33.05 -3.14
C LEU C 1335 17.89 34.10 -3.80
N GLY C 1336 17.46 35.35 -3.95
CA GLY C 1336 18.28 36.38 -4.54
C GLY C 1336 18.34 36.38 -6.04
N ILE C 1337 17.35 35.79 -6.71
CA ILE C 1337 17.32 35.69 -8.17
C ILE C 1337 16.06 36.39 -8.67
N ASN C 1338 16.22 37.27 -9.65
CA ASN C 1338 15.11 38.05 -10.19
C ASN C 1338 14.42 37.24 -11.29
N ILE C 1339 13.21 36.77 -10.98
CA ILE C 1339 12.38 36.05 -11.94
C ILE C 1339 11.03 36.75 -12.00
N GLU C 1340 10.52 36.96 -13.22
CA GLU C 1340 9.27 37.68 -13.39
C GLU C 1340 8.59 37.23 -14.68
N LEU C 1341 7.29 37.48 -14.75
CA LEU C 1341 6.51 37.20 -15.95
C LEU C 1341 6.57 38.43 -16.85
N GLU C 1342 7.02 38.24 -18.09
CA GLU C 1342 7.16 39.33 -19.04
C GLU C 1342 5.87 39.47 -19.85
N ASP C 1343 5.25 40.64 -19.77
CA ASP C 1343 4.02 40.90 -20.52
C ASP C 1343 4.38 41.13 -21.99
N GLU C 1344 3.90 40.24 -22.86
CA GLU C 1344 4.16 40.32 -24.30
C GLU C 1344 5.66 40.30 -24.62
N GLU D 17 -1.80 39.85 -16.45
CA GLU D 17 -2.30 38.51 -16.19
C GLU D 17 -2.30 37.67 -17.46
N GLU D 18 -1.75 38.24 -18.53
CA GLU D 18 -1.68 37.59 -19.84
C GLU D 18 -0.24 37.60 -20.33
N PHE D 19 0.67 37.16 -19.46
CA PHE D 19 2.09 37.13 -19.79
C PHE D 19 2.35 36.22 -20.99
N ASP D 20 3.49 36.46 -21.65
CA ASP D 20 3.90 35.70 -22.81
C ASP D 20 5.15 34.87 -22.60
N ALA D 21 5.99 35.23 -21.62
CA ALA D 21 7.24 34.51 -21.37
C ALA D 21 7.65 34.74 -19.93
N ILE D 22 8.68 33.99 -19.52
CA ILE D 22 9.25 34.08 -18.18
C ILE D 22 10.73 34.39 -18.32
N LYS D 23 11.20 35.40 -17.60
CA LYS D 23 12.57 35.85 -17.67
C LYS D 23 13.26 35.69 -16.32
N ILE D 24 14.55 35.38 -16.36
CA ILE D 24 15.35 35.17 -15.15
C ILE D 24 16.69 35.87 -15.34
N ALA D 25 17.15 36.53 -14.28
CA ALA D 25 18.41 37.26 -14.32
C ALA D 25 18.88 37.52 -12.89
N LEU D 26 20.04 38.16 -12.77
CA LEU D 26 20.58 38.51 -11.47
C LEU D 26 19.81 39.68 -10.86
N ALA D 27 19.89 39.78 -9.54
CA ALA D 27 19.19 40.80 -8.78
C ALA D 27 20.19 41.78 -8.18
N SER D 28 20.01 43.06 -8.48
CA SER D 28 20.83 44.10 -7.91
C SER D 28 20.29 44.49 -6.54
N PRO D 29 21.12 45.13 -5.70
CA PRO D 29 20.62 45.62 -4.40
C PRO D 29 19.46 46.59 -4.54
N ASP D 30 19.46 47.42 -5.58
CA ASP D 30 18.35 48.36 -5.79
C ASP D 30 17.06 47.61 -6.06
N MET D 31 17.11 46.55 -6.87
CA MET D 31 15.92 45.74 -7.13
C MET D 31 15.41 45.08 -5.87
N ILE D 32 16.33 44.54 -5.05
CA ILE D 32 15.92 43.90 -3.80
C ILE D 32 15.27 44.90 -2.86
N ARG D 33 15.83 46.11 -2.78
CA ARG D 33 15.23 47.15 -1.95
C ARG D 33 13.87 47.57 -2.48
N SER D 34 13.73 47.64 -3.80
CA SER D 34 12.43 47.99 -4.40
C SER D 34 11.39 46.91 -4.15
N TRP D 35 11.81 45.65 -4.03
CA TRP D 35 10.87 44.57 -3.72
C TRP D 35 10.26 44.75 -2.33
N SER D 36 11.09 45.12 -1.35
CA SER D 36 10.68 45.05 0.04
C SER D 36 9.70 46.17 0.40
N PHE D 37 8.91 45.90 1.44
CA PHE D 37 8.02 46.88 2.04
C PHE D 37 8.55 47.42 3.36
N GLY D 38 9.76 47.07 3.73
CA GLY D 38 10.33 47.49 4.99
C GLY D 38 11.52 46.65 5.37
N GLU D 39 12.19 47.08 6.44
CA GLU D 39 13.41 46.44 6.92
C GLU D 39 13.13 45.69 8.21
N VAL D 40 13.58 44.45 8.29
CA VAL D 40 13.48 43.66 9.51
C VAL D 40 14.74 43.91 10.35
N LYS D 41 14.53 44.37 11.58
CA LYS D 41 15.64 44.80 12.42
C LYS D 41 15.79 44.02 13.72
N LYS D 42 14.78 43.25 14.13
CA LYS D 42 14.86 42.54 15.40
C LYS D 42 14.60 41.05 15.20
N PRO D 43 15.30 40.18 15.96
CA PRO D 43 15.10 38.74 15.86
C PRO D 43 14.00 38.22 16.79
N GLU D 44 12.81 38.79 16.68
CA GLU D 44 11.66 38.42 17.49
C GLU D 44 10.50 38.06 16.56
N THR D 45 9.67 37.12 17.02
CA THR D 45 8.58 36.61 16.19
C THR D 45 7.21 36.98 16.73
N ILE D 46 6.89 36.60 17.97
CA ILE D 46 5.57 36.83 18.56
C ILE D 46 5.73 36.87 20.07
N ASN D 47 4.74 37.46 20.74
CA ASN D 47 4.68 37.43 22.19
C ASN D 47 4.08 36.12 22.67
N TYR D 48 4.65 35.57 23.75
CA TYR D 48 4.17 34.28 24.26
C TYR D 48 2.80 34.40 24.90
N ARG D 49 2.52 35.48 25.64
CA ARG D 49 1.25 35.60 26.33
C ARG D 49 0.11 35.84 25.35
N THR D 50 0.17 36.94 24.61
CA THR D 50 -0.76 37.21 23.52
C THR D 50 -0.07 36.94 22.20
N PHE D 51 -0.71 36.16 21.34
CA PHE D 51 -0.09 35.71 20.09
C PHE D 51 -0.11 36.83 19.04
N LYS D 52 0.49 37.97 19.41
CA LYS D 52 0.60 39.16 18.61
C LYS D 52 2.01 39.30 18.04
N PRO D 53 2.14 39.84 16.83
CA PRO D 53 3.47 39.99 16.23
C PRO D 53 4.27 41.09 16.92
N GLU D 54 5.56 40.81 17.13
CA GLU D 54 6.46 41.81 17.68
C GLU D 54 6.78 42.88 16.66
N ARG D 55 7.05 44.09 17.15
CA ARG D 55 7.35 45.22 16.28
C ARG D 55 8.74 45.06 15.66
N ASP D 56 8.82 45.32 14.35
CA ASP D 56 10.08 45.28 13.61
C ASP D 56 10.72 43.90 13.63
N GLY D 57 9.91 42.86 13.80
CA GLY D 57 10.38 41.49 13.83
C GLY D 57 10.18 40.78 12.51
N LEU D 58 10.26 39.44 12.57
CA LEU D 58 10.07 38.62 11.39
C LEU D 58 8.60 38.45 11.02
N PHE D 59 7.67 38.86 11.88
CA PHE D 59 6.24 38.76 11.61
C PHE D 59 5.54 40.10 11.77
N CYS D 60 6.29 41.20 11.75
CA CYS D 60 5.73 42.51 12.07
C CYS D 60 4.58 42.87 11.14
N ALA D 61 3.47 43.31 11.72
CA ALA D 61 2.30 43.66 10.92
C ALA D 61 2.48 44.97 10.18
N ARG D 62 3.33 45.86 10.70
CA ARG D 62 3.60 47.12 10.01
C ARG D 62 4.27 46.87 8.66
N ILE D 63 5.14 45.86 8.60
CA ILE D 63 5.87 45.59 7.37
C ILE D 63 5.06 44.70 6.43
N PHE D 64 4.57 43.57 6.94
CA PHE D 64 4.00 42.54 6.09
C PHE D 64 2.49 42.66 5.91
N GLY D 65 1.78 43.26 6.86
CA GLY D 65 0.36 43.46 6.71
C GLY D 65 -0.45 43.03 7.93
N PRO D 66 -1.74 43.37 7.93
CA PRO D 66 -2.59 43.04 9.08
C PRO D 66 -2.83 41.55 9.21
N VAL D 67 -3.07 41.12 10.45
CA VAL D 67 -3.34 39.71 10.72
C VAL D 67 -4.81 39.34 10.50
N LYS D 68 -5.70 40.33 10.49
CA LYS D 68 -7.13 40.10 10.33
C LYS D 68 -7.67 40.95 9.20
N ASP D 69 -8.78 40.49 8.61
CA ASP D 69 -9.36 41.17 7.47
C ASP D 69 -9.90 42.54 7.87
N TYR D 70 -9.37 43.58 7.23
CA TYR D 70 -9.83 44.96 7.42
C TYR D 70 -9.78 45.37 8.89
N GLU D 71 -8.62 45.18 9.51
CA GLU D 71 -8.40 45.58 10.90
C GLU D 71 -6.97 46.05 11.05
N CYS D 72 -6.74 46.85 12.09
CA CYS D 72 -5.41 47.26 12.50
C CYS D 72 -5.02 46.52 13.78
N LEU D 73 -3.75 46.64 14.14
CA LEU D 73 -3.21 45.83 15.24
C LEU D 73 -3.83 46.21 16.58
N CYS D 74 -3.89 47.50 16.88
CA CYS D 74 -4.42 47.93 18.18
C CYS D 74 -5.94 47.77 18.24
N GLY D 75 -6.64 48.13 17.16
CA GLY D 75 -8.07 47.92 17.10
C GLY D 75 -8.90 49.18 16.93
N LYS D 76 -8.26 50.29 16.57
CA LYS D 76 -8.99 51.54 16.37
C LYS D 76 -9.96 51.41 15.20
N TYR D 77 -9.47 50.93 14.06
CA TYR D 77 -10.29 50.77 12.86
C TYR D 77 -10.63 49.30 12.67
N LYS D 78 -11.93 49.01 12.52
CA LYS D 78 -12.39 47.63 12.45
C LYS D 78 -13.48 47.44 11.40
N ARG D 79 -13.45 48.23 10.33
CA ARG D 79 -14.51 48.16 9.33
C ARG D 79 -13.95 48.41 7.94
N LEU D 80 -14.72 47.97 6.93
CA LEU D 80 -14.32 48.12 5.54
C LEU D 80 -14.31 49.58 5.09
N LYS D 81 -15.06 50.45 5.77
CA LYS D 81 -15.10 51.85 5.39
C LYS D 81 -13.72 52.50 5.45
N HIS D 82 -12.85 51.99 6.32
CA HIS D 82 -11.48 52.49 6.44
C HIS D 82 -10.54 51.67 5.54
N ARG D 83 -10.83 51.72 4.24
CA ARG D 83 -10.17 50.83 3.28
C ARG D 83 -8.69 51.15 3.13
N GLY D 84 -8.29 52.41 3.26
CA GLY D 84 -6.92 52.78 2.96
C GLY D 84 -6.18 53.56 4.04
N VAL D 85 -6.78 53.66 5.23
CA VAL D 85 -6.16 54.43 6.29
C VAL D 85 -5.00 53.64 6.90
N ILE D 86 -3.94 54.35 7.27
CA ILE D 86 -2.84 53.80 8.03
C ILE D 86 -2.99 54.31 9.46
N CYS D 87 -3.21 53.39 10.40
CA CYS D 87 -3.52 53.78 11.77
C CYS D 87 -2.39 54.62 12.37
N GLU D 88 -2.77 55.69 13.07
CA GLU D 88 -1.77 56.58 13.64
C GLU D 88 -1.01 55.94 14.79
N LYS D 89 -1.65 55.05 15.55
CA LYS D 89 -1.00 54.42 16.69
C LYS D 89 -0.12 53.26 16.27
N CYS D 90 -0.72 52.24 15.67
CA CYS D 90 0.01 51.02 15.33
C CYS D 90 0.71 51.09 13.98
N GLY D 91 0.27 51.94 13.07
CA GLY D 91 0.91 52.03 11.77
C GLY D 91 0.58 50.90 10.82
N VAL D 92 -0.47 50.14 11.09
CA VAL D 92 -0.84 48.98 10.29
C VAL D 92 -1.92 49.39 9.30
N GLU D 93 -1.70 49.05 8.03
CA GLU D 93 -2.71 49.31 7.01
C GLU D 93 -3.94 48.44 7.24
N VAL D 94 -5.09 48.94 6.82
CA VAL D 94 -6.36 48.25 7.02
C VAL D 94 -6.74 47.68 5.66
N THR D 95 -6.30 46.44 5.41
CA THR D 95 -6.54 45.76 4.13
C THR D 95 -6.87 44.30 4.42
N GLN D 96 -6.88 43.48 3.38
CA GLN D 96 -7.13 42.06 3.54
C GLN D 96 -5.89 41.37 4.11
N THR D 97 -6.13 40.30 4.86
CA THR D 97 -5.04 39.56 5.49
C THR D 97 -4.25 38.70 4.50
N LYS D 98 -4.74 38.52 3.27
CA LYS D 98 -4.04 37.71 2.29
C LYS D 98 -2.79 38.40 1.74
N VAL D 99 -2.59 39.69 2.03
CA VAL D 99 -1.41 40.38 1.54
C VAL D 99 -0.14 39.88 2.20
N ARG D 100 -0.25 39.18 3.34
CA ARG D 100 0.92 38.64 4.01
C ARG D 100 1.56 37.50 3.24
N ARG D 101 0.91 36.98 2.20
CA ARG D 101 1.50 35.99 1.32
C ARG D 101 2.30 36.59 0.19
N GLU D 102 2.26 37.92 0.02
CA GLU D 102 2.86 38.58 -1.13
C GLU D 102 3.90 39.63 -0.78
N ARG D 103 3.95 40.11 0.46
CA ARG D 103 4.83 41.20 0.84
C ARG D 103 6.15 40.66 1.37
N MET D 104 7.24 41.11 0.78
CA MET D 104 8.59 40.70 1.16
C MET D 104 9.27 41.82 1.95
N GLY D 105 10.27 41.43 2.73
CA GLY D 105 11.10 42.38 3.44
C GLY D 105 12.54 42.34 2.98
N HIS D 106 13.44 42.97 3.74
CA HIS D 106 14.86 42.93 3.41
C HIS D 106 15.67 43.16 4.67
N ILE D 107 16.91 42.70 4.64
CA ILE D 107 17.84 42.87 5.75
C ILE D 107 19.10 43.55 5.21
N GLU D 108 19.52 44.62 5.86
CA GLU D 108 20.74 45.33 5.49
C GLU D 108 21.92 44.66 6.18
N LEU D 109 22.89 44.20 5.39
CA LEU D 109 24.03 43.48 5.91
C LEU D 109 25.14 44.45 6.31
N ALA D 110 25.75 44.18 7.46
CA ALA D 110 26.85 45.04 7.93
C ALA D 110 28.09 44.88 7.07
N SER D 111 28.34 43.67 6.54
CA SER D 111 29.46 43.40 5.68
C SER D 111 28.99 42.54 4.52
N PRO D 112 29.62 42.65 3.36
CA PRO D 112 29.20 41.84 2.21
C PRO D 112 29.46 40.36 2.44
N THR D 113 28.56 39.55 1.89
CA THR D 113 28.68 38.09 1.95
C THR D 113 28.48 37.52 0.56
N ALA D 114 29.17 36.41 0.29
CA ALA D 114 29.13 35.78 -1.02
C ALA D 114 27.94 34.84 -1.12
N HIS D 115 27.41 34.71 -2.34
CA HIS D 115 26.31 33.79 -2.61
C HIS D 115 26.88 32.40 -2.84
N ILE D 116 26.40 31.42 -2.07
CA ILE D 116 26.99 30.08 -2.11
C ILE D 116 26.69 29.39 -3.45
N TRP D 117 25.58 29.74 -4.10
CA TRP D 117 25.25 29.12 -5.38
C TRP D 117 26.29 29.47 -6.44
N PHE D 118 26.71 30.73 -6.49
CA PHE D 118 27.68 31.18 -7.47
C PHE D 118 29.11 30.87 -7.08
N LEU D 119 29.31 30.13 -5.99
CA LEU D 119 30.63 29.76 -5.50
C LEU D 119 30.87 28.26 -5.51
N LYS D 120 29.94 27.47 -4.96
CA LYS D 120 30.17 26.06 -4.70
C LYS D 120 29.53 25.15 -5.73
N SER D 121 28.71 25.71 -6.63
CA SER D 121 28.05 24.93 -7.68
C SER D 121 29.00 24.81 -8.86
N LEU D 122 29.51 23.61 -9.09
CA LEU D 122 30.51 23.41 -10.13
C LEU D 122 29.86 23.47 -11.51
N PRO D 123 30.47 24.16 -12.48
CA PRO D 123 31.71 24.93 -12.31
C PRO D 123 31.46 26.27 -11.61
N SER D 124 32.43 26.71 -10.80
CA SER D 124 32.26 27.94 -10.04
C SER D 124 32.29 29.14 -10.99
N ARG D 125 31.27 30.00 -10.87
CA ARG D 125 31.20 31.19 -11.72
C ARG D 125 32.20 32.24 -11.29
N ILE D 126 32.33 32.47 -9.98
CA ILE D 126 33.26 33.47 -9.48
C ILE D 126 34.70 33.09 -9.82
N GLY D 127 35.04 31.82 -9.61
CA GLY D 127 36.39 31.36 -9.93
C GLY D 127 36.70 31.45 -11.41
N LEU D 128 35.75 31.04 -12.25
CA LEU D 128 35.96 31.12 -13.69
C LEU D 128 36.10 32.56 -14.15
N LEU D 129 35.28 33.46 -13.61
CA LEU D 129 35.37 34.87 -13.97
C LEU D 129 36.69 35.49 -13.53
N LEU D 130 37.14 35.19 -12.31
CA LEU D 130 38.39 35.72 -11.79
C LEU D 130 39.60 34.94 -12.25
N ASP D 131 39.41 33.77 -12.87
CA ASP D 131 40.50 32.88 -13.27
C ASP D 131 41.35 32.48 -12.06
N MET D 132 40.71 32.34 -10.90
CA MET D 132 41.36 31.96 -9.66
C MET D 132 40.92 30.57 -9.23
N PRO D 133 41.80 29.80 -8.58
CA PRO D 133 41.38 28.49 -8.06
C PRO D 133 40.30 28.64 -7.00
N LEU D 134 39.41 27.65 -6.93
CA LEU D 134 38.32 27.69 -5.98
C LEU D 134 38.83 27.59 -4.54
N ARG D 135 39.92 26.86 -4.32
CA ARG D 135 40.46 26.70 -2.97
C ARG D 135 40.98 28.02 -2.42
N ASP D 136 41.68 28.80 -3.26
CA ASP D 136 42.18 30.09 -2.82
C ASP D 136 41.03 31.05 -2.50
N ILE D 137 39.99 31.03 -3.33
CA ILE D 137 38.81 31.86 -3.07
C ILE D 137 38.14 31.45 -1.76
N GLU D 138 38.04 30.14 -1.51
CA GLU D 138 37.47 29.67 -0.26
C GLU D 138 38.30 30.10 0.94
N ARG D 139 39.63 30.03 0.80
CA ARG D 139 40.51 30.45 1.89
C ARG D 139 40.38 31.94 2.17
N VAL D 140 40.28 32.76 1.11
CA VAL D 140 40.13 34.20 1.30
C VAL D 140 38.78 34.52 1.93
N LEU D 141 37.71 33.86 1.46
CA LEU D 141 36.37 34.19 1.92
C LEU D 141 36.19 33.91 3.41
N TYR D 142 36.70 32.78 3.88
CA TYR D 142 36.52 32.36 5.27
C TYR D 142 37.68 32.77 6.16
N PHE D 143 38.38 33.85 5.78
CA PHE D 143 39.36 34.53 6.63
C PHE D 143 40.49 33.59 7.05
N GLU D 144 41.22 33.12 6.04
CA GLU D 144 42.41 32.30 6.26
C GLU D 144 43.67 32.83 5.59
N SER D 145 43.55 33.73 4.63
CA SER D 145 44.70 34.30 3.95
C SER D 145 44.30 35.61 3.29
N TYR D 146 45.29 36.35 2.83
CA TYR D 146 45.07 37.64 2.19
C TYR D 146 45.18 37.51 0.67
N VAL D 147 44.65 38.51 -0.03
CA VAL D 147 44.73 38.59 -1.48
C VAL D 147 45.06 40.02 -1.86
N VAL D 148 45.97 40.18 -2.82
CA VAL D 148 46.41 41.50 -3.26
C VAL D 148 45.34 42.11 -4.15
N ILE D 149 44.95 43.36 -3.86
CA ILE D 149 43.95 44.05 -4.64
C ILE D 149 44.55 45.06 -5.61
N GLU D 150 45.69 45.66 -5.28
CA GLU D 150 46.35 46.61 -6.17
C GLU D 150 47.86 46.46 -6.02
N GLY D 151 48.58 46.86 -7.07
CA GLY D 151 50.02 46.69 -7.07
C GLY D 151 50.72 47.64 -6.12
N GLY D 152 51.85 47.17 -5.59
CA GLY D 152 52.66 47.98 -4.72
C GLY D 152 53.93 48.48 -5.39
N MET D 153 55.08 47.90 -5.02
CA MET D 153 56.36 48.23 -5.63
C MET D 153 56.83 47.14 -6.59
N THR D 154 55.88 46.42 -7.20
CA THR D 154 56.04 45.38 -8.23
C THR D 154 56.53 44.05 -7.67
N ASN D 155 56.83 43.94 -6.38
CA ASN D 155 57.14 42.63 -5.81
C ASN D 155 55.88 41.77 -5.72
N LEU D 156 54.73 42.38 -5.49
CA LEU D 156 53.45 41.69 -5.41
C LEU D 156 52.52 42.25 -6.48
N GLU D 157 51.87 41.37 -7.23
CA GLU D 157 50.94 41.76 -8.27
C GLU D 157 49.51 41.44 -7.86
N ARG D 158 48.57 41.87 -8.69
CA ARG D 158 47.15 41.72 -8.38
C ARG D 158 46.77 40.25 -8.28
N GLN D 159 45.85 39.96 -7.35
CA GLN D 159 45.29 38.62 -7.14
C GLN D 159 46.35 37.63 -6.64
N GLN D 160 47.34 38.11 -5.91
CA GLN D 160 48.33 37.22 -5.28
C GLN D 160 47.88 36.86 -3.87
N ILE D 161 48.08 35.61 -3.50
CA ILE D 161 47.64 35.09 -2.22
C ILE D 161 48.77 35.27 -1.21
N LEU D 162 48.57 36.21 -0.27
CA LEU D 162 49.54 36.47 0.79
C LEU D 162 49.13 35.74 2.05
N THR D 163 50.00 34.86 2.54
CA THR D 163 49.80 34.23 3.84
C THR D 163 50.08 35.28 4.93
N GLU D 164 49.64 34.98 6.15
CA GLU D 164 49.76 35.95 7.24
C GLU D 164 51.21 36.34 7.49
N GLU D 165 52.13 35.36 7.47
CA GLU D 165 53.54 35.69 7.62
C GLU D 165 54.05 36.48 6.42
N GLN D 166 53.62 36.12 5.21
CA GLN D 166 54.00 36.89 4.03
C GLN D 166 53.41 38.30 4.07
N TYR D 167 52.18 38.44 4.58
CA TYR D 167 51.60 39.76 4.75
C TYR D 167 52.41 40.59 5.74
N LEU D 168 52.82 39.98 6.86
CA LEU D 168 53.65 40.69 7.83
C LEU D 168 54.97 41.12 7.22
N ASP D 169 55.60 40.24 6.44
CA ASP D 169 56.86 40.61 5.78
C ASP D 169 56.63 41.74 4.78
N ALA D 170 55.54 41.70 4.02
CA ALA D 170 55.31 42.69 2.98
C ALA D 170 54.99 44.06 3.57
N LEU D 171 54.19 44.11 4.64
CA LEU D 171 53.74 45.41 5.14
C LEU D 171 54.90 46.24 5.69
N GLU D 172 55.84 45.60 6.39
CA GLU D 172 56.93 46.35 7.01
C GLU D 172 57.93 46.86 5.98
N GLU D 173 58.08 46.16 4.85
CA GLU D 173 59.05 46.55 3.84
C GLU D 173 58.48 47.49 2.79
N PHE D 174 57.28 47.19 2.27
CA PHE D 174 56.73 47.95 1.16
C PHE D 174 55.83 49.10 1.60
N GLY D 175 55.49 49.20 2.88
CA GLY D 175 54.66 50.29 3.33
C GLY D 175 53.18 50.09 3.00
N ASP D 176 52.47 51.21 2.94
CA ASP D 176 51.03 51.24 2.73
C ASP D 176 50.62 51.27 1.26
N GLU D 177 51.59 51.25 0.33
CA GLU D 177 51.24 51.40 -1.08
C GLU D 177 50.41 50.23 -1.58
N PHE D 178 50.70 49.01 -1.13
CA PHE D 178 49.97 47.84 -1.57
C PHE D 178 48.78 47.58 -0.65
N ASP D 179 47.72 47.00 -1.21
CA ASP D 179 46.48 46.74 -0.49
C ASP D 179 46.19 45.25 -0.48
N ALA D 180 45.91 44.71 0.70
CA ALA D 180 45.50 43.32 0.86
C ALA D 180 44.40 43.26 1.90
N LYS D 181 43.33 42.53 1.60
CA LYS D 181 42.18 42.45 2.48
C LYS D 181 41.79 41.00 2.71
N MET D 182 40.78 40.80 3.54
CA MET D 182 40.23 39.49 3.86
C MET D 182 38.72 39.52 3.67
N GLY D 183 38.14 38.33 3.47
CA GLY D 183 36.71 38.20 3.38
C GLY D 183 36.13 38.58 2.03
N ALA D 184 34.80 38.67 2.01
CA ALA D 184 34.08 38.93 0.77
C ALA D 184 34.31 40.33 0.21
N GLU D 185 34.76 41.28 1.03
CA GLU D 185 34.98 42.63 0.54
C GLU D 185 36.11 42.68 -0.49
N ALA D 186 37.19 41.93 -0.24
CA ALA D 186 38.29 41.90 -1.18
C ALA D 186 37.86 41.30 -2.52
N ILE D 187 37.08 40.22 -2.48
CA ILE D 187 36.61 39.59 -3.71
C ILE D 187 35.62 40.51 -4.43
N GLN D 188 34.80 41.23 -3.68
CA GLN D 188 33.90 42.21 -4.29
C GLN D 188 34.68 43.31 -5.00
N ALA D 189 35.74 43.80 -4.36
CA ALA D 189 36.59 44.81 -5.00
C ALA D 189 37.26 44.25 -6.25
N LEU D 190 37.73 43.01 -6.19
CA LEU D 190 38.34 42.38 -7.36
C LEU D 190 37.34 42.25 -8.50
N LEU D 191 36.10 41.84 -8.19
CA LEU D 191 35.08 41.71 -9.22
C LEU D 191 34.69 43.06 -9.80
N LYS D 192 34.65 44.10 -8.97
CA LYS D 192 34.28 45.43 -9.46
C LYS D 192 35.39 46.07 -10.27
N SER D 193 36.65 45.71 -9.99
CA SER D 193 37.77 46.36 -10.67
C SER D 193 37.91 45.91 -12.12
N MET D 194 37.41 44.73 -12.46
CA MET D 194 37.62 44.19 -13.79
C MET D 194 36.84 44.98 -14.84
N ASP D 195 37.39 45.02 -16.05
CA ASP D 195 36.69 45.45 -17.25
C ASP D 195 36.64 44.27 -18.21
N LEU D 196 35.44 43.98 -18.73
CA LEU D 196 35.23 42.73 -19.45
C LEU D 196 35.72 42.78 -20.90
N GLU D 197 35.59 43.94 -21.55
CA GLU D 197 35.91 44.00 -22.98
C GLU D 197 37.39 43.77 -23.24
N GLN D 198 38.27 44.39 -22.45
CA GLN D 198 39.70 44.20 -22.62
C GLN D 198 40.10 42.76 -22.34
N GLU D 199 39.50 42.16 -21.31
CA GLU D 199 39.74 40.75 -21.02
C GLU D 199 39.33 39.87 -22.20
N CYS D 200 38.18 40.16 -22.81
CA CYS D 200 37.75 39.41 -23.99
C CYS D 200 38.72 39.58 -25.14
N GLU D 201 39.22 40.80 -25.35
CA GLU D 201 40.20 41.02 -26.41
C GLU D 201 41.45 40.20 -26.19
N GLN D 202 42.01 40.25 -24.97
CA GLN D 202 43.24 39.51 -24.69
C GLN D 202 43.03 38.01 -24.83
N LEU D 203 41.90 37.50 -24.33
CA LEU D 203 41.59 36.08 -24.44
C LEU D 203 41.47 35.67 -25.91
N ARG D 204 40.81 36.50 -26.73
CA ARG D 204 40.68 36.19 -28.14
C ARG D 204 42.04 36.15 -28.83
N GLU D 205 42.89 37.13 -28.54
CA GLU D 205 44.22 37.16 -29.14
C GLU D 205 45.02 35.91 -28.78
N GLU D 206 45.13 35.60 -27.48
CA GLU D 206 46.01 34.50 -27.13
C GLU D 206 45.38 33.15 -27.49
N LEU D 207 44.05 33.08 -27.56
CA LEU D 207 43.37 31.91 -28.13
C LEU D 207 43.75 31.71 -29.60
N ASN D 208 43.76 32.81 -30.37
CA ASN D 208 44.23 32.71 -31.75
C ASN D 208 45.70 32.34 -31.81
N GLU D 209 46.46 32.66 -30.76
CA GLU D 209 47.89 32.38 -30.71
C GLU D 209 48.22 30.96 -30.25
N THR D 210 47.51 30.45 -29.25
CA THR D 210 47.91 29.21 -28.59
C THR D 210 47.75 28.00 -29.51
N ASN D 211 48.50 26.94 -29.18
CA ASN D 211 48.43 25.68 -29.91
C ASN D 211 47.93 24.51 -29.09
N SER D 212 47.89 24.63 -27.75
CA SER D 212 47.41 23.55 -26.90
C SER D 212 45.88 23.53 -26.90
N GLU D 213 45.31 22.33 -27.08
CA GLU D 213 43.86 22.22 -27.21
C GLU D 213 43.15 22.42 -25.89
N THR D 214 43.74 21.95 -24.78
CA THR D 214 43.11 22.12 -23.48
C THR D 214 43.00 23.59 -23.11
N LYS D 215 44.05 24.37 -23.40
CA LYS D 215 43.99 25.81 -23.19
C LYS D 215 42.88 26.43 -24.03
N ARG D 216 42.73 25.96 -25.27
CA ARG D 216 41.65 26.46 -26.13
C ARG D 216 40.29 26.19 -25.52
N LYS D 217 40.08 24.98 -24.98
CA LYS D 217 38.79 24.66 -24.38
C LYS D 217 38.54 25.51 -23.14
N LYS D 218 39.54 25.65 -22.28
CA LYS D 218 39.37 26.45 -21.07
C LYS D 218 39.07 27.90 -21.42
N LEU D 219 39.79 28.45 -22.40
CA LEU D 219 39.60 29.84 -22.78
C LEU D 219 38.30 30.06 -23.53
N THR D 220 37.81 29.07 -24.28
CA THR D 220 36.51 29.25 -24.89
C THR D 220 35.39 29.18 -23.85
N LYS D 221 35.57 28.38 -22.79
CA LYS D 221 34.62 28.45 -21.67
C LYS D 221 34.64 29.82 -21.01
N ARG D 222 35.84 30.35 -20.77
CA ARG D 222 35.97 31.66 -20.13
C ARG D 222 35.36 32.75 -21.00
N ILE D 223 35.60 32.69 -22.32
CA ILE D 223 35.06 33.67 -23.25
C ILE D 223 33.54 33.57 -23.29
N LYS D 224 33.01 32.34 -23.28
CA LYS D 224 31.56 32.18 -23.22
C LYS D 224 30.99 32.87 -21.98
N LEU D 225 31.62 32.66 -20.83
CA LEU D 225 31.13 33.28 -19.60
C LEU D 225 31.20 34.81 -19.68
N LEU D 226 32.33 35.34 -20.19
CA LEU D 226 32.50 36.79 -20.26
C LEU D 226 31.49 37.41 -21.22
N GLU D 227 31.30 36.81 -22.40
CA GLU D 227 30.32 37.34 -23.34
C GLU D 227 28.90 37.19 -22.81
N ALA D 228 28.62 36.14 -22.02
CA ALA D 228 27.32 36.02 -21.39
C ALA D 228 27.08 37.18 -20.44
N PHE D 229 28.07 37.51 -19.61
CA PHE D 229 27.95 38.68 -18.73
C PHE D 229 27.78 39.97 -19.53
N VAL D 230 28.54 40.11 -20.62
CA VAL D 230 28.46 41.35 -21.41
C VAL D 230 27.07 41.51 -22.03
N GLN D 231 26.54 40.43 -22.62
CA GLN D 231 25.27 40.53 -23.33
C GLN D 231 24.08 40.60 -22.38
N SER D 232 24.14 39.84 -21.28
CA SER D 232 23.01 39.78 -20.36
C SER D 232 22.74 41.13 -19.71
N GLY D 233 23.79 41.84 -19.32
CA GLY D 233 23.67 43.10 -18.62
C GLY D 233 23.88 43.01 -17.12
N ASN D 234 23.99 41.80 -16.57
CA ASN D 234 24.24 41.63 -15.15
C ASN D 234 25.64 42.13 -14.80
N LYS D 235 25.75 42.67 -13.58
CA LYS D 235 27.10 43.09 -13.21
C LYS D 235 27.79 42.01 -12.39
N PRO D 236 29.10 41.84 -12.59
CA PRO D 236 29.82 40.77 -11.88
C PRO D 236 29.76 40.89 -10.37
N GLU D 237 29.72 42.11 -9.84
CA GLU D 237 29.73 42.31 -8.39
C GLU D 237 28.40 41.96 -7.73
N TRP D 238 27.35 41.71 -8.50
CA TRP D 238 26.06 41.36 -7.91
C TRP D 238 26.05 39.95 -7.32
N MET D 239 27.08 39.15 -7.55
CA MET D 239 27.17 37.82 -6.95
C MET D 239 27.59 37.88 -5.48
N ILE D 240 27.95 39.05 -4.98
CA ILE D 240 28.23 39.26 -3.56
C ILE D 240 27.07 40.04 -2.97
N LEU D 241 26.45 39.49 -1.94
CA LEU D 241 25.20 40.02 -1.40
C LEU D 241 25.48 41.12 -0.38
N THR D 242 24.80 42.26 -0.56
CA THR D 242 24.79 43.32 0.42
C THR D 242 23.42 43.57 1.03
N VAL D 243 22.34 43.17 0.36
CA VAL D 243 20.98 43.27 0.87
C VAL D 243 20.34 41.89 0.74
N LEU D 244 19.71 41.43 1.82
CA LEU D 244 19.13 40.09 1.86
C LEU D 244 17.61 40.16 1.89
N PRO D 245 16.91 39.60 0.90
CA PRO D 245 15.45 39.62 0.94
C PRO D 245 14.89 38.64 1.96
N VAL D 246 13.64 38.85 2.32
CA VAL D 246 12.95 38.07 3.34
C VAL D 246 11.66 37.50 2.76
N LEU D 247 11.44 36.20 2.98
CA LEU D 247 10.22 35.56 2.52
C LEU D 247 9.00 36.11 3.27
N PRO D 248 7.84 36.18 2.61
CA PRO D 248 6.64 36.61 3.31
C PRO D 248 6.30 35.66 4.43
N PRO D 249 5.72 36.16 5.52
CA PRO D 249 5.49 35.32 6.71
C PRO D 249 4.55 34.15 6.48
N ASP D 250 3.53 34.30 5.62
CA ASP D 250 2.56 33.22 5.46
C ASP D 250 3.13 32.01 4.74
N LEU D 251 4.28 32.12 4.10
CA LEU D 251 4.94 30.97 3.50
C LEU D 251 5.86 30.25 4.46
N ARG D 252 6.08 30.80 5.65
CA ARG D 252 6.83 30.16 6.73
C ARG D 252 5.99 30.28 7.98
N PRO D 253 4.96 29.44 8.11
CA PRO D 253 3.97 29.63 9.18
C PRO D 253 4.53 29.31 10.56
N LEU D 254 3.87 29.91 11.57
CA LEU D 254 4.15 29.65 12.97
C LEU D 254 2.81 29.63 13.69
N VAL D 255 2.32 28.43 14.00
CA VAL D 255 0.97 28.24 14.52
C VAL D 255 1.07 27.68 15.93
N PRO D 256 0.36 28.24 16.90
CA PRO D 256 0.37 27.67 18.26
C PRO D 256 -0.46 26.41 18.35
N LEU D 257 -0.13 25.58 19.32
CA LEU D 257 -0.85 24.36 19.61
C LEU D 257 -1.44 24.43 21.02
N ASP D 258 -2.01 23.31 21.47
CA ASP D 258 -2.76 23.30 22.72
C ASP D 258 -1.84 23.35 23.95
N GLY D 259 -0.97 22.36 24.10
CA GLY D 259 -0.16 22.23 25.29
C GLY D 259 1.06 23.12 25.33
N GLY D 260 0.90 24.39 24.93
CA GLY D 260 2.01 25.32 24.93
C GLY D 260 3.03 25.10 23.84
N ARG D 261 2.72 24.29 22.84
CA ARG D 261 3.64 23.96 21.77
C ARG D 261 3.39 24.84 20.56
N PHE D 262 4.41 24.90 19.69
CA PHE D 262 4.33 25.64 18.44
C PHE D 262 4.83 24.76 17.29
N ALA D 263 4.30 25.03 16.10
CA ALA D 263 4.77 24.40 14.88
C ALA D 263 5.34 25.48 13.97
N THR D 264 6.59 25.33 13.56
CA THR D 264 7.30 26.39 12.87
C THR D 264 8.19 25.80 11.77
N SER D 265 8.49 26.65 10.79
CA SER D 265 9.41 26.31 9.73
C SER D 265 10.84 26.65 10.14
N ASP D 266 11.80 25.92 9.56
CA ASP D 266 13.21 26.15 9.86
C ASP D 266 13.70 27.49 9.33
N LEU D 267 13.04 28.04 8.32
CA LEU D 267 13.44 29.34 7.78
C LEU D 267 13.40 30.42 8.85
N ASN D 268 12.45 30.33 9.79
CA ASN D 268 12.41 31.30 10.88
C ASN D 268 13.67 31.23 11.72
N ASP D 269 14.11 30.01 12.06
CA ASP D 269 15.34 29.86 12.84
C ASP D 269 16.56 30.37 12.09
N LEU D 270 16.65 30.07 10.79
CA LEU D 270 17.79 30.54 10.01
C LEU D 270 17.79 32.06 9.92
N TYR D 271 16.63 32.67 9.68
CA TYR D 271 16.54 34.13 9.62
C TYR D 271 16.91 34.76 10.97
N ARG D 272 16.46 34.14 12.07
CA ARG D 272 16.81 34.65 13.39
C ARG D 272 18.31 34.59 13.64
N ARG D 273 18.95 33.48 13.24
CA ARG D 273 20.39 33.37 13.39
C ARG D 273 21.11 34.46 12.59
N VAL D 274 20.68 34.68 11.34
CA VAL D 274 21.31 35.69 10.50
C VAL D 274 21.15 37.07 11.10
N ILE D 275 19.94 37.39 11.57
CA ILE D 275 19.67 38.71 12.17
C ILE D 275 20.49 38.90 13.44
N ASN D 276 20.57 37.86 14.27
CA ASN D 276 21.35 37.95 15.51
C ASN D 276 22.81 38.24 15.21
N ARG D 277 23.39 37.50 14.27
CA ARG D 277 24.81 37.71 13.97
C ARG D 277 25.06 39.07 13.31
N ASN D 278 24.13 39.52 12.46
CA ASN D 278 24.28 40.85 11.87
C ASN D 278 24.23 41.95 12.93
N ASN D 279 23.28 41.84 13.85
CA ASN D 279 23.17 42.83 14.92
C ASN D 279 24.40 42.81 15.82
N ARG D 280 24.92 41.62 16.13
CA ARG D 280 26.13 41.54 16.94
C ARG D 280 27.32 42.14 16.21
N LEU D 281 27.42 41.91 14.90
CA LEU D 281 28.49 42.53 14.13
C LEU D 281 28.39 44.05 14.15
N LYS D 282 27.18 44.58 14.00
CA LYS D 282 27.01 46.03 14.05
C LYS D 282 27.39 46.58 15.42
N ARG D 283 26.98 45.90 16.50
CA ARG D 283 27.32 46.34 17.84
C ARG D 283 28.83 46.32 18.07
N LEU D 284 29.50 45.27 17.60
CA LEU D 284 30.95 45.21 17.73
C LEU D 284 31.64 46.30 16.92
N LEU D 285 31.14 46.58 15.72
CA LEU D 285 31.74 47.63 14.90
C LEU D 285 31.54 49.01 15.51
N ASP D 286 30.43 49.21 16.22
CA ASP D 286 30.21 50.50 16.89
C ASP D 286 30.91 50.60 18.23
N LEU D 287 31.46 49.50 18.76
CA LEU D 287 32.11 49.50 20.05
C LEU D 287 33.62 49.64 19.97
N ALA D 288 34.17 49.83 18.77
CA ALA D 288 35.62 49.95 18.56
C ALA D 288 36.35 48.72 19.12
N ALA D 289 36.01 47.56 18.57
CA ALA D 289 36.51 46.27 18.99
C ALA D 289 37.82 45.94 18.27
N PRO D 290 38.62 45.03 18.85
CA PRO D 290 39.81 44.56 18.13
C PRO D 290 39.43 43.81 16.87
N ASP D 291 40.39 43.74 15.94
CA ASP D 291 40.11 43.23 14.61
C ASP D 291 39.78 41.75 14.59
N ILE D 292 40.35 40.97 15.51
CA ILE D 292 40.17 39.51 15.47
C ILE D 292 38.72 39.13 15.77
N ILE D 293 38.10 39.80 16.73
CA ILE D 293 36.73 39.46 17.08
C ILE D 293 35.77 39.85 15.96
N VAL D 294 36.00 41.02 15.33
CA VAL D 294 35.19 41.42 14.19
C VAL D 294 35.38 40.43 13.04
N ARG D 295 36.61 39.93 12.85
CA ARG D 295 36.87 38.94 11.83
C ARG D 295 36.10 37.65 12.08
N ASN D 296 36.10 37.19 13.34
CA ASN D 296 35.34 36.00 13.71
C ASN D 296 33.84 36.21 13.48
N GLU D 297 33.33 37.40 13.85
CA GLU D 297 31.92 37.68 13.66
C GLU D 297 31.55 37.71 12.19
N LYS D 298 32.42 38.28 11.35
CA LYS D 298 32.18 38.28 9.91
C LYS D 298 32.17 36.86 9.36
N ARG D 299 33.08 36.01 9.83
CA ARG D 299 33.09 34.62 9.37
C ARG D 299 31.81 33.91 9.77
N MET D 300 31.34 34.12 11.00
CA MET D 300 30.11 33.46 11.43
C MET D 300 28.90 34.00 10.67
N LEU D 301 28.89 35.29 10.36
CA LEU D 301 27.82 35.84 9.54
C LEU D 301 27.80 35.21 8.15
N GLN D 302 28.98 35.03 7.55
CA GLN D 302 29.06 34.37 6.25
C GLN D 302 28.55 32.94 6.34
N GLU D 303 28.93 32.22 7.40
CA GLU D 303 28.45 30.85 7.58
C GLU D 303 26.93 30.81 7.75
N ALA D 304 26.38 31.76 8.50
CA ALA D 304 24.93 31.81 8.69
C ALA D 304 24.21 32.08 7.38
N VAL D 305 24.73 33.01 6.57
CA VAL D 305 24.11 33.29 5.27
C VAL D 305 24.18 32.07 4.37
N ASP D 306 25.33 31.40 4.35
CA ASP D 306 25.46 30.18 3.54
C ASP D 306 24.49 29.12 3.99
N ALA D 307 24.33 28.93 5.31
CA ALA D 307 23.38 27.95 5.81
C ALA D 307 21.95 28.31 5.43
N LEU D 308 21.61 29.61 5.48
CA LEU D 308 20.26 30.03 5.12
C LEU D 308 19.99 29.77 3.64
N LEU D 309 20.94 30.10 2.77
CA LEU D 309 20.72 29.94 1.33
C LEU D 309 20.71 28.47 0.93
N ASP D 310 21.69 27.71 1.41
CA ASP D 310 21.77 26.28 1.09
C ASP D 310 22.56 25.61 2.21
N ASN D 311 21.88 24.80 3.02
CA ASN D 311 22.45 24.33 4.27
C ASN D 311 23.58 23.33 4.04
N GLY D 312 23.24 22.19 3.42
CA GLY D 312 24.22 21.12 3.25
C GLY D 312 25.01 21.19 1.98
N ARG D 313 25.91 22.16 1.86
CA ARG D 313 26.67 22.30 0.62
C ARG D 313 28.17 22.38 0.84
N ARG D 314 28.63 23.05 1.90
CA ARG D 314 30.06 23.22 2.14
C ARG D 314 30.58 22.30 3.24
N GLY D 315 30.02 22.39 4.44
CA GLY D 315 30.51 21.62 5.56
C GLY D 315 29.42 20.89 6.32
N ARG D 316 29.50 20.90 7.64
CA ARG D 316 28.50 20.24 8.47
C ARG D 316 27.19 21.01 8.41
N ALA D 317 26.10 20.29 8.15
CA ALA D 317 24.79 20.92 8.05
C ALA D 317 24.28 21.30 9.44
N ILE D 318 23.78 22.53 9.56
CA ILE D 318 23.22 22.98 10.83
C ILE D 318 21.99 22.16 11.16
N THR D 319 21.97 21.58 12.34
CA THR D 319 20.92 20.66 12.76
C THR D 319 20.03 21.31 13.81
N GLY D 320 18.88 20.67 14.04
CA GLY D 320 17.92 21.18 14.99
C GLY D 320 17.79 20.34 16.25
N SER D 321 16.58 20.24 16.78
CA SER D 321 16.37 19.48 18.02
C SER D 321 16.51 17.98 17.79
N ASN D 322 15.93 17.47 16.71
CA ASN D 322 15.94 16.04 16.42
C ASN D 322 17.23 15.55 15.78
N LYS D 323 18.30 16.35 15.85
CA LYS D 323 19.59 16.05 15.24
C LYS D 323 19.50 16.04 13.72
N ARG D 324 18.32 16.35 13.19
CA ARG D 324 18.13 16.39 11.75
C ARG D 324 18.57 17.76 11.20
N PRO D 325 19.11 17.80 9.99
CA PRO D 325 19.51 19.09 9.41
C PRO D 325 18.30 19.95 9.11
N LEU D 326 18.49 21.27 9.23
CA LEU D 326 17.42 22.21 8.96
C LEU D 326 17.18 22.31 7.45
N LYS D 327 15.91 22.50 7.08
CA LYS D 327 15.52 22.60 5.68
C LYS D 327 15.71 24.05 5.23
N SER D 328 16.49 24.24 4.16
CA SER D 328 16.84 25.56 3.68
C SER D 328 15.95 25.95 2.50
N LEU D 329 16.22 27.13 1.94
CA LEU D 329 15.45 27.62 0.81
C LEU D 329 15.61 26.73 -0.41
N ALA D 330 16.83 26.27 -0.67
CA ALA D 330 17.09 25.44 -1.85
C ALA D 330 16.37 24.10 -1.77
N ASP D 331 16.21 23.56 -0.55
CA ASP D 331 15.52 22.27 -0.40
C ASP D 331 14.04 22.37 -0.72
N MET D 332 13.46 23.57 -0.71
CA MET D 332 12.04 23.73 -0.94
C MET D 332 11.64 23.47 -2.39
N ILE D 333 12.57 23.69 -3.33
CA ILE D 333 12.23 23.71 -4.75
C ILE D 333 12.90 22.58 -5.52
N LYS D 334 13.59 21.66 -4.84
CA LYS D 334 14.29 20.58 -5.51
C LYS D 334 13.97 19.25 -4.85
N GLY D 335 14.11 18.18 -5.63
CA GLY D 335 13.86 16.83 -5.17
C GLY D 335 12.46 16.37 -5.50
N LYS D 336 12.19 15.12 -5.09
CA LYS D 336 10.87 14.55 -5.27
C LYS D 336 9.82 15.24 -4.41
N GLN D 337 10.24 15.87 -3.31
CA GLN D 337 9.33 16.56 -2.40
C GLN D 337 9.39 18.08 -2.55
N GLY D 338 10.03 18.58 -3.60
CA GLY D 338 10.10 20.00 -3.83
C GLY D 338 8.81 20.55 -4.41
N ARG D 339 8.84 21.86 -4.71
CA ARG D 339 7.64 22.52 -5.24
C ARG D 339 7.20 21.90 -6.56
N PHE D 340 8.14 21.71 -7.49
CA PHE D 340 7.82 21.25 -8.83
C PHE D 340 7.07 19.92 -8.84
N ARG D 341 7.75 18.85 -8.44
CA ARG D 341 7.20 17.51 -8.61
C ARG D 341 6.04 17.25 -7.65
N GLN D 342 6.04 17.88 -6.49
CA GLN D 342 5.01 17.60 -5.47
C GLN D 342 3.77 18.45 -5.65
N ASN D 343 3.89 19.68 -6.16
CA ASN D 343 2.76 20.59 -6.19
C ASN D 343 2.42 21.16 -7.57
N LEU D 344 3.35 21.17 -8.53
CA LEU D 344 3.09 21.76 -9.83
C LEU D 344 2.78 20.73 -10.91
N LEU D 345 3.52 19.63 -10.95
CA LEU D 345 3.27 18.57 -11.92
C LEU D 345 2.24 17.56 -11.43
N GLY D 346 1.80 17.67 -10.17
CA GLY D 346 0.78 16.80 -9.63
C GLY D 346 0.14 17.39 -8.39
N LYS D 347 -1.17 17.24 -8.24
CA LYS D 347 -1.88 17.87 -7.15
C LYS D 347 -2.99 16.94 -6.66
N ARG D 348 -3.52 17.24 -5.49
CA ARG D 348 -4.75 16.63 -5.01
C ARG D 348 -5.92 17.51 -5.42
N VAL D 349 -7.04 16.85 -5.75
CA VAL D 349 -8.15 17.52 -6.41
C VAL D 349 -9.44 17.25 -5.66
N ASP D 350 -10.39 18.18 -5.82
CA ASP D 350 -11.72 18.04 -5.27
C ASP D 350 -12.57 17.16 -6.18
N TYR D 351 -13.80 16.87 -5.72
CA TYR D 351 -14.77 16.09 -6.49
C TYR D 351 -14.21 14.72 -6.88
N SER D 352 -13.65 14.03 -5.89
CA SER D 352 -13.01 12.75 -6.13
C SER D 352 -13.36 11.78 -5.00
N GLY D 353 -13.23 10.50 -5.29
CA GLY D 353 -13.51 9.46 -4.31
C GLY D 353 -12.64 8.23 -4.49
N ARG D 354 -12.90 7.19 -3.69
CA ARG D 354 -12.09 5.99 -3.71
C ARG D 354 -12.83 4.89 -2.97
N SER D 355 -12.78 3.67 -3.51
CA SER D 355 -13.44 2.53 -2.88
C SER D 355 -12.88 1.25 -3.47
N VAL D 356 -13.20 0.13 -2.81
CA VAL D 356 -12.80 -1.18 -3.30
C VAL D 356 -13.66 -1.57 -4.50
N ILE D 357 -13.09 -2.31 -5.43
CA ILE D 357 -13.74 -2.67 -6.68
C ILE D 357 -14.15 -4.14 -6.65
N THR D 358 -15.34 -4.42 -7.16
CA THR D 358 -15.85 -5.78 -7.34
C THR D 358 -16.27 -5.95 -8.80
N VAL D 359 -16.64 -7.18 -9.15
CA VAL D 359 -16.95 -7.53 -10.54
C VAL D 359 -18.46 -7.44 -10.75
N GLY D 360 -18.86 -6.80 -11.84
CA GLY D 360 -20.23 -6.83 -12.28
C GLY D 360 -20.38 -7.56 -13.59
N PRO D 361 -20.96 -8.77 -13.55
CA PRO D 361 -21.07 -9.57 -14.78
C PRO D 361 -22.25 -9.18 -15.67
N TYR D 362 -23.13 -8.29 -15.22
CA TYR D 362 -24.30 -7.91 -15.99
C TYR D 362 -24.14 -6.59 -16.73
N LEU D 363 -23.12 -5.81 -16.39
CA LEU D 363 -22.98 -4.47 -16.95
C LEU D 363 -22.58 -4.53 -18.42
N ARG D 364 -23.05 -3.53 -19.18
CA ARG D 364 -22.56 -3.33 -20.53
C ARG D 364 -21.19 -2.67 -20.49
N LEU D 365 -20.50 -2.71 -21.63
CA LEU D 365 -19.10 -2.30 -21.67
C LEU D 365 -18.91 -0.84 -21.29
N HIS D 366 -19.93 -0.01 -21.48
CA HIS D 366 -19.83 1.43 -21.21
C HIS D 366 -20.38 1.83 -19.85
N GLN D 367 -20.64 0.87 -18.97
CA GLN D 367 -21.28 1.16 -17.69
C GLN D 367 -20.39 0.71 -16.53
N CYS D 368 -20.54 1.39 -15.40
CA CYS D 368 -19.88 1.03 -14.16
C CYS D 368 -20.88 1.16 -13.02
N GLY D 369 -20.60 0.45 -11.92
CA GLY D 369 -21.45 0.47 -10.76
C GLY D 369 -20.91 1.40 -9.69
N LEU D 370 -21.69 2.42 -9.35
CA LEU D 370 -21.29 3.44 -8.41
C LEU D 370 -22.19 3.41 -7.19
N PRO D 371 -21.64 3.38 -5.97
CA PRO D 371 -22.48 3.37 -4.77
C PRO D 371 -23.29 4.65 -4.65
N LYS D 372 -24.48 4.52 -4.04
CA LYS D 372 -25.38 5.66 -3.93
C LYS D 372 -24.81 6.73 -3.01
N LYS D 373 -24.18 6.34 -1.89
CA LYS D 373 -23.61 7.33 -0.98
C LYS D 373 -22.46 8.09 -1.62
N MET D 374 -21.60 7.39 -2.35
CA MET D 374 -20.50 8.05 -3.04
C MET D 374 -21.00 9.06 -4.05
N ALA D 375 -22.02 8.69 -4.83
CA ALA D 375 -22.59 9.62 -5.80
C ALA D 375 -23.25 10.80 -5.11
N LEU D 376 -23.94 10.56 -4.00
CA LEU D 376 -24.56 11.65 -3.25
C LEU D 376 -23.52 12.64 -2.75
N GLU D 377 -22.39 12.14 -2.25
CA GLU D 377 -21.33 13.03 -1.80
C GLU D 377 -20.67 13.76 -2.96
N LEU D 378 -20.50 13.08 -4.09
CA LEU D 378 -19.75 13.65 -5.22
C LEU D 378 -20.55 14.69 -5.98
N PHE D 379 -21.88 14.57 -6.05
CA PHE D 379 -22.71 15.41 -6.90
C PHE D 379 -23.55 16.38 -6.07
N LYS D 380 -22.98 16.92 -4.99
CA LYS D 380 -23.76 17.75 -4.07
C LYS D 380 -24.20 19.07 -4.70
N PRO D 381 -23.32 19.90 -5.29
CA PRO D 381 -23.80 21.18 -5.84
C PRO D 381 -24.82 21.04 -6.94
N PHE D 382 -24.72 20.00 -7.77
CA PHE D 382 -25.71 19.78 -8.82
C PHE D 382 -27.08 19.49 -8.22
N ILE D 383 -27.11 18.66 -7.16
CA ILE D 383 -28.37 18.38 -6.48
C ILE D 383 -28.92 19.64 -5.84
N TYR D 384 -28.05 20.48 -5.26
CA TYR D 384 -28.51 21.75 -4.69
C TYR D 384 -29.14 22.63 -5.76
N GLY D 385 -28.48 22.73 -6.92
CA GLY D 385 -29.02 23.55 -7.99
C GLY D 385 -30.36 23.06 -8.50
N LYS D 386 -30.48 21.75 -8.72
CA LYS D 386 -31.74 21.21 -9.22
C LYS D 386 -32.84 21.24 -8.16
N LEU D 387 -32.45 21.21 -6.88
CA LEU D 387 -33.43 21.41 -5.81
C LEU D 387 -33.94 22.84 -5.80
N GLU D 388 -33.03 23.81 -5.98
CA GLU D 388 -33.45 25.21 -6.00
C GLU D 388 -34.31 25.52 -7.22
N LEU D 389 -33.99 24.91 -8.37
CA LEU D 389 -34.76 25.18 -9.58
C LEU D 389 -36.20 24.71 -9.45
N ARG D 390 -36.42 23.53 -8.86
CA ARG D 390 -37.76 22.99 -8.75
C ARG D 390 -38.62 23.71 -7.70
N GLY D 391 -38.02 24.58 -6.89
CA GLY D 391 -38.76 25.27 -5.86
C GLY D 391 -38.93 24.50 -4.57
N LEU D 392 -38.40 23.28 -4.48
CA LEU D 392 -38.50 22.51 -3.25
C LEU D 392 -37.69 23.12 -2.11
N ALA D 393 -36.75 24.01 -2.43
CA ALA D 393 -35.97 24.70 -1.43
C ALA D 393 -35.66 26.10 -1.93
N THR D 394 -35.67 27.08 -1.03
CA THR D 394 -35.41 28.47 -1.38
C THR D 394 -33.97 28.88 -1.10
N THR D 395 -33.35 28.33 -0.06
CA THR D 395 -31.98 28.65 0.31
C THR D 395 -31.09 27.43 0.14
N ILE D 396 -29.78 27.67 0.21
CA ILE D 396 -28.81 26.58 0.16
C ILE D 396 -28.92 25.73 1.42
N LYS D 397 -29.18 26.36 2.57
CA LYS D 397 -29.27 25.64 3.83
C LYS D 397 -30.42 24.64 3.82
N ALA D 398 -31.57 25.04 3.27
CA ALA D 398 -32.71 24.13 3.21
C ALA D 398 -32.40 22.91 2.35
N ALA D 399 -31.74 23.13 1.21
CA ALA D 399 -31.32 22.01 0.36
C ALA D 399 -30.33 21.11 1.08
N LYS D 400 -29.41 21.72 1.84
CA LYS D 400 -28.45 20.95 2.63
C LYS D 400 -29.17 20.06 3.65
N LYS D 401 -30.15 20.62 4.36
CA LYS D 401 -30.91 19.83 5.32
C LYS D 401 -31.68 18.71 4.64
N MET D 402 -32.30 19.01 3.49
CA MET D 402 -33.05 17.98 2.77
C MET D 402 -32.12 16.85 2.31
N VAL D 403 -30.94 17.19 1.80
CA VAL D 403 -29.99 16.18 1.37
C VAL D 403 -29.51 15.34 2.56
N GLU D 404 -29.24 16.01 3.69
CA GLU D 404 -28.76 15.29 4.87
C GLU D 404 -29.81 14.34 5.41
N ARG D 405 -31.08 14.75 5.40
CA ARG D 405 -32.15 13.85 5.82
C ARG D 405 -32.44 12.77 4.79
N GLU D 406 -31.99 12.95 3.55
CA GLU D 406 -32.13 11.95 2.48
C GLU D 406 -33.60 11.61 2.23
N GLU D 407 -34.34 12.62 1.78
CA GLU D 407 -35.73 12.42 1.41
C GLU D 407 -35.83 11.72 0.05
N ALA D 408 -37.02 11.20 -0.25
CA ALA D 408 -37.21 10.37 -1.44
C ALA D 408 -37.02 11.17 -2.72
N VAL D 409 -37.37 12.46 -2.72
CA VAL D 409 -37.24 13.26 -3.93
C VAL D 409 -35.77 13.47 -4.29
N VAL D 410 -34.89 13.44 -3.28
CA VAL D 410 -33.47 13.62 -3.53
C VAL D 410 -32.95 12.49 -4.41
N TRP D 411 -33.45 11.27 -4.21
CA TRP D 411 -33.02 10.14 -5.03
C TRP D 411 -33.43 10.31 -6.49
N ASP D 412 -34.65 10.78 -6.73
CA ASP D 412 -35.08 11.04 -8.11
C ASP D 412 -34.24 12.15 -8.74
N ILE D 413 -33.96 13.21 -7.96
CA ILE D 413 -33.13 14.29 -8.48
C ILE D 413 -31.74 13.79 -8.83
N LEU D 414 -31.17 12.95 -7.97
CA LEU D 414 -29.86 12.37 -8.25
C LEU D 414 -29.91 11.47 -9.48
N ASP D 415 -30.97 10.69 -9.63
CA ASP D 415 -31.11 9.85 -10.82
C ASP D 415 -31.18 10.70 -12.09
N GLU D 416 -31.76 11.88 -12.00
CA GLU D 416 -31.78 12.78 -13.15
C GLU D 416 -30.40 13.41 -13.37
N VAL D 417 -29.69 13.72 -12.28
CA VAL D 417 -28.38 14.37 -12.40
C VAL D 417 -27.38 13.44 -13.06
N ILE D 418 -27.32 12.19 -12.60
CA ILE D 418 -26.30 11.26 -13.09
C ILE D 418 -26.58 10.76 -14.50
N ARG D 419 -27.76 11.02 -15.05
CA ARG D 419 -28.08 10.57 -16.39
C ARG D 419 -27.21 11.30 -17.41
N GLU D 420 -26.50 10.52 -18.23
CA GLU D 420 -25.61 11.06 -19.26
C GLU D 420 -24.57 12.01 -18.67
N HIS D 421 -24.02 11.63 -17.52
CA HIS D 421 -22.93 12.37 -16.88
C HIS D 421 -21.80 11.40 -16.58
N PRO D 422 -20.80 11.30 -17.46
CA PRO D 422 -19.76 10.29 -17.29
C PRO D 422 -18.82 10.62 -16.14
N VAL D 423 -18.18 9.56 -15.63
CA VAL D 423 -17.17 9.68 -14.59
C VAL D 423 -15.91 8.96 -15.06
N LEU D 424 -14.77 9.37 -14.50
CA LEU D 424 -13.48 8.82 -14.84
C LEU D 424 -13.01 7.87 -13.74
N LEU D 425 -12.54 6.69 -14.15
CA LEU D 425 -12.03 5.68 -13.22
C LEU D 425 -10.55 5.49 -13.47
N ASN D 426 -9.77 5.49 -12.38
CA ASN D 426 -8.32 5.41 -12.47
C ASN D 426 -7.78 4.46 -11.41
N ARG D 427 -6.82 3.63 -11.80
CA ARG D 427 -6.14 2.72 -10.89
C ARG D 427 -4.64 2.97 -10.95
N ALA D 428 -4.02 3.11 -9.77
CA ALA D 428 -2.59 3.34 -9.68
C ALA D 428 -1.85 2.00 -9.62
N PRO D 429 -0.66 1.90 -10.24
CA PRO D 429 -0.02 2.96 -11.03
C PRO D 429 -0.55 3.05 -12.46
N THR D 430 -0.58 4.26 -13.01
CA THR D 430 -0.99 4.48 -14.40
C THR D 430 0.24 4.34 -15.29
N LEU D 431 0.34 3.22 -16.00
CA LEU D 431 1.49 2.96 -16.84
C LEU D 431 1.28 3.40 -18.28
N HIS D 432 0.04 3.33 -18.77
CA HIS D 432 -0.30 3.82 -20.11
C HIS D 432 -1.65 4.52 -20.03
N ARG D 433 -2.07 5.11 -21.15
CA ARG D 433 -3.25 5.95 -21.15
C ARG D 433 -4.53 5.16 -20.92
N LEU D 434 -4.51 3.85 -21.13
CA LEU D 434 -5.70 3.04 -20.87
C LEU D 434 -5.98 2.86 -19.39
N GLY D 435 -5.17 3.45 -18.51
CA GLY D 435 -5.44 3.42 -17.09
C GLY D 435 -6.47 4.41 -16.62
N ILE D 436 -6.96 5.27 -17.51
CA ILE D 436 -8.05 6.19 -17.23
C ILE D 436 -9.08 6.05 -18.33
N GLN D 437 -10.31 5.72 -17.97
CA GLN D 437 -11.39 5.55 -18.93
C GLN D 437 -12.68 6.12 -18.35
N ALA D 438 -13.58 6.50 -19.24
CA ALA D 438 -14.85 7.10 -18.86
C ALA D 438 -15.97 6.06 -18.94
N PHE D 439 -16.88 6.11 -17.97
CA PHE D 439 -18.00 5.18 -17.91
C PHE D 439 -19.27 5.95 -17.55
N GLU D 440 -20.41 5.37 -17.92
CA GLU D 440 -21.70 5.92 -17.52
C GLU D 440 -22.14 5.28 -16.22
N PRO D 441 -22.31 6.04 -15.14
CA PRO D 441 -22.56 5.42 -13.84
C PRO D 441 -23.94 4.78 -13.75
N VAL D 442 -24.00 3.69 -12.98
CA VAL D 442 -25.25 3.04 -12.61
C VAL D 442 -25.26 2.90 -11.10
N LEU D 443 -26.29 3.45 -10.45
CA LEU D 443 -26.33 3.49 -9.00
C LEU D 443 -26.67 2.12 -8.43
N ILE D 444 -25.91 1.70 -7.41
CA ILE D 444 -26.10 0.42 -6.75
C ILE D 444 -26.05 0.63 -5.25
N GLU D 445 -26.55 -0.37 -4.52
CA GLU D 445 -26.39 -0.39 -3.08
C GLU D 445 -25.00 -0.91 -2.70
N GLY D 446 -24.67 -0.81 -1.42
CA GLY D 446 -23.36 -1.21 -0.96
C GLY D 446 -22.35 -0.09 -1.05
N LYS D 447 -21.09 -0.45 -0.76
CA LYS D 447 -20.01 0.51 -0.70
C LYS D 447 -18.86 0.18 -1.66
N ALA D 448 -19.06 -0.79 -2.56
CA ALA D 448 -18.03 -1.22 -3.48
C ALA D 448 -18.38 -0.83 -4.91
N ILE D 449 -17.36 -0.50 -5.68
CA ILE D 449 -17.52 -0.15 -7.09
C ILE D 449 -17.54 -1.42 -7.92
N GLN D 450 -18.41 -1.46 -8.93
CA GLN D 450 -18.53 -2.61 -9.81
C GLN D 450 -17.85 -2.30 -11.15
N LEU D 451 -16.98 -3.21 -11.59
CA LEU D 451 -16.18 -3.02 -12.78
C LEU D 451 -16.50 -4.08 -13.82
N HIS D 452 -16.56 -3.67 -15.09
CA HIS D 452 -16.80 -4.60 -16.16
C HIS D 452 -15.63 -5.57 -16.29
N PRO D 453 -15.89 -6.87 -16.47
CA PRO D 453 -14.79 -7.85 -16.50
C PRO D 453 -13.83 -7.67 -17.66
N LEU D 454 -14.26 -7.03 -18.75
CA LEU D 454 -13.42 -6.96 -19.96
C LEU D 454 -12.37 -5.86 -19.90
N VAL D 455 -12.48 -4.91 -18.97
CA VAL D 455 -11.50 -3.84 -18.83
C VAL D 455 -10.45 -4.15 -17.79
N CYS D 456 -10.53 -5.30 -17.11
CA CYS D 456 -9.55 -5.64 -16.10
C CYS D 456 -8.16 -5.81 -16.70
N ALA D 457 -8.08 -6.39 -17.88
CA ALA D 457 -6.78 -6.57 -18.54
C ALA D 457 -6.15 -5.21 -18.85
N ALA D 458 -6.94 -4.26 -19.34
CA ALA D 458 -6.42 -2.91 -19.58
C ALA D 458 -6.00 -2.25 -18.28
N TYR D 459 -6.80 -2.41 -17.23
CA TYR D 459 -6.49 -1.83 -15.93
C TYR D 459 -5.46 -2.64 -15.14
N ASN D 460 -5.17 -3.88 -15.57
CA ASN D 460 -4.28 -4.79 -14.84
C ASN D 460 -4.75 -4.96 -13.40
N ALA D 461 -6.07 -5.07 -13.23
CA ALA D 461 -6.69 -5.16 -11.92
C ALA D 461 -7.31 -6.53 -11.71
N ASP D 462 -7.17 -7.04 -10.48
CA ASP D 462 -7.82 -8.28 -10.08
C ASP D 462 -8.59 -8.03 -8.78
N PHE D 463 -9.64 -8.82 -8.56
CA PHE D 463 -10.56 -8.58 -7.46
C PHE D 463 -10.10 -9.33 -6.21
N ASP D 464 -8.98 -8.84 -5.65
CA ASP D 464 -8.44 -9.38 -4.41
C ASP D 464 -8.07 -8.27 -3.42
N GLY D 465 -8.63 -7.09 -3.56
CA GLY D 465 -8.38 -6.02 -2.61
C GLY D 465 -7.95 -4.70 -3.23
N ASP D 466 -7.94 -4.62 -4.56
CA ASP D 466 -7.53 -3.40 -5.23
C ASP D 466 -8.56 -2.29 -5.04
N GLN D 467 -8.08 -1.05 -5.11
CA GLN D 467 -8.92 0.14 -5.00
C GLN D 467 -8.76 0.98 -6.26
N MET D 468 -9.78 1.77 -6.56
CA MET D 468 -9.77 2.64 -7.73
C MET D 468 -10.37 3.99 -7.38
N ALA D 469 -9.93 5.02 -8.09
CA ALA D 469 -10.35 6.38 -7.84
C ALA D 469 -11.41 6.82 -8.85
N VAL D 470 -12.28 7.72 -8.41
CA VAL D 470 -13.37 8.24 -9.23
C VAL D 470 -13.21 9.76 -9.33
N HIS D 471 -13.35 10.29 -10.55
CA HIS D 471 -13.29 11.72 -10.79
C HIS D 471 -14.48 12.15 -11.62
N VAL D 472 -14.99 13.34 -11.34
CA VAL D 472 -16.22 13.85 -11.97
C VAL D 472 -15.83 15.05 -12.82
N PRO D 473 -15.97 14.98 -14.15
CA PRO D 473 -15.83 16.19 -14.97
C PRO D 473 -16.92 17.20 -14.67
N LEU D 474 -16.57 18.48 -14.76
CA LEU D 474 -17.46 19.56 -14.39
C LEU D 474 -18.01 20.34 -15.57
N THR D 475 -17.14 20.84 -16.45
CA THR D 475 -17.60 21.70 -17.52
C THR D 475 -18.16 20.90 -18.69
N LEU D 476 -18.76 21.61 -19.65
CA LEU D 476 -19.31 20.95 -20.83
C LEU D 476 -18.21 20.41 -21.71
N GLU D 477 -17.12 21.16 -21.87
CA GLU D 477 -16.00 20.70 -22.69
C GLU D 477 -15.37 19.44 -22.12
N ALA D 478 -15.25 19.37 -20.79
CA ALA D 478 -14.69 18.17 -20.17
C ALA D 478 -15.58 16.96 -20.41
N GLN D 479 -16.90 17.14 -20.29
CA GLN D 479 -17.83 16.04 -20.53
C GLN D 479 -17.77 15.58 -21.98
N LEU D 480 -17.72 16.53 -22.91
CA LEU D 480 -17.63 16.18 -24.33
C LEU D 480 -16.31 15.46 -24.63
N GLU D 481 -15.21 15.92 -24.03
CA GLU D 481 -13.93 15.25 -24.21
C GLU D 481 -13.99 13.82 -23.67
N ALA D 482 -14.57 13.64 -22.48
CA ALA D 482 -14.70 12.30 -21.92
C ALA D 482 -15.49 11.39 -22.86
N ARG D 483 -16.67 11.86 -23.30
CA ARG D 483 -17.51 11.03 -24.18
C ARG D 483 -16.82 10.71 -25.50
N ALA D 484 -16.12 11.68 -26.09
CA ALA D 484 -15.57 11.49 -27.42
C ALA D 484 -14.21 10.81 -27.43
N LEU D 485 -13.50 10.78 -26.30
CA LEU D 485 -12.15 10.25 -26.31
C LEU D 485 -11.91 9.15 -25.28
N MET D 486 -12.45 9.27 -24.07
CA MET D 486 -12.05 8.40 -22.97
C MET D 486 -13.08 7.32 -22.65
N MET D 487 -14.17 7.23 -23.42
CA MET D 487 -15.12 6.15 -23.21
C MET D 487 -14.47 4.80 -23.52
N SER D 488 -14.87 3.79 -22.75
CA SER D 488 -14.31 2.45 -22.95
C SER D 488 -14.66 1.89 -24.31
N THR D 489 -15.83 2.24 -24.85
CA THR D 489 -16.23 1.77 -26.16
C THR D 489 -15.40 2.36 -27.29
N ASN D 490 -14.63 3.41 -27.03
CA ASN D 490 -13.75 4.00 -28.02
C ASN D 490 -12.32 3.49 -27.95
N ASN D 491 -11.96 2.78 -26.88
CA ASN D 491 -10.60 2.26 -26.69
C ASN D 491 -10.66 0.74 -26.68
N ILE D 492 -10.56 0.13 -27.85
CA ILE D 492 -10.50 -1.31 -27.96
C ILE D 492 -9.19 -1.81 -28.57
N LEU D 493 -8.43 -0.96 -29.24
CA LEU D 493 -7.15 -1.32 -29.81
C LEU D 493 -6.01 -0.75 -28.97
N SER D 494 -4.94 -1.53 -28.84
CA SER D 494 -3.79 -1.07 -28.08
C SER D 494 -3.04 0.01 -28.85
N PRO D 495 -2.71 1.14 -28.22
CA PRO D 495 -1.98 2.20 -28.95
C PRO D 495 -0.52 1.87 -29.22
N ALA D 496 0.02 0.82 -28.60
CA ALA D 496 1.42 0.45 -28.79
C ALA D 496 1.65 -0.41 -30.02
N ASN D 497 0.73 -1.34 -30.31
CA ASN D 497 0.90 -2.26 -31.43
C ASN D 497 -0.33 -2.40 -32.31
N GLY D 498 -1.47 -1.81 -31.93
CA GLY D 498 -2.66 -1.89 -32.75
C GLY D 498 -3.50 -3.14 -32.57
N GLU D 499 -3.07 -4.07 -31.72
CA GLU D 499 -3.85 -5.27 -31.48
C GLU D 499 -5.02 -4.96 -30.54
N PRO D 500 -6.10 -5.74 -30.62
CA PRO D 500 -7.22 -5.51 -29.71
C PRO D 500 -6.81 -5.66 -28.26
N ILE D 501 -7.37 -4.81 -27.41
CA ILE D 501 -7.05 -4.82 -25.98
C ILE D 501 -8.08 -5.56 -25.15
N ILE D 502 -9.30 -5.72 -25.65
CA ILE D 502 -10.34 -6.46 -24.95
C ILE D 502 -10.33 -7.90 -25.46
N VAL D 503 -9.79 -8.81 -24.65
CA VAL D 503 -9.75 -10.23 -25.02
C VAL D 503 -10.41 -11.04 -23.91
N PRO D 504 -11.37 -11.91 -24.25
CA PRO D 504 -11.97 -12.78 -23.23
C PRO D 504 -10.92 -13.71 -22.63
N SER D 505 -11.08 -13.98 -21.34
CA SER D 505 -10.13 -14.81 -20.61
C SER D 505 -10.85 -15.55 -19.49
N GLN D 506 -10.20 -16.61 -19.01
CA GLN D 506 -10.61 -17.34 -17.80
C GLN D 506 -11.96 -17.99 -18.06
N ASP D 507 -13.03 -17.59 -17.36
CA ASP D 507 -14.28 -18.35 -17.39
C ASP D 507 -14.92 -18.32 -18.78
N VAL D 508 -14.84 -17.18 -19.48
CA VAL D 508 -15.45 -17.08 -20.80
C VAL D 508 -14.78 -18.03 -21.78
N VAL D 509 -13.44 -18.08 -21.77
CA VAL D 509 -12.71 -18.96 -22.67
C VAL D 509 -13.05 -20.42 -22.38
N LEU D 510 -13.07 -20.80 -21.10
CA LEU D 510 -13.42 -22.16 -20.73
C LEU D 510 -14.83 -22.51 -21.15
N GLY D 511 -15.78 -21.59 -20.95
CA GLY D 511 -17.15 -21.84 -21.34
C GLY D 511 -17.30 -22.07 -22.83
N LEU D 512 -16.69 -21.20 -23.63
CA LEU D 512 -16.79 -21.35 -25.07
C LEU D 512 -16.07 -22.62 -25.55
N TYR D 513 -14.91 -22.94 -24.96
CA TYR D 513 -14.19 -24.13 -25.35
C TYR D 513 -14.99 -25.39 -25.05
N TYR D 514 -15.59 -25.46 -23.85
CA TYR D 514 -16.45 -26.59 -23.52
C TYR D 514 -17.69 -26.62 -24.39
N MET D 515 -18.19 -25.45 -24.79
CA MET D 515 -19.34 -25.39 -25.69
C MET D 515 -19.02 -25.98 -27.06
N THR D 516 -17.81 -25.74 -27.56
CA THR D 516 -17.47 -26.05 -28.95
C THR D 516 -16.65 -27.34 -29.09
N ARG D 517 -16.67 -28.21 -28.08
CA ARG D 517 -16.02 -29.50 -28.22
C ARG D 517 -17.02 -30.54 -28.75
N ASP D 518 -16.48 -31.69 -29.16
CA ASP D 518 -17.28 -32.76 -29.75
C ASP D 518 -16.91 -34.10 -29.12
N CYS D 519 -17.90 -34.98 -29.06
CA CYS D 519 -17.74 -36.34 -28.57
C CYS D 519 -18.20 -37.33 -29.62
N VAL D 520 -17.62 -38.53 -29.59
CA VAL D 520 -17.89 -39.52 -30.64
C VAL D 520 -19.28 -40.12 -30.48
N ASN D 521 -19.66 -40.51 -29.26
CA ASN D 521 -20.91 -41.21 -29.01
C ASN D 521 -21.82 -40.42 -28.08
N ALA D 522 -21.92 -39.11 -28.30
CA ALA D 522 -22.78 -38.27 -27.48
C ALA D 522 -24.25 -38.54 -27.79
N LYS D 523 -25.10 -38.23 -26.81
CA LYS D 523 -26.54 -38.40 -26.99
C LYS D 523 -27.06 -37.49 -28.10
N GLY D 524 -27.90 -38.05 -28.97
CA GLY D 524 -28.47 -37.31 -30.07
C GLY D 524 -27.63 -37.24 -31.33
N GLU D 525 -26.59 -38.06 -31.43
CA GLU D 525 -25.74 -38.05 -32.61
C GLU D 525 -26.50 -38.54 -33.83
N GLY D 526 -26.25 -37.89 -34.97
CA GLY D 526 -26.76 -38.35 -36.26
C GLY D 526 -27.97 -37.60 -36.78
N MET D 527 -28.62 -36.77 -35.97
CA MET D 527 -29.82 -36.08 -36.43
C MET D 527 -29.47 -35.00 -37.46
N VAL D 528 -30.48 -34.62 -38.23
CA VAL D 528 -30.41 -33.51 -39.18
C VAL D 528 -31.38 -32.44 -38.73
N LEU D 529 -30.89 -31.22 -38.57
CA LEU D 529 -31.67 -30.14 -37.96
C LEU D 529 -31.92 -29.04 -38.98
N THR D 530 -33.04 -28.34 -38.81
CA THR D 530 -33.40 -27.25 -39.70
C THR D 530 -32.57 -26.00 -39.47
N GLY D 531 -32.02 -25.81 -38.27
CA GLY D 531 -31.24 -24.64 -37.97
C GLY D 531 -30.79 -24.57 -36.52
N PRO D 532 -30.08 -23.49 -36.17
CA PRO D 532 -29.58 -23.36 -34.79
C PRO D 532 -30.68 -23.31 -33.75
N LYS D 533 -31.84 -22.74 -34.08
CA LYS D 533 -32.93 -22.66 -33.12
C LYS D 533 -33.41 -24.05 -32.73
N GLU D 534 -33.48 -24.97 -33.69
CA GLU D 534 -33.85 -26.35 -33.38
C GLU D 534 -32.80 -27.01 -32.50
N ALA D 535 -31.53 -26.71 -32.73
CA ALA D 535 -30.47 -27.25 -31.89
C ALA D 535 -30.61 -26.75 -30.44
N GLU D 536 -30.88 -25.46 -30.27
CA GLU D 536 -31.08 -24.92 -28.93
C GLU D 536 -32.30 -25.55 -28.26
N ARG D 537 -33.40 -25.71 -29.02
CA ARG D 537 -34.60 -26.33 -28.48
C ARG D 537 -34.33 -27.77 -28.05
N LEU D 538 -33.56 -28.51 -28.85
CA LEU D 538 -33.20 -29.88 -28.49
C LEU D 538 -32.33 -29.91 -27.24
N TYR D 539 -31.38 -28.98 -27.12
CA TYR D 539 -30.48 -28.99 -25.97
C TYR D 539 -31.20 -28.63 -24.69
N ARG D 540 -32.07 -27.62 -24.73
CA ARG D 540 -32.73 -27.18 -23.50
C ARG D 540 -33.69 -28.22 -22.95
N SER D 541 -34.22 -29.10 -23.81
CA SER D 541 -35.14 -30.13 -23.38
C SER D 541 -34.46 -31.43 -22.96
N GLY D 542 -33.13 -31.49 -23.06
CA GLY D 542 -32.39 -32.66 -22.62
C GLY D 542 -32.36 -33.80 -23.61
N LEU D 543 -32.87 -33.61 -24.83
CA LEU D 543 -32.88 -34.68 -25.81
C LEU D 543 -31.50 -34.94 -26.41
N ALA D 544 -30.70 -33.89 -26.59
CA ALA D 544 -29.38 -34.01 -27.18
C ALA D 544 -28.35 -33.25 -26.34
N SER D 545 -27.12 -33.73 -26.36
CA SER D 545 -26.02 -33.11 -25.63
C SER D 545 -25.30 -32.09 -26.51
N LEU D 546 -24.52 -31.23 -25.86
CA LEU D 546 -23.81 -30.18 -26.57
C LEU D 546 -22.75 -30.73 -27.52
N HIS D 547 -22.24 -31.92 -27.24
CA HIS D 547 -21.10 -32.48 -27.99
C HIS D 547 -21.52 -33.46 -29.07
N ALA D 548 -22.81 -33.52 -29.41
CA ALA D 548 -23.28 -34.44 -30.42
C ALA D 548 -23.00 -33.92 -31.82
N ARG D 549 -22.53 -34.81 -32.70
CA ARG D 549 -22.24 -34.46 -34.08
C ARG D 549 -23.51 -34.64 -34.91
N VAL D 550 -23.94 -33.56 -35.57
CA VAL D 550 -25.18 -33.52 -36.32
C VAL D 550 -24.96 -32.73 -37.60
N LYS D 551 -26.02 -32.63 -38.42
CA LYS D 551 -26.03 -31.82 -39.63
C LYS D 551 -27.08 -30.73 -39.47
N VAL D 552 -26.69 -29.49 -39.79
CA VAL D 552 -27.53 -28.33 -39.58
C VAL D 552 -27.53 -27.48 -40.85
N ARG D 553 -28.72 -26.99 -41.21
CA ARG D 553 -28.85 -26.05 -42.32
C ARG D 553 -28.42 -24.67 -41.85
N ILE D 554 -27.36 -24.13 -42.44
CA ILE D 554 -26.72 -22.90 -41.99
C ILE D 554 -26.76 -21.88 -43.12
N THR D 555 -27.16 -20.66 -42.80
CA THR D 555 -27.16 -19.54 -43.74
C THR D 555 -26.10 -18.53 -43.30
N GLU D 556 -25.20 -18.20 -44.22
CA GLU D 556 -24.12 -17.24 -43.96
C GLU D 556 -24.10 -16.18 -45.04
N TYR D 557 -23.81 -14.95 -44.65
CA TYR D 557 -23.80 -13.81 -45.55
C TYR D 557 -22.35 -13.38 -45.81
N GLU D 558 -22.17 -12.62 -46.88
CA GLU D 558 -20.84 -12.16 -47.27
C GLU D 558 -20.96 -10.92 -48.14
N LYS D 559 -20.10 -9.95 -47.88
CA LYS D 559 -19.99 -8.79 -48.78
C LYS D 559 -19.28 -9.21 -50.06
N ASP D 560 -19.74 -8.67 -51.18
CA ASP D 560 -19.24 -9.02 -52.50
C ASP D 560 -18.64 -7.81 -53.22
N ALA D 561 -17.86 -7.02 -52.48
CA ALA D 561 -17.16 -5.86 -53.02
C ALA D 561 -18.12 -4.84 -53.63
N ASN D 562 -19.37 -4.81 -53.15
CA ASN D 562 -20.35 -3.85 -53.62
C ASN D 562 -21.13 -3.20 -52.49
N GLY D 563 -20.92 -3.61 -51.24
CA GLY D 563 -21.60 -3.01 -50.11
C GLY D 563 -22.83 -3.76 -49.62
N GLU D 564 -23.24 -4.81 -50.31
CA GLU D 564 -24.41 -5.59 -49.92
C GLU D 564 -23.99 -6.99 -49.50
N LEU D 565 -24.92 -7.70 -48.85
CA LEU D 565 -24.68 -9.05 -48.35
C LEU D 565 -25.47 -10.05 -49.18
N VAL D 566 -24.82 -11.15 -49.54
CA VAL D 566 -25.43 -12.21 -50.34
C VAL D 566 -25.51 -13.46 -49.49
N ALA D 567 -26.73 -13.95 -49.27
CA ALA D 567 -26.94 -15.15 -48.47
C ALA D 567 -26.53 -16.39 -49.26
N LYS D 568 -26.20 -17.45 -48.51
CA LYS D 568 -25.82 -18.73 -49.11
C LYS D 568 -26.14 -19.82 -48.09
N THR D 569 -27.12 -20.65 -48.40
CA THR D 569 -27.57 -21.71 -47.50
C THR D 569 -27.06 -23.07 -47.96
N SER D 570 -26.71 -23.92 -47.01
CA SER D 570 -26.21 -25.26 -47.30
C SER D 570 -26.31 -26.09 -46.03
N LEU D 571 -25.91 -27.36 -46.14
CA LEU D 571 -25.87 -28.29 -45.01
C LEU D 571 -24.44 -28.43 -44.53
N LYS D 572 -24.24 -28.32 -43.22
CA LYS D 572 -22.91 -28.34 -42.62
C LYS D 572 -22.80 -29.49 -41.64
N ASP D 573 -21.58 -30.03 -41.52
CA ASP D 573 -21.25 -31.03 -40.52
C ASP D 573 -20.67 -30.32 -39.30
N THR D 574 -21.43 -30.27 -38.21
CA THR D 574 -21.04 -29.52 -37.04
C THR D 574 -21.61 -30.20 -35.80
N THR D 575 -21.59 -29.49 -34.68
CA THR D 575 -22.12 -29.97 -33.41
C THR D 575 -23.24 -29.06 -32.94
N VAL D 576 -23.97 -29.53 -31.92
CA VAL D 576 -25.08 -28.75 -31.38
C VAL D 576 -24.58 -27.46 -30.74
N GLY D 577 -23.48 -27.54 -29.98
CA GLY D 577 -22.96 -26.36 -29.32
C GLY D 577 -22.49 -25.29 -30.29
N ARG D 578 -21.83 -25.71 -31.38
CA ARG D 578 -21.40 -24.75 -32.39
C ARG D 578 -22.60 -24.10 -33.07
N ALA D 579 -23.64 -24.88 -33.35
CA ALA D 579 -24.85 -24.31 -33.94
C ALA D 579 -25.50 -23.29 -33.00
N ILE D 580 -25.55 -23.61 -31.70
CA ILE D 580 -26.13 -22.67 -30.74
C ILE D 580 -25.29 -21.40 -30.68
N LEU D 581 -23.97 -21.55 -30.67
CA LEU D 581 -23.08 -20.38 -30.62
C LEU D 581 -23.20 -19.54 -31.89
N TRP D 582 -23.57 -20.16 -33.01
CA TRP D 582 -23.68 -19.43 -34.27
C TRP D 582 -24.73 -18.33 -34.22
N MET D 583 -25.68 -18.39 -33.29
CA MET D 583 -26.77 -17.42 -33.28
C MET D 583 -26.32 -16.02 -32.87
N ILE D 584 -25.17 -15.89 -32.20
CA ILE D 584 -24.70 -14.58 -31.77
C ILE D 584 -23.71 -13.95 -32.75
N VAL D 585 -23.21 -14.72 -33.71
CA VAL D 585 -22.25 -14.17 -34.67
C VAL D 585 -22.96 -13.16 -35.58
N PRO D 586 -22.41 -11.97 -35.78
CA PRO D 586 -23.05 -11.00 -36.66
C PRO D 586 -22.97 -11.42 -38.12
N LYS D 587 -23.85 -10.82 -38.93
CA LYS D 587 -23.92 -11.17 -40.34
C LYS D 587 -22.71 -10.61 -41.08
N GLY D 588 -22.05 -11.47 -41.85
CA GLY D 588 -20.90 -11.06 -42.64
C GLY D 588 -19.67 -11.89 -42.40
N LEU D 589 -19.76 -12.85 -41.46
CA LEU D 589 -18.62 -13.70 -41.15
C LEU D 589 -18.86 -15.13 -41.61
N PRO D 590 -17.83 -15.82 -42.08
CA PRO D 590 -18.02 -17.22 -42.51
C PRO D 590 -18.31 -18.14 -41.34
N TYR D 591 -18.99 -19.24 -41.64
CA TYR D 591 -19.31 -20.23 -40.61
C TYR D 591 -18.07 -20.99 -40.14
N SER D 592 -16.98 -20.94 -40.89
CA SER D 592 -15.76 -21.64 -40.48
C SER D 592 -15.14 -21.04 -39.22
N ILE D 593 -15.58 -19.84 -38.81
CA ILE D 593 -15.03 -19.22 -37.62
C ILE D 593 -15.35 -20.04 -36.38
N VAL D 594 -16.60 -20.52 -36.27
CA VAL D 594 -17.07 -21.19 -35.07
C VAL D 594 -17.14 -22.70 -35.23
N ASN D 595 -16.71 -23.23 -36.38
CA ASN D 595 -16.79 -24.67 -36.64
C ASN D 595 -15.49 -25.36 -36.23
N GLN D 596 -15.15 -25.20 -34.95
CA GLN D 596 -13.94 -25.79 -34.38
C GLN D 596 -13.98 -25.58 -32.87
N ALA D 597 -13.04 -26.23 -32.18
CA ALA D 597 -12.88 -26.04 -30.74
C ALA D 597 -12.19 -24.69 -30.51
N LEU D 598 -12.91 -23.77 -29.89
CA LEU D 598 -12.46 -22.38 -29.79
C LEU D 598 -11.61 -22.19 -28.54
N GLY D 599 -10.34 -21.82 -28.73
CA GLY D 599 -9.48 -21.41 -27.65
C GLY D 599 -9.41 -19.90 -27.53
N LYS D 600 -8.48 -19.44 -26.69
CA LYS D 600 -8.28 -18.00 -26.52
C LYS D 600 -7.84 -17.35 -27.82
N LYS D 601 -6.90 -17.98 -28.54
CA LYS D 601 -6.43 -17.44 -29.80
C LYS D 601 -7.55 -17.40 -30.83
N ALA D 602 -8.38 -18.44 -30.86
CA ALA D 602 -9.51 -18.47 -31.78
C ALA D 602 -10.49 -17.35 -31.50
N ILE D 603 -10.78 -17.09 -30.22
CA ILE D 603 -11.69 -16.00 -29.86
C ILE D 603 -11.10 -14.66 -30.23
N SER D 604 -9.79 -14.48 -30.00
CA SER D 604 -9.14 -13.22 -30.38
C SER D 604 -9.19 -13.02 -31.89
N LYS D 605 -8.96 -14.08 -32.66
CA LYS D 605 -9.06 -13.98 -34.11
C LYS D 605 -10.49 -13.68 -34.54
N MET D 606 -11.47 -14.27 -33.86
CA MET D 606 -12.88 -13.95 -34.12
C MET D 606 -13.13 -12.46 -33.96
N LEU D 607 -12.71 -11.89 -32.83
CA LEU D 607 -12.94 -10.48 -32.56
C LEU D 607 -12.21 -9.60 -33.56
N ASN D 608 -10.96 -9.95 -33.89
CA ASN D 608 -10.19 -9.15 -34.85
C ASN D 608 -10.82 -9.19 -36.23
N THR D 609 -11.28 -10.36 -36.67
CA THR D 609 -11.95 -10.47 -37.96
C THR D 609 -13.25 -9.68 -37.98
N CYS D 610 -14.02 -9.74 -36.88
CA CYS D 610 -15.25 -8.96 -36.80
C CYS D 610 -14.96 -7.47 -36.90
N TYR D 611 -13.93 -7.00 -36.20
CA TYR D 611 -13.56 -5.58 -36.29
C TYR D 611 -13.10 -5.22 -37.69
N ARG D 612 -12.31 -6.08 -38.33
CA ARG D 612 -11.81 -5.77 -39.67
C ARG D 612 -12.94 -5.70 -40.68
N ILE D 613 -13.90 -6.61 -40.60
CA ILE D 613 -14.93 -6.70 -41.63
C ILE D 613 -16.09 -5.74 -41.38
N LEU D 614 -16.60 -5.65 -40.15
CA LEU D 614 -17.84 -4.95 -39.90
C LEU D 614 -17.68 -3.60 -39.23
N GLY D 615 -16.73 -3.43 -38.32
CA GLY D 615 -16.55 -2.15 -37.67
C GLY D 615 -16.41 -2.21 -36.16
N LEU D 616 -16.86 -1.16 -35.47
CA LEU D 616 -16.63 -0.98 -34.05
C LEU D 616 -17.85 -1.34 -33.19
N LYS D 617 -19.01 -0.76 -33.48
CA LYS D 617 -20.22 -1.07 -32.71
C LYS D 617 -20.61 -2.53 -32.79
N PRO D 618 -20.64 -3.18 -33.97
CA PRO D 618 -20.86 -4.63 -33.99
C PRO D 618 -19.82 -5.40 -33.20
N THR D 619 -18.56 -4.94 -33.20
CA THR D 619 -17.53 -5.60 -32.41
C THR D 619 -17.83 -5.51 -30.91
N VAL D 620 -18.28 -4.35 -30.45
CA VAL D 620 -18.61 -4.19 -29.03
C VAL D 620 -19.79 -5.08 -28.66
N ILE D 621 -20.83 -5.09 -29.50
CA ILE D 621 -21.99 -5.94 -29.23
C ILE D 621 -21.59 -7.40 -29.22
N PHE D 622 -20.76 -7.81 -30.18
CA PHE D 622 -20.30 -9.19 -30.25
C PHE D 622 -19.50 -9.57 -29.02
N ALA D 623 -18.63 -8.66 -28.55
CA ALA D 623 -17.85 -8.95 -27.35
C ALA D 623 -18.75 -9.12 -26.12
N ASP D 624 -19.75 -8.24 -25.98
CA ASP D 624 -20.67 -8.37 -24.85
C ASP D 624 -21.42 -9.70 -24.91
N GLN D 625 -21.92 -10.06 -26.10
CA GLN D 625 -22.65 -11.32 -26.24
C GLN D 625 -21.74 -12.52 -25.98
N ILE D 626 -20.48 -12.45 -26.44
CA ILE D 626 -19.53 -13.52 -26.20
C ILE D 626 -19.29 -13.69 -24.71
N MET D 627 -19.11 -12.58 -23.99
CA MET D 627 -18.90 -12.67 -22.55
C MET D 627 -20.10 -13.29 -21.85
N TYR D 628 -21.31 -12.86 -22.21
CA TYR D 628 -22.51 -13.42 -21.59
C TYR D 628 -22.62 -14.92 -21.86
N THR D 629 -22.45 -15.33 -23.12
CA THR D 629 -22.57 -16.74 -23.46
C THR D 629 -21.50 -17.58 -22.78
N GLY D 630 -20.27 -17.06 -22.74
CA GLY D 630 -19.19 -17.79 -22.08
C GLY D 630 -19.47 -17.99 -20.61
N PHE D 631 -19.90 -16.93 -19.92
CA PHE D 631 -20.23 -17.07 -18.50
C PHE D 631 -21.37 -18.06 -18.29
N ALA D 632 -22.43 -17.96 -19.10
CA ALA D 632 -23.59 -18.84 -18.92
C ALA D 632 -23.21 -20.30 -19.11
N TYR D 633 -22.48 -20.62 -20.18
CA TYR D 633 -22.17 -22.02 -20.43
C TYR D 633 -21.03 -22.53 -19.55
N ALA D 634 -20.14 -21.65 -19.07
CA ALA D 634 -19.18 -22.06 -18.06
C ALA D 634 -19.89 -22.42 -16.77
N ALA D 635 -20.91 -21.64 -16.38
CA ALA D 635 -21.70 -21.98 -15.21
C ALA D 635 -22.42 -23.30 -15.40
N ARG D 636 -23.02 -23.51 -16.58
CA ARG D 636 -23.75 -24.75 -16.83
C ARG D 636 -22.81 -25.96 -16.90
N SER D 637 -21.55 -25.75 -17.28
CA SER D 637 -20.62 -26.88 -17.43
C SER D 637 -20.36 -27.55 -16.09
N GLY D 638 -20.24 -26.76 -15.01
CA GLY D 638 -19.95 -27.32 -13.71
C GLY D 638 -18.56 -27.91 -13.58
N ALA D 639 -17.56 -27.27 -14.16
CA ALA D 639 -16.18 -27.75 -14.06
C ALA D 639 -15.66 -27.57 -12.65
N SER D 640 -14.87 -28.55 -12.18
CA SER D 640 -14.31 -28.54 -10.85
C SER D 640 -12.90 -29.09 -10.89
N VAL D 641 -12.25 -29.16 -9.73
CA VAL D 641 -10.91 -29.69 -9.60
C VAL D 641 -10.87 -30.66 -8.42
N GLY D 642 -10.24 -31.81 -8.61
CA GLY D 642 -10.09 -32.78 -7.55
C GLY D 642 -8.69 -33.34 -7.53
N ILE D 643 -8.39 -34.07 -6.45
CA ILE D 643 -7.08 -34.68 -6.30
C ILE D 643 -6.83 -35.75 -7.35
N ASP D 644 -7.90 -36.34 -7.91
CA ASP D 644 -7.76 -37.38 -8.91
C ASP D 644 -7.53 -36.83 -10.31
N ASP D 645 -7.74 -35.53 -10.53
CA ASP D 645 -7.53 -34.94 -11.85
C ASP D 645 -6.06 -34.81 -12.20
N MET D 646 -5.15 -34.99 -11.25
CA MET D 646 -3.71 -34.90 -11.48
C MET D 646 -3.16 -36.32 -11.52
N VAL D 647 -3.15 -36.90 -12.72
CA VAL D 647 -2.75 -38.29 -12.90
C VAL D 647 -1.23 -38.36 -12.98
N ILE D 648 -0.64 -39.18 -12.10
CA ILE D 648 0.81 -39.40 -12.10
C ILE D 648 1.12 -40.57 -13.03
N PRO D 649 2.04 -40.41 -13.99
CA PRO D 649 2.35 -41.52 -14.88
C PRO D 649 2.90 -42.73 -14.13
N GLU D 650 2.54 -43.92 -14.61
CA GLU D 650 2.90 -45.16 -13.95
C GLU D 650 4.36 -45.55 -14.17
N LYS D 651 5.07 -44.89 -15.07
CA LYS D 651 6.45 -45.20 -15.37
C LYS D 651 7.45 -44.32 -14.61
N LYS D 652 6.98 -43.50 -13.68
CA LYS D 652 7.87 -42.56 -13.00
C LYS D 652 8.93 -43.29 -12.19
N HIS D 653 8.51 -44.28 -11.41
CA HIS D 653 9.46 -45.00 -10.54
C HIS D 653 10.56 -45.66 -11.35
N GLU D 654 10.20 -46.31 -12.45
CA GLU D 654 11.18 -46.99 -13.29
C GLU D 654 12.20 -46.01 -13.87
N ILE D 655 11.72 -44.87 -14.37
CA ILE D 655 12.62 -43.86 -14.95
C ILE D 655 13.56 -43.31 -13.90
N ILE D 656 13.04 -43.01 -12.71
CA ILE D 656 13.89 -42.53 -11.63
C ILE D 656 14.91 -43.58 -11.24
N SER D 657 14.50 -44.85 -11.25
CA SER D 657 15.44 -45.92 -10.92
C SER D 657 16.58 -46.00 -11.93
N GLU D 658 16.26 -45.90 -13.22
CA GLU D 658 17.34 -45.90 -14.21
C GLU D 658 18.23 -44.68 -14.07
N ALA D 659 17.66 -43.52 -13.78
CA ALA D 659 18.47 -42.32 -13.63
C ALA D 659 19.42 -42.45 -12.45
N GLU D 660 18.92 -42.98 -11.32
CA GLU D 660 19.78 -43.19 -10.16
C GLU D 660 20.87 -44.22 -10.45
N ALA D 661 20.53 -45.29 -11.18
CA ALA D 661 21.53 -46.29 -11.54
C ALA D 661 22.63 -45.69 -12.41
N GLU D 662 22.25 -44.86 -13.40
CA GLU D 662 23.26 -44.23 -14.24
C GLU D 662 24.12 -43.26 -13.44
N VAL D 663 23.51 -42.51 -12.51
CA VAL D 663 24.27 -41.60 -11.67
C VAL D 663 25.27 -42.39 -10.82
N ALA D 664 24.84 -43.52 -10.27
CA ALA D 664 25.74 -44.35 -9.47
C ALA D 664 26.87 -44.92 -10.33
N GLU D 665 26.57 -45.29 -11.57
CA GLU D 665 27.60 -45.77 -12.48
C GLU D 665 28.63 -44.69 -12.76
N ILE D 666 28.17 -43.45 -12.99
CA ILE D 666 29.10 -42.35 -13.21
C ILE D 666 29.94 -42.09 -11.97
N GLN D 667 29.32 -42.17 -10.78
CA GLN D 667 30.06 -41.96 -9.54
C GLN D 667 31.15 -43.03 -9.37
N GLU D 668 30.81 -44.29 -9.64
CA GLU D 668 31.79 -45.36 -9.55
C GLU D 668 32.92 -45.17 -10.56
N GLN D 669 32.58 -44.74 -11.78
CA GLN D 669 33.60 -44.43 -12.77
C GLN D 669 34.51 -43.30 -12.28
N PHE D 670 33.96 -42.36 -11.52
CA PHE D 670 34.79 -41.28 -10.97
C PHE D 670 35.68 -41.78 -9.84
N GLN D 671 35.20 -42.74 -9.04
CA GLN D 671 35.98 -43.23 -7.91
C GLN D 671 37.29 -43.88 -8.32
N SER D 672 37.41 -44.33 -9.56
CA SER D 672 38.62 -45.00 -10.03
C SER D 672 39.56 -44.07 -10.77
N GLY D 673 39.27 -42.77 -10.80
CA GLY D 673 40.12 -41.81 -11.47
C GLY D 673 39.97 -41.75 -12.98
N LEU D 674 39.02 -42.49 -13.54
CA LEU D 674 38.85 -42.49 -14.99
C LEU D 674 38.34 -41.15 -15.51
N VAL D 675 37.45 -40.50 -14.76
CA VAL D 675 36.85 -39.23 -15.15
C VAL D 675 37.01 -38.24 -14.00
N THR D 676 37.18 -36.96 -14.34
CA THR D 676 37.34 -35.93 -13.34
C THR D 676 35.99 -35.58 -12.70
N ALA D 677 36.05 -34.67 -11.73
CA ALA D 677 34.84 -34.32 -10.97
C ALA D 677 33.90 -33.45 -11.77
N GLY D 678 34.43 -32.46 -12.49
CA GLY D 678 33.58 -31.55 -13.24
C GLY D 678 32.82 -32.23 -14.36
N GLU D 679 33.49 -33.11 -15.10
CA GLU D 679 32.82 -33.86 -16.15
C GLU D 679 31.75 -34.78 -15.58
N ARG D 680 32.03 -35.38 -14.41
CA ARG D 680 31.03 -36.19 -13.73
C ARG D 680 29.80 -35.37 -13.36
N TYR D 681 30.02 -34.17 -12.82
CA TYR D 681 28.92 -33.28 -12.44
C TYR D 681 28.09 -32.88 -13.67
N ASN D 682 28.77 -32.55 -14.77
CA ASN D 682 28.07 -32.20 -16.00
C ASN D 682 27.25 -33.37 -16.53
N LYS D 683 27.83 -34.58 -16.51
CA LYS D 683 27.12 -35.76 -17.00
C LYS D 683 25.92 -36.08 -16.11
N VAL D 684 26.05 -35.89 -14.80
CA VAL D 684 24.91 -36.09 -13.89
C VAL D 684 23.80 -35.11 -14.22
N ILE D 685 24.15 -33.84 -14.47
CA ILE D 685 23.13 -32.86 -14.85
C ILE D 685 22.43 -33.26 -16.13
N ASP D 686 23.21 -33.70 -17.13
CA ASP D 686 22.61 -34.11 -18.40
C ASP D 686 21.68 -35.30 -18.22
N ILE D 687 22.10 -36.29 -17.42
CA ILE D 687 21.29 -37.47 -17.18
C ILE D 687 19.97 -37.09 -16.51
N TRP D 688 20.04 -36.22 -15.50
CA TRP D 688 18.83 -35.81 -14.80
C TRP D 688 17.91 -35.01 -15.71
N ALA D 689 18.48 -34.17 -16.58
CA ALA D 689 17.65 -33.43 -17.53
C ALA D 689 16.93 -34.38 -18.49
N ALA D 690 17.64 -35.40 -18.99
CA ALA D 690 17.01 -36.36 -19.87
C ALA D 690 15.90 -37.13 -19.15
N ALA D 691 16.15 -37.50 -17.89
CA ALA D 691 15.12 -38.20 -17.11
C ALA D 691 13.89 -37.32 -16.90
N ASN D 692 14.10 -36.03 -16.61
CA ASN D 692 12.98 -35.13 -16.45
C ASN D 692 12.18 -34.99 -17.74
N ASP D 693 12.88 -34.89 -18.88
CA ASP D 693 12.18 -34.82 -20.16
C ASP D 693 11.35 -36.07 -20.41
N ARG D 694 11.91 -37.24 -20.11
CA ARG D 694 11.17 -38.49 -20.29
C ARG D 694 9.93 -38.52 -19.39
N VAL D 695 10.08 -38.10 -18.13
CA VAL D 695 8.95 -38.12 -17.21
C VAL D 695 7.85 -37.18 -17.69
N SER D 696 8.24 -35.98 -18.15
CA SER D 696 7.24 -35.03 -18.66
C SER D 696 6.52 -35.58 -19.88
N LYS D 697 7.26 -36.20 -20.80
CA LYS D 697 6.63 -36.79 -21.98
C LYS D 697 5.65 -37.89 -21.60
N ALA D 698 6.04 -38.76 -20.67
CA ALA D 698 5.14 -39.83 -20.23
C ALA D 698 3.89 -39.25 -19.57
N MET D 699 4.06 -38.24 -18.72
CA MET D 699 2.92 -37.60 -18.08
C MET D 699 1.94 -37.05 -19.10
N MET D 700 2.45 -36.28 -20.07
CA MET D 700 1.57 -35.65 -21.05
C MET D 700 0.91 -36.69 -21.95
N ASP D 701 1.64 -37.76 -22.29
CA ASP D 701 1.06 -38.83 -23.10
C ASP D 701 -0.08 -39.51 -22.35
N ASN D 702 0.10 -39.76 -21.05
CA ASN D 702 -0.97 -40.37 -20.27
C ASN D 702 -2.17 -39.44 -20.16
N LEU D 703 -1.93 -38.14 -19.92
CA LEU D 703 -3.01 -37.20 -19.69
C LEU D 703 -3.70 -36.72 -20.96
N GLN D 704 -3.12 -36.99 -22.13
CA GLN D 704 -3.63 -36.36 -23.35
C GLN D 704 -4.94 -36.97 -23.84
N THR D 705 -5.10 -38.29 -23.75
CA THR D 705 -6.18 -38.97 -24.44
C THR D 705 -6.94 -39.89 -23.47
N GLU D 706 -8.09 -40.36 -23.95
CA GLU D 706 -8.93 -41.30 -23.21
C GLU D 706 -9.64 -42.21 -24.21
N THR D 707 -10.11 -43.35 -23.71
CA THR D 707 -10.79 -44.34 -24.53
C THR D 707 -12.30 -44.23 -24.36
N VAL D 708 -13.02 -44.57 -25.43
CA VAL D 708 -14.47 -44.44 -25.46
C VAL D 708 -15.02 -45.40 -26.51
N ILE D 709 -16.19 -45.95 -26.24
CA ILE D 709 -16.85 -46.90 -27.14
C ILE D 709 -17.80 -46.14 -28.06
N ASN D 710 -17.72 -46.42 -29.35
CA ASN D 710 -18.53 -45.75 -30.35
C ASN D 710 -19.86 -46.49 -30.54
N ARG D 711 -20.59 -46.13 -31.60
CA ARG D 711 -21.90 -46.73 -31.84
C ARG D 711 -21.78 -48.19 -32.26
N ASP D 712 -20.63 -48.60 -32.78
CA ASP D 712 -20.47 -49.98 -33.24
C ASP D 712 -20.03 -50.93 -32.14
N GLY D 713 -19.72 -50.42 -30.94
CA GLY D 713 -19.28 -51.27 -29.85
C GLY D 713 -17.79 -51.47 -29.76
N GLN D 714 -17.00 -50.86 -30.64
CA GLN D 714 -15.56 -50.98 -30.63
C GLN D 714 -14.92 -49.77 -29.96
N GLU D 715 -13.76 -49.98 -29.36
CA GLU D 715 -13.08 -48.92 -28.64
C GLU D 715 -12.51 -47.88 -29.61
N GLU D 716 -12.49 -46.63 -29.16
CA GLU D 716 -11.94 -45.53 -29.93
C GLU D 716 -11.17 -44.61 -28.99
N LYS D 717 -10.40 -43.69 -29.58
CA LYS D 717 -9.61 -42.72 -28.84
C LYS D 717 -10.04 -41.31 -29.22
N GLN D 718 -9.99 -40.41 -28.25
CA GLN D 718 -10.39 -39.02 -28.45
C GLN D 718 -9.69 -38.16 -27.41
N VAL D 719 -9.77 -36.84 -27.62
CA VAL D 719 -9.17 -35.90 -26.69
C VAL D 719 -9.82 -36.04 -25.32
N SER D 720 -9.01 -35.97 -24.28
CA SER D 720 -9.51 -36.18 -22.92
C SER D 720 -10.35 -34.99 -22.46
N PHE D 721 -11.23 -35.27 -21.50
CA PHE D 721 -12.06 -34.25 -20.86
C PHE D 721 -11.61 -33.94 -19.44
N ASN D 722 -10.34 -34.22 -19.13
CA ASN D 722 -9.82 -33.91 -17.81
C ASN D 722 -9.87 -32.40 -17.57
N SER D 723 -10.28 -32.02 -16.35
CA SER D 723 -10.47 -30.61 -16.04
C SER D 723 -9.16 -29.83 -16.13
N ILE D 724 -8.08 -30.39 -15.57
CA ILE D 724 -6.77 -29.73 -15.66
C ILE D 724 -6.33 -29.64 -17.11
N TYR D 725 -6.46 -30.75 -17.86
CA TYR D 725 -6.09 -30.74 -19.26
C TYR D 725 -6.94 -29.76 -20.07
N MET D 726 -8.25 -29.72 -19.78
CA MET D 726 -9.12 -28.78 -20.49
C MET D 726 -8.72 -27.33 -20.21
N MET D 727 -8.43 -27.03 -18.94
CA MET D 727 -8.02 -25.68 -18.58
C MET D 727 -6.71 -25.30 -19.26
N ALA D 728 -5.75 -26.22 -19.30
CA ALA D 728 -4.47 -25.93 -19.93
C ALA D 728 -4.62 -25.77 -21.44
N ASP D 729 -5.42 -26.65 -22.07
CA ASP D 729 -5.51 -26.66 -23.53
C ASP D 729 -6.32 -25.48 -24.04
N SER D 730 -7.39 -25.09 -23.33
CA SER D 730 -8.21 -23.98 -23.76
C SER D 730 -7.50 -22.64 -23.64
N GLY D 731 -6.43 -22.58 -22.85
CA GLY D 731 -5.70 -21.34 -22.65
C GLY D 731 -6.32 -20.38 -21.66
N ALA D 732 -7.36 -20.81 -20.93
CA ALA D 732 -7.95 -19.94 -19.92
C ALA D 732 -6.96 -19.62 -18.82
N ARG D 733 -6.27 -20.64 -18.32
CA ARG D 733 -5.22 -20.45 -17.33
C ARG D 733 -4.36 -21.70 -17.28
N GLY D 734 -3.05 -21.51 -17.11
CA GLY D 734 -2.13 -22.61 -16.93
C GLY D 734 -1.32 -22.92 -18.17
N SER D 735 -0.38 -23.84 -18.00
CA SER D 735 0.50 -24.26 -19.08
C SER D 735 1.10 -25.61 -18.68
N ALA D 736 1.79 -26.23 -19.64
CA ALA D 736 2.42 -27.52 -19.38
C ALA D 736 3.48 -27.42 -18.28
N ALA D 737 4.18 -26.29 -18.21
CA ALA D 737 5.24 -26.13 -17.22
C ALA D 737 4.72 -26.27 -15.80
N GLN D 738 3.48 -25.85 -15.55
CA GLN D 738 2.90 -26.00 -14.22
C GLN D 738 2.31 -27.38 -14.00
N ILE D 739 1.80 -28.02 -15.05
CA ILE D 739 1.34 -29.40 -14.93
C ILE D 739 2.50 -30.33 -14.60
N ARG D 740 3.70 -30.01 -15.10
CA ARG D 740 4.88 -30.79 -14.75
C ARG D 740 5.15 -30.75 -13.25
N GLN D 741 5.02 -29.58 -12.63
CA GLN D 741 5.18 -29.49 -11.19
C GLN D 741 4.00 -30.13 -10.45
N LEU D 742 2.81 -30.08 -11.04
CA LEU D 742 1.63 -30.64 -10.38
C LEU D 742 1.68 -32.15 -10.31
N ALA D 743 2.03 -32.82 -11.42
CA ALA D 743 1.93 -34.27 -11.50
C ALA D 743 3.19 -34.97 -11.98
N GLY D 744 4.21 -34.24 -12.45
CA GLY D 744 5.42 -34.87 -12.90
C GLY D 744 6.58 -34.68 -11.93
N MET D 745 7.53 -33.83 -12.30
CA MET D 745 8.68 -33.54 -11.45
C MET D 745 8.89 -32.03 -11.37
N ARG D 746 9.40 -31.58 -10.22
CA ARG D 746 9.70 -30.16 -10.06
C ARG D 746 10.90 -29.76 -10.90
N GLY D 747 11.94 -30.58 -10.92
CA GLY D 747 13.10 -30.35 -11.74
C GLY D 747 14.35 -30.04 -10.93
N LEU D 748 15.28 -29.35 -11.58
CA LEU D 748 16.54 -28.97 -10.98
C LEU D 748 16.45 -27.56 -10.43
N MET D 749 16.92 -27.38 -9.19
CA MET D 749 16.90 -26.09 -8.53
C MET D 749 18.30 -25.48 -8.52
N ALA D 750 18.34 -24.15 -8.58
CA ALA D 750 19.59 -23.41 -8.64
C ALA D 750 19.97 -22.86 -7.27
N LYS D 751 21.27 -22.79 -7.02
CA LYS D 751 21.77 -22.19 -5.79
C LYS D 751 21.60 -20.68 -5.83
N PRO D 752 21.64 -20.02 -4.67
CA PRO D 752 21.54 -18.54 -4.67
C PRO D 752 22.62 -17.87 -5.50
N ASP D 753 23.83 -18.45 -5.55
CA ASP D 753 24.88 -17.89 -6.40
C ASP D 753 24.62 -18.11 -7.88
N GLY D 754 23.75 -19.05 -8.23
CA GLY D 754 23.41 -19.31 -9.61
C GLY D 754 23.86 -20.66 -10.16
N SER D 755 24.39 -21.54 -9.32
CA SER D 755 24.83 -22.86 -9.74
C SER D 755 23.72 -23.88 -9.56
N ILE D 756 23.79 -24.95 -10.33
CA ILE D 756 22.75 -25.98 -10.34
C ILE D 756 23.13 -27.09 -9.37
N ILE D 757 22.19 -27.46 -8.50
CA ILE D 757 22.42 -28.53 -7.53
C ILE D 757 22.47 -29.87 -8.25
N GLU D 758 23.32 -30.77 -7.75
CA GLU D 758 23.52 -32.06 -8.39
C GLU D 758 22.23 -32.89 -8.41
N THR D 759 21.48 -32.87 -7.31
CA THR D 759 20.29 -33.70 -7.23
C THR D 759 19.04 -32.87 -7.45
N PRO D 760 18.12 -33.29 -8.33
CA PRO D 760 16.88 -32.55 -8.54
C PRO D 760 15.79 -32.97 -7.57
N ILE D 761 14.64 -32.29 -7.63
CA ILE D 761 13.48 -32.64 -6.81
C ILE D 761 12.66 -33.65 -7.61
N THR D 762 12.66 -34.90 -7.17
CA THR D 762 11.96 -35.98 -7.86
C THR D 762 10.50 -36.11 -7.47
N ALA D 763 10.02 -35.28 -6.54
CA ALA D 763 8.65 -35.31 -6.10
C ALA D 763 7.85 -34.18 -6.73
N ASN D 764 6.53 -34.26 -6.61
CA ASN D 764 5.62 -33.25 -7.12
C ASN D 764 4.71 -32.79 -6.00
N PHE D 765 3.89 -31.78 -6.30
CA PHE D 765 3.02 -31.19 -5.28
C PHE D 765 1.90 -32.12 -4.85
N ARG D 766 1.53 -33.09 -5.70
CA ARG D 766 0.53 -34.07 -5.28
C ARG D 766 1.11 -35.05 -4.27
N GLU D 767 2.33 -35.54 -4.52
CA GLU D 767 2.97 -36.44 -3.58
C GLU D 767 3.40 -35.71 -2.31
N GLY D 768 3.93 -34.49 -2.46
CA GLY D 768 4.42 -33.73 -1.32
C GLY D 768 5.92 -33.83 -1.15
N LEU D 769 6.56 -32.70 -0.88
CA LEU D 769 8.00 -32.65 -0.73
C LEU D 769 8.39 -32.90 0.73
N ASN D 770 9.65 -33.25 0.93
CA ASN D 770 10.21 -33.38 2.26
C ASN D 770 10.85 -32.06 2.69
N VAL D 771 11.48 -32.06 3.86
CA VAL D 771 12.03 -30.82 4.42
C VAL D 771 13.15 -30.28 3.53
N LEU D 772 14.09 -31.15 3.13
CA LEU D 772 15.24 -30.70 2.35
C LEU D 772 14.82 -30.12 1.01
N GLN D 773 13.89 -30.78 0.32
CA GLN D 773 13.44 -30.30 -0.98
C GLN D 773 12.78 -28.93 -0.87
N TYR D 774 11.93 -28.75 0.14
CA TYR D 774 11.24 -27.48 0.30
C TYR D 774 12.23 -26.37 0.67
N PHE D 775 13.19 -26.67 1.55
CA PHE D 775 14.20 -25.68 1.90
C PHE D 775 15.04 -25.29 0.68
N ILE D 776 15.35 -26.27 -0.17
CA ILE D 776 16.06 -25.97 -1.42
C ILE D 776 15.21 -25.08 -2.32
N SER D 777 13.92 -25.38 -2.42
CA SER D 777 13.04 -24.64 -3.32
C SER D 777 12.77 -23.22 -2.85
N THR D 778 12.93 -22.93 -1.55
CA THR D 778 12.63 -21.58 -1.06
C THR D 778 13.56 -20.52 -1.67
N HIS D 779 14.76 -20.93 -2.09
CA HIS D 779 15.75 -19.97 -2.58
C HIS D 779 15.26 -19.24 -3.82
N GLY D 780 14.83 -19.98 -4.83
CA GLY D 780 14.37 -19.35 -6.06
C GLY D 780 13.12 -18.50 -5.85
N ALA D 781 12.22 -18.95 -4.97
CA ALA D 781 11.04 -18.16 -4.67
C ALA D 781 11.41 -16.81 -4.06
N ARG D 782 12.31 -16.81 -3.07
CA ARG D 782 12.71 -15.55 -2.48
C ARG D 782 13.45 -14.66 -3.48
N LYS D 783 14.30 -15.26 -4.31
CA LYS D 783 15.04 -14.48 -5.30
C LYS D 783 14.09 -13.81 -6.28
N GLY D 784 13.11 -14.57 -6.79
CA GLY D 784 12.15 -13.99 -7.72
C GLY D 784 11.31 -12.91 -7.08
N LEU D 785 10.87 -13.12 -5.83
CA LEU D 785 10.08 -12.11 -5.14
C LEU D 785 10.88 -10.83 -4.95
N ALA D 786 12.17 -10.95 -4.58
CA ALA D 786 13.01 -9.76 -4.42
C ALA D 786 13.20 -9.03 -5.74
N ASP D 787 13.44 -9.78 -6.83
CA ASP D 787 13.62 -9.15 -8.12
C ASP D 787 12.36 -8.40 -8.55
N THR D 788 11.19 -9.02 -8.34
CA THR D 788 9.93 -8.37 -8.67
C THR D 788 9.74 -7.11 -7.84
N ALA D 789 10.07 -7.18 -6.54
CA ALA D 789 9.91 -6.01 -5.69
C ALA D 789 10.88 -4.89 -6.04
N LEU D 790 12.02 -5.22 -6.64
CA LEU D 790 13.06 -4.21 -6.85
C LEU D 790 13.11 -3.64 -8.27
N LYS D 791 12.54 -4.32 -9.27
CA LYS D 791 12.67 -3.81 -10.64
C LYS D 791 11.72 -2.65 -10.96
N THR D 792 10.68 -2.46 -10.15
CA THR D 792 9.66 -1.45 -10.46
C THR D 792 10.24 -0.04 -10.41
N ALA D 793 11.12 0.23 -9.45
CA ALA D 793 11.71 1.57 -9.35
C ALA D 793 12.55 1.90 -10.58
N ASN D 794 13.34 0.95 -11.06
CA ASN D 794 14.13 1.17 -12.27
C ASN D 794 13.22 1.38 -13.48
N SER D 795 12.15 0.58 -13.58
CA SER D 795 11.21 0.77 -14.69
C SER D 795 10.60 2.17 -14.65
N GLY D 796 10.19 2.62 -13.47
CA GLY D 796 9.61 3.94 -13.35
C GLY D 796 10.60 5.06 -13.67
N TYR D 797 11.85 4.91 -13.24
CA TYR D 797 12.87 5.91 -13.55
C TYR D 797 13.11 6.00 -15.05
N LEU D 798 13.21 4.85 -15.71
CA LEU D 798 13.40 4.86 -17.17
C LEU D 798 12.20 5.49 -17.87
N THR D 799 10.98 5.17 -17.41
CA THR D 799 9.79 5.76 -18.00
C THR D 799 9.78 7.27 -17.82
N ARG D 800 10.16 7.74 -16.63
CA ARG D 800 10.20 9.18 -16.38
C ARG D 800 11.21 9.86 -17.29
N ARG D 801 12.39 9.26 -17.46
CA ARG D 801 13.40 9.86 -18.34
C ARG D 801 12.91 9.93 -19.78
N LEU D 802 12.28 8.85 -20.26
CA LEU D 802 11.76 8.85 -21.62
C LEU D 802 10.66 9.89 -21.80
N VAL D 803 9.74 10.00 -20.83
CA VAL D 803 8.67 10.98 -20.93
C VAL D 803 9.25 12.39 -20.94
N ASP D 804 10.22 12.67 -20.07
CA ASP D 804 10.80 14.01 -20.01
C ASP D 804 11.53 14.36 -21.31
N VAL D 805 12.26 13.40 -21.89
CA VAL D 805 13.01 13.73 -23.10
C VAL D 805 12.08 13.88 -24.31
N ALA D 806 10.98 13.12 -24.35
CA ALA D 806 10.13 13.08 -25.53
C ALA D 806 8.82 13.86 -25.38
N GLN D 807 8.66 14.65 -24.33
CA GLN D 807 7.34 15.21 -24.01
C GLN D 807 6.87 16.28 -25.00
N ASP D 808 7.78 16.95 -25.70
CA ASP D 808 7.41 18.16 -26.44
C ASP D 808 7.28 17.94 -27.95
N LEU D 809 7.16 16.69 -28.39
CA LEU D 809 7.02 16.40 -29.82
C LEU D 809 5.55 16.22 -30.17
N VAL D 810 5.08 17.02 -31.13
CA VAL D 810 3.67 17.01 -31.56
C VAL D 810 3.63 17.09 -33.08
N VAL D 811 2.70 16.35 -33.68
CA VAL D 811 2.49 16.43 -35.13
C VAL D 811 1.94 17.82 -35.45
N THR D 812 2.63 18.55 -36.32
CA THR D 812 2.29 19.93 -36.61
C THR D 812 1.99 20.22 -38.07
N GLU D 813 2.32 19.32 -39.00
CA GLU D 813 2.12 19.57 -40.41
C GLU D 813 1.47 18.35 -41.07
N ASP D 814 0.72 18.62 -42.14
CA ASP D 814 0.08 17.54 -42.89
C ASP D 814 1.07 16.79 -43.77
N ASP D 815 2.01 17.50 -44.38
CA ASP D 815 2.93 16.88 -45.32
C ASP D 815 4.19 17.73 -45.41
N CYS D 816 5.34 17.08 -45.56
CA CYS D 816 6.61 17.74 -45.78
C CYS D 816 7.19 17.30 -47.12
N GLY D 817 7.99 18.17 -47.73
CA GLY D 817 8.51 17.95 -49.06
C GLY D 817 9.70 17.03 -49.19
N THR D 818 9.94 16.16 -48.20
CA THR D 818 11.08 15.26 -48.27
C THR D 818 10.79 14.11 -49.24
N HIS D 819 11.88 13.52 -49.75
CA HIS D 819 11.79 12.33 -50.59
C HIS D 819 12.54 11.14 -50.02
N GLU D 820 13.37 11.33 -49.00
CA GLU D 820 14.22 10.29 -48.45
C GLU D 820 13.41 9.35 -47.55
N GLY D 821 14.10 8.39 -46.95
CA GLY D 821 13.45 7.43 -46.08
C GLY D 821 14.44 6.39 -45.60
N ILE D 822 13.90 5.23 -45.21
CA ILE D 822 14.71 4.11 -44.75
C ILE D 822 14.26 2.86 -45.48
N MET D 823 15.15 1.87 -45.51
CA MET D 823 14.90 0.60 -46.19
C MET D 823 14.38 -0.42 -45.19
N MET D 824 13.21 -0.97 -45.47
CA MET D 824 12.58 -1.97 -44.62
C MET D 824 12.75 -3.36 -45.22
N THR D 825 13.33 -4.28 -44.46
CA THR D 825 13.55 -5.66 -44.88
C THR D 825 13.25 -6.58 -43.71
N PRO D 826 12.88 -7.84 -43.98
CA PRO D 826 12.71 -8.80 -42.89
C PRO D 826 14.02 -9.06 -42.18
N VAL D 827 13.92 -9.39 -40.90
CA VAL D 827 15.08 -9.66 -40.06
C VAL D 827 15.17 -11.16 -39.81
N ILE D 828 16.35 -11.73 -40.02
CA ILE D 828 16.59 -13.16 -39.85
C ILE D 828 17.84 -13.34 -39.01
N GLU D 829 17.73 -14.19 -37.98
CA GLU D 829 18.86 -14.52 -37.11
C GLU D 829 18.91 -16.02 -36.93
N GLY D 830 20.07 -16.61 -37.23
CA GLY D 830 20.24 -18.04 -37.10
C GLY D 830 19.42 -18.87 -38.07
N GLY D 831 19.04 -18.27 -39.21
CA GLY D 831 18.24 -18.96 -40.20
C GLY D 831 16.75 -18.93 -39.96
N ASP D 832 16.29 -18.27 -38.90
CA ASP D 832 14.88 -18.18 -38.58
C ASP D 832 14.39 -16.76 -38.87
N VAL D 833 13.31 -16.65 -39.65
CA VAL D 833 12.72 -15.36 -40.00
C VAL D 833 12.00 -14.85 -38.76
N LYS D 834 12.63 -13.93 -38.03
CA LYS D 834 12.04 -13.43 -36.79
C LYS D 834 10.80 -12.58 -37.08
N GLU D 835 10.91 -11.64 -38.03
CA GLU D 835 9.83 -10.70 -38.29
C GLU D 835 9.64 -10.57 -39.80
N PRO D 836 8.41 -10.71 -40.30
CA PRO D 836 8.17 -10.61 -41.74
C PRO D 836 8.07 -9.14 -42.16
N LEU D 837 7.88 -8.95 -43.47
CA LEU D 837 7.82 -7.60 -44.04
C LEU D 837 6.49 -6.92 -43.75
N ARG D 838 5.41 -7.70 -43.77
CA ARG D 838 4.07 -7.11 -43.59
C ARG D 838 3.93 -6.44 -42.23
N ASP D 839 4.43 -7.07 -41.17
CA ASP D 839 4.30 -6.49 -39.84
C ASP D 839 5.23 -5.31 -39.64
N ARG D 840 6.21 -5.11 -40.52
CA ARG D 840 7.11 -3.97 -40.42
C ARG D 840 6.72 -2.83 -41.35
N VAL D 841 5.87 -3.08 -42.35
CA VAL D 841 5.45 -2.04 -43.28
C VAL D 841 3.97 -1.73 -43.17
N LEU D 842 3.23 -2.43 -42.32
CA LEU D 842 1.80 -2.18 -42.16
C LEU D 842 1.58 -0.81 -41.54
N GLY D 843 0.87 0.07 -42.24
CA GLY D 843 0.56 1.39 -41.75
C GLY D 843 1.53 2.48 -42.11
N ARG D 844 2.62 2.15 -42.81
CA ARG D 844 3.61 3.15 -43.20
C ARG D 844 3.23 3.80 -44.53
N VAL D 845 4.01 4.81 -44.91
CA VAL D 845 3.82 5.54 -46.15
C VAL D 845 5.06 5.36 -47.01
N THR D 846 4.86 4.95 -48.26
CA THR D 846 5.99 4.62 -49.13
C THR D 846 6.76 5.87 -49.52
N ALA D 847 8.08 5.82 -49.38
CA ALA D 847 8.93 6.94 -49.78
C ALA D 847 9.13 6.99 -51.29
N GLU D 848 9.21 5.84 -51.96
CA GLU D 848 9.43 5.80 -53.40
C GLU D 848 8.45 4.86 -54.08
N ASP D 849 8.65 4.60 -55.37
CA ASP D 849 7.75 3.75 -56.13
C ASP D 849 8.04 2.28 -55.87
N VAL D 850 7.02 1.46 -56.06
CA VAL D 850 7.12 0.01 -55.86
C VAL D 850 6.89 -0.77 -57.15
N LEU D 851 6.32 -0.14 -58.18
CA LEU D 851 5.96 -0.86 -59.40
C LEU D 851 7.18 -1.55 -60.02
N LYS D 852 8.32 -0.86 -60.07
CA LYS D 852 9.63 -1.45 -60.35
C LYS D 852 9.62 -2.38 -61.56
N PRO D 853 9.59 -1.85 -62.78
CA PRO D 853 9.56 -2.72 -63.97
C PRO D 853 10.83 -3.56 -64.06
N GLY D 854 10.64 -4.87 -64.10
CA GLY D 854 11.75 -5.80 -64.11
C GLY D 854 11.60 -6.89 -63.07
N THR D 855 11.02 -6.54 -61.92
CA THR D 855 10.74 -7.50 -60.86
C THR D 855 9.28 -7.93 -60.84
N ALA D 856 8.47 -7.46 -61.80
CA ALA D 856 7.05 -7.79 -61.87
C ALA D 856 6.33 -7.46 -60.55
N ASP D 857 6.69 -6.33 -59.96
CA ASP D 857 6.16 -5.95 -58.67
C ASP D 857 4.82 -5.22 -58.81
N ILE D 858 4.17 -5.01 -57.67
CA ILE D 858 2.86 -4.37 -57.65
C ILE D 858 3.02 -2.86 -57.86
N LEU D 859 2.12 -2.30 -58.67
CA LEU D 859 2.14 -0.86 -58.94
C LEU D 859 1.63 -0.14 -57.69
N VAL D 860 2.56 0.43 -56.93
CA VAL D 860 2.22 1.22 -55.74
C VAL D 860 2.81 2.61 -55.92
N PRO D 861 2.00 3.63 -56.17
CA PRO D 861 2.55 4.99 -56.36
C PRO D 861 3.11 5.55 -55.06
N ARG D 862 3.98 6.54 -55.21
CA ARG D 862 4.61 7.19 -54.07
C ARG D 862 3.55 7.84 -53.17
N ASN D 863 3.92 8.03 -51.91
CA ASN D 863 3.04 8.62 -50.89
C ASN D 863 1.74 7.83 -50.77
N THR D 864 1.87 6.51 -50.63
CA THR D 864 0.73 5.63 -50.47
C THR D 864 0.75 5.04 -49.07
N LEU D 865 -0.36 5.18 -48.35
CA LEU D 865 -0.50 4.60 -47.01
C LEU D 865 -0.75 3.11 -47.16
N LEU D 866 0.20 2.30 -46.70
CA LEU D 866 0.14 0.85 -46.90
C LEU D 866 -0.99 0.28 -46.06
N HIS D 867 -2.10 -0.05 -46.72
CA HIS D 867 -3.25 -0.64 -46.08
C HIS D 867 -3.08 -2.17 -46.05
N GLU D 868 -4.00 -2.86 -45.38
CA GLU D 868 -3.93 -4.32 -45.30
C GLU D 868 -4.01 -4.96 -46.68
N GLN D 869 -4.84 -4.40 -47.57
CA GLN D 869 -4.94 -4.94 -48.92
C GLN D 869 -3.62 -4.79 -49.67
N TRP D 870 -2.96 -3.63 -49.54
CA TRP D 870 -1.65 -3.47 -50.14
C TRP D 870 -0.62 -4.40 -49.52
N CYS D 871 -0.74 -4.66 -48.22
CA CYS D 871 0.15 -5.62 -47.59
C CYS D 871 -0.05 -7.02 -48.16
N ASP D 872 -1.30 -7.41 -48.39
CA ASP D 872 -1.58 -8.71 -49.00
C ASP D 872 -1.04 -8.77 -50.42
N LEU D 873 -1.20 -7.69 -51.19
CA LEU D 873 -0.68 -7.65 -52.55
C LEU D 873 0.84 -7.79 -52.56
N LEU D 874 1.53 -7.09 -51.65
CA LEU D 874 2.97 -7.24 -51.54
C LEU D 874 3.37 -8.63 -51.08
N GLU D 875 2.52 -9.27 -50.26
CA GLU D 875 2.82 -10.61 -49.77
C GLU D 875 2.73 -11.65 -50.88
N GLU D 876 1.70 -11.54 -51.74
CA GLU D 876 1.48 -12.57 -52.76
C GLU D 876 2.66 -12.67 -53.71
N ASN D 877 3.17 -11.53 -54.18
CA ASN D 877 4.32 -11.52 -55.08
C ASN D 877 5.61 -11.65 -54.26
N SER D 878 6.75 -11.47 -54.91
CA SER D 878 8.06 -11.65 -54.29
C SER D 878 8.72 -10.28 -54.15
N VAL D 879 8.43 -9.61 -53.03
CA VAL D 879 9.02 -8.32 -52.70
C VAL D 879 9.69 -8.45 -51.33
N ASP D 880 10.91 -7.93 -51.21
CA ASP D 880 11.67 -8.03 -49.97
C ASP D 880 12.24 -6.71 -49.49
N ALA D 881 11.96 -5.59 -50.17
CA ALA D 881 12.60 -4.33 -49.81
C ALA D 881 11.71 -3.18 -50.25
N VAL D 882 11.29 -2.35 -49.29
CA VAL D 882 10.45 -1.19 -49.55
C VAL D 882 10.99 0.00 -48.75
N LYS D 883 10.93 1.18 -49.35
CA LYS D 883 11.27 2.43 -48.67
C LYS D 883 10.02 3.04 -48.06
N VAL D 884 10.09 3.42 -46.78
CA VAL D 884 9.02 4.11 -46.10
C VAL D 884 9.58 5.34 -45.42
N ARG D 885 8.74 6.36 -45.29
CA ARG D 885 9.15 7.58 -44.62
C ARG D 885 9.21 7.37 -43.11
N SER D 886 10.07 8.15 -42.45
CA SER D 886 10.29 8.03 -41.02
C SER D 886 10.37 9.42 -40.40
N VAL D 887 10.08 9.47 -39.10
CA VAL D 887 10.14 10.74 -38.37
C VAL D 887 11.58 11.22 -38.21
N VAL D 888 12.55 10.31 -38.26
CA VAL D 888 13.95 10.71 -38.16
C VAL D 888 14.37 11.53 -39.37
N SER D 889 13.83 11.21 -40.54
CA SER D 889 14.18 11.88 -41.79
C SER D 889 13.18 12.95 -42.18
N CYS D 890 12.27 13.33 -41.28
CA CYS D 890 11.31 14.37 -41.57
C CYS D 890 12.00 15.72 -41.74
N ASP D 891 11.38 16.60 -42.53
CA ASP D 891 11.94 17.90 -42.86
C ASP D 891 11.13 19.05 -42.28
N THR D 892 10.44 18.80 -41.17
CA THR D 892 9.62 19.80 -40.51
C THR D 892 10.34 20.34 -39.27
N ASP D 893 10.40 21.66 -39.15
CA ASP D 893 11.03 22.29 -38.00
C ASP D 893 10.04 22.36 -36.84
N PHE D 894 10.50 21.98 -35.65
CA PHE D 894 9.70 21.99 -34.43
C PHE D 894 8.43 21.15 -34.59
N GLY D 895 8.64 19.87 -34.85
CA GLY D 895 7.56 18.92 -34.98
C GLY D 895 7.79 17.99 -36.15
N VAL D 896 6.79 17.16 -36.42
CA VAL D 896 6.84 16.19 -37.51
C VAL D 896 5.54 16.30 -38.31
N CYS D 897 5.58 15.75 -39.51
CA CYS D 897 4.42 15.76 -40.40
C CYS D 897 3.67 14.44 -40.29
N ALA D 898 2.39 14.49 -40.68
CA ALA D 898 1.53 13.32 -40.54
C ALA D 898 1.97 12.17 -41.43
N HIS D 899 2.42 12.47 -42.64
CA HIS D 899 2.77 11.40 -43.58
C HIS D 899 4.01 10.65 -43.15
N CYS D 900 4.99 11.35 -42.57
CA CYS D 900 6.20 10.68 -42.10
C CYS D 900 5.94 9.80 -40.88
N TYR D 901 4.85 10.04 -40.16
CA TYR D 901 4.49 9.19 -39.03
C TYR D 901 3.68 7.97 -39.47
N GLY D 902 2.58 8.19 -40.19
CA GLY D 902 1.80 7.10 -40.71
C GLY D 902 0.44 6.91 -40.04
N ARG D 903 0.18 5.68 -39.60
CA ARG D 903 -1.13 5.31 -39.08
C ARG D 903 -1.19 5.51 -37.57
N ASP D 904 -2.30 6.09 -37.11
CA ASP D 904 -2.62 6.10 -35.69
C ASP D 904 -3.02 4.68 -35.28
N LEU D 905 -2.16 4.02 -34.52
CA LEU D 905 -2.36 2.60 -34.22
C LEU D 905 -3.64 2.37 -33.42
N ALA D 906 -4.05 3.32 -32.60
CA ALA D 906 -5.25 3.15 -31.79
C ALA D 906 -6.52 3.32 -32.60
N ARG D 907 -6.48 4.12 -33.67
CA ARG D 907 -7.67 4.43 -34.46
C ARG D 907 -7.76 3.62 -35.75
N GLY D 908 -6.66 3.48 -36.48
CA GLY D 908 -6.61 2.71 -37.71
C GLY D 908 -6.43 3.55 -38.96
N HIS D 909 -6.70 4.84 -38.90
CA HIS D 909 -6.52 5.74 -40.03
C HIS D 909 -5.25 6.57 -39.82
N ILE D 910 -5.02 7.51 -40.74
CA ILE D 910 -3.83 8.37 -40.64
C ILE D 910 -3.97 9.28 -39.42
N ILE D 911 -2.84 9.64 -38.83
CA ILE D 911 -2.84 10.42 -37.60
C ILE D 911 -3.20 11.87 -37.90
N ASN D 912 -3.99 12.47 -37.02
CA ASN D 912 -4.42 13.85 -37.18
C ASN D 912 -3.36 14.80 -36.63
N LYS D 913 -3.50 16.07 -37.00
CA LYS D 913 -2.60 17.09 -36.50
C LYS D 913 -2.87 17.38 -35.02
N GLY D 914 -1.82 17.77 -34.31
CA GLY D 914 -1.96 18.12 -32.91
C GLY D 914 -2.00 16.94 -31.96
N GLU D 915 -1.39 15.82 -32.33
CA GLU D 915 -1.35 14.64 -31.48
C GLU D 915 0.03 14.55 -30.82
N ALA D 916 0.04 14.32 -29.51
CA ALA D 916 1.28 14.23 -28.74
C ALA D 916 1.83 12.82 -28.87
N ILE D 917 2.67 12.62 -29.88
CA ILE D 917 3.20 11.28 -30.15
C ILE D 917 4.37 10.93 -29.25
N GLY D 918 5.09 11.92 -28.71
CA GLY D 918 6.22 11.60 -27.86
C GLY D 918 5.81 10.95 -26.56
N VAL D 919 4.75 11.47 -25.92
CA VAL D 919 4.26 10.86 -24.68
C VAL D 919 3.74 9.47 -24.94
N ILE D 920 3.03 9.27 -26.06
CA ILE D 920 2.51 7.95 -26.41
C ILE D 920 3.66 6.97 -26.61
N ALA D 921 4.71 7.40 -27.33
CA ALA D 921 5.87 6.54 -27.56
C ALA D 921 6.56 6.18 -26.25
N ALA D 922 6.76 7.17 -25.38
CA ALA D 922 7.42 6.91 -24.11
C ALA D 922 6.61 5.94 -23.26
N GLN D 923 5.29 6.14 -23.19
CA GLN D 923 4.44 5.23 -22.43
C GLN D 923 4.46 3.83 -23.02
N SER D 924 4.41 3.72 -24.34
CA SER D 924 4.42 2.41 -24.98
C SER D 924 5.72 1.66 -24.70
N ILE D 925 6.85 2.37 -24.72
CA ILE D 925 8.12 1.72 -24.42
C ILE D 925 8.21 1.36 -22.95
N GLY D 926 7.74 2.23 -22.07
CA GLY D 926 7.93 2.03 -20.63
C GLY D 926 6.95 1.07 -19.98
N GLU D 927 5.77 0.87 -20.56
CA GLU D 927 4.77 0.01 -19.92
C GLU D 927 5.23 -1.43 -19.75
N PRO D 928 5.77 -2.10 -20.77
CA PRO D 928 6.24 -3.48 -20.58
C PRO D 928 7.58 -3.60 -19.88
N GLY D 929 8.10 -2.52 -19.30
CA GLY D 929 9.40 -2.58 -18.64
C GLY D 929 9.45 -3.46 -17.42
N THR D 930 8.29 -3.75 -16.82
CA THR D 930 8.24 -4.60 -15.64
C THR D 930 8.23 -6.09 -15.97
N GLN D 931 8.17 -6.45 -17.25
CA GLN D 931 8.18 -7.84 -17.67
C GLN D 931 9.57 -8.36 -18.00
N LEU D 932 10.60 -7.54 -17.80
CA LEU D 932 11.98 -7.96 -18.09
C LEU D 932 12.71 -8.33 -16.80
N SER D 959 19.64 -22.16 -53.33
CA SER D 959 20.38 -21.25 -54.20
C SER D 959 21.36 -20.40 -53.40
N ILE D 960 22.63 -20.76 -53.46
CA ILE D 960 23.67 -20.05 -52.70
C ILE D 960 23.94 -18.70 -53.36
N LYS D 961 24.34 -17.73 -52.54
CA LYS D 961 24.65 -16.40 -53.03
C LYS D 961 25.64 -15.74 -52.08
N GLY D 1138 21.14 -7.93 -22.16
CA GLY D 1138 20.42 -8.29 -20.96
C GLY D 1138 18.95 -7.95 -21.02
N GLY D 1139 18.45 -7.30 -19.98
CA GLY D 1139 17.04 -6.91 -19.93
C GLY D 1139 16.85 -5.42 -19.81
N LEU D 1140 16.22 -4.99 -18.71
CA LEU D 1140 16.02 -3.55 -18.50
C LEU D 1140 17.33 -2.78 -18.40
N PRO D 1141 18.37 -3.23 -17.69
CA PRO D 1141 19.64 -2.49 -17.73
C PRO D 1141 20.21 -2.34 -19.13
N ARG D 1142 20.04 -3.35 -19.98
CA ARG D 1142 20.54 -3.24 -21.35
C ARG D 1142 19.80 -2.14 -22.11
N VAL D 1143 18.48 -2.07 -21.96
CA VAL D 1143 17.71 -1.01 -22.61
C VAL D 1143 18.11 0.36 -22.07
N ALA D 1144 18.32 0.46 -20.76
CA ALA D 1144 18.75 1.73 -20.17
C ALA D 1144 20.10 2.15 -20.71
N ASP D 1145 21.04 1.19 -20.84
CA ASP D 1145 22.34 1.50 -21.42
C ASP D 1145 22.21 1.94 -22.87
N LEU D 1146 21.36 1.27 -23.63
CA LEU D 1146 21.19 1.62 -25.05
C LEU D 1146 20.62 3.02 -25.22
N PHE D 1147 19.62 3.38 -24.40
CA PHE D 1147 18.98 4.68 -24.55
C PHE D 1147 19.81 5.82 -23.98
N GLU D 1148 20.78 5.52 -23.12
CA GLU D 1148 21.67 6.55 -22.59
C GLU D 1148 22.95 6.69 -23.38
N ALA D 1149 23.11 5.94 -24.47
CA ALA D 1149 24.26 6.04 -25.37
C ALA D 1149 25.58 5.87 -24.61
N ARG D 1150 25.64 4.86 -23.75
CA ARG D 1150 26.84 4.58 -22.98
C ARG D 1150 27.85 3.84 -23.84
N ARG D 1151 29.08 4.33 -23.86
CA ARG D 1151 30.12 3.74 -24.69
C ARG D 1151 30.58 2.41 -24.09
N PRO D 1152 30.74 1.37 -24.91
CA PRO D 1152 31.29 0.12 -24.40
C PRO D 1152 32.75 0.27 -24.00
N LYS D 1153 33.17 -0.55 -23.04
CA LYS D 1153 34.53 -0.47 -22.52
C LYS D 1153 35.57 -0.90 -23.55
N GLU D 1154 35.18 -1.65 -24.58
CA GLU D 1154 36.09 -2.11 -25.62
C GLU D 1154 35.55 -1.69 -26.98
N PRO D 1155 35.65 -0.40 -27.32
CA PRO D 1155 35.17 0.05 -28.63
C PRO D 1155 35.94 -0.59 -29.77
N ALA D 1156 35.22 -0.90 -30.85
CA ALA D 1156 35.85 -1.43 -32.05
C ALA D 1156 36.39 -0.29 -32.90
N ILE D 1157 37.66 -0.42 -33.32
CA ILE D 1157 38.26 0.60 -34.18
C ILE D 1157 37.59 0.57 -35.54
N LEU D 1158 37.36 1.75 -36.10
CA LEU D 1158 36.68 1.87 -37.39
C LEU D 1158 37.51 2.73 -38.33
N ALA D 1159 37.29 2.53 -39.62
CA ALA D 1159 38.04 3.24 -40.65
C ALA D 1159 37.52 4.68 -40.75
N GLU D 1160 38.30 5.63 -40.27
CA GLU D 1160 37.88 7.03 -40.27
C GLU D 1160 37.74 7.58 -41.68
N ILE D 1161 38.53 7.06 -42.63
CA ILE D 1161 38.49 7.53 -44.01
C ILE D 1161 39.10 6.44 -44.88
N SER D 1162 38.72 6.42 -46.15
CA SER D 1162 39.25 5.43 -47.08
C SER D 1162 40.74 5.68 -47.33
N GLY D 1163 41.44 4.61 -47.69
CA GLY D 1163 42.86 4.70 -47.95
C GLY D 1163 43.57 3.44 -47.51
N ILE D 1164 44.79 3.28 -48.03
CA ILE D 1164 45.60 2.11 -47.75
C ILE D 1164 46.17 2.22 -46.34
N VAL D 1165 46.00 1.17 -45.55
CA VAL D 1165 46.49 1.16 -44.17
C VAL D 1165 47.96 0.79 -44.14
N SER D 1166 48.65 1.25 -43.10
CA SER D 1166 50.06 0.92 -42.91
C SER D 1166 50.41 1.06 -41.44
N PHE D 1167 51.51 0.43 -41.04
CA PHE D 1167 52.02 0.52 -39.69
C PHE D 1167 53.17 1.53 -39.64
N GLY D 1168 53.15 2.39 -38.62
CA GLY D 1168 54.12 3.45 -38.53
C GLY D 1168 55.10 3.33 -37.38
N LYS D 1169 55.16 4.35 -36.53
CA LYS D 1169 56.13 4.41 -35.45
C LYS D 1169 55.72 3.46 -34.32
N GLU D 1170 56.60 3.35 -33.33
CA GLU D 1170 56.38 2.50 -32.17
C GLU D 1170 56.71 3.27 -30.90
N THR D 1171 55.98 2.97 -29.83
CA THR D 1171 56.14 3.64 -28.55
C THR D 1171 56.01 2.57 -27.48
N LYS D 1172 55.83 2.99 -26.22
CA LYS D 1172 55.73 2.02 -25.11
C LYS D 1172 54.54 1.09 -25.32
N GLY D 1173 53.39 1.64 -25.66
CA GLY D 1173 52.20 0.84 -25.89
C GLY D 1173 51.35 1.32 -27.06
N LYS D 1174 52.00 1.93 -28.05
CA LYS D 1174 51.31 2.56 -29.17
C LYS D 1174 51.72 1.89 -30.47
N ARG D 1175 50.73 1.48 -31.26
CA ARG D 1175 50.94 0.94 -32.60
C ARG D 1175 50.26 1.89 -33.59
N ARG D 1176 51.08 2.56 -34.40
CA ARG D 1176 50.56 3.56 -35.32
C ARG D 1176 49.75 2.91 -36.44
N LEU D 1177 48.83 3.69 -37.00
CA LEU D 1177 47.96 3.27 -38.10
C LEU D 1177 48.00 4.29 -39.23
N VAL D 1178 49.21 4.67 -39.64
CA VAL D 1178 49.36 5.63 -40.73
C VAL D 1178 48.68 5.09 -41.98
N ILE D 1179 47.80 5.90 -42.57
CA ILE D 1179 46.96 5.48 -43.68
C ILE D 1179 47.21 6.43 -44.85
N THR D 1180 47.50 5.87 -46.02
CA THR D 1180 47.71 6.67 -47.22
C THR D 1180 46.41 6.73 -48.00
N PRO D 1181 45.76 7.89 -48.10
CA PRO D 1181 44.52 7.98 -48.87
C PRO D 1181 44.77 7.82 -50.36
N VAL D 1182 43.72 7.40 -51.07
CA VAL D 1182 43.82 7.24 -52.52
C VAL D 1182 44.02 8.60 -53.20
N ASP D 1183 43.40 9.65 -52.66
CA ASP D 1183 43.55 11.00 -53.18
C ASP D 1183 44.03 12.02 -52.17
N GLY D 1184 43.84 11.78 -50.87
CA GLY D 1184 44.26 12.72 -49.86
C GLY D 1184 45.73 12.59 -49.52
N SER D 1185 46.12 13.27 -48.44
CA SER D 1185 47.52 13.31 -48.04
C SER D 1185 47.70 12.95 -46.57
N ASP D 1186 46.68 13.18 -45.75
CA ASP D 1186 46.82 13.05 -44.30
C ASP D 1186 47.06 11.61 -43.89
N PRO D 1187 48.18 11.30 -43.22
CA PRO D 1187 48.40 9.96 -42.64
C PRO D 1187 47.87 9.87 -41.22
N TYR D 1188 46.56 9.69 -41.09
CA TYR D 1188 45.91 9.70 -39.79
C TYR D 1188 46.35 8.55 -38.91
N GLU D 1189 47.06 8.86 -37.83
CA GLU D 1189 47.53 7.85 -36.89
C GLU D 1189 46.39 7.48 -35.94
N GLU D 1190 46.63 6.48 -35.09
CA GLU D 1190 45.58 5.97 -34.22
C GLU D 1190 46.22 5.29 -33.01
N MET D 1191 45.52 5.37 -31.88
CA MET D 1191 45.97 4.79 -30.62
C MET D 1191 45.40 3.39 -30.48
N ILE D 1192 46.28 2.40 -30.32
CA ILE D 1192 45.86 1.01 -30.13
C ILE D 1192 46.66 0.40 -28.98
N PRO D 1193 46.01 0.01 -27.88
CA PRO D 1193 46.73 -0.76 -26.86
C PRO D 1193 47.26 -2.06 -27.44
N LYS D 1194 48.47 -2.44 -27.02
CA LYS D 1194 49.17 -3.55 -27.66
C LYS D 1194 48.59 -4.92 -27.31
N TRP D 1195 47.77 -5.01 -26.27
CA TRP D 1195 47.16 -6.30 -25.92
C TRP D 1195 45.97 -6.64 -26.80
N ARG D 1196 45.42 -5.66 -27.53
CA ARG D 1196 44.26 -5.89 -28.38
C ARG D 1196 44.73 -6.28 -29.77
N GLN D 1197 44.36 -7.49 -30.20
CA GLN D 1197 44.73 -7.95 -31.53
C GLN D 1197 44.10 -7.06 -32.60
N LEU D 1198 44.87 -6.77 -33.64
CA LEU D 1198 44.43 -5.92 -34.74
C LEU D 1198 44.14 -6.79 -35.95
N ASN D 1199 42.95 -6.63 -36.53
CA ASN D 1199 42.48 -7.50 -37.58
C ASN D 1199 42.64 -6.85 -38.96
N VAL D 1200 43.77 -6.17 -39.18
CA VAL D 1200 44.11 -5.61 -40.49
C VAL D 1200 45.60 -5.85 -40.72
N PHE D 1201 45.96 -6.29 -41.92
CA PHE D 1201 47.35 -6.46 -42.30
C PHE D 1201 47.91 -5.12 -42.77
N GLU D 1202 49.13 -5.14 -43.31
CA GLU D 1202 49.82 -3.92 -43.73
C GLU D 1202 49.75 -3.78 -45.24
N GLY D 1203 49.30 -2.62 -45.71
CA GLY D 1203 49.41 -2.26 -47.10
C GLY D 1203 48.19 -2.48 -47.97
N GLU D 1204 47.04 -2.76 -47.39
CA GLU D 1204 45.81 -2.89 -48.16
C GLU D 1204 44.85 -1.76 -47.86
N ARG D 1205 43.90 -1.54 -48.77
CA ARG D 1205 42.99 -0.41 -48.73
C ARG D 1205 41.68 -0.78 -48.04
N VAL D 1206 41.11 0.17 -47.32
CA VAL D 1206 39.85 0.00 -46.61
C VAL D 1206 38.90 1.13 -46.99
N GLU D 1207 37.61 0.87 -46.81
CA GLU D 1207 36.56 1.85 -47.05
C GLU D 1207 36.09 2.45 -45.73
N ARG D 1208 35.46 3.62 -45.81
CA ARG D 1208 34.97 4.27 -44.61
C ARG D 1208 33.87 3.43 -43.97
N GLY D 1209 33.88 3.39 -42.64
CA GLY D 1209 32.96 2.53 -41.91
C GLY D 1209 33.42 1.10 -41.73
N ASP D 1210 34.61 0.75 -42.19
CA ASP D 1210 35.11 -0.61 -42.01
C ASP D 1210 35.46 -0.86 -40.55
N VAL D 1211 35.53 -2.14 -40.18
CA VAL D 1211 35.72 -2.55 -38.80
C VAL D 1211 37.16 -3.00 -38.60
N ILE D 1212 37.76 -2.55 -37.50
CA ILE D 1212 39.12 -2.92 -37.10
C ILE D 1212 39.08 -3.34 -35.64
N SER D 1213 39.71 -4.47 -35.32
CA SER D 1213 39.73 -5.00 -33.96
C SER D 1213 38.30 -5.20 -33.44
N ASP D 1214 37.63 -6.16 -34.08
CA ASP D 1214 36.19 -6.34 -33.91
C ASP D 1214 35.81 -6.46 -32.44
N GLY D 1215 34.60 -5.99 -32.13
CA GLY D 1215 34.07 -5.99 -30.79
C GLY D 1215 32.81 -5.15 -30.72
N PRO D 1216 32.34 -4.85 -29.52
CA PRO D 1216 31.19 -3.95 -29.39
C PRO D 1216 31.51 -2.58 -29.98
N GLU D 1217 30.52 -2.00 -30.65
CA GLU D 1217 30.69 -0.73 -31.35
C GLU D 1217 29.83 0.34 -30.70
N ALA D 1218 30.44 1.48 -30.41
CA ALA D 1218 29.69 2.59 -29.84
C ALA D 1218 28.83 3.25 -30.91
N PRO D 1219 27.62 3.69 -30.57
CA PRO D 1219 26.77 4.37 -31.57
C PRO D 1219 27.35 5.69 -32.07
N HIS D 1220 28.25 6.32 -31.31
CA HIS D 1220 28.83 7.59 -31.75
C HIS D 1220 29.62 7.41 -33.04
N ASP D 1221 30.45 6.37 -33.10
CA ASP D 1221 31.23 6.10 -34.31
C ASP D 1221 30.32 5.77 -35.48
N ILE D 1222 29.26 4.99 -35.23
CA ILE D 1222 28.32 4.64 -36.30
C ILE D 1222 27.66 5.89 -36.85
N LEU D 1223 27.22 6.79 -35.97
CA LEU D 1223 26.61 8.04 -36.42
C LEU D 1223 27.61 8.90 -37.19
N ARG D 1224 28.85 8.98 -36.69
CA ARG D 1224 29.84 9.83 -37.34
C ARG D 1224 30.21 9.34 -38.73
N LEU D 1225 30.35 8.02 -38.90
CA LEU D 1225 30.87 7.46 -40.15
C LEU D 1225 29.77 6.98 -41.08
N ARG D 1226 28.93 6.05 -40.63
CA ARG D 1226 27.93 5.46 -41.51
C ARG D 1226 26.65 6.29 -41.62
N GLY D 1227 26.51 7.34 -40.82
CA GLY D 1227 25.38 8.24 -40.95
C GLY D 1227 24.32 8.05 -39.89
N VAL D 1228 23.15 8.60 -40.19
CA VAL D 1228 22.03 8.62 -39.25
C VAL D 1228 21.19 7.34 -39.34
N HIS D 1229 20.89 6.92 -40.57
CA HIS D 1229 20.05 5.73 -40.76
C HIS D 1229 20.70 4.49 -40.16
N ALA D 1230 22.03 4.40 -40.23
CA ALA D 1230 22.72 3.22 -39.70
C ALA D 1230 22.56 3.13 -38.18
N VAL D 1231 22.79 4.24 -37.47
CA VAL D 1231 22.63 4.21 -36.02
C VAL D 1231 21.17 4.04 -35.63
N THR D 1232 20.24 4.59 -36.43
CA THR D 1232 18.83 4.36 -36.16
C THR D 1232 18.49 2.88 -36.25
N ARG D 1233 18.93 2.21 -37.31
CA ARG D 1233 18.69 0.78 -37.46
C ARG D 1233 19.35 0.00 -36.34
N TYR D 1234 20.58 0.37 -35.97
CA TYR D 1234 21.28 -0.32 -34.90
C TYR D 1234 20.51 -0.25 -33.58
N ILE D 1235 20.08 0.97 -33.20
CA ILE D 1235 19.35 1.13 -31.95
C ILE D 1235 18.02 0.39 -32.00
N VAL D 1236 17.30 0.50 -33.12
CA VAL D 1236 16.00 -0.15 -33.24
C VAL D 1236 16.15 -1.67 -33.10
N ASN D 1237 17.11 -2.25 -33.83
CA ASN D 1237 17.30 -3.70 -33.76
C ASN D 1237 17.75 -4.14 -32.38
N GLU D 1238 18.65 -3.39 -31.75
CA GLU D 1238 19.15 -3.76 -30.44
C GLU D 1238 18.03 -3.75 -29.39
N VAL D 1239 17.15 -2.74 -29.44
CA VAL D 1239 16.04 -2.69 -28.51
C VAL D 1239 15.02 -3.78 -28.82
N GLN D 1240 14.72 -3.99 -30.11
CA GLN D 1240 13.71 -4.96 -30.49
C GLN D 1240 14.14 -6.39 -30.19
N ASP D 1241 15.44 -6.68 -30.20
CA ASP D 1241 15.89 -8.01 -29.80
C ASP D 1241 15.53 -8.28 -28.34
N VAL D 1242 15.81 -7.32 -27.46
CA VAL D 1242 15.51 -7.47 -26.04
C VAL D 1242 14.01 -7.59 -25.83
N TYR D 1243 13.22 -6.78 -26.53
CA TYR D 1243 11.78 -6.87 -26.35
C TYR D 1243 11.18 -8.13 -26.96
N ARG D 1244 11.79 -8.64 -28.03
CA ARG D 1244 11.30 -9.87 -28.67
C ARG D 1244 11.64 -11.11 -27.86
N LEU D 1245 12.76 -11.08 -27.12
CA LEU D 1245 13.13 -12.24 -26.32
C LEU D 1245 12.03 -12.62 -25.32
N GLN D 1246 11.29 -11.65 -24.81
CA GLN D 1246 10.23 -11.90 -23.84
C GLN D 1246 8.84 -11.89 -24.48
N GLY D 1247 8.75 -11.87 -25.79
CA GLY D 1247 7.46 -11.89 -26.47
C GLY D 1247 6.62 -10.64 -26.27
N VAL D 1248 7.24 -9.46 -26.33
CA VAL D 1248 6.55 -8.19 -26.19
C VAL D 1248 6.61 -7.47 -27.54
N LYS D 1249 5.46 -7.04 -28.04
CA LYS D 1249 5.36 -6.43 -29.36
C LYS D 1249 5.19 -4.93 -29.22
N ILE D 1250 6.13 -4.17 -29.78
CA ILE D 1250 6.07 -2.70 -29.81
C ILE D 1250 6.49 -2.25 -31.20
N ASN D 1251 5.73 -1.33 -31.77
CA ASN D 1251 6.04 -0.82 -33.11
C ASN D 1251 7.33 0.00 -33.08
N ASP D 1252 8.02 0.02 -34.23
CA ASP D 1252 9.33 0.66 -34.31
C ASP D 1252 9.25 2.18 -34.30
N LYS D 1253 8.10 2.76 -34.67
CA LYS D 1253 8.01 4.21 -34.80
C LYS D 1253 8.23 4.92 -33.47
N HIS D 1254 7.88 4.27 -32.35
CA HIS D 1254 8.13 4.88 -31.05
C HIS D 1254 9.63 5.01 -30.78
N ILE D 1255 10.38 3.94 -31.07
CA ILE D 1255 11.83 4.00 -30.91
C ILE D 1255 12.44 5.00 -31.87
N GLU D 1256 11.87 5.10 -33.09
CA GLU D 1256 12.35 6.09 -34.04
C GLU D 1256 12.13 7.50 -33.53
N VAL D 1257 10.98 7.75 -32.90
CA VAL D 1257 10.71 9.05 -32.29
C VAL D 1257 11.72 9.35 -31.19
N ILE D 1258 12.01 8.36 -30.34
CA ILE D 1258 12.98 8.55 -29.29
C ILE D 1258 14.36 8.87 -29.87
N VAL D 1259 14.76 8.16 -30.93
CA VAL D 1259 16.04 8.44 -31.58
C VAL D 1259 16.07 9.85 -32.16
N ARG D 1260 14.97 10.26 -32.80
CA ARG D 1260 14.90 11.61 -33.35
C ARG D 1260 15.06 12.65 -32.26
N GLN D 1261 14.44 12.44 -31.10
CA GLN D 1261 14.67 13.33 -29.97
C GLN D 1261 16.11 13.27 -29.50
N MET D 1262 16.74 12.11 -29.60
CA MET D 1262 18.15 11.94 -29.26
C MET D 1262 19.09 12.59 -30.26
N LEU D 1263 18.59 13.01 -31.43
CA LEU D 1263 19.44 13.55 -32.48
C LEU D 1263 19.17 15.03 -32.75
N ARG D 1264 19.07 15.83 -31.68
CA ARG D 1264 18.62 17.21 -31.79
C ARG D 1264 19.75 18.25 -31.80
N LYS D 1265 21.00 17.83 -31.62
CA LYS D 1265 22.11 18.78 -31.53
C LYS D 1265 23.02 18.70 -32.75
N ALA D 1266 23.90 19.70 -32.86
CA ALA D 1266 24.85 19.83 -33.97
C ALA D 1266 25.87 20.90 -33.62
N THR D 1267 27.13 20.65 -33.97
CA THR D 1267 28.22 21.59 -33.74
C THR D 1267 28.67 22.18 -35.07
N ILE D 1268 28.85 23.50 -35.10
CA ILE D 1268 29.33 24.18 -36.29
C ILE D 1268 30.81 23.88 -36.48
N VAL D 1269 31.16 23.31 -37.63
CA VAL D 1269 32.55 22.99 -37.95
C VAL D 1269 33.20 24.22 -38.57
N ASN D 1270 32.62 24.72 -39.66
CA ASN D 1270 33.12 25.92 -40.33
C ASN D 1270 31.93 26.74 -40.81
N ALA D 1271 31.81 27.96 -40.31
CA ALA D 1271 30.74 28.86 -40.70
C ALA D 1271 31.22 29.86 -41.73
N GLY D 1272 30.41 30.09 -42.75
CA GLY D 1272 30.75 31.04 -43.80
C GLY D 1272 30.02 32.36 -43.65
N SER D 1273 28.97 32.57 -44.46
CA SER D 1273 28.18 33.78 -44.36
C SER D 1273 27.38 33.86 -43.07
N SER D 1274 27.14 32.73 -42.41
CA SER D 1274 26.35 32.72 -41.19
C SER D 1274 27.12 33.35 -40.05
N ASP D 1275 26.37 33.86 -39.07
CA ASP D 1275 26.94 34.44 -37.85
C ASP D 1275 26.96 33.39 -36.73
N PHE D 1276 27.74 32.34 -36.95
CA PHE D 1276 27.84 31.23 -36.02
C PHE D 1276 29.30 31.00 -35.64
N LEU D 1277 29.56 30.93 -34.33
CA LEU D 1277 30.90 30.62 -33.85
C LEU D 1277 31.25 29.17 -34.16
N GLU D 1278 32.55 28.91 -34.36
CA GLU D 1278 33.03 27.59 -34.73
C GLU D 1278 33.38 26.79 -33.48
N GLY D 1279 32.93 25.54 -33.45
CA GLY D 1279 33.16 24.67 -32.31
C GLY D 1279 32.09 24.73 -31.24
N GLU D 1280 31.06 25.56 -31.40
CA GLU D 1280 29.98 25.65 -30.44
C GLU D 1280 28.87 24.68 -30.79
N GLN D 1281 28.11 24.27 -29.77
CA GLN D 1281 27.00 23.35 -29.94
C GLN D 1281 25.71 24.15 -30.03
N VAL D 1282 24.97 23.98 -31.13
CA VAL D 1282 23.76 24.74 -31.39
C VAL D 1282 22.66 23.78 -31.85
N GLU D 1283 21.43 24.27 -31.80
CA GLU D 1283 20.28 23.47 -32.21
C GLU D 1283 20.30 23.25 -33.72
N TYR D 1284 20.02 22.01 -34.14
CA TYR D 1284 20.11 21.65 -35.54
C TYR D 1284 19.06 22.38 -36.38
N SER D 1285 17.84 22.51 -35.86
CA SER D 1285 16.79 23.22 -36.60
C SER D 1285 17.16 24.69 -36.79
N ARG D 1286 17.84 25.29 -35.81
CA ARG D 1286 18.30 26.66 -35.97
C ARG D 1286 19.28 26.77 -37.14
N VAL D 1287 20.19 25.82 -37.26
CA VAL D 1287 21.13 25.81 -38.37
C VAL D 1287 20.40 25.62 -39.69
N LYS D 1288 19.40 24.74 -39.72
CA LYS D 1288 18.63 24.54 -40.94
C LYS D 1288 17.93 25.83 -41.37
N ILE D 1289 17.31 26.52 -40.42
CA ILE D 1289 16.62 27.76 -40.75
C ILE D 1289 17.61 28.83 -41.19
N ALA D 1290 18.77 28.91 -40.53
CA ALA D 1290 19.80 29.87 -40.93
C ALA D 1290 20.29 29.61 -42.34
N ASN D 1291 20.54 28.35 -42.69
CA ASN D 1291 20.97 28.03 -44.05
C ASN D 1291 19.87 28.33 -45.06
N ARG D 1292 18.62 28.03 -44.72
CA ARG D 1292 17.52 28.28 -45.65
C ARG D 1292 17.36 29.78 -45.92
N GLU D 1293 17.48 30.61 -44.87
CA GLU D 1293 17.39 32.05 -45.10
C GLU D 1293 18.65 32.61 -45.74
N LEU D 1294 19.79 31.95 -45.58
CA LEU D 1294 21.01 32.34 -46.27
C LEU D 1294 21.01 31.94 -47.74
N GLU D 1295 20.17 30.99 -48.13
CA GLU D 1295 20.03 30.68 -49.55
C GLU D 1295 19.51 31.88 -50.33
N ALA D 1296 18.79 32.78 -49.67
CA ALA D 1296 18.47 34.07 -50.26
C ALA D 1296 19.77 34.84 -50.50
N ASN D 1297 19.84 35.50 -51.66
CA ASN D 1297 21.03 36.17 -52.19
C ASN D 1297 22.13 35.19 -52.56
N GLY D 1298 21.86 33.89 -52.53
CA GLY D 1298 22.80 32.87 -52.97
C GLY D 1298 24.13 32.86 -52.24
N LYS D 1299 24.10 32.93 -50.92
CA LYS D 1299 25.32 32.88 -50.12
C LYS D 1299 25.62 31.43 -49.72
N VAL D 1300 26.61 31.24 -48.86
CA VAL D 1300 27.04 29.92 -48.42
C VAL D 1300 26.65 29.75 -46.95
N GLY D 1301 26.06 28.60 -46.63
CA GLY D 1301 25.67 28.30 -45.28
C GLY D 1301 26.83 27.82 -44.43
N ALA D 1302 26.48 27.31 -43.25
CA ALA D 1302 27.47 26.80 -42.31
C ALA D 1302 27.70 25.30 -42.54
N THR D 1303 28.83 24.82 -42.04
CA THR D 1303 29.19 23.41 -42.09
C THR D 1303 29.18 22.86 -40.67
N TYR D 1304 28.56 21.70 -40.50
CA TYR D 1304 28.29 21.20 -39.16
C TYR D 1304 28.38 19.69 -39.14
N SER D 1305 28.57 19.15 -37.93
CA SER D 1305 28.46 17.73 -37.65
C SER D 1305 27.36 17.50 -36.64
N ARG D 1306 26.79 16.29 -36.66
CA ARG D 1306 25.64 15.97 -35.82
C ARG D 1306 26.09 15.21 -34.58
N ASP D 1307 25.46 15.52 -33.45
CA ASP D 1307 25.78 14.91 -32.16
C ASP D 1307 24.76 13.84 -31.80
N LEU D 1308 25.18 12.95 -30.89
CA LEU D 1308 24.30 11.97 -30.28
C LEU D 1308 24.43 12.11 -28.77
N LEU D 1309 23.31 12.31 -28.10
CA LEU D 1309 23.29 12.51 -26.66
C LEU D 1309 22.33 11.53 -26.01
N GLY D 1310 22.66 11.12 -24.79
CA GLY D 1310 21.73 10.33 -24.01
C GLY D 1310 20.47 11.09 -23.66
N ILE D 1311 19.43 10.34 -23.29
CA ILE D 1311 18.13 10.95 -23.04
C ILE D 1311 18.22 11.96 -21.90
N THR D 1312 18.98 11.65 -20.86
CA THR D 1312 19.13 12.57 -19.73
C THR D 1312 19.82 13.86 -20.18
N LYS D 1313 20.97 13.74 -20.85
CA LYS D 1313 21.70 14.93 -21.27
C LYS D 1313 20.98 15.69 -22.36
N ALA D 1314 20.28 14.98 -23.25
CA ALA D 1314 19.49 15.67 -24.28
C ALA D 1314 18.33 16.43 -23.66
N SER D 1315 17.70 15.86 -22.64
CA SER D 1315 16.60 16.55 -21.97
C SER D 1315 17.10 17.73 -21.14
N LEU D 1316 18.29 17.61 -20.56
CA LEU D 1316 18.86 18.70 -19.79
C LEU D 1316 19.42 19.83 -20.65
N ALA D 1317 19.48 19.65 -21.97
CA ALA D 1317 20.04 20.65 -22.87
C ALA D 1317 18.95 21.33 -23.71
N THR D 1318 17.71 21.35 -23.23
CA THR D 1318 16.64 21.99 -23.97
C THR D 1318 16.77 23.52 -23.90
N GLU D 1319 15.99 24.20 -24.75
CA GLU D 1319 16.01 25.65 -24.80
C GLU D 1319 15.13 26.30 -23.74
N SER D 1320 14.39 25.50 -22.97
CA SER D 1320 13.52 26.01 -21.92
C SER D 1320 14.11 25.61 -20.57
N PHE D 1321 14.43 26.61 -19.74
CA PHE D 1321 15.03 26.32 -18.44
C PHE D 1321 14.00 25.84 -17.42
N ILE D 1322 12.72 26.13 -17.63
CA ILE D 1322 11.70 25.68 -16.68
C ILE D 1322 11.57 24.17 -16.71
N SER D 1323 11.49 23.58 -17.92
CA SER D 1323 11.37 22.13 -18.03
C SER D 1323 12.61 21.44 -17.48
N ALA D 1324 13.81 21.96 -17.81
CA ALA D 1324 15.03 21.36 -17.31
C ALA D 1324 15.12 21.45 -15.79
N ALA D 1325 14.73 22.58 -15.22
CA ALA D 1325 14.75 22.74 -13.77
C ALA D 1325 13.75 21.79 -13.11
N SER D 1326 12.57 21.62 -13.71
CA SER D 1326 11.59 20.70 -13.15
C SER D 1326 11.98 19.25 -13.33
N PHE D 1327 12.86 18.95 -14.27
CA PHE D 1327 13.30 17.56 -14.47
C PHE D 1327 14.34 17.14 -13.44
N GLN D 1328 15.51 17.77 -13.48
CA GLN D 1328 16.63 17.33 -12.66
C GLN D 1328 17.62 18.49 -12.51
N GLU D 1329 18.46 18.39 -11.48
CA GLU D 1329 19.56 19.31 -11.23
C GLU D 1329 19.08 20.76 -11.27
N THR D 1330 18.17 21.08 -10.34
CA THR D 1330 17.54 22.40 -10.33
C THR D 1330 18.56 23.49 -10.05
N THR D 1331 19.48 23.27 -9.12
CA THR D 1331 20.42 24.31 -8.73
C THR D 1331 21.30 24.73 -9.90
N ARG D 1332 21.90 23.75 -10.59
CA ARG D 1332 22.79 24.07 -11.71
C ARG D 1332 22.04 24.78 -12.83
N VAL D 1333 20.85 24.27 -13.18
CA VAL D 1333 20.09 24.86 -14.28
C VAL D 1333 19.69 26.30 -13.93
N LEU D 1334 19.21 26.52 -12.71
CA LEU D 1334 18.82 27.86 -12.30
C LEU D 1334 20.00 28.81 -12.28
N THR D 1335 21.14 28.34 -11.77
CA THR D 1335 22.33 29.19 -11.72
C THR D 1335 22.78 29.59 -13.12
N GLU D 1336 22.86 28.61 -14.03
CA GLU D 1336 23.29 28.91 -15.39
C GLU D 1336 22.30 29.82 -16.10
N ALA D 1337 21.00 29.59 -15.92
CA ALA D 1337 20.00 30.44 -16.55
C ALA D 1337 20.05 31.86 -16.02
N ALA D 1338 20.23 32.02 -14.70
CA ALA D 1338 20.33 33.36 -14.13
C ALA D 1338 21.59 34.08 -14.60
N VAL D 1339 22.71 33.36 -14.70
CA VAL D 1339 23.94 33.97 -15.17
C VAL D 1339 23.79 34.39 -16.64
N ALA D 1340 23.17 33.54 -17.46
CA ALA D 1340 23.00 33.83 -18.87
C ALA D 1340 21.87 34.80 -19.15
N GLY D 1341 20.99 35.05 -18.19
CA GLY D 1341 19.87 35.95 -18.41
C GLY D 1341 18.87 35.45 -19.43
N LYS D 1342 18.52 34.17 -19.36
CA LYS D 1342 17.65 33.56 -20.36
C LYS D 1342 16.21 34.01 -20.16
N ARG D 1343 15.42 33.83 -21.22
CA ARG D 1343 13.97 33.98 -21.16
C ARG D 1343 13.34 32.74 -21.77
N ASP D 1344 12.15 32.37 -21.27
CA ASP D 1344 11.52 31.12 -21.64
C ASP D 1344 10.13 31.40 -22.21
N GLU D 1345 9.95 31.09 -23.49
CA GLU D 1345 8.62 31.09 -24.08
C GLU D 1345 7.86 29.82 -23.67
N LEU D 1346 6.54 29.88 -23.82
CA LEU D 1346 5.66 28.81 -23.35
C LEU D 1346 5.30 27.96 -24.57
N ARG D 1347 6.10 26.92 -24.80
CA ARG D 1347 5.94 26.08 -25.98
C ARG D 1347 5.64 24.62 -25.67
N GLY D 1348 6.29 24.04 -24.66
CA GLY D 1348 6.10 22.64 -24.36
C GLY D 1348 4.86 22.36 -23.54
N LEU D 1349 4.60 21.06 -23.34
CA LEU D 1349 3.45 20.66 -22.55
C LEU D 1349 3.68 20.89 -21.06
N LYS D 1350 4.88 20.58 -20.59
CA LYS D 1350 5.17 20.68 -19.15
C LYS D 1350 5.09 22.13 -18.68
N GLU D 1351 5.59 23.07 -19.48
CA GLU D 1351 5.53 24.48 -19.10
C GLU D 1351 4.09 24.95 -18.95
N ASN D 1352 3.23 24.61 -19.91
CA ASN D 1352 1.83 25.02 -19.82
C ASN D 1352 1.11 24.31 -18.68
N VAL D 1353 1.48 23.07 -18.39
CA VAL D 1353 0.92 22.39 -17.22
C VAL D 1353 1.32 23.13 -15.94
N ILE D 1354 2.59 23.55 -15.87
CA ILE D 1354 3.08 24.25 -14.67
C ILE D 1354 2.35 25.58 -14.49
N VAL D 1355 2.19 26.34 -15.58
CA VAL D 1355 1.52 27.63 -15.47
C VAL D 1355 0.00 27.51 -15.52
N GLY D 1356 -0.52 26.31 -15.75
CA GLY D 1356 -1.96 26.10 -15.72
C GLY D 1356 -2.71 26.48 -16.96
N ARG D 1357 -2.04 26.56 -18.11
CA ARG D 1357 -2.69 26.90 -19.37
C ARG D 1357 -3.06 25.63 -20.13
N LEU D 1358 -3.75 25.82 -21.25
CA LEU D 1358 -4.09 24.70 -22.12
C LEU D 1358 -2.83 24.20 -22.83
N ILE D 1359 -2.66 22.88 -22.85
CA ILE D 1359 -1.49 22.31 -23.55
C ILE D 1359 -1.65 22.51 -25.05
N PRO D 1360 -0.57 22.76 -25.79
CA PRO D 1360 -0.65 22.94 -27.26
C PRO D 1360 -0.78 21.62 -28.02
N ALA D 1361 -1.70 20.77 -27.57
CA ALA D 1361 -1.95 19.49 -28.23
C ALA D 1361 -3.40 19.11 -27.98
N GLY D 1362 -3.92 18.23 -28.84
CA GLY D 1362 -5.30 17.80 -28.71
C GLY D 1362 -6.25 18.95 -28.99
N THR D 1363 -7.09 19.26 -28.00
CA THR D 1363 -8.10 20.31 -28.17
C THR D 1363 -7.55 21.71 -27.95
N GLY D 1364 -6.36 21.84 -27.39
CA GLY D 1364 -5.74 23.15 -27.22
C GLY D 1364 -4.86 23.59 -28.38
N TYR D 1365 -4.66 22.70 -29.35
CA TYR D 1365 -3.84 23.05 -30.51
C TYR D 1365 -4.45 24.19 -31.31
N ALA D 1366 -5.78 24.17 -31.49
CA ALA D 1366 -6.46 25.24 -32.20
C ALA D 1366 -6.33 26.57 -31.45
N TYR D 1367 -6.47 26.53 -30.12
CA TYR D 1367 -6.32 27.75 -29.32
C TYR D 1367 -4.91 28.31 -29.45
N HIS D 1368 -3.89 27.46 -29.36
CA HIS D 1368 -2.52 27.94 -29.48
C HIS D 1368 -2.23 28.45 -30.88
N GLN D 1369 -2.77 27.80 -31.91
CA GLN D 1369 -2.59 28.27 -33.28
C GLN D 1369 -3.25 29.63 -33.48
N ASP D 1370 -4.44 29.83 -32.91
CA ASP D 1370 -5.10 31.13 -33.02
C ASP D 1370 -4.32 32.20 -32.29
N ARG D 1371 -3.77 31.89 -31.11
CA ARG D 1371 -2.96 32.86 -30.39
C ARG D 1371 -1.70 33.22 -31.18
N MET D 1372 -1.06 32.22 -31.78
CA MET D 1372 0.11 32.50 -32.61
C MET D 1372 -0.25 33.34 -33.83
N ARG D 1373 -1.41 33.07 -34.44
CA ARG D 1373 -1.86 33.86 -35.57
C ARG D 1373 -2.08 35.31 -35.17
N ARG D 1374 -2.73 35.53 -34.02
CA ARG D 1374 -2.96 36.89 -33.56
C ARG D 1374 -1.66 37.61 -33.22
N ARG D 1375 -0.70 36.89 -32.64
CA ARG D 1375 0.60 37.50 -32.36
C ARG D 1375 1.32 37.87 -33.66
N ALA D 1376 1.25 36.98 -34.66
CA ALA D 1376 1.89 37.28 -35.95
C ALA D 1376 1.24 38.47 -36.63
N ALA D 1377 -0.09 38.58 -36.55
CA ALA D 1377 -0.77 39.72 -37.14
C ALA D 1377 -0.36 41.02 -36.47
N GLY D 1378 -0.23 41.01 -35.15
CA GLY D 1378 0.18 42.20 -34.42
C GLY D 1378 1.66 42.50 -34.53
N ALA G 9 47.84 40.89 16.66
CA ALA G 9 46.59 40.14 16.57
C ALA G 9 46.17 39.95 15.13
N LEU G 10 47.08 39.40 14.31
CA LEU G 10 46.82 39.15 12.90
C LEU G 10 46.76 37.67 12.58
N ALA G 11 46.58 36.82 13.59
CA ALA G 11 46.48 35.39 13.36
C ALA G 11 45.22 35.07 12.56
N PRO G 12 45.28 34.05 11.70
CA PRO G 12 44.10 33.69 10.90
C PRO G 12 43.11 32.86 11.69
N VAL G 13 41.83 33.10 11.42
CA VAL G 13 40.74 32.39 12.07
C VAL G 13 39.83 31.84 10.98
N GLY G 14 40.07 30.59 10.58
CA GLY G 14 39.21 29.94 9.61
C GLY G 14 38.01 29.23 10.20
N ASN G 15 38.04 28.97 11.50
CA ASN G 15 36.91 28.35 12.20
C ASN G 15 37.05 28.67 13.68
N LEU G 16 36.11 28.16 14.48
CA LEU G 16 36.14 28.42 15.92
C LEU G 16 37.37 27.79 16.57
N ASP G 17 37.78 26.62 16.10
CA ASP G 17 38.96 25.96 16.66
C ASP G 17 40.21 26.80 16.47
N SER G 18 40.38 27.39 15.28
CA SER G 18 41.54 28.24 15.03
C SER G 18 41.49 29.53 15.84
N TYR G 19 40.30 29.96 16.26
CA TYR G 19 40.17 31.16 17.08
C TYR G 19 40.59 30.92 18.52
N ILE G 20 40.36 29.70 19.03
CA ILE G 20 40.72 29.38 20.41
C ILE G 20 42.24 29.36 20.57
N ARG G 21 42.96 28.86 19.56
CA ARG G 21 44.41 28.78 19.65
C ARG G 21 45.04 30.16 19.85
N ALA G 22 44.56 31.15 19.10
CA ALA G 22 45.09 32.50 19.24
C ALA G 22 44.80 33.07 20.62
N ALA G 23 43.60 32.81 21.15
CA ALA G 23 43.25 33.31 22.47
C ALA G 23 44.14 32.69 23.56
N ASN G 24 44.42 31.39 23.45
CA ASN G 24 45.25 30.74 24.45
C ASN G 24 46.72 31.11 24.28
N ALA G 25 47.15 31.40 23.06
CA ALA G 25 48.55 31.73 22.83
C ALA G 25 48.98 33.04 23.48
N TRP G 26 48.03 33.92 23.78
CA TRP G 26 48.38 35.18 24.43
C TRP G 26 48.88 34.92 25.85
N PRO G 27 49.98 35.54 26.27
CA PRO G 27 50.48 35.32 27.63
C PRO G 27 49.63 36.05 28.66
N MET G 28 49.37 35.36 29.78
CA MET G 28 48.61 35.95 30.87
C MET G 28 49.50 36.89 31.67
N LEU G 29 49.08 38.15 31.77
CA LEU G 29 49.86 39.14 32.49
C LEU G 29 49.79 38.90 33.99
N SER G 30 50.73 39.49 34.71
CA SER G 30 50.73 39.47 36.16
C SER G 30 50.04 40.71 36.70
N ALA G 31 49.81 40.72 38.02
CA ALA G 31 49.11 41.83 38.64
C ALA G 31 49.90 43.13 38.55
N ASP G 32 51.23 43.04 38.55
CA ASP G 32 52.05 44.25 38.59
C ASP G 32 51.89 45.09 37.32
N GLU G 33 52.05 44.45 36.15
CA GLU G 33 51.91 45.18 34.89
C GLU G 33 50.46 45.36 34.45
N GLU G 34 49.52 44.64 35.09
CA GLU G 34 48.11 44.89 34.80
C GLU G 34 47.68 46.26 35.33
N ARG G 35 48.25 46.68 36.46
CA ARG G 35 47.92 47.97 37.04
C ARG G 35 48.33 49.11 36.12
N ALA G 36 49.49 49.00 35.48
CA ALA G 36 49.99 50.08 34.64
C ALA G 36 49.06 50.34 33.46
N LEU G 37 48.59 49.28 32.80
CA LEU G 37 47.67 49.46 31.68
C LEU G 37 46.32 49.99 32.15
N ALA G 38 45.80 49.45 33.25
CA ALA G 38 44.51 49.92 33.76
C ALA G 38 44.58 51.37 34.21
N GLU G 39 45.69 51.76 34.84
CA GLU G 39 45.84 53.15 35.27
C GLU G 39 45.86 54.10 34.07
N LYS G 40 46.58 53.73 33.02
CA LYS G 40 46.59 54.54 31.80
C LYS G 40 45.21 54.57 31.16
N LEU G 41 44.51 53.44 31.17
CA LEU G 41 43.18 53.38 30.56
C LEU G 41 42.20 54.27 31.30
N HIS G 42 42.26 54.28 32.64
CA HIS G 42 41.25 55.00 33.42
C HIS G 42 41.44 56.50 33.35
N TYR G 43 42.69 56.97 33.45
CA TYR G 43 42.96 58.40 33.55
C TYR G 43 43.32 59.05 32.22
N HIS G 44 44.08 58.36 31.37
CA HIS G 44 44.53 58.94 30.12
C HIS G 44 43.78 58.41 28.90
N GLY G 45 42.85 57.49 29.09
CA GLY G 45 42.04 56.99 27.99
C GLY G 45 42.86 56.34 26.89
N ASP G 46 43.79 55.47 27.27
CA ASP G 46 44.67 54.81 26.31
C ASP G 46 43.92 53.65 25.67
N LEU G 47 43.60 53.79 24.38
CA LEU G 47 42.94 52.70 23.66
C LEU G 47 43.85 51.48 23.53
N GLU G 48 45.17 51.70 23.51
CA GLU G 48 46.10 50.57 23.47
C GLU G 48 46.05 49.78 24.77
N ALA G 49 45.85 50.45 25.90
CA ALA G 49 45.75 49.76 27.18
C ALA G 49 44.53 48.84 27.21
N ALA G 50 43.40 49.33 26.70
CA ALA G 50 42.21 48.47 26.59
C ALA G 50 42.44 47.33 25.61
N LYS G 51 43.16 47.59 24.52
CA LYS G 51 43.44 46.55 23.54
C LYS G 51 44.24 45.41 24.17
N THR G 52 45.27 45.74 24.96
CA THR G 52 46.07 44.70 25.59
C THR G 52 45.28 43.96 26.66
N LEU G 53 44.48 44.68 27.44
CA LEU G 53 43.71 44.05 28.51
C LEU G 53 42.67 43.08 27.96
N ILE G 54 41.99 43.46 26.87
CA ILE G 54 40.94 42.61 26.32
C ILE G 54 41.53 41.35 25.71
N LEU G 55 42.58 41.50 24.91
CA LEU G 55 43.16 40.35 24.21
C LEU G 55 43.78 39.35 25.20
N SER G 56 44.43 39.85 26.24
CA SER G 56 45.06 38.97 27.23
C SER G 56 44.04 38.19 28.06
N HIS G 57 42.76 38.57 28.02
CA HIS G 57 41.73 37.90 28.79
C HIS G 57 40.74 37.16 27.89
N LEU G 58 41.07 36.93 26.62
CA LEU G 58 40.17 36.22 25.73
C LEU G 58 40.00 34.76 26.15
N ARG G 59 41.05 34.14 26.68
CA ARG G 59 40.95 32.77 27.16
C ARG G 59 40.03 32.66 28.37
N PHE G 60 39.87 33.75 29.13
CA PHE G 60 38.99 33.72 30.29
C PHE G 60 37.54 33.49 29.89
N VAL G 61 37.11 34.11 28.79
CA VAL G 61 35.73 33.97 28.33
C VAL G 61 35.48 32.56 27.81
N VAL G 62 36.45 31.98 27.12
CA VAL G 62 36.24 30.72 26.42
C VAL G 62 35.87 29.59 27.40
N HIS G 63 36.62 29.47 28.49
CA HIS G 63 36.34 28.41 29.44
C HIS G 63 35.09 28.66 30.28
N ILE G 64 34.66 29.92 30.38
CA ILE G 64 33.39 30.22 31.05
C ILE G 64 32.22 29.73 30.20
N ALA G 65 32.29 29.96 28.89
CA ALA G 65 31.19 29.57 28.02
C ALA G 65 31.00 28.06 27.94
N ARG G 66 32.05 27.29 28.25
CA ARG G 66 31.94 25.84 28.21
C ARG G 66 30.92 25.32 29.23
N ASN G 67 30.73 26.06 30.33
CA ASN G 67 29.78 25.65 31.36
C ASN G 67 28.32 25.80 30.92
N TYR G 68 28.07 26.45 29.79
CA TYR G 68 26.72 26.71 29.31
C TYR G 68 26.38 25.91 28.06
N ALA G 69 26.90 24.69 27.97
CA ALA G 69 26.68 23.84 26.80
C ALA G 69 25.46 22.94 26.92
N GLY G 70 24.71 23.05 28.02
CA GLY G 70 23.53 22.22 28.21
C GLY G 70 22.29 22.80 27.56
N TYR G 71 22.36 24.04 27.10
CA TYR G 71 21.20 24.71 26.53
C TYR G 71 21.01 24.42 25.05
N GLY G 72 21.97 23.77 24.39
CA GLY G 72 21.84 23.43 23.00
C GLY G 72 22.14 24.56 22.03
N LEU G 73 22.70 25.67 22.49
CA LEU G 73 23.06 26.78 21.62
C LEU G 73 24.47 26.62 21.10
N PRO G 74 24.78 27.19 19.92
CA PRO G 74 26.13 27.06 19.37
C PRO G 74 27.18 27.66 20.31
N GLN G 75 28.34 27.01 20.36
CA GLN G 75 29.41 27.47 21.24
C GLN G 75 29.99 28.80 20.76
N ALA G 76 30.06 29.00 19.45
CA ALA G 76 30.63 30.23 18.91
C ALA G 76 29.78 31.44 19.29
N ASP G 77 28.45 31.29 19.26
CA ASP G 77 27.58 32.40 19.62
C ASP G 77 27.73 32.78 21.09
N LEU G 78 27.86 31.78 21.97
CA LEU G 78 28.03 32.06 23.39
C LEU G 78 29.34 32.79 23.66
N ILE G 79 30.41 32.42 22.96
CA ILE G 79 31.71 33.04 23.19
C ILE G 79 31.66 34.53 22.83
N GLN G 80 31.03 34.86 21.70
CA GLN G 80 30.98 36.25 21.27
C GLN G 80 30.11 37.09 22.19
N GLU G 81 29.05 36.51 22.75
CA GLU G 81 28.23 37.23 23.71
C GLU G 81 29.04 37.59 24.95
N GLY G 82 29.88 36.66 25.42
CA GLY G 82 30.75 36.97 26.55
C GLY G 82 31.80 38.01 26.24
N ASN G 83 32.27 38.05 24.99
CA ASN G 83 33.30 39.02 24.61
C ASN G 83 32.80 40.45 24.75
N ILE G 84 31.52 40.68 24.43
CA ILE G 84 30.94 42.01 24.60
C ILE G 84 30.86 42.38 26.07
N GLY G 85 30.50 41.41 26.92
CA GLY G 85 30.48 41.66 28.35
C GLY G 85 31.85 41.96 28.92
N LEU G 86 32.88 41.31 28.38
CA LEU G 86 34.24 41.57 28.83
C LEU G 86 34.66 43.00 28.52
N MET G 87 34.24 43.53 27.36
CA MET G 87 34.58 44.89 27.00
C MET G 87 33.92 45.90 27.93
N LYS G 88 32.69 45.61 28.36
CA LYS G 88 31.98 46.51 29.27
C LYS G 88 32.71 46.62 30.61
N ALA G 89 33.20 45.50 31.14
CA ALA G 89 33.94 45.54 32.39
C ALA G 89 35.26 46.28 32.26
N VAL G 90 35.92 46.13 31.10
CA VAL G 90 37.19 46.83 30.88
C VAL G 90 36.98 48.34 30.88
N ARG G 91 35.92 48.80 30.22
CA ARG G 91 35.62 50.24 30.18
C ARG G 91 35.29 50.80 31.55
N ARG G 92 34.82 49.97 32.48
CA ARG G 92 34.44 50.41 33.81
C ARG G 92 35.33 49.81 34.90
N PHE G 93 36.64 49.77 34.66
CA PHE G 93 37.58 49.19 35.61
C PHE G 93 38.32 50.29 36.36
N ASN G 94 38.34 50.18 37.68
CA ASN G 94 39.08 51.11 38.53
C ASN G 94 40.32 50.41 39.07
N PRO G 95 41.52 50.79 38.63
CA PRO G 95 42.73 50.08 39.07
C PRO G 95 43.08 50.30 40.54
N GLU G 96 42.62 51.40 41.15
CA GLU G 96 43.02 51.71 42.52
C GLU G 96 42.36 50.80 43.55
N VAL G 97 41.36 50.01 43.16
CA VAL G 97 40.70 49.12 44.12
C VAL G 97 41.65 48.02 44.57
N GLY G 98 42.47 47.52 43.66
CA GLY G 98 43.47 46.50 43.97
C GLY G 98 43.08 45.08 43.62
N VAL G 99 41.84 44.86 43.18
CA VAL G 99 41.38 43.53 42.82
C VAL G 99 41.72 43.27 41.35
N ARG G 100 41.85 41.99 41.01
CA ARG G 100 42.16 41.62 39.64
C ARG G 100 40.93 41.76 38.75
N LEU G 101 41.18 42.05 37.47
CA LEU G 101 40.09 42.19 36.50
C LEU G 101 39.32 40.89 36.31
N VAL G 102 39.96 39.74 36.57
CA VAL G 102 39.29 38.46 36.39
C VAL G 102 38.08 38.35 37.31
N SER G 103 38.24 38.76 38.58
CA SER G 103 37.13 38.67 39.53
C SER G 103 36.06 39.72 39.26
N PHE G 104 36.45 40.89 38.72
CA PHE G 104 35.49 41.94 38.44
C PHE G 104 34.64 41.62 37.21
N ALA G 105 35.25 41.06 36.17
CA ALA G 105 34.56 40.84 34.91
C ALA G 105 33.70 39.58 34.90
N VAL G 106 33.79 38.73 35.92
CA VAL G 106 33.03 37.48 35.91
C VAL G 106 31.52 37.75 35.99
N HIS G 107 31.13 38.87 36.61
CA HIS G 107 29.71 39.21 36.69
C HIS G 107 29.18 39.75 35.37
N TRP G 108 29.99 40.48 34.62
CA TRP G 108 29.54 41.04 33.35
C TRP G 108 29.45 39.98 32.27
N ILE G 109 30.42 39.07 32.22
CA ILE G 109 30.43 38.05 31.18
C ILE G 109 29.25 37.10 31.31
N LYS G 110 28.95 36.67 32.55
CA LYS G 110 27.84 35.76 32.76
C LYS G 110 26.48 36.45 32.60
N ALA G 111 26.44 37.78 32.70
CA ALA G 111 25.19 38.48 32.49
C ALA G 111 24.81 38.54 31.02
N GLU G 112 25.79 38.64 30.13
CA GLU G 112 25.51 38.67 28.70
C GLU G 112 25.08 37.29 28.20
N ILE G 113 25.71 36.23 28.72
CA ILE G 113 25.36 34.87 28.30
C ILE G 113 23.95 34.51 28.76
N HIS G 114 23.58 34.92 29.98
CA HIS G 114 22.25 34.60 30.50
C HIS G 114 21.16 35.25 29.65
N GLU G 115 21.36 36.50 29.24
CA GLU G 115 20.35 37.20 28.45
C GLU G 115 20.21 36.60 27.07
N TYR G 116 21.30 36.06 26.51
CA TYR G 116 21.23 35.45 25.19
C TYR G 116 20.48 34.12 25.23
N VAL G 117 20.64 33.35 26.32
CA VAL G 117 19.96 32.08 26.44
C VAL G 117 18.45 32.27 26.57
N LEU G 118 18.04 33.30 27.31
CA LEU G 118 16.61 33.56 27.50
C LEU G 118 15.92 33.86 26.17
N ARG G 119 16.57 34.66 25.32
CA ARG G 119 15.95 35.09 24.07
C ARG G 119 16.05 34.07 22.95
N ASN G 120 16.89 33.04 23.08
CA ASN G 120 17.15 32.14 21.98
C ASN G 120 16.99 30.66 22.32
N TRP G 121 16.54 30.31 23.53
CA TRP G 121 16.38 28.90 23.88
C TRP G 121 15.26 28.25 23.06
N ARG G 122 14.21 29.00 22.77
CA ARG G 122 13.10 28.53 21.94
C ARG G 122 12.81 29.56 20.86
N ILE G 123 11.88 29.22 19.96
CA ILE G 123 11.49 30.15 18.91
C ILE G 123 10.77 31.37 19.49
N VAL G 124 10.15 31.22 20.66
CA VAL G 124 9.46 32.32 21.34
C VAL G 124 10.09 32.47 22.72
N LYS G 125 10.23 33.73 23.15
CA LYS G 125 10.80 34.02 24.47
C LYS G 125 9.96 33.38 25.56
N VAL G 126 10.61 32.67 26.48
CA VAL G 126 9.90 31.94 27.53
C VAL G 126 9.70 32.79 28.76
N ALA G 127 10.68 33.63 29.13
CA ALA G 127 10.63 34.44 30.33
C ALA G 127 10.82 35.90 29.97
N THR G 128 9.86 36.73 30.33
CA THR G 128 9.93 38.17 30.11
C THR G 128 9.84 38.97 31.39
N THR G 129 8.91 38.63 32.28
CA THR G 129 8.69 39.38 33.50
C THR G 129 9.77 39.05 34.54
N LYS G 130 9.72 39.76 35.67
CA LYS G 130 10.71 39.56 36.72
C LYS G 130 10.60 38.18 37.36
N ALA G 131 9.37 37.74 37.64
CA ALA G 131 9.18 36.46 38.31
C ALA G 131 9.58 35.30 37.42
N GLN G 132 9.28 35.39 36.12
CA GLN G 132 9.59 34.29 35.21
C GLN G 132 11.08 34.06 35.09
N ARG G 133 11.88 35.13 35.08
CA ARG G 133 13.32 34.99 34.95
C ARG G 133 13.92 34.25 36.14
N LYS G 134 13.41 34.52 37.35
CA LYS G 134 13.90 33.82 38.53
C LYS G 134 13.61 32.32 38.44
N LEU G 135 12.41 31.95 37.98
CA LEU G 135 12.03 30.55 37.91
C LEU G 135 12.75 29.81 36.78
N PHE G 136 13.23 30.52 35.76
CA PHE G 136 13.87 29.85 34.63
C PHE G 136 15.14 29.12 35.06
N PHE G 137 15.97 29.76 35.88
CA PHE G 137 17.25 29.19 36.28
C PHE G 137 17.16 28.37 37.56
N ASN G 138 16.02 28.39 38.25
CA ASN G 138 15.85 27.65 39.50
C ASN G 138 15.07 26.36 39.33
N LEU G 139 14.10 26.32 38.42
CA LEU G 139 13.31 25.11 38.21
C LEU G 139 14.14 23.96 37.66
N ARG G 140 15.25 24.25 36.99
CA ARG G 140 16.12 23.19 36.49
C ARG G 140 16.71 22.38 37.64
N LYS G 141 17.15 23.05 38.70
CA LYS G 141 17.74 22.37 39.85
C LYS G 141 16.69 21.89 40.83
N THR G 142 15.61 22.65 41.01
CA THR G 142 14.56 22.25 41.94
C THR G 142 13.87 20.97 41.48
N LYS G 143 13.62 20.84 40.18
CA LYS G 143 12.98 19.65 39.66
C LYS G 143 13.92 18.45 39.78
N GLN G 144 13.42 17.39 40.41
CA GLN G 144 14.21 16.18 40.63
C GLN G 144 13.62 14.96 39.92
N ARG G 145 12.30 14.83 39.90
CA ARG G 145 11.64 13.69 39.30
C ARG G 145 10.78 14.15 38.13
N LEU G 146 10.79 13.36 37.06
CA LEU G 146 10.02 13.70 35.88
C LEU G 146 8.52 13.70 36.20
N GLY G 147 7.80 14.56 35.49
CA GLY G 147 6.38 14.75 35.70
C GLY G 147 6.07 16.13 36.23
N TRP G 148 4.81 16.31 36.63
CA TRP G 148 4.33 17.59 37.12
C TRP G 148 4.39 17.65 38.64
N PHE G 149 4.58 18.87 39.16
CA PHE G 149 4.50 19.08 40.60
C PHE G 149 3.09 18.80 41.10
N ASN G 150 3.01 18.25 42.31
CA ASN G 150 1.73 18.17 43.01
C ASN G 150 1.37 19.54 43.58
N GLN G 151 0.21 19.63 44.22
CA GLN G 151 -0.22 20.90 44.78
C GLN G 151 0.71 21.37 45.89
N ASP G 152 1.15 20.45 46.75
CA ASP G 152 1.97 20.82 47.89
C ASP G 152 3.33 21.38 47.47
N GLU G 153 3.97 20.76 46.47
CA GLU G 153 5.29 21.20 46.05
C GLU G 153 5.27 22.59 45.45
N VAL G 154 4.11 23.08 45.01
CA VAL G 154 4.05 24.40 44.39
C VAL G 154 4.32 25.49 45.42
N GLU G 155 3.68 25.39 46.60
CA GLU G 155 3.88 26.41 47.63
C GLU G 155 5.32 26.44 48.12
N MET G 156 5.94 25.26 48.26
CA MET G 156 7.33 25.20 48.72
C MET G 156 8.26 25.94 47.77
N VAL G 157 8.09 25.73 46.47
CA VAL G 157 8.89 26.45 45.49
C VAL G 157 8.53 27.93 45.50
N ALA G 158 7.23 28.24 45.57
CA ALA G 158 6.78 29.63 45.52
C ALA G 158 7.20 30.41 46.76
N ARG G 159 7.24 29.75 47.92
CA ARG G 159 7.55 30.47 49.16
C ARG G 159 8.99 30.96 49.17
N GLU G 160 9.94 30.15 48.70
CA GLU G 160 11.34 30.56 48.72
C GLU G 160 11.62 31.67 47.72
N LEU G 161 11.12 31.53 46.50
CA LEU G 161 11.43 32.46 45.42
C LEU G 161 10.58 33.72 45.44
N GLY G 162 9.60 33.82 46.34
CA GLY G 162 8.75 35.00 46.39
C GLY G 162 7.89 35.17 45.16
N VAL G 163 7.29 34.08 44.66
CA VAL G 163 6.43 34.11 43.49
C VAL G 163 5.10 33.47 43.86
N THR G 164 4.12 33.67 43.00
CA THR G 164 2.79 33.11 43.21
C THR G 164 2.70 31.69 42.67
N SER G 165 1.64 30.99 43.06
CA SER G 165 1.44 29.63 42.58
C SER G 165 1.12 29.60 41.09
N LYS G 166 0.53 30.67 40.56
CA LYS G 166 0.23 30.73 39.13
C LYS G 166 1.51 30.74 38.30
N ASP G 167 2.52 31.47 38.75
CA ASP G 167 3.77 31.56 38.00
C ASP G 167 4.49 30.21 37.94
N VAL G 168 4.48 29.47 39.05
CA VAL G 168 5.21 28.20 39.10
C VAL G 168 4.60 27.21 38.10
N ARG G 169 3.27 27.12 38.06
CA ARG G 169 2.63 26.20 37.13
C ARG G 169 2.79 26.65 35.70
N GLU G 170 2.72 27.96 35.45
CA GLU G 170 2.86 28.47 34.09
C GLU G 170 4.25 28.19 33.53
N MET G 171 5.29 28.42 34.34
CA MET G 171 6.65 28.17 33.86
C MET G 171 6.93 26.67 33.76
N GLU G 172 6.25 25.85 34.57
CA GLU G 172 6.43 24.41 34.49
C GLU G 172 5.99 23.88 33.13
N SER G 173 4.88 24.39 32.60
CA SER G 173 4.44 23.99 31.27
C SER G 173 5.41 24.46 30.20
N ARG G 174 5.96 25.67 30.35
CA ARG G 174 6.85 26.21 29.33
C ARG G 174 8.16 25.45 29.25
N MET G 175 8.56 24.77 30.32
CA MET G 175 9.83 24.04 30.32
C MET G 175 9.76 22.76 29.51
N ALA G 176 8.64 22.04 29.57
CA ALA G 176 8.52 20.74 28.95
C ALA G 176 7.95 20.79 27.54
N ALA G 177 7.59 21.97 27.04
CA ALA G 177 7.00 22.07 25.71
C ALA G 177 8.05 21.73 24.65
N GLN G 178 7.69 20.84 23.74
CA GLN G 178 8.55 20.45 22.63
C GLN G 178 7.92 20.94 21.33
N ASP G 179 8.69 21.70 20.55
CA ASP G 179 8.18 22.33 19.34
C ASP G 179 8.33 21.39 18.15
N MET G 180 7.23 21.13 17.46
CA MET G 180 7.26 20.31 16.26
C MET G 180 7.64 21.15 15.05
N THR G 181 8.24 20.50 14.06
CA THR G 181 8.59 21.15 12.81
C THR G 181 7.41 21.12 11.85
N PHE G 182 7.37 22.11 10.95
CA PHE G 182 6.29 22.20 9.99
C PHE G 182 6.58 21.33 8.78
N ASP G 183 5.62 20.48 8.43
CA ASP G 183 5.76 19.60 7.28
C ASP G 183 4.41 19.27 6.67
N VAL G 198 -2.64 16.48 10.29
CA VAL G 198 -2.36 16.47 11.72
C VAL G 198 -3.19 17.63 12.30
N LEU G 199 -4.01 18.23 11.42
CA LEU G 199 -4.97 19.29 11.70
C LEU G 199 -4.33 20.65 11.97
N TYR G 200 -3.00 20.76 11.94
CA TYR G 200 -2.35 22.06 12.03
C TYR G 200 -1.90 22.60 10.68
N LEU G 201 -1.86 21.75 9.65
CA LEU G 201 -1.57 22.17 8.29
C LEU G 201 -2.76 22.78 7.58
N GLN G 202 -3.97 22.64 8.14
CA GLN G 202 -5.19 23.10 7.50
C GLN G 202 -5.45 24.56 7.80
N ASP G 203 -5.79 25.32 6.75
CA ASP G 203 -6.17 26.71 6.91
C ASP G 203 -7.62 26.78 7.38
N LYS G 204 -7.84 27.43 8.51
CA LYS G 204 -9.16 27.43 9.15
C LYS G 204 -10.14 28.40 8.51
N SER G 205 -9.68 29.26 7.61
CA SER G 205 -10.55 30.21 6.90
C SER G 205 -10.58 29.93 5.40
N SER G 206 -10.48 28.65 5.02
CA SER G 206 -10.41 28.27 3.62
C SER G 206 -11.70 27.66 3.08
N ASN G 207 -12.62 27.25 3.94
CA ASN G 207 -13.85 26.61 3.49
C ASN G 207 -14.79 27.65 2.87
N PHE G 208 -14.71 27.82 1.56
CA PHE G 208 -15.54 28.82 0.89
C PHE G 208 -16.98 28.36 0.72
N ALA G 209 -17.23 27.04 0.71
CA ALA G 209 -18.59 26.54 0.56
C ALA G 209 -19.47 26.97 1.73
N ASP G 210 -18.93 26.93 2.94
CA ASP G 210 -19.70 27.40 4.10
C ASP G 210 -19.97 28.90 4.01
N GLY G 211 -19.00 29.67 3.53
CA GLY G 211 -19.21 31.10 3.40
C GLY G 211 -20.27 31.45 2.37
N ILE G 212 -20.33 30.69 1.28
CA ILE G 212 -21.37 30.91 0.28
C ILE G 212 -22.74 30.61 0.86
N GLU G 213 -22.86 29.53 1.63
CA GLU G 213 -24.14 29.17 2.23
C GLU G 213 -24.58 30.23 3.24
N ASP G 214 -23.63 30.75 4.04
CA ASP G 214 -23.99 31.75 5.03
C ASP G 214 -24.35 33.08 4.38
N ASP G 215 -23.68 33.43 3.28
CA ASP G 215 -24.02 34.65 2.55
C ASP G 215 -25.41 34.55 1.95
N ASN G 216 -25.78 33.38 1.43
CA ASN G 216 -27.12 33.19 0.87
C ASN G 216 -28.18 33.29 1.95
N TRP G 217 -27.91 32.77 3.14
CA TRP G 217 -28.90 32.77 4.20
C TRP G 217 -29.14 34.17 4.75
N GLU G 218 -28.07 34.97 4.88
CA GLU G 218 -28.23 36.31 5.43
C GLU G 218 -28.87 37.26 4.43
N GLU G 219 -28.71 37.00 3.13
CA GLU G 219 -29.29 37.89 2.12
C GLU G 219 -30.80 37.69 2.01
N GLN G 220 -31.28 36.45 2.13
CA GLN G 220 -32.72 36.22 2.03
C GLN G 220 -33.46 36.68 3.28
N ALA G 221 -32.76 36.73 4.43
CA ALA G 221 -33.37 37.25 5.64
C ALA G 221 -33.47 38.77 5.62
N ALA G 222 -32.50 39.44 5.00
CA ALA G 222 -32.56 40.90 4.88
C ALA G 222 -33.72 41.32 4.00
N ASN G 223 -33.97 40.60 2.91
CA ASN G 223 -35.07 40.95 2.02
C ASN G 223 -36.42 40.83 2.72
N ARG G 224 -36.55 39.88 3.65
CA ARG G 224 -37.77 39.78 4.43
C ARG G 224 -37.96 41.00 5.31
N LEU G 225 -36.86 41.52 5.88
CA LEU G 225 -36.94 42.73 6.68
C LEU G 225 -37.39 43.93 5.86
N THR G 226 -36.86 44.06 4.63
CA THR G 226 -37.25 45.17 3.77
C THR G 226 -38.73 45.09 3.40
N ASP G 227 -39.21 43.88 3.06
CA ASP G 227 -40.61 43.70 2.72
C ASP G 227 -41.51 44.00 3.91
N ALA G 228 -41.11 43.56 5.11
CA ALA G 228 -41.91 43.83 6.31
C ALA G 228 -41.96 45.32 6.62
N MET G 229 -40.84 46.02 6.45
CA MET G 229 -40.79 47.45 6.75
C MET G 229 -41.72 48.25 5.83
N GLN G 230 -41.97 47.74 4.62
CA GLN G 230 -42.85 48.45 3.70
C GLN G 230 -44.29 48.48 4.19
N GLY G 231 -44.71 47.46 4.94
CA GLY G 231 -46.07 47.42 5.46
C GLY G 231 -46.31 48.39 6.59
N LEU G 232 -45.24 48.88 7.24
CA LEU G 232 -45.40 49.83 8.32
C LEU G 232 -45.84 51.20 7.80
N ASP G 233 -46.45 51.98 8.69
CA ASP G 233 -46.85 53.33 8.34
C ASP G 233 -45.62 54.22 8.15
N GLU G 234 -45.83 55.35 7.48
CA GLU G 234 -44.72 56.21 7.11
C GLU G 234 -43.98 56.74 8.33
N ARG G 235 -44.72 57.10 9.39
CA ARG G 235 -44.08 57.61 10.59
C ARG G 235 -43.28 56.52 11.30
N SER G 236 -43.84 55.30 11.39
CA SER G 236 -43.15 54.21 12.07
C SER G 236 -41.91 53.76 11.31
N GLN G 237 -41.93 53.82 9.98
CA GLN G 237 -40.77 53.41 9.21
C GLN G 237 -39.56 54.28 9.51
N ASP G 238 -39.75 55.60 9.60
CA ASP G 238 -38.64 56.48 9.92
C ASP G 238 -38.14 56.29 11.33
N ILE G 239 -39.01 55.83 12.24
CA ILE G 239 -38.58 55.55 13.61
C ILE G 239 -37.63 54.36 13.63
N ILE G 240 -37.99 53.28 12.94
CA ILE G 240 -37.13 52.09 12.92
C ILE G 240 -35.87 52.37 12.11
N ARG G 241 -35.99 53.09 10.99
CA ARG G 241 -34.85 53.30 10.11
C ARG G 241 -33.79 54.18 10.76
N ALA G 242 -34.20 55.24 11.46
CA ALA G 242 -33.25 56.17 12.04
C ALA G 242 -32.50 55.57 13.22
N ARG G 243 -33.23 54.93 14.14
CA ARG G 243 -32.60 54.41 15.34
C ARG G 243 -31.82 53.11 15.08
N TRP G 244 -32.31 52.27 14.17
CA TRP G 244 -31.78 50.92 14.04
C TRP G 244 -31.02 50.66 12.74
N LEU G 245 -31.43 51.26 11.63
CA LEU G 245 -30.81 50.99 10.34
C LEU G 245 -29.69 51.95 9.99
N ASP G 246 -29.69 53.16 10.53
CA ASP G 246 -28.63 54.12 10.21
C ASP G 246 -27.34 53.74 10.91
N GLU G 247 -26.22 53.93 10.21
CA GLU G 247 -24.90 53.59 10.74
C GLU G 247 -24.11 54.83 11.16
N ASP G 248 -24.20 55.91 10.40
CA ASP G 248 -23.51 57.14 10.78
C ASP G 248 -24.07 57.71 12.08
N ASN G 249 -25.39 57.67 12.25
CA ASN G 249 -26.05 58.19 13.43
C ASN G 249 -26.98 57.15 14.02
N LYS G 250 -27.20 57.24 15.33
CA LYS G 250 -28.18 56.42 16.03
C LYS G 250 -29.14 57.38 16.72
N SER G 251 -30.29 57.62 16.10
CA SER G 251 -31.25 58.59 16.61
C SER G 251 -31.85 58.08 17.91
N THR G 252 -31.82 58.93 18.94
CA THR G 252 -32.36 58.57 20.24
C THR G 252 -33.87 58.83 20.27
N LEU G 253 -34.48 58.60 21.44
CA LEU G 253 -35.91 58.83 21.58
C LEU G 253 -36.24 60.31 21.54
N GLN G 254 -35.41 61.14 22.18
CA GLN G 254 -35.72 62.56 22.29
C GLN G 254 -35.59 63.27 20.96
N GLU G 255 -34.60 62.89 20.14
CA GLU G 255 -34.39 63.57 18.86
C GLU G 255 -35.57 63.37 17.93
N LEU G 256 -36.11 62.14 17.87
CA LEU G 256 -37.29 61.89 17.05
C LEU G 256 -38.54 62.55 17.60
N ALA G 257 -38.54 62.92 18.88
CA ALA G 257 -39.71 63.55 19.48
C ALA G 257 -39.93 64.95 18.93
N ASP G 258 -38.88 65.75 18.86
CA ASP G 258 -39.01 67.13 18.40
C ASP G 258 -39.30 67.19 16.90
N ARG G 259 -38.75 66.25 16.13
CA ARG G 259 -38.96 66.28 14.68
C ARG G 259 -40.42 66.03 14.30
N TYR G 260 -41.14 65.22 15.09
CA TYR G 260 -42.54 64.93 14.83
C TYR G 260 -43.47 65.46 15.92
N GLY G 261 -42.96 66.27 16.84
CA GLY G 261 -43.80 66.87 17.87
C GLY G 261 -44.48 65.89 18.78
N VAL G 262 -43.79 64.80 19.14
CA VAL G 262 -44.37 63.77 20.00
C VAL G 262 -43.61 63.72 21.32
N SER G 263 -44.09 62.90 22.25
CA SER G 263 -43.46 62.78 23.55
C SER G 263 -42.25 61.84 23.48
N ALA G 264 -41.38 61.95 24.49
CA ALA G 264 -40.23 61.06 24.56
C ALA G 264 -40.66 59.62 24.74
N GLU G 265 -41.65 59.37 25.59
CA GLU G 265 -42.19 58.02 25.73
C GLU G 265 -42.94 57.59 24.48
N ARG G 266 -43.57 58.55 23.79
CA ARG G 266 -44.36 58.21 22.59
C ARG G 266 -43.48 57.58 21.51
N VAL G 267 -42.27 58.10 21.33
CA VAL G 267 -41.33 57.49 20.39
C VAL G 267 -40.97 56.09 20.85
N ARG G 268 -40.67 55.93 22.14
CA ARG G 268 -40.32 54.63 22.67
C ARG G 268 -41.49 53.66 22.59
N GLN G 269 -42.71 54.12 22.89
CA GLN G 269 -43.88 53.26 22.85
C GLN G 269 -44.28 52.90 21.42
N LEU G 270 -43.92 53.74 20.43
CA LEU G 270 -44.29 53.46 19.06
C LEU G 270 -43.48 52.29 18.48
N GLU G 271 -42.23 52.13 18.92
CA GLU G 271 -41.38 51.07 18.37
C GLU G 271 -41.92 49.69 18.72
N LYS G 272 -42.49 49.54 19.92
CA LYS G 272 -42.96 48.22 20.34
C LYS G 272 -44.05 47.70 19.41
N ASN G 273 -45.05 48.53 19.12
CA ASN G 273 -46.12 48.11 18.22
C ASN G 273 -45.61 47.89 16.81
N ALA G 274 -44.72 48.77 16.34
CA ALA G 274 -44.17 48.62 15.00
C ALA G 274 -43.35 47.34 14.87
N MET G 275 -42.57 47.01 15.90
CA MET G 275 -41.76 45.79 15.85
C MET G 275 -42.63 44.54 15.87
N LYS G 276 -43.77 44.58 16.56
CA LYS G 276 -44.69 43.45 16.53
C LYS G 276 -45.23 43.23 15.11
N LYS G 277 -45.56 44.32 14.41
CA LYS G 277 -45.97 44.20 13.02
C LYS G 277 -44.84 43.68 12.15
N LEU G 278 -43.62 44.14 12.42
CA LEU G 278 -42.45 43.65 11.68
C LEU G 278 -42.25 42.16 11.88
N ARG G 279 -42.36 41.70 13.14
CA ARG G 279 -42.23 40.28 13.43
C ARG G 279 -43.35 39.48 12.78
N ALA G 280 -44.58 40.00 12.82
CA ALA G 280 -45.72 39.28 12.28
C ALA G 280 -45.57 39.04 10.77
N ALA G 281 -45.13 40.07 10.04
CA ALA G 281 -44.89 39.91 8.61
C ALA G 281 -43.75 38.94 8.35
N ILE G 282 -42.69 39.01 9.15
CA ILE G 282 -41.53 38.15 8.93
C ILE G 282 -41.87 36.70 9.26
N GLU G 283 -42.55 36.46 10.38
CA GLU G 283 -42.84 35.09 10.79
C GLU G 283 -43.83 34.41 9.85
N ALA G 284 -44.68 35.19 9.18
CA ALA G 284 -45.67 34.62 8.27
C ALA G 284 -45.01 34.21 6.95
#